data_1NYA
#
_entry.id   1NYA
#
loop_
_entity.id
_entity.type
_entity.pdbx_description
1 polymer Calerythrin
2 non-polymer 'CALCIUM ION'
#
_entity_poly.entity_id   1
_entity_poly.type   'polypeptide(L)'
_entity_poly.pdbx_seq_one_letter_code
;TTAIASDRLKKRFDRWDFDGNGALERADFEKEAQHIAEAFGKDAGAAEVQTLKNAFGGLFDYLAKEAGVGSDGSLTEEQF
IRVTENLIFEQGEASFNRVLGPVVKGIVGMCDKNADGQINADEFAAWLTALGMSKAEAAEAFNQVDTNGNGELSLDELLT
AVRDFHFGRLDVELLG
;
_entity_poly.pdbx_strand_id   A
#
# COMPACT_ATOMS: atom_id res chain seq x y z
N THR A 1 4.63 -9.80 24.35
CA THR A 1 4.20 -10.64 23.20
C THR A 1 4.89 -10.22 21.92
N THR A 2 5.34 -8.96 21.87
CA THR A 2 6.02 -8.44 20.70
C THR A 2 7.44 -8.98 20.61
N ALA A 3 7.87 -9.30 19.39
CA ALA A 3 9.21 -9.82 19.17
C ALA A 3 9.69 -9.52 17.76
N ILE A 4 9.26 -10.34 16.81
CA ILE A 4 9.64 -10.16 15.41
C ILE A 4 8.78 -9.09 14.75
N ALA A 5 7.57 -8.91 15.28
CA ALA A 5 6.63 -7.94 14.75
C ALA A 5 7.14 -6.51 14.89
N SER A 6 7.84 -6.24 15.98
CA SER A 6 8.39 -4.91 16.23
C SER A 6 9.37 -4.50 15.14
N ASP A 7 10.32 -5.37 14.83
CA ASP A 7 11.33 -5.11 13.81
C ASP A 7 10.70 -4.76 12.47
N ARG A 8 9.75 -5.58 12.04
CA ARG A 8 9.08 -5.37 10.75
C ARG A 8 8.35 -4.03 10.71
N LEU A 9 7.57 -3.76 11.75
CA LEU A 9 6.81 -2.52 11.82
C LEU A 9 7.70 -1.33 12.18
N LYS A 10 8.76 -1.60 12.93
CA LYS A 10 9.67 -0.54 13.35
C LYS A 10 10.32 0.14 12.16
N LYS A 11 10.95 -0.66 11.29
CA LYS A 11 11.62 -0.13 10.11
C LYS A 11 10.62 0.62 9.23
N ARG A 12 9.46 0.02 9.00
CA ARG A 12 8.43 0.64 8.17
C ARG A 12 8.22 2.10 8.54
N PHE A 13 8.49 2.44 9.80
CA PHE A 13 8.33 3.81 10.28
C PHE A 13 9.44 4.69 9.71
N ASP A 14 10.69 4.31 10.01
CA ASP A 14 11.85 5.05 9.52
C ASP A 14 12.02 4.87 8.01
N ARG A 15 11.32 3.89 7.45
CA ARG A 15 11.41 3.62 6.01
C ARG A 15 10.66 4.69 5.21
N TRP A 16 9.67 5.31 5.83
CA TRP A 16 8.89 6.34 5.16
C TRP A 16 9.42 7.74 5.51
N ASP A 17 8.78 8.42 6.48
CA ASP A 17 9.20 9.76 6.91
C ASP A 17 9.62 10.62 5.71
N PHE A 18 8.63 11.06 4.94
CA PHE A 18 8.89 11.87 3.75
C PHE A 18 9.75 13.09 4.09
N ASP A 19 9.33 13.85 5.10
CA ASP A 19 10.05 15.05 5.51
C ASP A 19 10.97 14.77 6.70
N GLY A 20 10.80 13.62 7.34
CA GLY A 20 11.62 13.28 8.48
C GLY A 20 11.23 14.05 9.73
N ASN A 21 9.93 14.13 10.00
CA ASN A 21 9.43 14.85 11.15
C ASN A 21 9.28 13.93 12.37
N GLY A 22 9.40 12.62 12.15
CA GLY A 22 9.27 11.68 13.25
C GLY A 22 7.83 11.31 13.51
N ALA A 23 6.97 11.53 12.52
CA ALA A 23 5.55 11.22 12.63
C ALA A 23 4.94 10.98 11.27
N LEU A 24 3.67 10.58 11.25
CA LEU A 24 2.97 10.33 10.00
C LEU A 24 1.87 11.36 9.77
N GLU A 25 2.02 12.15 8.71
CA GLU A 25 1.03 13.18 8.38
C GLU A 25 0.38 12.87 7.04
N ARG A 26 -0.65 13.65 6.71
CA ARG A 26 -1.37 13.46 5.45
C ARG A 26 -0.52 13.87 4.26
N ALA A 27 0.24 14.95 4.42
CA ALA A 27 1.12 15.43 3.36
C ALA A 27 2.11 14.35 2.94
N ASP A 28 2.36 13.39 3.83
CA ASP A 28 3.27 12.30 3.56
C ASP A 28 2.64 11.34 2.54
N PHE A 29 1.31 11.29 2.55
CA PHE A 29 0.57 10.43 1.64
C PHE A 29 0.53 11.02 0.23
N GLU A 30 0.41 12.34 0.16
CA GLU A 30 0.35 13.04 -1.12
C GLU A 30 1.65 12.89 -1.89
N LYS A 31 2.78 13.04 -1.21
CA LYS A 31 4.07 12.91 -1.88
C LYS A 31 4.26 11.48 -2.37
N GLU A 32 3.79 10.52 -1.58
CA GLU A 32 3.90 9.12 -1.94
C GLU A 32 3.33 8.87 -3.33
N ALA A 33 2.03 9.13 -3.49
CA ALA A 33 1.38 8.95 -4.78
C ALA A 33 2.19 9.59 -5.91
N GLN A 34 2.60 10.83 -5.69
CA GLN A 34 3.39 11.55 -6.68
C GLN A 34 4.72 10.84 -6.92
N HIS A 35 5.43 10.57 -5.83
CA HIS A 35 6.73 9.89 -5.92
C HIS A 35 6.59 8.58 -6.67
N ILE A 36 5.41 7.98 -6.64
CA ILE A 36 5.17 6.72 -7.34
C ILE A 36 4.87 6.95 -8.82
N ALA A 37 3.90 7.82 -9.10
CA ALA A 37 3.53 8.11 -10.49
C ALA A 37 4.77 8.30 -11.37
N GLU A 38 5.75 9.02 -10.83
CA GLU A 38 7.00 9.27 -11.56
C GLU A 38 7.72 7.98 -11.90
N ALA A 39 7.69 7.01 -10.98
CA ALA A 39 8.36 5.73 -11.19
C ALA A 39 7.86 5.04 -12.46
N PHE A 40 6.62 5.34 -12.85
CA PHE A 40 6.04 4.74 -14.05
C PHE A 40 6.32 5.58 -15.29
N GLY A 41 7.14 6.61 -15.14
CA GLY A 41 7.47 7.46 -16.26
C GLY A 41 6.23 7.94 -17.01
N LYS A 42 5.46 8.81 -16.36
CA LYS A 42 4.25 9.35 -16.95
C LYS A 42 4.01 10.77 -16.46
N ASP A 43 2.75 11.19 -16.44
CA ASP A 43 2.40 12.54 -16.00
C ASP A 43 2.65 12.73 -14.51
N ALA A 44 2.12 13.82 -13.97
CA ALA A 44 2.23 14.15 -12.56
C ALA A 44 0.90 14.72 -12.08
N GLY A 45 0.51 15.83 -12.70
CA GLY A 45 -0.74 16.48 -12.37
C GLY A 45 -1.88 16.03 -13.25
N ALA A 46 -1.76 14.84 -13.84
CA ALA A 46 -2.82 14.32 -14.69
C ALA A 46 -4.04 13.91 -13.86
N ALA A 47 -4.88 13.05 -14.42
CA ALA A 47 -6.06 12.57 -13.72
C ALA A 47 -5.73 11.32 -12.91
N GLU A 48 -5.13 10.35 -13.59
CA GLU A 48 -4.76 9.08 -12.96
C GLU A 48 -3.96 9.31 -11.67
N VAL A 49 -3.05 10.27 -11.70
CA VAL A 49 -2.23 10.57 -10.53
C VAL A 49 -3.04 11.34 -9.49
N GLN A 50 -3.84 12.29 -9.97
CA GLN A 50 -4.67 13.07 -9.06
C GLN A 50 -5.63 12.14 -8.33
N THR A 51 -6.18 11.17 -9.07
CA THR A 51 -7.09 10.19 -8.50
C THR A 51 -6.42 9.46 -7.33
N LEU A 52 -5.30 8.81 -7.62
CA LEU A 52 -4.57 8.07 -6.58
C LEU A 52 -4.36 8.95 -5.36
N LYS A 53 -3.69 10.09 -5.54
CA LYS A 53 -3.44 11.02 -4.45
C LYS A 53 -4.74 11.33 -3.72
N ASN A 54 -5.82 11.47 -4.48
CA ASN A 54 -7.13 11.76 -3.91
C ASN A 54 -7.54 10.66 -2.94
N ALA A 55 -7.31 9.41 -3.34
CA ALA A 55 -7.64 8.28 -2.50
C ALA A 55 -6.73 8.21 -1.28
N PHE A 56 -5.43 8.31 -1.50
CA PHE A 56 -4.46 8.26 -0.41
C PHE A 56 -4.82 9.26 0.69
N GLY A 57 -5.45 10.36 0.30
CA GLY A 57 -5.84 11.38 1.26
C GLY A 57 -6.83 10.85 2.28
N GLY A 58 -7.91 10.24 1.79
CA GLY A 58 -8.92 9.70 2.69
C GLY A 58 -8.37 8.64 3.61
N LEU A 59 -7.34 7.93 3.16
CA LEU A 59 -6.72 6.88 3.96
C LEU A 59 -6.26 7.43 5.31
N PHE A 60 -5.68 8.63 5.28
CA PHE A 60 -5.22 9.27 6.51
C PHE A 60 -6.37 9.48 7.48
N ASP A 61 -7.52 9.89 6.94
CA ASP A 61 -8.71 10.13 7.75
C ASP A 61 -8.94 9.00 8.76
N TYR A 62 -8.91 7.76 8.27
CA TYR A 62 -9.11 6.60 9.11
C TYR A 62 -8.11 6.57 10.26
N LEU A 63 -6.87 6.94 9.96
CA LEU A 63 -5.81 6.98 10.96
C LEU A 63 -6.11 8.02 12.05
N ALA A 64 -6.36 9.26 11.63
CA ALA A 64 -6.66 10.32 12.57
C ALA A 64 -7.85 9.95 13.44
N LYS A 65 -8.87 9.36 12.81
CA LYS A 65 -10.08 8.96 13.52
C LYS A 65 -9.79 7.81 14.50
N GLU A 66 -9.25 6.71 13.97
CA GLU A 66 -8.95 5.55 14.78
C GLU A 66 -7.93 5.90 15.86
N ALA A 67 -6.91 6.68 15.49
CA ALA A 67 -5.88 7.08 16.44
C ALA A 67 -6.38 8.17 17.37
N GLY A 68 -7.36 8.93 16.90
CA GLY A 68 -7.94 9.99 17.71
C GLY A 68 -7.07 11.23 17.82
N VAL A 69 -6.53 11.68 16.69
CA VAL A 69 -5.68 12.86 16.68
C VAL A 69 -6.30 13.99 15.86
N GLY A 70 -6.21 13.90 14.54
CA GLY A 70 -6.77 14.93 13.68
C GLY A 70 -6.27 14.82 12.25
N SER A 71 -7.03 15.40 11.31
CA SER A 71 -6.66 15.38 9.90
C SER A 71 -5.34 16.10 9.67
N ASP A 72 -4.98 16.99 10.59
CA ASP A 72 -3.74 17.76 10.50
C ASP A 72 -2.76 17.37 11.61
N GLY A 73 -3.04 16.28 12.31
CA GLY A 73 -2.16 15.85 13.38
C GLY A 73 -1.14 14.84 12.90
N SER A 74 -0.48 14.17 13.84
CA SER A 74 0.54 13.20 13.50
C SER A 74 0.49 11.98 14.41
N LEU A 75 0.98 10.85 13.90
CA LEU A 75 1.00 9.60 14.65
C LEU A 75 2.45 9.19 14.92
N THR A 76 2.70 8.68 16.13
CA THR A 76 4.05 8.25 16.50
C THR A 76 4.29 6.81 16.09
N GLU A 77 5.50 6.32 16.35
CA GLU A 77 5.87 4.96 16.01
C GLU A 77 5.06 3.97 16.85
N GLU A 78 5.05 4.19 18.16
CA GLU A 78 4.31 3.33 19.06
C GLU A 78 2.83 3.33 18.70
N GLN A 79 2.36 4.44 18.13
CA GLN A 79 0.97 4.56 17.72
C GLN A 79 0.71 3.71 16.47
N PHE A 80 1.62 3.79 15.52
CA PHE A 80 1.51 3.03 14.28
C PHE A 80 1.28 1.55 14.57
N ILE A 81 2.19 0.96 15.33
CA ILE A 81 2.11 -0.45 15.68
C ILE A 81 0.77 -0.79 16.32
N ARG A 82 0.39 -0.03 17.34
CA ARG A 82 -0.87 -0.27 18.04
C ARG A 82 -2.06 -0.24 17.08
N VAL A 83 -2.15 0.82 16.28
CA VAL A 83 -3.25 0.98 15.34
C VAL A 83 -3.12 0.02 14.16
N THR A 84 -1.90 -0.15 13.67
CA THR A 84 -1.66 -1.05 12.54
C THR A 84 -2.07 -2.46 12.90
N GLU A 85 -1.69 -2.90 14.10
CA GLU A 85 -2.01 -4.24 14.57
C GLU A 85 -3.49 -4.53 14.39
N ASN A 86 -4.33 -3.63 14.89
CA ASN A 86 -5.78 -3.77 14.80
C ASN A 86 -6.23 -3.84 13.34
N LEU A 87 -5.59 -3.04 12.49
CA LEU A 87 -5.92 -3.01 11.07
C LEU A 87 -5.75 -4.39 10.44
N ILE A 88 -4.63 -5.05 10.74
CA ILE A 88 -4.36 -6.38 10.21
C ILE A 88 -5.24 -7.43 10.87
N PHE A 89 -5.36 -7.34 12.19
CA PHE A 89 -6.18 -8.27 12.95
C PHE A 89 -7.62 -7.76 13.07
N GLU A 90 -7.83 -6.82 13.98
CA GLU A 90 -9.16 -6.26 14.19
C GLU A 90 -9.72 -5.66 12.90
N GLN A 91 -10.73 -4.81 13.03
CA GLN A 91 -11.35 -4.18 11.87
C GLN A 91 -12.07 -5.22 11.02
N GLY A 92 -13.16 -4.80 10.38
CA GLY A 92 -13.92 -5.71 9.55
C GLY A 92 -13.31 -5.90 8.18
N GLU A 93 -13.61 -7.02 7.55
CA GLU A 93 -13.07 -7.32 6.22
C GLU A 93 -13.36 -6.15 5.28
N ALA A 94 -14.62 -5.78 5.20
CA ALA A 94 -15.06 -4.69 4.34
C ALA A 94 -14.45 -3.35 4.78
N SER A 95 -13.83 -3.32 5.96
CA SER A 95 -13.21 -2.10 6.47
C SER A 95 -11.91 -1.78 5.74
N PHE A 96 -11.09 -2.81 5.53
CA PHE A 96 -9.83 -2.65 4.83
C PHE A 96 -10.07 -2.31 3.36
N ASN A 97 -11.03 -3.01 2.77
CA ASN A 97 -11.38 -2.80 1.37
C ASN A 97 -12.01 -1.43 1.16
N ARG A 98 -12.75 -0.96 2.16
CA ARG A 98 -13.42 0.33 2.08
C ARG A 98 -12.42 1.49 1.98
N VAL A 99 -11.59 1.64 3.01
CA VAL A 99 -10.62 2.74 3.04
C VAL A 99 -9.42 2.50 2.13
N LEU A 100 -8.97 1.26 2.02
CA LEU A 100 -7.79 0.99 1.20
C LEU A 100 -8.18 0.73 -0.25
N GLY A 101 -9.39 0.22 -0.46
CA GLY A 101 -9.85 -0.05 -1.81
C GLY A 101 -9.52 1.05 -2.80
N PRO A 102 -9.97 2.29 -2.54
CA PRO A 102 -9.71 3.44 -3.42
C PRO A 102 -8.22 3.78 -3.48
N VAL A 103 -7.46 3.29 -2.51
CA VAL A 103 -6.03 3.56 -2.48
C VAL A 103 -5.30 2.61 -3.41
N VAL A 104 -5.55 1.31 -3.27
CA VAL A 104 -4.93 0.31 -4.11
C VAL A 104 -5.48 0.40 -5.54
N LYS A 105 -6.77 0.71 -5.64
CA LYS A 105 -7.42 0.85 -6.94
C LYS A 105 -6.68 1.87 -7.81
N GLY A 106 -6.58 3.10 -7.30
CA GLY A 106 -5.89 4.15 -8.05
C GLY A 106 -4.61 3.65 -8.70
N ILE A 107 -3.93 2.71 -8.04
CA ILE A 107 -2.69 2.16 -8.57
C ILE A 107 -2.97 1.22 -9.73
N VAL A 108 -4.03 0.43 -9.62
CA VAL A 108 -4.40 -0.50 -10.67
C VAL A 108 -4.77 0.23 -11.94
N GLY A 109 -5.39 1.39 -11.80
CA GLY A 109 -5.78 2.19 -12.95
C GLY A 109 -4.59 2.55 -13.81
N MET A 110 -3.49 2.94 -13.17
CA MET A 110 -2.28 3.30 -13.89
C MET A 110 -1.53 2.05 -14.33
N CYS A 111 -1.76 0.94 -13.64
CA CYS A 111 -1.10 -0.32 -13.93
C CYS A 111 -1.94 -1.18 -14.85
N ASP A 112 -2.50 -0.56 -15.87
CA ASP A 112 -3.34 -1.26 -16.84
C ASP A 112 -3.57 -0.39 -18.07
N LYS A 113 -2.95 -0.77 -19.18
CA LYS A 113 -3.12 -0.05 -20.44
C LYS A 113 -4.22 -0.68 -21.29
N ASN A 114 -4.92 -1.67 -20.73
CA ASN A 114 -6.00 -2.33 -21.45
C ASN A 114 -7.35 -1.95 -20.86
N ALA A 115 -7.33 -1.45 -19.62
CA ALA A 115 -8.54 -1.04 -18.93
C ALA A 115 -9.48 -2.21 -18.66
N ASP A 116 -9.01 -3.17 -17.88
CA ASP A 116 -9.81 -4.34 -17.54
C ASP A 116 -10.11 -4.39 -16.04
N GLY A 117 -9.40 -3.59 -15.26
CA GLY A 117 -9.61 -3.56 -13.82
C GLY A 117 -8.92 -4.70 -13.10
N GLN A 118 -8.07 -5.44 -13.80
CA GLN A 118 -7.36 -6.56 -13.20
C GLN A 118 -5.84 -6.43 -13.38
N ILE A 119 -5.10 -7.21 -12.61
CA ILE A 119 -3.64 -7.19 -12.66
C ILE A 119 -3.08 -8.48 -13.24
N ASN A 120 -2.67 -8.46 -14.50
CA ASN A 120 -2.11 -9.65 -15.13
C ASN A 120 -0.61 -9.75 -14.81
N ALA A 121 -0.06 -10.95 -14.91
CA ALA A 121 1.35 -11.17 -14.61
C ALA A 121 2.24 -10.11 -15.28
N ASP A 122 1.90 -9.75 -16.51
CA ASP A 122 2.66 -8.74 -17.23
C ASP A 122 2.46 -7.37 -16.59
N GLU A 123 1.33 -7.18 -15.93
CA GLU A 123 1.05 -5.92 -15.25
C GLU A 123 1.73 -5.89 -13.89
N PHE A 124 1.62 -6.97 -13.14
CA PHE A 124 2.23 -7.08 -11.82
C PHE A 124 3.74 -6.85 -11.90
N ALA A 125 4.38 -7.56 -12.83
CA ALA A 125 5.83 -7.45 -13.02
C ALA A 125 6.23 -5.99 -13.26
N ALA A 126 5.51 -5.32 -14.14
CA ALA A 126 5.80 -3.93 -14.47
C ALA A 126 5.85 -3.05 -13.22
N TRP A 127 5.03 -3.38 -12.22
CA TRP A 127 4.98 -2.59 -11.00
C TRP A 127 6.10 -2.99 -10.02
N LEU A 128 6.32 -4.29 -9.86
CA LEU A 128 7.35 -4.78 -8.96
C LEU A 128 8.72 -4.27 -9.36
N THR A 129 8.99 -4.26 -10.66
CA THR A 129 10.28 -3.77 -11.15
C THR A 129 10.34 -2.25 -11.02
N ALA A 130 9.18 -1.62 -11.04
CA ALA A 130 9.09 -0.17 -10.91
C ALA A 130 9.55 0.27 -9.52
N LEU A 131 9.21 -0.52 -8.50
CA LEU A 131 9.56 -0.19 -7.13
C LEU A 131 10.96 -0.66 -6.76
N GLY A 132 11.60 -1.40 -7.65
CA GLY A 132 12.95 -1.87 -7.37
C GLY A 132 13.05 -3.37 -7.18
N MET A 133 12.13 -4.12 -7.79
CA MET A 133 12.15 -5.58 -7.68
C MET A 133 12.72 -6.19 -8.97
N SER A 134 13.30 -7.37 -8.84
CA SER A 134 13.89 -8.04 -10.01
C SER A 134 12.82 -8.73 -10.85
N LYS A 135 13.18 -9.09 -12.07
CA LYS A 135 12.25 -9.75 -12.98
C LYS A 135 11.84 -11.12 -12.47
N ALA A 136 12.72 -11.73 -11.68
CA ALA A 136 12.46 -13.05 -11.11
C ALA A 136 11.55 -12.95 -9.89
N GLU A 137 11.56 -11.79 -9.24
CA GLU A 137 10.74 -11.57 -8.05
C GLU A 137 9.26 -11.45 -8.38
N ALA A 138 8.96 -10.75 -9.48
CA ALA A 138 7.56 -10.56 -9.89
C ALA A 138 6.89 -11.91 -10.17
N ALA A 139 7.50 -12.70 -11.04
CA ALA A 139 6.97 -14.00 -11.39
C ALA A 139 6.65 -14.83 -10.14
N GLU A 140 7.52 -14.77 -9.15
CA GLU A 140 7.34 -15.51 -7.90
C GLU A 140 6.21 -14.95 -7.06
N ALA A 141 6.21 -13.62 -6.87
CA ALA A 141 5.18 -12.97 -6.06
C ALA A 141 3.80 -13.12 -6.68
N PHE A 142 3.74 -13.08 -8.01
CA PHE A 142 2.49 -13.22 -8.72
C PHE A 142 1.76 -14.50 -8.33
N ASN A 143 2.43 -15.64 -8.56
CA ASN A 143 1.86 -16.94 -8.25
C ASN A 143 1.42 -17.05 -6.79
N GLN A 144 2.17 -16.43 -5.89
CA GLN A 144 1.86 -16.48 -4.47
C GLN A 144 0.54 -15.75 -4.15
N VAL A 145 0.24 -14.72 -4.93
CA VAL A 145 -0.97 -13.93 -4.70
C VAL A 145 -2.21 -14.56 -5.32
N ASP A 146 -2.05 -15.19 -6.48
CA ASP A 146 -3.18 -15.80 -7.17
C ASP A 146 -3.83 -16.91 -6.33
N THR A 147 -4.62 -16.50 -5.36
CA THR A 147 -5.33 -17.40 -4.45
C THR A 147 -6.19 -18.43 -5.19
N ASN A 148 -6.75 -18.01 -6.33
CA ASN A 148 -7.63 -18.90 -7.10
C ASN A 148 -6.90 -19.56 -8.27
N GLY A 149 -5.59 -19.37 -8.35
CA GLY A 149 -4.80 -19.95 -9.42
C GLY A 149 -5.49 -19.86 -10.77
N ASN A 150 -6.11 -18.71 -11.04
CA ASN A 150 -6.82 -18.50 -12.29
C ASN A 150 -5.97 -17.72 -13.30
N GLY A 151 -4.82 -17.23 -12.86
CA GLY A 151 -3.94 -16.50 -13.76
C GLY A 151 -4.20 -15.01 -13.78
N GLU A 152 -5.14 -14.53 -12.95
CA GLU A 152 -5.44 -13.11 -12.90
C GLU A 152 -5.50 -12.61 -11.47
N LEU A 153 -4.87 -11.47 -11.21
CA LEU A 153 -4.86 -10.88 -9.88
C LEU A 153 -5.85 -9.73 -9.80
N SER A 154 -7.00 -9.98 -9.14
CA SER A 154 -8.03 -8.96 -9.01
C SER A 154 -7.83 -8.13 -7.75
N LEU A 155 -8.47 -6.97 -7.70
CA LEU A 155 -8.36 -6.07 -6.54
C LEU A 155 -8.42 -6.84 -5.22
N ASP A 156 -9.31 -7.84 -5.16
CA ASP A 156 -9.45 -8.66 -3.97
C ASP A 156 -8.14 -9.31 -3.57
N GLU A 157 -7.61 -10.13 -4.48
CA GLU A 157 -6.36 -10.84 -4.24
C GLU A 157 -5.17 -9.90 -4.10
N LEU A 158 -5.36 -8.64 -4.49
CA LEU A 158 -4.31 -7.64 -4.41
C LEU A 158 -4.04 -7.26 -2.96
N LEU A 159 -5.07 -6.73 -2.29
CA LEU A 159 -4.95 -6.31 -0.90
C LEU A 159 -4.48 -7.46 -0.02
N THR A 160 -4.98 -8.66 -0.29
CA THR A 160 -4.60 -9.83 0.50
C THR A 160 -3.08 -9.95 0.56
N ALA A 161 -2.46 -10.03 -0.61
CA ALA A 161 -1.01 -10.14 -0.69
C ALA A 161 -0.34 -8.90 -0.10
N VAL A 162 -0.91 -7.73 -0.40
CA VAL A 162 -0.38 -6.47 0.10
C VAL A 162 -0.18 -6.53 1.62
N ARG A 163 -1.28 -6.48 2.36
CA ARG A 163 -1.21 -6.53 3.82
C ARG A 163 -0.99 -7.96 4.31
N ASP A 164 0.27 -8.35 4.45
CA ASP A 164 0.60 -9.69 4.91
C ASP A 164 2.09 -9.82 5.21
N PHE A 165 2.69 -8.74 5.71
CA PHE A 165 4.11 -8.73 6.05
C PHE A 165 4.34 -8.93 7.53
N HIS A 166 3.26 -8.91 8.33
CA HIS A 166 3.36 -9.10 9.77
C HIS A 166 4.22 -10.30 10.11
N PHE A 167 3.70 -11.50 9.84
CA PHE A 167 4.43 -12.73 10.11
C PHE A 167 4.96 -13.34 8.82
N GLY A 168 6.28 -13.51 8.75
CA GLY A 168 6.90 -14.09 7.57
C GLY A 168 6.44 -13.41 6.29
N ARG A 169 7.08 -12.28 5.97
CA ARG A 169 6.73 -11.53 4.76
C ARG A 169 6.66 -12.45 3.55
N LEU A 170 5.63 -12.24 2.72
CA LEU A 170 5.44 -13.04 1.52
C LEU A 170 5.56 -12.17 0.28
N ASP A 171 4.81 -11.07 0.24
CA ASP A 171 4.83 -10.16 -0.89
C ASP A 171 5.61 -8.89 -0.54
N VAL A 172 5.69 -8.58 0.74
CA VAL A 172 6.41 -7.39 1.22
C VAL A 172 5.55 -6.13 1.09
N GLU A 173 4.24 -6.32 1.08
CA GLU A 173 3.31 -5.20 0.96
C GLU A 173 3.68 -4.28 -0.18
N LEU A 174 3.13 -3.07 -0.17
CA LEU A 174 3.40 -2.09 -1.21
C LEU A 174 4.88 -1.73 -1.27
N LEU A 175 5.40 -1.18 -0.17
CA LEU A 175 6.80 -0.79 -0.11
C LEU A 175 7.71 -1.93 -0.57
N GLY A 176 8.82 -1.57 -1.21
CA GLY A 176 9.75 -2.58 -1.69
C GLY A 176 10.98 -1.96 -2.32
N THR A 1 3.23 -9.93 24.90
CA THR A 1 4.66 -10.31 24.88
C THR A 1 5.19 -10.34 23.45
N THR A 2 5.47 -9.16 22.91
CA THR A 2 6.00 -9.05 21.55
C THR A 2 7.42 -9.59 21.47
N ALA A 3 7.94 -9.67 20.25
CA ALA A 3 9.29 -10.16 20.02
C ALA A 3 9.76 -9.79 18.62
N ILE A 4 9.32 -10.56 17.64
CA ILE A 4 9.68 -10.31 16.25
C ILE A 4 8.79 -9.24 15.62
N ALA A 5 7.62 -9.03 16.21
CA ALA A 5 6.66 -8.06 15.70
C ALA A 5 7.22 -6.63 15.73
N SER A 6 7.93 -6.29 16.79
CA SER A 6 8.51 -4.96 16.93
C SER A 6 9.49 -4.67 15.80
N ASP A 7 10.40 -5.60 15.56
CA ASP A 7 11.41 -5.46 14.53
C ASP A 7 10.79 -5.11 13.17
N ARG A 8 9.85 -5.92 12.73
CA ARG A 8 9.20 -5.70 11.44
C ARG A 8 8.44 -4.37 11.39
N LEU A 9 7.70 -4.06 12.44
CA LEU A 9 6.91 -2.83 12.47
C LEU A 9 7.78 -1.61 12.75
N LYS A 10 8.80 -1.77 13.58
CA LYS A 10 9.70 -0.67 13.92
C LYS A 10 10.37 -0.11 12.66
N LYS A 11 11.02 -0.97 11.90
CA LYS A 11 11.71 -0.56 10.69
C LYS A 11 10.73 0.10 9.71
N ARG A 12 9.57 -0.52 9.54
CA ARG A 12 8.55 0.01 8.63
C ARG A 12 8.31 1.49 8.85
N PHE A 13 8.48 1.94 10.10
CA PHE A 13 8.27 3.34 10.44
C PHE A 13 9.41 4.21 9.91
N ASP A 14 10.63 3.93 10.37
CA ASP A 14 11.80 4.68 9.93
C ASP A 14 12.10 4.40 8.46
N ARG A 15 11.56 3.31 7.93
CA ARG A 15 11.78 2.94 6.54
C ARG A 15 11.00 3.86 5.60
N TRP A 16 10.02 4.58 6.13
CA TRP A 16 9.22 5.48 5.33
C TRP A 16 9.64 6.95 5.55
N ASP A 17 8.90 7.67 6.41
CA ASP A 17 9.22 9.07 6.70
C ASP A 17 9.63 9.84 5.44
N PHE A 18 8.64 10.22 4.65
CA PHE A 18 8.89 10.95 3.41
C PHE A 18 9.69 12.22 3.65
N ASP A 19 9.26 13.05 4.60
CA ASP A 19 9.95 14.30 4.89
C ASP A 19 10.93 14.15 6.06
N GLY A 20 10.81 13.06 6.81
CA GLY A 20 11.70 12.84 7.94
C GLY A 20 11.29 13.65 9.16
N ASN A 21 10.00 13.70 9.46
CA ASN A 21 9.51 14.45 10.60
C ASN A 21 9.36 13.57 11.84
N GLY A 22 9.53 12.25 11.66
CA GLY A 22 9.41 11.34 12.78
C GLY A 22 7.96 11.01 13.08
N ALA A 23 7.10 11.18 12.08
CA ALA A 23 5.67 10.89 12.22
C ALA A 23 5.05 10.61 10.87
N LEU A 24 3.79 10.17 10.87
CA LEU A 24 3.09 9.88 9.63
C LEU A 24 1.98 10.89 9.39
N GLU A 25 2.06 11.59 8.27
CA GLU A 25 1.06 12.59 7.92
C GLU A 25 0.38 12.25 6.59
N ARG A 26 -0.64 13.02 6.25
CA ARG A 26 -1.38 12.82 5.01
C ARG A 26 -0.54 13.20 3.81
N ALA A 27 0.27 14.24 3.97
CA ALA A 27 1.13 14.70 2.90
C ALA A 27 2.13 13.62 2.47
N ASP A 28 2.38 12.67 3.36
CA ASP A 28 3.30 11.57 3.07
C ASP A 28 2.70 10.66 2.01
N PHE A 29 1.38 10.57 1.98
CA PHE A 29 0.68 9.75 1.01
C PHE A 29 0.66 10.43 -0.36
N GLU A 30 0.55 11.76 -0.33
CA GLU A 30 0.52 12.54 -1.57
C GLU A 30 1.86 12.44 -2.29
N LYS A 31 2.95 12.53 -1.54
CA LYS A 31 4.28 12.44 -2.14
C LYS A 31 4.51 11.05 -2.70
N GLU A 32 4.14 10.03 -1.94
CA GLU A 32 4.30 8.64 -2.38
C GLU A 32 3.76 8.46 -3.79
N ALA A 33 2.45 8.66 -3.95
CA ALA A 33 1.81 8.52 -5.26
C ALA A 33 2.64 9.21 -6.35
N GLN A 34 3.08 10.43 -6.06
CA GLN A 34 3.89 11.18 -7.01
C GLN A 34 5.22 10.47 -7.25
N HIS A 35 5.94 10.17 -6.17
CA HIS A 35 7.22 9.49 -6.29
C HIS A 35 7.08 8.22 -7.13
N ILE A 36 5.95 7.55 -6.99
CA ILE A 36 5.69 6.33 -7.73
C ILE A 36 5.42 6.64 -9.21
N ALA A 37 4.47 7.55 -9.45
CA ALA A 37 4.11 7.95 -10.80
C ALA A 37 5.36 8.20 -11.64
N GLU A 38 6.32 8.89 -11.05
CA GLU A 38 7.57 9.20 -11.73
C GLU A 38 8.29 7.91 -12.14
N ALA A 39 8.27 6.92 -11.25
CA ALA A 39 8.90 5.64 -11.51
C ALA A 39 8.28 4.99 -12.74
N PHE A 40 7.02 5.32 -13.02
CA PHE A 40 6.31 4.77 -14.16
C PHE A 40 6.47 5.66 -15.39
N GLY A 41 7.21 6.76 -15.26
CA GLY A 41 7.41 7.66 -16.38
C GLY A 41 6.13 8.36 -16.79
N LYS A 42 5.14 8.36 -15.90
CA LYS A 42 3.86 8.99 -16.17
C LYS A 42 3.83 10.42 -15.67
N ASP A 43 2.94 11.22 -16.24
CA ASP A 43 2.81 12.62 -15.85
C ASP A 43 2.14 12.73 -14.48
N ALA A 44 2.78 13.45 -13.57
CA ALA A 44 2.24 13.63 -12.22
C ALA A 44 0.98 14.48 -12.23
N GLY A 45 0.73 15.15 -13.35
CA GLY A 45 -0.44 16.02 -13.44
C GLY A 45 -1.58 15.42 -14.25
N ALA A 46 -1.50 14.13 -14.56
CA ALA A 46 -2.55 13.46 -15.32
C ALA A 46 -3.82 13.34 -14.49
N ALA A 47 -4.73 12.48 -14.95
CA ALA A 47 -5.99 12.27 -14.24
C ALA A 47 -5.89 11.11 -13.25
N GLU A 48 -5.32 10.00 -13.69
CA GLU A 48 -5.16 8.82 -12.86
C GLU A 48 -4.31 9.10 -11.63
N VAL A 49 -3.45 10.10 -11.71
CA VAL A 49 -2.59 10.45 -10.60
C VAL A 49 -3.38 11.21 -9.53
N GLN A 50 -4.19 12.16 -9.98
CA GLN A 50 -5.01 12.94 -9.06
C GLN A 50 -5.97 12.01 -8.31
N THR A 51 -6.53 11.04 -9.02
CA THR A 51 -7.44 10.08 -8.42
C THR A 51 -6.72 9.30 -7.33
N LEU A 52 -5.60 8.70 -7.68
CA LEU A 52 -4.82 7.92 -6.71
C LEU A 52 -4.56 8.74 -5.46
N LYS A 53 -3.87 9.87 -5.62
CA LYS A 53 -3.58 10.75 -4.49
C LYS A 53 -4.85 11.07 -3.73
N ASN A 54 -5.94 11.28 -4.46
CA ASN A 54 -7.22 11.60 -3.83
C ASN A 54 -7.64 10.49 -2.88
N ALA A 55 -7.45 9.25 -3.29
CA ALA A 55 -7.80 8.11 -2.45
C ALA A 55 -6.89 8.03 -1.23
N PHE A 56 -5.58 8.09 -1.48
CA PHE A 56 -4.61 8.04 -0.40
C PHE A 56 -4.92 9.08 0.66
N GLY A 57 -5.54 10.18 0.26
CA GLY A 57 -5.88 11.22 1.19
C GLY A 57 -6.85 10.75 2.26
N GLY A 58 -7.96 10.17 1.81
CA GLY A 58 -8.96 9.68 2.75
C GLY A 58 -8.41 8.62 3.69
N LEU A 59 -7.38 7.89 3.23
CA LEU A 59 -6.78 6.85 4.04
C LEU A 59 -6.33 7.40 5.39
N PHE A 60 -5.69 8.57 5.37
CA PHE A 60 -5.22 9.20 6.58
C PHE A 60 -6.38 9.45 7.53
N ASP A 61 -7.51 9.89 6.97
CA ASP A 61 -8.71 10.16 7.78
C ASP A 61 -8.95 9.05 8.79
N TYR A 62 -8.89 7.80 8.32
CA TYR A 62 -9.10 6.65 9.19
C TYR A 62 -8.05 6.64 10.29
N LEU A 63 -6.82 6.98 9.93
CA LEU A 63 -5.71 7.02 10.89
C LEU A 63 -5.95 8.08 11.95
N ALA A 64 -6.17 9.31 11.51
CA ALA A 64 -6.42 10.43 12.42
C ALA A 64 -7.60 10.14 13.34
N LYS A 65 -8.70 9.68 12.76
CA LYS A 65 -9.89 9.38 13.56
C LYS A 65 -9.61 8.23 14.52
N GLU A 66 -9.08 7.14 13.98
CA GLU A 66 -8.77 5.97 14.80
C GLU A 66 -7.72 6.32 15.87
N ALA A 67 -6.73 7.10 15.48
CA ALA A 67 -5.66 7.50 16.40
C ALA A 67 -6.15 8.58 17.37
N GLY A 68 -7.14 9.34 16.93
CA GLY A 68 -7.71 10.38 17.78
C GLY A 68 -7.24 11.78 17.40
N VAL A 69 -6.43 11.90 16.36
CA VAL A 69 -5.94 13.20 15.93
C VAL A 69 -6.69 13.66 14.68
N GLY A 70 -6.40 14.89 14.22
CA GLY A 70 -7.09 15.42 13.06
C GLY A 70 -6.48 15.02 11.73
N SER A 71 -7.15 15.43 10.66
CA SER A 71 -6.70 15.16 9.30
C SER A 71 -5.36 15.84 9.02
N ASP A 72 -5.00 16.80 9.88
CA ASP A 72 -3.76 17.55 9.75
C ASP A 72 -2.77 17.22 10.86
N GLY A 73 -3.04 16.15 11.61
CA GLY A 73 -2.15 15.77 12.70
C GLY A 73 -1.11 14.75 12.27
N SER A 74 -0.48 14.12 13.25
CA SER A 74 0.56 13.12 12.97
C SER A 74 0.48 11.95 13.94
N LEU A 75 0.96 10.79 13.49
CA LEU A 75 0.95 9.59 14.31
C LEU A 75 2.38 9.13 14.61
N THR A 76 2.61 8.67 15.83
CA THR A 76 3.93 8.21 16.23
C THR A 76 4.16 6.75 15.84
N GLU A 77 5.35 6.24 16.14
CA GLU A 77 5.68 4.85 15.82
C GLU A 77 4.93 3.91 16.73
N GLU A 78 4.98 4.16 18.03
CA GLU A 78 4.28 3.33 19.00
C GLU A 78 2.79 3.28 18.68
N GLN A 79 2.29 4.38 18.12
CA GLN A 79 0.89 4.47 17.74
C GLN A 79 0.63 3.63 16.49
N PHE A 80 1.56 3.70 15.54
CA PHE A 80 1.46 2.93 14.31
C PHE A 80 1.24 1.46 14.61
N ILE A 81 2.11 0.92 15.47
CA ILE A 81 2.04 -0.48 15.85
C ILE A 81 0.67 -0.83 16.43
N ARG A 82 0.23 -0.06 17.41
CA ARG A 82 -1.05 -0.29 18.05
C ARG A 82 -2.21 -0.26 17.06
N VAL A 83 -2.28 0.80 16.27
CA VAL A 83 -3.34 0.94 15.28
C VAL A 83 -3.17 -0.02 14.11
N THR A 84 -1.94 -0.16 13.63
CA THR A 84 -1.66 -1.05 12.51
C THR A 84 -2.03 -2.48 12.88
N GLU A 85 -1.60 -2.91 14.06
CA GLU A 85 -1.88 -4.25 14.52
C GLU A 85 -3.36 -4.60 14.41
N ASN A 86 -4.20 -3.68 14.88
CA ASN A 86 -5.64 -3.87 14.86
C ASN A 86 -6.15 -4.07 13.43
N LEU A 87 -5.56 -3.33 12.49
CA LEU A 87 -5.94 -3.43 11.08
C LEU A 87 -5.74 -4.84 10.55
N ILE A 88 -4.57 -5.41 10.81
CA ILE A 88 -4.24 -6.75 10.34
C ILE A 88 -5.04 -7.82 11.09
N PHE A 89 -5.11 -7.68 12.41
CA PHE A 89 -5.83 -8.63 13.23
C PHE A 89 -7.29 -8.20 13.38
N GLU A 90 -7.54 -7.23 14.25
CA GLU A 90 -8.89 -6.73 14.48
C GLU A 90 -9.47 -6.12 13.20
N GLN A 91 -10.47 -5.26 13.36
CA GLN A 91 -11.09 -4.61 12.22
C GLN A 91 -11.83 -5.63 11.36
N GLY A 92 -12.98 -5.22 10.82
CA GLY A 92 -13.77 -6.10 9.99
C GLY A 92 -13.21 -6.27 8.59
N GLU A 93 -13.55 -7.39 7.97
CA GLU A 93 -13.08 -7.67 6.61
C GLU A 93 -13.44 -6.53 5.67
N ALA A 94 -14.72 -6.17 5.66
CA ALA A 94 -15.23 -5.09 4.82
C ALA A 94 -14.61 -3.74 5.18
N SER A 95 -13.92 -3.68 6.31
CA SER A 95 -13.29 -2.44 6.75
C SER A 95 -12.03 -2.14 5.93
N PHE A 96 -11.23 -3.17 5.70
CA PHE A 96 -10.00 -3.03 4.92
C PHE A 96 -10.31 -2.73 3.45
N ASN A 97 -11.29 -3.44 2.90
CA ASN A 97 -11.68 -3.26 1.51
C ASN A 97 -12.29 -1.89 1.26
N ARG A 98 -13.06 -1.41 2.23
CA ARG A 98 -13.72 -0.11 2.12
C ARG A 98 -12.73 1.04 2.03
N VAL A 99 -11.96 1.25 3.09
CA VAL A 99 -11.01 2.36 3.13
C VAL A 99 -9.82 2.14 2.20
N LEU A 100 -9.37 0.90 2.06
CA LEU A 100 -8.20 0.64 1.22
C LEU A 100 -8.60 0.40 -0.23
N GLY A 101 -9.82 -0.11 -0.45
CA GLY A 101 -10.28 -0.36 -1.80
C GLY A 101 -9.99 0.79 -2.74
N PRO A 102 -10.46 2.01 -2.42
CA PRO A 102 -10.23 3.20 -3.24
C PRO A 102 -8.74 3.54 -3.34
N VAL A 103 -7.96 3.03 -2.39
CA VAL A 103 -6.53 3.30 -2.37
C VAL A 103 -5.80 2.43 -3.40
N VAL A 104 -6.05 1.13 -3.34
CA VAL A 104 -5.41 0.19 -4.26
C VAL A 104 -5.93 0.39 -5.68
N LYS A 105 -7.20 0.79 -5.79
CA LYS A 105 -7.82 1.03 -7.08
C LYS A 105 -7.04 2.07 -7.87
N GLY A 106 -6.80 3.23 -7.25
CA GLY A 106 -6.06 4.29 -7.90
C GLY A 106 -4.79 3.80 -8.56
N ILE A 107 -4.13 2.82 -7.95
CA ILE A 107 -2.89 2.28 -8.51
C ILE A 107 -3.18 1.39 -9.70
N VAL A 108 -4.25 0.61 -9.61
CA VAL A 108 -4.63 -0.30 -10.69
C VAL A 108 -4.91 0.48 -11.96
N GLY A 109 -5.51 1.65 -11.81
CA GLY A 109 -5.83 2.47 -12.97
C GLY A 109 -4.60 2.83 -13.77
N MET A 110 -3.51 3.16 -13.08
CA MET A 110 -2.26 3.52 -13.75
C MET A 110 -1.52 2.27 -14.20
N CYS A 111 -1.75 1.16 -13.50
CA CYS A 111 -1.09 -0.10 -13.79
C CYS A 111 -1.93 -0.96 -14.72
N ASP A 112 -2.45 -0.33 -15.76
CA ASP A 112 -3.29 -1.02 -16.73
C ASP A 112 -3.46 -0.17 -17.99
N LYS A 113 -2.80 -0.58 -19.06
CA LYS A 113 -2.89 0.11 -20.35
C LYS A 113 -3.98 -0.50 -21.22
N ASN A 114 -4.62 -1.57 -20.75
CA ASN A 114 -5.68 -2.23 -21.51
C ASN A 114 -7.06 -1.84 -20.96
N ALA A 115 -7.08 -1.23 -19.77
CA ALA A 115 -8.32 -0.79 -19.15
C ALA A 115 -9.27 -1.97 -18.86
N ASP A 116 -8.79 -2.93 -18.09
CA ASP A 116 -9.62 -4.09 -17.74
C ASP A 116 -9.94 -4.10 -16.24
N GLY A 117 -9.23 -3.27 -15.47
CA GLY A 117 -9.48 -3.20 -14.04
C GLY A 117 -8.81 -4.33 -13.27
N GLN A 118 -7.97 -5.10 -13.93
CA GLN A 118 -7.30 -6.22 -13.27
C GLN A 118 -5.78 -6.08 -13.36
N ILE A 119 -5.08 -6.86 -12.55
CA ILE A 119 -3.63 -6.84 -12.52
C ILE A 119 -3.06 -8.14 -13.07
N ASN A 120 -2.64 -8.14 -14.32
CA ASN A 120 -2.07 -9.35 -14.91
C ASN A 120 -0.59 -9.43 -14.59
N ALA A 121 -0.01 -10.63 -14.69
CA ALA A 121 1.41 -10.81 -14.39
C ALA A 121 2.25 -9.75 -15.08
N ASP A 122 1.86 -9.38 -16.29
CA ASP A 122 2.58 -8.35 -17.05
C ASP A 122 2.34 -6.98 -16.42
N GLU A 123 1.18 -6.82 -15.78
CA GLU A 123 0.85 -5.56 -15.11
C GLU A 123 1.51 -5.50 -13.73
N PHE A 124 1.36 -6.56 -12.95
CA PHE A 124 1.94 -6.62 -11.61
C PHE A 124 3.44 -6.39 -11.67
N ALA A 125 4.13 -7.16 -12.51
CA ALA A 125 5.57 -7.04 -12.65
C ALA A 125 5.97 -5.61 -12.93
N ALA A 126 5.22 -4.95 -13.82
CA ALA A 126 5.50 -3.56 -14.19
C ALA A 126 5.48 -2.66 -12.96
N TRP A 127 4.62 -2.95 -11.99
CA TRP A 127 4.50 -2.13 -10.79
C TRP A 127 5.58 -2.47 -9.76
N LEU A 128 5.85 -3.76 -9.59
CA LEU A 128 6.86 -4.20 -8.63
C LEU A 128 8.24 -3.65 -9.00
N THR A 129 8.56 -3.66 -10.29
CA THR A 129 9.83 -3.15 -10.76
C THR A 129 9.85 -1.62 -10.67
N ALA A 130 8.66 -1.02 -10.59
CA ALA A 130 8.53 0.43 -10.48
C ALA A 130 9.15 0.95 -9.19
N LEU A 131 9.01 0.18 -8.12
CA LEU A 131 9.56 0.57 -6.83
C LEU A 131 11.01 0.11 -6.66
N GLY A 132 11.51 -0.65 -7.63
CA GLY A 132 12.87 -1.11 -7.55
C GLY A 132 12.99 -2.62 -7.33
N MET A 133 12.06 -3.37 -7.89
CA MET A 133 12.08 -4.82 -7.76
C MET A 133 12.62 -5.44 -9.04
N SER A 134 13.20 -6.63 -8.92
CA SER A 134 13.75 -7.32 -10.08
C SER A 134 12.66 -8.07 -10.83
N LYS A 135 12.82 -8.21 -12.14
CA LYS A 135 11.85 -8.90 -12.97
C LYS A 135 11.58 -10.32 -12.49
N ALA A 136 12.55 -10.89 -11.79
CA ALA A 136 12.40 -12.25 -11.27
C ALA A 136 11.49 -12.28 -10.05
N GLU A 137 11.42 -11.14 -9.35
CA GLU A 137 10.60 -11.03 -8.15
C GLU A 137 9.11 -10.97 -8.49
N ALA A 138 8.79 -10.34 -9.62
CA ALA A 138 7.40 -10.22 -10.04
C ALA A 138 6.77 -11.59 -10.25
N ALA A 139 7.36 -12.36 -11.15
CA ALA A 139 6.88 -13.70 -11.45
C ALA A 139 6.63 -14.50 -10.18
N GLU A 140 7.56 -14.40 -9.22
CA GLU A 140 7.45 -15.12 -7.96
C GLU A 140 6.34 -14.55 -7.08
N ALA A 141 6.35 -13.23 -6.88
CA ALA A 141 5.36 -12.58 -6.04
C ALA A 141 3.97 -12.73 -6.63
N PHE A 142 3.89 -12.69 -7.96
CA PHE A 142 2.62 -12.84 -8.66
C PHE A 142 1.91 -14.12 -8.23
N ASN A 143 2.57 -15.25 -8.46
CA ASN A 143 2.02 -16.56 -8.14
C ASN A 143 1.64 -16.70 -6.67
N GLN A 144 2.39 -16.06 -5.78
CA GLN A 144 2.11 -16.15 -4.34
C GLN A 144 0.80 -15.47 -3.96
N VAL A 145 0.44 -14.39 -4.67
CA VAL A 145 -0.77 -13.65 -4.35
C VAL A 145 -2.02 -14.26 -5.02
N ASP A 146 -1.85 -14.83 -6.21
CA ASP A 146 -2.98 -15.42 -6.92
C ASP A 146 -3.60 -16.57 -6.13
N THR A 147 -4.41 -16.22 -5.13
CA THR A 147 -5.09 -17.20 -4.28
C THR A 147 -5.95 -18.17 -5.08
N ASN A 148 -6.55 -17.69 -6.16
CA ASN A 148 -7.43 -18.53 -6.97
C ASN A 148 -6.68 -19.18 -8.15
N GLY A 149 -5.35 -19.01 -8.18
CA GLY A 149 -4.56 -19.57 -9.25
C GLY A 149 -5.21 -19.45 -10.61
N ASN A 150 -5.86 -18.31 -10.85
CA ASN A 150 -6.54 -18.05 -12.11
C ASN A 150 -5.66 -17.29 -13.08
N GLY A 151 -4.50 -16.83 -12.61
CA GLY A 151 -3.58 -16.10 -13.47
C GLY A 151 -3.86 -14.61 -13.51
N GLU A 152 -4.77 -14.13 -12.68
CA GLU A 152 -5.10 -12.71 -12.65
C GLU A 152 -5.18 -12.18 -11.23
N LEU A 153 -4.58 -11.02 -11.00
CA LEU A 153 -4.60 -10.40 -9.67
C LEU A 153 -5.64 -9.28 -9.65
N SER A 154 -6.81 -9.57 -9.05
CA SER A 154 -7.89 -8.60 -8.99
C SER A 154 -7.77 -7.70 -7.75
N LEU A 155 -8.60 -6.66 -7.73
CA LEU A 155 -8.60 -5.72 -6.62
C LEU A 155 -8.66 -6.43 -5.27
N ASP A 156 -9.54 -7.42 -5.17
CA ASP A 156 -9.69 -8.18 -3.93
C ASP A 156 -8.37 -8.80 -3.50
N GLU A 157 -7.83 -9.66 -4.36
CA GLU A 157 -6.56 -10.34 -4.06
C GLU A 157 -5.39 -9.39 -3.98
N LEU A 158 -5.58 -8.16 -4.46
CA LEU A 158 -4.51 -7.16 -4.43
C LEU A 158 -4.27 -6.70 -2.99
N LEU A 159 -5.25 -6.01 -2.42
CA LEU A 159 -5.15 -5.52 -1.06
C LEU A 159 -4.70 -6.61 -0.10
N THR A 160 -5.08 -7.85 -0.41
CA THR A 160 -4.71 -8.98 0.42
C THR A 160 -3.19 -9.08 0.58
N ALA A 161 -2.51 -9.25 -0.54
CA ALA A 161 -1.05 -9.34 -0.55
C ALA A 161 -0.42 -8.05 -0.01
N VAL A 162 -1.08 -6.93 -0.27
CA VAL A 162 -0.60 -5.63 0.18
C VAL A 162 -0.28 -5.64 1.69
N ARG A 163 -1.29 -5.91 2.49
CA ARG A 163 -1.11 -5.95 3.94
C ARG A 163 -1.19 -7.38 4.46
N ASP A 164 -0.22 -8.20 4.07
CA ASP A 164 -0.18 -9.60 4.47
C ASP A 164 1.05 -9.87 5.35
N PHE A 165 2.12 -9.11 5.11
CA PHE A 165 3.36 -9.28 5.87
C PHE A 165 3.10 -9.34 7.37
N HIS A 166 3.55 -10.42 8.00
CA HIS A 166 3.38 -10.61 9.43
C HIS A 166 3.82 -12.02 9.84
N PHE A 167 4.24 -12.17 11.09
CA PHE A 167 4.68 -13.45 11.61
C PHE A 167 5.87 -13.99 10.82
N GLY A 168 5.58 -14.67 9.71
CA GLY A 168 6.65 -15.22 8.90
C GLY A 168 6.90 -14.45 7.62
N ARG A 169 5.87 -13.76 7.13
CA ARG A 169 5.98 -12.99 5.90
C ARG A 169 6.68 -13.79 4.80
N LEU A 170 7.12 -13.09 3.76
CA LEU A 170 7.80 -13.75 2.64
C LEU A 170 8.51 -12.72 1.77
N ASP A 171 7.77 -12.10 0.86
CA ASP A 171 8.34 -11.10 -0.04
C ASP A 171 7.26 -10.35 -0.81
N VAL A 172 6.26 -9.85 -0.08
CA VAL A 172 5.18 -9.09 -0.71
C VAL A 172 5.26 -7.61 -0.36
N GLU A 173 4.63 -7.21 0.74
CA GLU A 173 4.64 -5.82 1.17
C GLU A 173 3.99 -4.89 0.13
N LEU A 174 4.05 -3.59 0.40
CA LEU A 174 3.46 -2.60 -0.51
C LEU A 174 4.56 -1.79 -1.20
N LEU A 175 5.66 -1.55 -0.49
CA LEU A 175 6.77 -0.78 -1.03
C LEU A 175 7.76 -1.69 -1.77
N GLY A 176 7.34 -2.89 -2.10
CA GLY A 176 8.22 -3.82 -2.79
C GLY A 176 8.44 -5.11 -2.03
N THR A 1 10.97 -3.80 21.75
CA THR A 1 11.62 -4.35 20.52
C THR A 1 12.14 -5.76 20.76
N THR A 2 11.23 -6.71 20.92
CA THR A 2 11.60 -8.10 21.15
C THR A 2 11.01 -9.02 20.09
N ALA A 3 9.68 -9.12 20.07
CA ALA A 3 9.00 -9.97 19.11
C ALA A 3 9.48 -9.70 17.69
N ILE A 4 9.06 -10.55 16.75
CA ILE A 4 9.46 -10.41 15.36
C ILE A 4 8.63 -9.33 14.65
N ALA A 5 7.37 -9.21 15.05
CA ALA A 5 6.46 -8.24 14.45
C ALA A 5 6.95 -6.80 14.68
N SER A 6 7.65 -6.58 15.78
CA SER A 6 8.15 -5.24 16.11
C SER A 6 9.13 -4.75 15.03
N ASP A 7 10.01 -5.64 14.59
CA ASP A 7 11.01 -5.29 13.59
C ASP A 7 10.35 -4.92 12.26
N ARG A 8 9.38 -5.72 11.82
CA ARG A 8 8.70 -5.48 10.56
C ARG A 8 7.96 -4.13 10.57
N LEU A 9 7.28 -3.84 11.68
CA LEU A 9 6.52 -2.59 11.77
C LEU A 9 7.45 -1.41 12.06
N LYS A 10 8.48 -1.64 12.86
CA LYS A 10 9.42 -0.59 13.21
C LYS A 10 10.08 0.00 11.96
N LYS A 11 10.72 -0.86 11.18
CA LYS A 11 11.39 -0.43 9.95
C LYS A 11 10.41 0.27 9.03
N ARG A 12 9.23 -0.31 8.86
CA ARG A 12 8.20 0.27 7.99
C ARG A 12 8.03 1.75 8.28
N PHE A 13 8.26 2.15 9.52
CA PHE A 13 8.14 3.54 9.92
C PHE A 13 9.31 4.36 9.40
N ASP A 14 10.52 3.98 9.78
CA ASP A 14 11.73 4.68 9.34
C ASP A 14 11.98 4.45 7.85
N ARG A 15 11.29 3.48 7.27
CA ARG A 15 11.45 3.16 5.85
C ARG A 15 10.81 4.23 4.98
N TRP A 16 9.86 4.96 5.54
CA TRP A 16 9.16 6.02 4.80
C TRP A 16 9.75 7.39 5.11
N ASP A 17 9.15 8.10 6.08
CA ASP A 17 9.63 9.42 6.49
C ASP A 17 10.03 10.27 5.28
N PHE A 18 9.04 10.73 4.53
CA PHE A 18 9.28 11.54 3.34
C PHE A 18 10.16 12.75 3.64
N ASP A 19 9.78 13.52 4.67
CA ASP A 19 10.53 14.71 5.04
C ASP A 19 11.46 14.44 6.22
N GLY A 20 11.27 13.31 6.90
CA GLY A 20 12.10 12.99 8.05
C GLY A 20 11.71 13.78 9.28
N ASN A 21 10.41 13.81 9.57
CA ASN A 21 9.92 14.55 10.74
C ASN A 21 9.80 13.65 11.96
N GLY A 22 9.96 12.34 11.78
CA GLY A 22 9.87 11.42 12.89
C GLY A 22 8.43 11.11 13.26
N ALA A 23 7.52 11.32 12.32
CA ALA A 23 6.10 11.07 12.54
C ALA A 23 5.41 10.82 11.19
N LEU A 24 4.12 10.50 11.24
CA LEU A 24 3.36 10.25 10.02
C LEU A 24 2.27 11.30 9.85
N GLU A 25 2.31 12.01 8.72
CA GLU A 25 1.33 13.05 8.44
C GLU A 25 0.58 12.75 7.14
N ARG A 26 -0.44 13.56 6.86
CA ARG A 26 -1.24 13.39 5.66
C ARG A 26 -0.43 13.74 4.41
N ALA A 27 0.47 14.71 4.56
CA ALA A 27 1.32 15.14 3.46
C ALA A 27 2.26 14.01 3.02
N ASP A 28 2.48 13.05 3.92
CA ASP A 28 3.34 11.92 3.61
C ASP A 28 2.67 11.00 2.60
N PHE A 29 1.34 10.92 2.67
CA PHE A 29 0.57 10.08 1.76
C PHE A 29 0.43 10.75 0.39
N GLU A 30 0.28 12.07 0.40
CA GLU A 30 0.15 12.82 -0.85
C GLU A 30 1.43 12.71 -1.68
N LYS A 31 2.58 12.77 -1.02
CA LYS A 31 3.85 12.66 -1.73
C LYS A 31 3.99 11.27 -2.34
N GLU A 32 3.55 10.26 -1.59
CA GLU A 32 3.63 8.87 -2.05
C GLU A 32 3.05 8.75 -3.46
N ALA A 33 1.76 9.00 -3.59
CA ALA A 33 1.10 8.92 -4.89
C ALA A 33 1.93 9.61 -5.97
N GLN A 34 2.38 10.82 -5.66
CA GLN A 34 3.20 11.58 -6.60
C GLN A 34 4.50 10.83 -6.88
N HIS A 35 5.23 10.49 -5.83
CA HIS A 35 6.48 9.75 -5.98
C HIS A 35 6.25 8.49 -6.80
N ILE A 36 5.16 7.79 -6.51
CA ILE A 36 4.83 6.56 -7.22
C ILE A 36 4.52 6.85 -8.70
N ALA A 37 3.54 7.72 -8.94
CA ALA A 37 3.15 8.07 -10.31
C ALA A 37 4.38 8.27 -11.20
N GLU A 38 5.39 8.92 -10.66
CA GLU A 38 6.62 9.18 -11.40
C GLU A 38 7.29 7.86 -11.83
N ALA A 39 7.23 6.87 -10.96
CA ALA A 39 7.82 5.57 -11.24
C ALA A 39 7.19 4.95 -12.48
N PHE A 40 5.93 5.30 -12.74
CA PHE A 40 5.21 4.77 -13.89
C PHE A 40 5.40 5.66 -15.13
N GLY A 41 6.20 6.71 -14.99
CA GLY A 41 6.46 7.61 -16.11
C GLY A 41 5.19 8.24 -16.66
N LYS A 42 4.11 8.18 -15.89
CA LYS A 42 2.85 8.75 -16.32
C LYS A 42 2.66 10.16 -15.76
N ASP A 43 3.08 11.16 -16.53
CA ASP A 43 2.96 12.56 -16.13
C ASP A 43 3.26 12.76 -14.65
N ALA A 44 2.77 13.86 -14.09
CA ALA A 44 2.92 14.18 -12.68
C ALA A 44 1.60 14.77 -12.20
N GLY A 45 1.21 15.86 -12.86
CA GLY A 45 -0.04 16.53 -12.54
C GLY A 45 -1.17 16.08 -13.44
N ALA A 46 -1.09 14.85 -13.94
CA ALA A 46 -2.11 14.30 -14.82
C ALA A 46 -3.41 14.02 -14.06
N ALA A 47 -4.33 13.32 -14.71
CA ALA A 47 -5.61 12.99 -14.10
C ALA A 47 -5.49 11.78 -13.17
N GLU A 48 -4.95 10.69 -13.69
CA GLU A 48 -4.79 9.45 -12.91
C GLU A 48 -3.93 9.67 -11.67
N VAL A 49 -3.03 10.64 -11.74
CA VAL A 49 -2.16 10.93 -10.60
C VAL A 49 -2.94 11.69 -9.54
N GLN A 50 -3.74 12.67 -9.97
CA GLN A 50 -4.56 13.44 -9.05
C GLN A 50 -5.53 12.51 -8.35
N THR A 51 -6.12 11.59 -9.11
CA THR A 51 -7.06 10.62 -8.56
C THR A 51 -6.39 9.78 -7.47
N LEU A 52 -5.29 9.12 -7.83
CA LEU A 52 -4.57 8.27 -6.88
C LEU A 52 -4.26 9.06 -5.62
N LYS A 53 -3.53 10.16 -5.76
CA LYS A 53 -3.18 11.00 -4.62
C LYS A 53 -4.42 11.34 -3.80
N ASN A 54 -5.53 11.62 -4.49
CA ASN A 54 -6.78 11.97 -3.83
C ASN A 54 -7.23 10.83 -2.91
N ALA A 55 -7.09 9.60 -3.38
CA ALA A 55 -7.49 8.44 -2.59
C ALA A 55 -6.57 8.27 -1.38
N PHE A 56 -5.28 8.48 -1.59
CA PHE A 56 -4.30 8.35 -0.52
C PHE A 56 -4.64 9.29 0.64
N GLY A 57 -5.27 10.41 0.30
CA GLY A 57 -5.64 11.38 1.32
C GLY A 57 -6.68 10.85 2.28
N GLY A 58 -7.75 10.28 1.74
CA GLY A 58 -8.82 9.75 2.58
C GLY A 58 -8.33 8.68 3.53
N LEU A 59 -7.35 7.90 3.10
CA LEU A 59 -6.82 6.82 3.94
C LEU A 59 -6.37 7.37 5.30
N PHE A 60 -5.81 8.57 5.29
CA PHE A 60 -5.35 9.20 6.52
C PHE A 60 -6.50 9.45 7.48
N ASP A 61 -7.62 9.94 6.95
CA ASP A 61 -8.81 10.23 7.76
C ASP A 61 -9.09 9.11 8.76
N TYR A 62 -9.10 7.88 8.27
CA TYR A 62 -9.35 6.72 9.12
C TYR A 62 -8.34 6.67 10.26
N LEU A 63 -7.12 7.08 9.98
CA LEU A 63 -6.05 7.10 10.97
C LEU A 63 -6.35 8.10 12.07
N ALA A 64 -6.59 9.35 11.69
CA ALA A 64 -6.87 10.41 12.66
C ALA A 64 -8.06 10.03 13.53
N LYS A 65 -9.10 9.49 12.91
CA LYS A 65 -10.31 9.09 13.62
C LYS A 65 -10.03 7.92 14.57
N GLU A 66 -9.52 6.82 14.02
CA GLU A 66 -9.22 5.64 14.81
C GLU A 66 -8.14 5.95 15.84
N ALA A 67 -7.14 6.71 15.43
CA ALA A 67 -6.03 7.07 16.33
C ALA A 67 -6.46 8.19 17.28
N GLY A 68 -7.43 8.98 16.85
CA GLY A 68 -7.93 10.06 17.68
C GLY A 68 -7.05 11.30 17.66
N VAL A 69 -6.78 11.81 16.46
CA VAL A 69 -5.95 13.00 16.32
C VAL A 69 -6.77 14.18 15.81
N GLY A 70 -6.89 14.33 14.50
CA GLY A 70 -7.65 15.45 13.96
C GLY A 70 -7.65 15.54 12.43
N SER A 71 -6.66 14.92 11.77
CA SER A 71 -6.50 14.93 10.30
C SER A 71 -5.27 15.75 9.91
N ASP A 72 -4.95 16.72 10.77
CA ASP A 72 -3.81 17.60 10.57
C ASP A 72 -2.70 17.33 11.58
N GLY A 73 -2.87 16.28 12.39
CA GLY A 73 -1.87 15.95 13.37
C GLY A 73 -0.89 14.90 12.88
N SER A 74 -0.27 14.19 13.81
CA SER A 74 0.70 13.16 13.46
C SER A 74 0.62 11.95 14.39
N LEU A 75 1.07 10.81 13.88
CA LEU A 75 1.05 9.57 14.66
C LEU A 75 2.48 9.09 14.91
N THR A 76 2.77 8.66 16.13
CA THR A 76 4.10 8.19 16.49
C THR A 76 4.28 6.73 16.11
N GLU A 77 5.50 6.22 16.23
CA GLU A 77 5.80 4.84 15.89
C GLU A 77 5.02 3.88 16.78
N GLU A 78 5.07 4.13 18.09
CA GLU A 78 4.35 3.30 19.05
C GLU A 78 2.86 3.30 18.73
N GLN A 79 2.38 4.41 18.19
CA GLN A 79 0.97 4.54 17.82
C GLN A 79 0.67 3.72 16.57
N PHE A 80 1.59 3.78 15.61
CA PHE A 80 1.44 3.02 14.36
C PHE A 80 1.15 1.55 14.65
N ILE A 81 2.05 0.93 15.41
CA ILE A 81 1.91 -0.48 15.76
C ILE A 81 0.57 -0.77 16.41
N ARG A 82 0.21 0.03 17.41
CA ARG A 82 -1.06 -0.14 18.12
C ARG A 82 -2.25 -0.05 17.18
N VAL A 83 -2.35 1.05 16.43
CA VAL A 83 -3.45 1.25 15.50
C VAL A 83 -3.36 0.34 14.30
N THR A 84 -2.16 0.16 13.77
CA THR A 84 -1.96 -0.69 12.61
C THR A 84 -2.41 -2.11 12.92
N GLU A 85 -2.03 -2.59 14.10
CA GLU A 85 -2.39 -3.93 14.54
C GLU A 85 -3.88 -4.20 14.31
N ASN A 86 -4.72 -3.30 14.82
CA ASN A 86 -6.16 -3.44 14.69
C ASN A 86 -6.58 -3.46 13.22
N LEU A 87 -5.89 -2.68 12.39
CA LEU A 87 -6.20 -2.62 10.96
C LEU A 87 -6.11 -4.00 10.34
N ILE A 88 -5.05 -4.72 10.66
CA ILE A 88 -4.84 -6.07 10.13
C ILE A 88 -5.77 -7.07 10.83
N PHE A 89 -5.94 -6.90 12.14
CA PHE A 89 -6.79 -7.79 12.92
C PHE A 89 -8.23 -7.26 12.99
N GLU A 90 -8.47 -6.33 13.91
CA GLU A 90 -9.80 -5.75 14.07
C GLU A 90 -10.30 -5.13 12.78
N GLN A 91 -11.37 -4.35 12.88
CA GLN A 91 -11.98 -3.69 11.72
C GLN A 91 -12.76 -4.69 10.88
N GLY A 92 -12.06 -5.55 10.14
CA GLY A 92 -12.73 -6.54 9.33
C GLY A 92 -12.36 -6.46 7.85
N GLU A 93 -12.83 -7.44 7.08
CA GLU A 93 -12.54 -7.49 5.65
C GLU A 93 -13.01 -6.21 4.95
N ALA A 94 -14.31 -5.93 5.08
CA ALA A 94 -14.91 -4.76 4.45
C ALA A 94 -14.26 -3.45 4.90
N SER A 95 -13.50 -3.50 5.99
CA SER A 95 -12.85 -2.31 6.52
C SER A 95 -11.62 -1.95 5.69
N PHE A 96 -10.81 -2.95 5.36
CA PHE A 96 -9.60 -2.74 4.56
C PHE A 96 -9.95 -2.39 3.12
N ASN A 97 -10.96 -3.08 2.59
CA ASN A 97 -11.40 -2.87 1.21
C ASN A 97 -12.05 -1.49 1.02
N ARG A 98 -12.80 -1.04 2.01
CA ARG A 98 -13.48 0.25 1.93
C ARG A 98 -12.49 1.41 1.84
N VAL A 99 -11.74 1.63 2.91
CA VAL A 99 -10.78 2.72 2.98
C VAL A 99 -9.64 2.56 1.99
N LEU A 100 -9.19 1.32 1.83
CA LEU A 100 -8.06 1.06 0.94
C LEU A 100 -8.52 0.78 -0.49
N GLY A 101 -9.76 0.33 -0.66
CA GLY A 101 -10.29 0.06 -1.99
C GLY A 101 -9.87 1.10 -3.02
N PRO A 102 -10.12 2.40 -2.75
CA PRO A 102 -9.76 3.48 -3.65
C PRO A 102 -8.25 3.72 -3.71
N VAL A 103 -7.51 3.07 -2.81
CA VAL A 103 -6.06 3.22 -2.76
C VAL A 103 -5.39 2.34 -3.81
N VAL A 104 -5.71 1.05 -3.78
CA VAL A 104 -5.13 0.11 -4.74
C VAL A 104 -5.66 0.39 -6.15
N LYS A 105 -6.92 0.82 -6.21
CA LYS A 105 -7.55 1.15 -7.47
C LYS A 105 -6.78 2.22 -8.20
N GLY A 106 -6.41 3.28 -7.47
CA GLY A 106 -5.67 4.37 -8.05
C GLY A 106 -4.42 3.92 -8.76
N ILE A 107 -3.76 2.90 -8.22
CA ILE A 107 -2.55 2.37 -8.83
C ILE A 107 -2.88 1.57 -10.08
N VAL A 108 -3.94 0.79 -10.00
CA VAL A 108 -4.38 -0.04 -11.13
C VAL A 108 -4.79 0.83 -12.31
N GLY A 109 -5.42 1.96 -12.03
CA GLY A 109 -5.86 2.85 -13.08
C GLY A 109 -4.73 3.37 -13.94
N MET A 110 -3.61 3.71 -13.31
CA MET A 110 -2.45 4.23 -14.03
C MET A 110 -1.68 3.11 -14.71
N CYS A 111 -1.80 1.90 -14.19
CA CYS A 111 -1.06 0.76 -14.74
C CYS A 111 -1.90 -0.10 -15.67
N ASP A 112 -3.22 -0.03 -15.57
CA ASP A 112 -4.09 -0.85 -16.41
C ASP A 112 -3.93 -0.48 -17.88
N LYS A 113 -3.22 -1.35 -18.61
CA LYS A 113 -3.00 -1.15 -20.04
C LYS A 113 -4.15 -1.73 -20.85
N ASN A 114 -4.90 -2.65 -20.25
CA ASN A 114 -6.02 -3.28 -20.93
C ASN A 114 -7.36 -2.80 -20.36
N ALA A 115 -7.31 -1.80 -19.47
CA ALA A 115 -8.52 -1.25 -18.86
C ALA A 115 -9.49 -2.36 -18.46
N ASP A 116 -9.03 -3.30 -17.63
CA ASP A 116 -9.87 -4.40 -17.18
C ASP A 116 -10.10 -4.35 -15.66
N GLY A 117 -9.35 -3.50 -14.97
CA GLY A 117 -9.50 -3.39 -13.54
C GLY A 117 -8.84 -4.52 -12.78
N GLN A 118 -8.02 -5.31 -13.47
CA GLN A 118 -7.33 -6.42 -12.84
C GLN A 118 -5.82 -6.32 -13.02
N ILE A 119 -5.09 -7.12 -12.25
CA ILE A 119 -3.63 -7.11 -12.32
C ILE A 119 -3.10 -8.39 -12.97
N ASN A 120 -2.73 -8.32 -14.24
CA ASN A 120 -2.18 -9.47 -14.93
C ASN A 120 -0.69 -9.55 -14.67
N ALA A 121 -0.11 -10.74 -14.84
CA ALA A 121 1.32 -10.91 -14.60
C ALA A 121 2.13 -9.82 -15.29
N ASP A 122 1.69 -9.40 -16.47
CA ASP A 122 2.37 -8.36 -17.20
C ASP A 122 2.17 -7.01 -16.50
N GLU A 123 1.04 -6.87 -15.80
CA GLU A 123 0.75 -5.65 -15.07
C GLU A 123 1.51 -5.65 -13.74
N PHE A 124 1.41 -6.76 -13.01
CA PHE A 124 2.09 -6.88 -11.71
C PHE A 124 3.58 -6.67 -11.85
N ALA A 125 4.20 -7.37 -12.79
CA ALA A 125 5.64 -7.26 -13.01
C ALA A 125 6.05 -5.82 -13.23
N ALA A 126 5.30 -5.11 -14.06
CA ALA A 126 5.60 -3.71 -14.36
C ALA A 126 5.68 -2.87 -13.09
N TRP A 127 4.87 -3.21 -12.08
CA TRP A 127 4.84 -2.46 -10.83
C TRP A 127 5.93 -2.89 -9.86
N LEU A 128 6.11 -4.20 -9.71
CA LEU A 128 7.12 -4.72 -8.79
C LEU A 128 8.51 -4.23 -9.17
N THR A 129 8.80 -4.23 -10.47
CA THR A 129 10.09 -3.75 -10.96
C THR A 129 10.20 -2.24 -10.80
N ALA A 130 9.04 -1.57 -10.81
CA ALA A 130 9.00 -0.13 -10.67
C ALA A 130 9.54 0.32 -9.31
N LEU A 131 9.28 -0.47 -8.27
CA LEU A 131 9.72 -0.12 -6.92
C LEU A 131 11.16 -0.57 -6.65
N GLY A 132 11.82 -1.13 -7.66
CA GLY A 132 13.20 -1.57 -7.48
C GLY A 132 13.35 -3.07 -7.35
N MET A 133 12.40 -3.82 -7.88
CA MET A 133 12.46 -5.28 -7.82
C MET A 133 12.98 -5.83 -9.13
N SER A 134 13.56 -7.03 -9.09
CA SER A 134 14.09 -7.66 -10.28
C SER A 134 12.98 -8.37 -11.05
N LYS A 135 13.26 -8.69 -12.31
CA LYS A 135 12.28 -9.36 -13.16
C LYS A 135 11.98 -10.79 -12.68
N ALA A 136 12.92 -11.35 -11.91
CA ALA A 136 12.74 -12.70 -11.38
C ALA A 136 11.85 -12.69 -10.15
N GLU A 137 11.82 -11.57 -9.44
CA GLU A 137 11.02 -11.43 -8.23
C GLU A 137 9.53 -11.31 -8.56
N ALA A 138 9.22 -10.59 -9.64
CA ALA A 138 7.84 -10.40 -10.05
C ALA A 138 7.18 -11.73 -10.37
N ALA A 139 7.75 -12.45 -11.34
CA ALA A 139 7.21 -13.76 -11.74
C ALA A 139 6.92 -14.62 -10.52
N GLU A 140 7.84 -14.63 -9.55
CA GLU A 140 7.70 -15.43 -8.34
C GLU A 140 6.60 -14.88 -7.44
N ALA A 141 6.64 -13.58 -7.19
CA ALA A 141 5.66 -12.93 -6.33
C ALA A 141 4.24 -13.04 -6.91
N PHE A 142 4.15 -12.94 -8.22
CA PHE A 142 2.86 -13.04 -8.89
C PHE A 142 2.14 -14.33 -8.50
N ASN A 143 2.79 -15.45 -8.78
CA ASN A 143 2.23 -16.78 -8.49
C ASN A 143 1.89 -16.96 -7.02
N GLN A 144 2.68 -16.38 -6.12
CA GLN A 144 2.46 -16.52 -4.68
C GLN A 144 1.16 -15.85 -4.23
N VAL A 145 0.79 -14.74 -4.88
CA VAL A 145 -0.40 -14.01 -4.49
C VAL A 145 -1.67 -14.61 -5.11
N ASP A 146 -1.53 -15.21 -6.29
CA ASP A 146 -2.69 -15.79 -6.97
C ASP A 146 -3.31 -16.91 -6.14
N THR A 147 -4.08 -16.52 -5.13
CA THR A 147 -4.76 -17.45 -4.23
C THR A 147 -5.66 -18.43 -4.97
N ASN A 148 -6.27 -17.97 -6.07
CA ASN A 148 -7.17 -18.81 -6.84
C ASN A 148 -6.50 -19.46 -8.04
N GLY A 149 -5.17 -19.30 -8.16
CA GLY A 149 -4.44 -19.89 -9.26
C GLY A 149 -5.17 -19.80 -10.59
N ASN A 150 -5.85 -18.68 -10.81
CA ASN A 150 -6.60 -18.48 -12.06
C ASN A 150 -5.78 -17.70 -13.08
N GLY A 151 -4.59 -17.24 -12.69
CA GLY A 151 -3.72 -16.51 -13.60
C GLY A 151 -3.94 -15.01 -13.57
N GLU A 152 -4.84 -14.54 -12.71
CA GLU A 152 -5.11 -13.11 -12.62
C GLU A 152 -5.12 -12.64 -11.17
N LEU A 153 -4.46 -11.52 -10.92
CA LEU A 153 -4.41 -10.94 -9.57
C LEU A 153 -5.49 -9.88 -9.42
N SER A 154 -6.58 -10.23 -8.75
CA SER A 154 -7.68 -9.30 -8.55
C SER A 154 -7.49 -8.44 -7.32
N LEU A 155 -8.21 -7.33 -7.26
CA LEU A 155 -8.12 -6.39 -6.15
C LEU A 155 -8.21 -7.11 -4.81
N ASP A 156 -9.15 -8.06 -4.72
CA ASP A 156 -9.35 -8.82 -3.49
C ASP A 156 -8.07 -9.50 -3.04
N GLU A 157 -7.55 -10.38 -3.90
CA GLU A 157 -6.35 -11.14 -3.59
C GLU A 157 -5.13 -10.23 -3.40
N LEU A 158 -5.23 -9.00 -3.88
CA LEU A 158 -4.13 -8.04 -3.75
C LEU A 158 -4.00 -7.58 -2.30
N LEU A 159 -5.12 -7.19 -1.71
CA LEU A 159 -5.15 -6.73 -0.31
C LEU A 159 -4.79 -7.85 0.65
N THR A 160 -5.35 -9.03 0.40
CA THR A 160 -5.10 -10.19 1.25
C THR A 160 -3.59 -10.43 1.42
N ALA A 161 -2.90 -10.59 0.30
CA ALA A 161 -1.46 -10.81 0.35
C ALA A 161 -0.75 -9.69 1.09
N VAL A 162 -0.88 -8.46 0.59
CA VAL A 162 -0.25 -7.31 1.22
C VAL A 162 -0.64 -7.22 2.70
N ARG A 163 -1.89 -7.52 3.00
CA ARG A 163 -2.37 -7.46 4.38
C ARG A 163 -2.01 -8.73 5.14
N ASP A 164 -0.71 -9.05 5.17
CA ASP A 164 -0.24 -10.24 5.86
C ASP A 164 1.28 -10.37 5.74
N PHE A 165 2.00 -9.35 6.21
CA PHE A 165 3.46 -9.38 6.15
C PHE A 165 4.08 -9.23 7.54
N HIS A 166 3.44 -8.46 8.41
CA HIS A 166 3.95 -8.26 9.76
C HIS A 166 4.24 -9.59 10.43
N PHE A 167 4.70 -9.54 11.67
CA PHE A 167 4.99 -10.75 12.42
C PHE A 167 6.01 -11.63 11.67
N GLY A 168 6.74 -11.02 10.74
CA GLY A 168 7.72 -11.76 9.97
C GLY A 168 7.07 -12.67 8.94
N ARG A 169 7.07 -12.23 7.68
CA ARG A 169 6.46 -13.00 6.61
C ARG A 169 7.45 -13.23 5.46
N LEU A 170 7.49 -12.29 4.52
CA LEU A 170 8.38 -12.40 3.37
C LEU A 170 8.31 -11.14 2.50
N ASP A 171 8.67 -11.28 1.22
CA ASP A 171 8.65 -10.14 0.31
C ASP A 171 7.31 -10.03 -0.41
N VAL A 172 6.25 -9.85 0.37
CA VAL A 172 4.91 -9.72 -0.20
C VAL A 172 4.53 -8.24 -0.32
N GLU A 173 3.85 -7.70 0.69
CA GLU A 173 3.45 -6.29 0.70
C GLU A 173 2.97 -5.82 -0.67
N LEU A 174 2.98 -4.51 -0.89
CA LEU A 174 2.55 -3.94 -2.15
C LEU A 174 3.16 -2.55 -2.36
N LEU A 175 2.96 -1.67 -1.38
CA LEU A 175 3.49 -0.31 -1.46
C LEU A 175 5.01 -0.32 -1.63
N GLY A 176 5.58 0.85 -1.90
CA GLY A 176 7.01 0.95 -2.09
C GLY A 176 7.52 2.36 -1.85
N THR A 1 8.01 -15.66 18.56
CA THR A 1 6.78 -15.42 17.76
C THR A 1 5.99 -14.23 18.31
N THR A 2 6.68 -13.13 18.55
CA THR A 2 6.05 -11.93 19.08
C THR A 2 6.94 -10.70 18.89
N ALA A 3 8.16 -10.78 19.40
CA ALA A 3 9.11 -9.68 19.31
C ALA A 3 9.61 -9.47 17.87
N ILE A 4 9.24 -10.38 16.97
CA ILE A 4 9.66 -10.28 15.57
C ILE A 4 8.83 -9.24 14.82
N ALA A 5 7.55 -9.18 15.15
CA ALA A 5 6.64 -8.25 14.49
C ALA A 5 7.06 -6.81 14.72
N SER A 6 7.73 -6.55 15.84
CA SER A 6 8.19 -5.20 16.16
C SER A 6 9.16 -4.70 15.10
N ASP A 7 10.23 -5.46 14.87
CA ASP A 7 11.24 -5.09 13.89
C ASP A 7 10.60 -4.77 12.54
N ARG A 8 9.67 -5.62 12.11
CA ARG A 8 9.00 -5.44 10.83
C ARG A 8 8.22 -4.12 10.79
N LEU A 9 7.44 -3.86 11.84
CA LEU A 9 6.64 -2.64 11.90
C LEU A 9 7.51 -1.43 12.24
N LYS A 10 8.54 -1.65 13.04
CA LYS A 10 9.45 -0.59 13.45
C LYS A 10 10.12 0.03 12.23
N LYS A 11 10.92 -0.76 11.52
CA LYS A 11 11.61 -0.28 10.34
C LYS A 11 10.63 0.41 9.39
N ARG A 12 9.46 -0.20 9.21
CA ARG A 12 8.42 0.36 8.34
C ARG A 12 8.25 1.85 8.58
N PHE A 13 8.41 2.26 9.82
CA PHE A 13 8.27 3.67 10.20
C PHE A 13 9.48 4.48 9.70
N ASP A 14 10.67 4.03 10.07
CA ASP A 14 11.90 4.70 9.65
C ASP A 14 12.17 4.50 8.16
N ARG A 15 11.48 3.53 7.55
CA ARG A 15 11.65 3.24 6.13
C ARG A 15 10.98 4.29 5.25
N TRP A 16 9.98 4.98 5.79
CA TRP A 16 9.27 6.00 5.03
C TRP A 16 9.77 7.40 5.38
N ASP A 17 9.09 8.10 6.28
CA ASP A 17 9.48 9.46 6.68
C ASP A 17 9.92 10.28 5.48
N PHE A 18 8.95 10.68 4.66
CA PHE A 18 9.24 11.47 3.46
C PHE A 18 10.04 12.73 3.80
N ASP A 19 9.59 13.49 4.79
CA ASP A 19 10.30 14.72 5.16
C ASP A 19 11.22 14.51 6.37
N GLY A 20 11.06 13.38 7.05
CA GLY A 20 11.90 13.09 8.21
C GLY A 20 11.48 13.87 9.43
N ASN A 21 10.18 13.91 9.71
CA ASN A 21 9.66 14.65 10.86
C ASN A 21 9.53 13.74 12.09
N GLY A 22 9.72 12.44 11.90
CA GLY A 22 9.59 11.51 13.02
C GLY A 22 8.14 11.21 13.35
N ALA A 23 7.27 11.45 12.37
CA ALA A 23 5.84 11.21 12.54
C ALA A 23 5.20 10.94 11.18
N LEU A 24 3.96 10.47 11.20
CA LEU A 24 3.25 10.17 9.96
C LEU A 24 2.18 11.23 9.68
N GLU A 25 2.33 11.95 8.58
CA GLU A 25 1.39 12.99 8.20
C GLU A 25 0.78 12.69 6.84
N ARG A 26 -0.26 13.46 6.49
CA ARG A 26 -0.95 13.28 5.22
C ARG A 26 -0.08 13.72 4.05
N ALA A 27 0.61 14.84 4.22
CA ALA A 27 1.49 15.36 3.17
C ALA A 27 2.49 14.31 2.73
N ASP A 28 2.76 13.34 3.62
CA ASP A 28 3.69 12.26 3.32
C ASP A 28 3.07 11.29 2.33
N PHE A 29 1.74 11.18 2.36
CA PHE A 29 1.02 10.29 1.46
C PHE A 29 0.96 10.87 0.05
N GLU A 30 0.75 12.18 -0.04
CA GLU A 30 0.67 12.85 -1.33
C GLU A 30 1.99 12.71 -2.07
N LYS A 31 3.10 12.77 -1.33
CA LYS A 31 4.41 12.63 -1.95
C LYS A 31 4.61 11.21 -2.45
N GLU A 32 4.15 10.24 -1.66
CA GLU A 32 4.27 8.84 -2.03
C GLU A 32 3.71 8.60 -3.42
N ALA A 33 2.39 8.76 -3.56
CA ALA A 33 1.72 8.58 -4.85
C ALA A 33 2.51 9.24 -5.97
N GLN A 34 2.92 10.48 -5.74
CA GLN A 34 3.69 11.22 -6.74
C GLN A 34 5.02 10.52 -6.99
N HIS A 35 5.74 10.24 -5.91
CA HIS A 35 7.04 9.56 -6.03
C HIS A 35 6.88 8.25 -6.79
N ILE A 36 5.69 7.67 -6.74
CA ILE A 36 5.42 6.41 -7.43
C ILE A 36 5.11 6.65 -8.90
N ALA A 37 4.13 7.51 -9.17
CA ALA A 37 3.74 7.83 -10.54
C ALA A 37 4.97 8.06 -11.41
N GLU A 38 5.97 8.73 -10.85
CA GLU A 38 7.21 9.02 -11.55
C GLU A 38 7.92 7.74 -11.98
N ALA A 39 7.90 6.74 -11.12
CA ALA A 39 8.54 5.46 -11.42
C ALA A 39 8.00 4.88 -12.72
N PHE A 40 6.80 5.31 -13.11
CA PHE A 40 6.18 4.83 -14.33
C PHE A 40 6.47 5.77 -15.52
N GLY A 41 7.23 6.83 -15.25
CA GLY A 41 7.58 7.77 -16.30
C GLY A 41 6.37 8.25 -17.08
N LYS A 42 5.64 9.21 -16.51
CA LYS A 42 4.47 9.76 -17.17
C LYS A 42 4.26 11.22 -16.75
N ASP A 43 3.40 11.46 -15.76
CA ASP A 43 3.14 12.81 -15.29
C ASP A 43 2.32 12.83 -14.01
N ALA A 44 2.86 13.49 -12.99
CA ALA A 44 2.19 13.59 -11.70
C ALA A 44 0.91 14.43 -11.79
N GLY A 45 0.67 15.05 -12.94
CA GLY A 45 -0.51 15.87 -13.10
C GLY A 45 -1.62 15.19 -13.88
N ALA A 46 -1.51 13.87 -14.03
CA ALA A 46 -2.52 13.09 -14.75
C ALA A 46 -3.82 13.01 -13.96
N ALA A 47 -4.70 12.10 -14.38
CA ALA A 47 -5.99 11.92 -13.72
C ALA A 47 -5.92 10.82 -12.66
N GLU A 48 -5.32 9.70 -13.03
CA GLU A 48 -5.18 8.57 -12.13
C GLU A 48 -4.34 8.93 -10.91
N VAL A 49 -3.52 9.97 -11.05
CA VAL A 49 -2.67 10.41 -9.95
C VAL A 49 -3.50 11.18 -8.93
N GLN A 50 -4.33 12.10 -9.41
CA GLN A 50 -5.19 12.88 -8.52
C GLN A 50 -6.14 11.94 -7.79
N THR A 51 -6.67 10.97 -8.53
CA THR A 51 -7.58 9.99 -7.96
C THR A 51 -6.90 9.24 -6.82
N LEU A 52 -5.75 8.63 -7.12
CA LEU A 52 -5.01 7.88 -6.11
C LEU A 52 -4.79 8.74 -4.87
N LYS A 53 -4.12 9.88 -5.04
CA LYS A 53 -3.87 10.79 -3.92
C LYS A 53 -5.16 11.09 -3.16
N ASN A 54 -6.24 11.32 -3.90
CA ASN A 54 -7.53 11.61 -3.27
C ASN A 54 -7.91 10.45 -2.35
N ALA A 55 -7.69 9.24 -2.81
CA ALA A 55 -7.98 8.05 -2.02
C ALA A 55 -7.06 7.95 -0.82
N PHE A 56 -5.78 8.26 -1.04
CA PHE A 56 -4.79 8.22 0.03
C PHE A 56 -5.14 9.21 1.12
N GLY A 57 -5.79 10.30 0.74
CA GLY A 57 -6.18 11.31 1.70
C GLY A 57 -7.20 10.80 2.70
N GLY A 58 -8.27 10.20 2.19
CA GLY A 58 -9.31 9.68 3.05
C GLY A 58 -8.78 8.67 4.05
N LEU A 59 -7.74 7.94 3.67
CA LEU A 59 -7.14 6.94 4.56
C LEU A 59 -6.65 7.58 5.86
N PHE A 60 -6.06 8.77 5.74
CA PHE A 60 -5.56 9.49 6.91
C PHE A 60 -6.69 9.76 7.88
N ASP A 61 -7.83 10.21 7.36
CA ASP A 61 -9.00 10.50 8.19
C ASP A 61 -9.20 9.44 9.26
N TYR A 62 -9.13 8.18 8.85
CA TYR A 62 -9.29 7.06 9.76
C TYR A 62 -8.22 7.08 10.86
N LEU A 63 -7.02 7.50 10.49
CA LEU A 63 -5.91 7.58 11.44
C LEU A 63 -6.17 8.64 12.50
N ALA A 64 -6.41 9.87 12.06
CA ALA A 64 -6.68 10.99 12.96
C ALA A 64 -7.84 10.70 13.91
N LYS A 65 -8.95 10.23 13.36
CA LYS A 65 -10.12 9.92 14.17
C LYS A 65 -9.83 8.79 15.14
N GLU A 66 -9.27 7.69 14.64
CA GLU A 66 -8.93 6.56 15.48
C GLU A 66 -7.88 6.93 16.53
N ALA A 67 -6.88 7.71 16.10
CA ALA A 67 -5.80 8.13 16.99
C ALA A 67 -6.25 9.27 17.90
N GLY A 68 -7.22 10.04 17.44
CA GLY A 68 -7.74 11.14 18.23
C GLY A 68 -7.24 12.51 17.79
N VAL A 69 -6.42 12.54 16.74
CA VAL A 69 -5.89 13.80 16.22
C VAL A 69 -6.65 14.23 14.97
N GLY A 70 -6.38 15.45 14.50
CA GLY A 70 -7.07 15.97 13.33
C GLY A 70 -6.42 15.59 12.02
N SER A 71 -7.05 16.02 10.93
CA SER A 71 -6.54 15.78 9.58
C SER A 71 -5.21 16.50 9.36
N ASP A 72 -4.87 17.43 10.24
CA ASP A 72 -3.62 18.18 10.14
C ASP A 72 -2.64 17.78 11.24
N GLY A 73 -2.91 16.67 11.90
CA GLY A 73 -2.03 16.22 12.96
C GLY A 73 -1.00 15.19 12.48
N SER A 74 -0.38 14.51 13.43
CA SER A 74 0.63 13.51 13.11
C SER A 74 0.54 12.31 14.04
N LEU A 75 1.02 11.16 13.56
CA LEU A 75 0.99 9.93 14.35
C LEU A 75 2.40 9.47 14.68
N THR A 76 2.59 8.96 15.89
CA THR A 76 3.89 8.49 16.33
C THR A 76 4.10 7.03 15.96
N GLU A 77 5.35 6.59 15.97
CA GLU A 77 5.69 5.20 15.65
C GLU A 77 4.92 4.23 16.55
N GLU A 78 4.95 4.49 17.84
CA GLU A 78 4.26 3.63 18.80
C GLU A 78 2.76 3.58 18.51
N GLN A 79 2.23 4.67 17.96
CA GLN A 79 0.82 4.73 17.62
C GLN A 79 0.56 3.90 16.36
N PHE A 80 1.47 4.00 15.40
CA PHE A 80 1.36 3.25 14.15
C PHE A 80 1.19 1.76 14.42
N ILE A 81 2.12 1.20 15.18
CA ILE A 81 2.10 -0.21 15.52
C ILE A 81 0.75 -0.62 16.13
N ARG A 82 0.33 0.11 17.15
CA ARG A 82 -0.94 -0.20 17.83
C ARG A 82 -2.11 -0.17 16.85
N VAL A 83 -2.20 0.89 16.05
CA VAL A 83 -3.28 1.04 15.08
C VAL A 83 -3.13 0.09 13.89
N THR A 84 -1.91 -0.04 13.38
CA THR A 84 -1.67 -0.90 12.24
C THR A 84 -2.06 -2.34 12.56
N GLU A 85 -1.69 -2.79 13.75
CA GLU A 85 -2.00 -4.14 14.19
C GLU A 85 -3.49 -4.44 14.04
N ASN A 86 -4.31 -3.51 14.52
CA ASN A 86 -5.77 -3.66 14.44
C ASN A 86 -6.25 -3.79 12.99
N LEU A 87 -5.66 -3.02 12.10
CA LEU A 87 -6.04 -3.06 10.69
C LEU A 87 -5.89 -4.45 10.11
N ILE A 88 -4.73 -5.08 10.32
CA ILE A 88 -4.47 -6.41 9.81
C ILE A 88 -5.27 -7.47 10.57
N PHE A 89 -5.25 -7.39 11.89
CA PHE A 89 -5.97 -8.35 12.72
C PHE A 89 -7.39 -7.89 13.00
N GLU A 90 -7.53 -6.93 13.89
CA GLU A 90 -8.86 -6.41 14.25
C GLU A 90 -9.57 -5.87 13.01
N GLN A 91 -10.58 -5.04 13.23
CA GLN A 91 -11.35 -4.46 12.14
C GLN A 91 -12.07 -5.53 11.33
N GLY A 92 -13.27 -5.21 10.88
CA GLY A 92 -14.05 -6.16 10.10
C GLY A 92 -13.57 -6.26 8.66
N GLU A 93 -14.02 -7.30 7.96
CA GLU A 93 -13.63 -7.49 6.56
C GLU A 93 -13.99 -6.28 5.72
N ALA A 94 -15.27 -5.91 5.74
CA ALA A 94 -15.77 -4.77 4.98
C ALA A 94 -15.11 -3.46 5.40
N SER A 95 -14.39 -3.47 6.52
CA SER A 95 -13.73 -2.27 7.00
C SER A 95 -12.48 -1.99 6.16
N PHE A 96 -11.67 -3.02 5.94
CA PHE A 96 -10.46 -2.89 5.15
C PHE A 96 -10.78 -2.61 3.68
N ASN A 97 -11.76 -3.34 3.15
CA ASN A 97 -12.15 -3.17 1.76
C ASN A 97 -12.84 -1.82 1.55
N ARG A 98 -13.59 -1.38 2.54
CA ARG A 98 -14.31 -0.12 2.47
C ARG A 98 -13.35 1.06 2.33
N VAL A 99 -12.57 1.31 3.37
CA VAL A 99 -11.63 2.42 3.39
C VAL A 99 -10.43 2.21 2.47
N LEU A 100 -9.97 0.97 2.34
CA LEU A 100 -8.80 0.73 1.50
C LEU A 100 -9.19 0.49 0.04
N GLY A 101 -10.39 -0.02 -0.19
CA GLY A 101 -10.85 -0.26 -1.55
C GLY A 101 -10.48 0.87 -2.51
N PRO A 102 -10.85 2.11 -2.19
CA PRO A 102 -10.55 3.28 -3.04
C PRO A 102 -9.06 3.62 -3.02
N VAL A 103 -8.33 3.07 -2.05
CA VAL A 103 -6.90 3.34 -1.93
C VAL A 103 -6.11 2.50 -2.93
N VAL A 104 -6.33 1.19 -2.90
CA VAL A 104 -5.65 0.28 -3.80
C VAL A 104 -6.09 0.53 -5.25
N LYS A 105 -7.33 1.00 -5.39
CA LYS A 105 -7.87 1.31 -6.70
C LYS A 105 -7.00 2.34 -7.42
N GLY A 106 -6.65 3.40 -6.71
CA GLY A 106 -5.81 4.44 -7.29
C GLY A 106 -4.55 3.89 -7.89
N ILE A 107 -3.89 2.98 -7.18
CA ILE A 107 -2.66 2.37 -7.66
C ILE A 107 -2.97 1.39 -8.78
N VAL A 108 -4.12 0.75 -8.71
CA VAL A 108 -4.53 -0.20 -9.73
C VAL A 108 -4.59 0.50 -11.08
N GLY A 109 -5.13 1.71 -11.09
CA GLY A 109 -5.21 2.49 -12.32
C GLY A 109 -3.88 3.08 -12.72
N MET A 110 -2.89 2.19 -12.89
CA MET A 110 -1.55 2.61 -13.27
C MET A 110 -0.77 1.45 -13.89
N CYS A 111 -0.94 0.25 -13.34
CA CYS A 111 -0.23 -0.93 -13.80
C CYS A 111 -1.03 -1.69 -14.84
N ASP A 112 -1.63 -0.94 -15.75
CA ASP A 112 -2.45 -1.52 -16.82
C ASP A 112 -2.75 -0.47 -17.89
N LYS A 113 -2.14 -0.64 -19.06
CA LYS A 113 -2.35 0.27 -20.17
C LYS A 113 -3.41 -0.28 -21.12
N ASN A 114 -4.12 -1.32 -20.70
CA ASN A 114 -5.16 -1.93 -21.51
C ASN A 114 -6.55 -1.56 -20.98
N ALA A 115 -6.60 -1.12 -19.72
CA ALA A 115 -7.86 -0.72 -19.09
C ALA A 115 -8.86 -1.87 -19.00
N ASP A 116 -8.54 -2.87 -18.19
CA ASP A 116 -9.43 -4.02 -18.01
C ASP A 116 -9.86 -4.17 -16.55
N GLY A 117 -9.21 -3.44 -15.64
CA GLY A 117 -9.55 -3.52 -14.23
C GLY A 117 -8.88 -4.67 -13.51
N GLN A 118 -8.02 -5.41 -14.22
CA GLN A 118 -7.33 -6.55 -13.60
C GLN A 118 -5.81 -6.43 -13.75
N ILE A 119 -5.09 -7.25 -12.99
CA ILE A 119 -3.63 -7.23 -13.01
C ILE A 119 -3.07 -8.53 -13.58
N ASN A 120 -2.65 -8.52 -14.84
CA ASN A 120 -2.08 -9.73 -15.45
C ASN A 120 -0.59 -9.81 -15.14
N ALA A 121 -0.01 -11.00 -15.27
CA ALA A 121 1.40 -11.20 -14.98
C ALA A 121 2.26 -10.14 -15.67
N ASP A 122 1.90 -9.79 -16.89
CA ASP A 122 2.63 -8.79 -17.64
C ASP A 122 2.40 -7.41 -17.00
N GLU A 123 1.26 -7.25 -16.35
CA GLU A 123 0.94 -5.99 -15.68
C GLU A 123 1.60 -5.96 -14.31
N PHE A 124 1.48 -7.05 -13.56
CA PHE A 124 2.07 -7.13 -12.23
C PHE A 124 3.57 -6.89 -12.28
N ALA A 125 4.24 -7.56 -13.21
CA ALA A 125 5.68 -7.42 -13.37
C ALA A 125 6.05 -5.95 -13.59
N ALA A 126 5.31 -5.27 -14.44
CA ALA A 126 5.56 -3.86 -14.74
C ALA A 126 5.58 -3.01 -13.46
N TRP A 127 4.76 -3.38 -12.49
CA TRP A 127 4.68 -2.62 -11.24
C TRP A 127 5.79 -3.01 -10.28
N LEU A 128 6.10 -4.30 -10.23
CA LEU A 128 7.15 -4.80 -9.34
C LEU A 128 8.51 -4.21 -9.69
N THR A 129 8.80 -4.17 -10.98
CA THR A 129 10.08 -3.61 -11.45
C THR A 129 10.08 -2.10 -11.33
N ALA A 130 8.91 -1.50 -11.36
CA ALA A 130 8.78 -0.05 -11.26
C ALA A 130 9.24 0.44 -9.89
N LEU A 131 8.93 -0.33 -8.84
CA LEU A 131 9.28 0.06 -7.49
C LEU A 131 10.69 -0.37 -7.11
N GLY A 132 11.35 -1.13 -7.98
CA GLY A 132 12.71 -1.55 -7.70
C GLY A 132 12.87 -3.05 -7.49
N MET A 133 11.96 -3.84 -8.05
CA MET A 133 12.03 -5.29 -7.93
C MET A 133 12.60 -5.90 -9.20
N SER A 134 13.21 -7.08 -9.09
CA SER A 134 13.78 -7.74 -10.25
C SER A 134 12.72 -8.52 -11.01
N LYS A 135 12.94 -8.74 -12.30
CA LYS A 135 11.99 -9.45 -13.13
C LYS A 135 11.75 -10.87 -12.62
N ALA A 136 12.68 -11.39 -11.83
CA ALA A 136 12.56 -12.72 -11.26
C ALA A 136 11.64 -12.72 -10.05
N GLU A 137 11.59 -11.58 -9.36
CA GLU A 137 10.75 -11.44 -8.17
C GLU A 137 9.28 -11.36 -8.55
N ALA A 138 8.99 -10.65 -9.63
CA ALA A 138 7.61 -10.51 -10.09
C ALA A 138 7.00 -11.86 -10.37
N ALA A 139 7.65 -12.62 -11.25
CA ALA A 139 7.18 -13.95 -11.62
C ALA A 139 6.88 -14.78 -10.36
N GLU A 140 7.79 -14.71 -9.39
CA GLU A 140 7.63 -15.46 -8.14
C GLU A 140 6.50 -14.90 -7.29
N ALA A 141 6.49 -13.58 -7.11
CA ALA A 141 5.48 -12.92 -6.29
C ALA A 141 4.08 -13.10 -6.88
N PHE A 142 3.99 -12.96 -8.20
CA PHE A 142 2.71 -13.12 -8.88
C PHE A 142 2.03 -14.43 -8.48
N ASN A 143 2.73 -15.53 -8.71
CA ASN A 143 2.22 -16.86 -8.38
C ASN A 143 1.85 -17.00 -6.90
N GLN A 144 2.61 -16.32 -6.03
CA GLN A 144 2.38 -16.38 -4.60
C GLN A 144 1.04 -15.75 -4.20
N VAL A 145 0.68 -14.67 -4.88
CA VAL A 145 -0.55 -13.95 -4.56
C VAL A 145 -1.77 -14.57 -5.23
N ASP A 146 -1.59 -15.14 -6.41
CA ASP A 146 -2.70 -15.74 -7.13
C ASP A 146 -3.32 -16.89 -6.34
N THR A 147 -4.12 -16.54 -5.35
CA THR A 147 -4.81 -17.50 -4.49
C THR A 147 -5.66 -18.49 -5.29
N ASN A 148 -6.18 -18.04 -6.42
CA ASN A 148 -7.04 -18.88 -7.24
C ASN A 148 -6.30 -19.51 -8.41
N GLY A 149 -4.97 -19.31 -8.46
CA GLY A 149 -4.17 -19.86 -9.54
C GLY A 149 -4.85 -19.75 -10.91
N ASN A 150 -5.47 -18.60 -11.16
CA ASN A 150 -6.16 -18.38 -12.41
C ASN A 150 -5.28 -17.63 -13.42
N GLY A 151 -4.12 -17.15 -12.97
CA GLY A 151 -3.22 -16.44 -13.85
C GLY A 151 -3.50 -14.95 -13.92
N GLU A 152 -4.43 -14.46 -13.11
CA GLU A 152 -4.77 -13.05 -13.11
C GLU A 152 -4.89 -12.50 -11.69
N LEU A 153 -4.32 -11.32 -11.49
CA LEU A 153 -4.37 -10.66 -10.18
C LEU A 153 -5.46 -9.60 -10.16
N SER A 154 -6.61 -9.92 -9.55
CA SER A 154 -7.72 -8.99 -9.50
C SER A 154 -7.65 -8.11 -8.26
N LEU A 155 -8.49 -7.07 -8.24
CA LEU A 155 -8.52 -6.14 -7.10
C LEU A 155 -8.66 -6.91 -5.79
N ASP A 156 -9.56 -7.89 -5.77
CA ASP A 156 -9.78 -8.69 -4.58
C ASP A 156 -8.47 -9.35 -4.14
N GLU A 157 -7.93 -10.17 -5.03
CA GLU A 157 -6.69 -10.88 -4.77
C GLU A 157 -5.51 -9.91 -4.64
N LEU A 158 -5.72 -8.66 -5.04
CA LEU A 158 -4.69 -7.64 -4.95
C LEU A 158 -4.44 -7.27 -3.49
N LEU A 159 -5.54 -7.13 -2.74
CA LEU A 159 -5.46 -6.80 -1.32
C LEU A 159 -4.92 -7.97 -0.54
N THR A 160 -5.23 -9.18 -1.00
CA THR A 160 -4.78 -10.40 -0.34
C THR A 160 -3.26 -10.35 -0.14
N ALA A 161 -2.59 -9.58 -1.00
CA ALA A 161 -1.15 -9.43 -0.91
C ALA A 161 -0.75 -8.68 0.37
N VAL A 162 -1.49 -7.62 0.67
CA VAL A 162 -1.22 -6.81 1.86
C VAL A 162 -1.19 -7.66 3.12
N ARG A 163 -2.15 -8.56 3.25
CA ARG A 163 -2.26 -9.42 4.43
C ARG A 163 -1.28 -10.59 4.37
N ASP A 164 0.02 -10.27 4.43
CA ASP A 164 1.05 -11.31 4.41
C ASP A 164 2.44 -10.70 4.51
N PHE A 165 2.56 -9.63 5.29
CA PHE A 165 3.85 -8.96 5.47
C PHE A 165 4.22 -8.93 6.96
N HIS A 166 3.22 -8.72 7.81
CA HIS A 166 3.45 -8.66 9.25
C HIS A 166 4.21 -9.89 9.73
N PHE A 167 3.67 -11.07 9.43
CA PHE A 167 4.31 -12.32 9.84
C PHE A 167 5.07 -12.95 8.67
N GLY A 168 6.37 -13.10 8.83
CA GLY A 168 7.20 -13.68 7.80
C GLY A 168 6.90 -13.13 6.42
N ARG A 169 7.20 -11.85 6.22
CA ARG A 169 6.96 -11.21 4.92
C ARG A 169 7.74 -11.92 3.83
N LEU A 170 7.04 -12.27 2.75
CA LEU A 170 7.68 -12.96 1.63
C LEU A 170 8.33 -11.95 0.68
N ASP A 171 7.57 -11.43 -0.28
CA ASP A 171 8.10 -10.47 -1.23
C ASP A 171 6.99 -9.88 -2.09
N VAL A 172 6.04 -9.21 -1.45
CA VAL A 172 4.93 -8.59 -2.18
C VAL A 172 4.59 -7.21 -1.60
N GLU A 173 4.41 -7.14 -0.29
CA GLU A 173 4.09 -5.89 0.39
C GLU A 173 3.05 -5.08 -0.38
N LEU A 174 2.96 -3.79 -0.07
CA LEU A 174 2.00 -2.90 -0.73
C LEU A 174 2.43 -1.44 -0.56
N LEU A 175 2.86 -1.09 0.64
CA LEU A 175 3.29 0.28 0.95
C LEU A 175 4.73 0.50 0.48
N GLY A 176 4.98 0.29 -0.81
CA GLY A 176 6.30 0.48 -1.35
C GLY A 176 6.55 1.92 -1.78
N THR A 1 17.13 -8.66 17.96
CA THR A 1 16.86 -8.84 19.40
C THR A 1 15.53 -9.59 19.63
N THR A 2 15.02 -9.51 20.85
CA THR A 2 13.77 -10.17 21.18
C THR A 2 12.61 -9.61 20.35
N ALA A 3 11.66 -10.48 20.02
CA ALA A 3 10.52 -10.07 19.22
C ALA A 3 10.92 -9.75 17.78
N ILE A 4 10.48 -10.57 16.85
CA ILE A 4 10.78 -10.38 15.44
C ILE A 4 9.87 -9.32 14.83
N ALA A 5 8.68 -9.17 15.41
CA ALA A 5 7.70 -8.21 14.93
C ALA A 5 8.19 -6.78 15.07
N SER A 6 8.87 -6.49 16.17
CA SER A 6 9.39 -5.15 16.43
C SER A 6 10.35 -4.72 15.33
N ASP A 7 11.28 -5.60 14.99
CA ASP A 7 12.28 -5.31 13.96
C ASP A 7 11.62 -4.95 12.63
N ARG A 8 10.68 -5.79 12.19
CA ARG A 8 9.99 -5.56 10.93
C ARG A 8 9.17 -4.27 10.95
N LEU A 9 8.42 -4.05 12.03
CA LEU A 9 7.59 -2.85 12.12
C LEU A 9 8.43 -1.62 12.44
N LYS A 10 9.46 -1.80 13.25
CA LYS A 10 10.33 -0.70 13.62
C LYS A 10 10.98 -0.08 12.39
N LYS A 11 11.48 -0.92 11.51
CA LYS A 11 12.13 -0.45 10.28
C LYS A 11 11.11 0.21 9.36
N ARG A 12 9.95 -0.41 9.20
CA ARG A 12 8.89 0.13 8.35
C ARG A 12 8.65 1.60 8.63
N PHE A 13 8.81 1.99 9.90
CA PHE A 13 8.60 3.37 10.31
C PHE A 13 9.74 4.27 9.84
N ASP A 14 10.95 3.99 10.32
CA ASP A 14 12.12 4.78 9.95
C ASP A 14 12.48 4.58 8.49
N ARG A 15 11.92 3.55 7.86
CA ARG A 15 12.20 3.27 6.46
C ARG A 15 11.50 4.26 5.53
N TRP A 16 10.50 4.96 6.05
CA TRP A 16 9.76 5.92 5.23
C TRP A 16 10.09 7.37 5.62
N ASP A 17 9.23 7.97 6.45
CA ASP A 17 9.44 9.36 6.88
C ASP A 17 9.83 10.24 5.70
N PHE A 18 8.83 10.69 4.95
CA PHE A 18 9.07 11.52 3.77
C PHE A 18 9.88 12.77 4.10
N ASP A 19 9.44 13.53 5.09
CA ASP A 19 10.14 14.75 5.46
C ASP A 19 11.08 14.53 6.65
N GLY A 20 10.94 13.39 7.32
CA GLY A 20 11.78 13.10 8.46
C GLY A 20 11.37 13.87 9.70
N ASN A 21 10.06 13.92 9.96
CA ASN A 21 9.55 14.63 11.12
C ASN A 21 9.40 13.71 12.34
N GLY A 22 9.59 12.42 12.13
CA GLY A 22 9.47 11.47 13.23
C GLY A 22 8.03 11.08 13.51
N ALA A 23 7.16 11.30 12.52
CA ALA A 23 5.76 10.97 12.66
C ALA A 23 5.12 10.72 11.30
N LEU A 24 3.84 10.36 11.29
CA LEU A 24 3.13 10.11 10.04
C LEU A 24 2.02 11.14 9.84
N GLU A 25 2.12 11.91 8.78
CA GLU A 25 1.13 12.93 8.47
C GLU A 25 0.39 12.59 7.17
N ARG A 26 -0.67 13.35 6.90
CA ARG A 26 -1.47 13.15 5.70
C ARG A 26 -0.68 13.54 4.45
N ALA A 27 0.17 14.56 4.59
CA ALA A 27 0.99 15.03 3.48
C ALA A 27 1.98 13.96 3.04
N ASP A 28 2.23 12.98 3.91
CA ASP A 28 3.16 11.91 3.58
C ASP A 28 2.56 10.98 2.52
N PHE A 29 1.23 10.90 2.51
CA PHE A 29 0.53 10.05 1.55
C PHE A 29 0.49 10.71 0.17
N GLU A 30 0.27 12.02 0.15
CA GLU A 30 0.20 12.76 -1.11
C GLU A 30 1.53 12.68 -1.84
N LYS A 31 2.63 12.89 -1.11
CA LYS A 31 3.95 12.83 -1.72
C LYS A 31 4.23 11.42 -2.23
N GLU A 32 3.86 10.42 -1.42
CA GLU A 32 4.06 9.03 -1.80
C GLU A 32 3.45 8.77 -3.17
N ALA A 33 2.15 9.00 -3.29
CA ALA A 33 1.45 8.80 -4.57
C ALA A 33 2.21 9.44 -5.72
N GLN A 34 2.60 10.69 -5.53
CA GLN A 34 3.35 11.41 -6.55
C GLN A 34 4.67 10.69 -6.83
N HIS A 35 5.39 10.34 -5.76
CA HIS A 35 6.66 9.65 -5.92
C HIS A 35 6.47 8.36 -6.73
N ILE A 36 5.24 7.84 -6.74
CA ILE A 36 4.93 6.62 -7.48
C ILE A 36 4.67 6.92 -8.95
N ALA A 37 3.72 7.81 -9.22
CA ALA A 37 3.37 8.19 -10.59
C ALA A 37 4.62 8.40 -11.43
N GLU A 38 5.61 9.08 -10.86
CA GLU A 38 6.87 9.35 -11.56
C GLU A 38 7.59 8.05 -11.91
N ALA A 39 7.55 7.08 -11.01
CA ALA A 39 8.20 5.80 -11.23
C ALA A 39 7.61 5.09 -12.43
N PHE A 40 6.32 5.31 -12.68
CA PHE A 40 5.63 4.68 -13.79
C PHE A 40 5.74 5.52 -15.07
N GLY A 41 6.46 6.63 -15.00
CA GLY A 41 6.62 7.49 -16.15
C GLY A 41 5.28 7.89 -16.75
N LYS A 42 4.50 8.66 -15.99
CA LYS A 42 3.20 9.12 -16.44
C LYS A 42 2.89 10.49 -15.86
N ASP A 43 3.25 11.54 -16.60
CA ASP A 43 3.02 12.91 -16.18
C ASP A 43 3.26 13.10 -14.68
N ALA A 44 2.72 14.18 -14.13
CA ALA A 44 2.83 14.48 -12.71
C ALA A 44 1.48 15.02 -12.23
N GLY A 45 1.06 16.10 -12.88
CA GLY A 45 -0.20 16.73 -12.55
C GLY A 45 -1.32 16.28 -13.47
N ALA A 46 -1.18 15.10 -14.06
CA ALA A 46 -2.20 14.58 -14.96
C ALA A 46 -3.47 14.22 -14.19
N ALA A 47 -4.43 13.61 -14.87
CA ALA A 47 -5.68 13.20 -14.24
C ALA A 47 -5.47 11.93 -13.40
N GLU A 48 -4.87 10.93 -14.03
CA GLU A 48 -4.62 9.65 -13.36
C GLU A 48 -3.92 9.82 -12.02
N VAL A 49 -2.99 10.76 -11.93
CA VAL A 49 -2.26 10.97 -10.69
C VAL A 49 -3.12 11.73 -9.67
N GLN A 50 -3.92 12.68 -10.14
CA GLN A 50 -4.79 13.43 -9.26
C GLN A 50 -5.76 12.48 -8.55
N THR A 51 -6.30 11.53 -9.32
CA THR A 51 -7.23 10.56 -8.78
C THR A 51 -6.58 9.80 -7.63
N LEU A 52 -5.45 9.16 -7.89
CA LEU A 52 -4.75 8.40 -6.86
C LEU A 52 -4.57 9.26 -5.61
N LYS A 53 -3.92 10.41 -5.77
CA LYS A 53 -3.70 11.32 -4.66
C LYS A 53 -5.01 11.59 -3.92
N ASN A 54 -6.09 11.77 -4.67
CA ASN A 54 -7.39 12.01 -4.07
C ASN A 54 -7.77 10.86 -3.16
N ALA A 55 -7.54 9.64 -3.62
CA ALA A 55 -7.84 8.44 -2.84
C ALA A 55 -6.93 8.35 -1.63
N PHE A 56 -5.63 8.47 -1.86
CA PHE A 56 -4.65 8.40 -0.77
C PHE A 56 -5.03 9.36 0.34
N GLY A 57 -5.68 10.45 -0.01
CA GLY A 57 -6.10 11.43 0.98
C GLY A 57 -7.07 10.85 1.97
N GLY A 58 -8.12 10.21 1.47
CA GLY A 58 -9.12 9.62 2.34
C GLY A 58 -8.54 8.49 3.17
N LEU A 59 -7.50 7.84 2.66
CA LEU A 59 -6.85 6.74 3.36
C LEU A 59 -6.37 7.21 4.73
N PHE A 60 -5.75 8.37 4.78
CA PHE A 60 -5.25 8.93 6.03
C PHE A 60 -6.41 9.19 6.97
N ASP A 61 -7.52 9.68 6.43
CA ASP A 61 -8.71 9.98 7.22
C ASP A 61 -8.99 8.88 8.24
N TYR A 62 -8.97 7.63 7.78
CA TYR A 62 -9.22 6.49 8.66
C TYR A 62 -8.23 6.47 9.82
N LEU A 63 -6.99 6.84 9.56
CA LEU A 63 -5.95 6.86 10.58
C LEU A 63 -6.27 7.90 11.65
N ALA A 64 -6.50 9.14 11.23
CA ALA A 64 -6.81 10.21 12.17
C ALA A 64 -8.00 9.84 13.04
N LYS A 65 -9.04 9.29 12.41
CA LYS A 65 -10.25 8.89 13.13
C LYS A 65 -9.97 7.74 14.09
N GLU A 66 -9.40 6.66 13.55
CA GLU A 66 -9.09 5.49 14.34
C GLU A 66 -8.10 5.83 15.45
N ALA A 67 -7.09 6.64 15.13
CA ALA A 67 -6.08 7.04 16.10
C ALA A 67 -6.60 8.11 17.05
N GLY A 68 -7.58 8.87 16.59
CA GLY A 68 -8.17 9.91 17.41
C GLY A 68 -7.31 11.14 17.55
N VAL A 69 -7.03 11.81 16.44
CA VAL A 69 -6.20 13.02 16.45
C VAL A 69 -6.97 14.22 15.90
N GLY A 70 -6.98 14.39 14.59
CA GLY A 70 -7.69 15.51 14.01
C GLY A 70 -7.64 15.58 12.49
N SER A 71 -6.60 14.99 11.87
CA SER A 71 -6.39 14.99 10.41
C SER A 71 -5.14 15.80 10.07
N ASP A 72 -4.84 16.77 10.93
CA ASP A 72 -3.68 17.64 10.78
C ASP A 72 -2.62 17.31 11.83
N GLY A 73 -2.81 16.21 12.55
CA GLY A 73 -1.85 15.81 13.57
C GLY A 73 -0.83 14.81 13.04
N SER A 74 -0.18 14.10 13.96
CA SER A 74 0.84 13.13 13.58
C SER A 74 0.79 11.90 14.47
N LEU A 75 1.30 10.78 13.94
CA LEU A 75 1.33 9.52 14.68
C LEU A 75 2.77 9.08 14.91
N THR A 76 3.05 8.58 16.10
CA THR A 76 4.40 8.11 16.44
C THR A 76 4.58 6.65 16.04
N GLU A 77 5.82 6.18 16.08
CA GLU A 77 6.13 4.79 15.73
C GLU A 77 5.29 3.83 16.55
N GLU A 78 5.26 4.04 17.87
CA GLU A 78 4.50 3.19 18.76
C GLU A 78 3.03 3.18 18.38
N GLN A 79 2.55 4.31 17.85
CA GLN A 79 1.16 4.43 17.42
C GLN A 79 0.92 3.62 16.16
N PHE A 80 1.87 3.73 15.22
CA PHE A 80 1.78 3.00 13.96
C PHE A 80 1.50 1.52 14.21
N ILE A 81 2.40 0.89 14.97
CA ILE A 81 2.26 -0.53 15.28
C ILE A 81 0.91 -0.83 15.92
N ARG A 82 0.54 -0.04 16.92
CA ARG A 82 -0.73 -0.24 17.61
C ARG A 82 -1.91 -0.17 16.64
N VAL A 83 -1.98 0.91 15.85
CA VAL A 83 -3.06 1.07 14.90
C VAL A 83 -2.93 0.10 13.73
N THR A 84 -1.71 -0.05 13.22
CA THR A 84 -1.46 -0.95 12.10
C THR A 84 -1.80 -2.38 12.49
N GLU A 85 -1.35 -2.77 13.69
CA GLU A 85 -1.60 -4.11 14.20
C GLU A 85 -3.08 -4.46 14.14
N ASN A 86 -3.91 -3.54 14.65
CA ASN A 86 -5.36 -3.73 14.66
C ASN A 86 -5.90 -3.90 13.25
N LEU A 87 -5.35 -3.14 12.31
CA LEU A 87 -5.78 -3.20 10.93
C LEU A 87 -5.60 -4.60 10.36
N ILE A 88 -4.44 -5.20 10.64
CA ILE A 88 -4.14 -6.55 10.16
C ILE A 88 -4.98 -7.60 10.88
N PHE A 89 -5.03 -7.50 12.21
CA PHE A 89 -5.81 -8.45 13.01
C PHE A 89 -7.25 -7.97 13.17
N GLU A 90 -7.43 -6.95 14.00
CA GLU A 90 -8.76 -6.39 14.24
C GLU A 90 -9.34 -5.81 12.95
N GLN A 91 -10.42 -5.05 13.10
CA GLN A 91 -11.07 -4.42 11.95
C GLN A 91 -11.78 -5.46 11.09
N GLY A 92 -12.85 -5.04 10.42
CA GLY A 92 -13.61 -5.94 9.58
C GLY A 92 -13.04 -6.07 8.18
N GLU A 93 -13.39 -7.15 7.49
CA GLU A 93 -12.90 -7.40 6.14
C GLU A 93 -13.25 -6.22 5.22
N ALA A 94 -14.55 -5.93 5.13
CA ALA A 94 -15.03 -4.85 4.28
C ALA A 94 -14.47 -3.48 4.69
N SER A 95 -13.85 -3.41 5.87
CA SER A 95 -13.28 -2.15 6.35
C SER A 95 -12.01 -1.80 5.58
N PHE A 96 -11.19 -2.80 5.32
CA PHE A 96 -9.93 -2.58 4.59
C PHE A 96 -10.20 -2.24 3.13
N ASN A 97 -11.17 -2.94 2.54
CA ASN A 97 -11.53 -2.73 1.14
C ASN A 97 -12.20 -1.36 0.93
N ARG A 98 -12.98 -0.93 1.91
CA ARG A 98 -13.68 0.35 1.82
C ARG A 98 -12.71 1.53 1.76
N VAL A 99 -11.98 1.75 2.84
CA VAL A 99 -11.05 2.86 2.92
C VAL A 99 -9.88 2.73 1.96
N LEU A 100 -9.38 1.52 1.83
CA LEU A 100 -8.22 1.29 0.96
C LEU A 100 -8.62 1.01 -0.48
N GLY A 101 -9.84 0.50 -0.68
CA GLY A 101 -10.30 0.20 -2.04
C GLY A 101 -9.91 1.26 -3.05
N PRO A 102 -10.32 2.53 -2.84
CA PRO A 102 -9.99 3.63 -3.75
C PRO A 102 -8.49 3.95 -3.77
N VAL A 103 -7.76 3.37 -2.83
CA VAL A 103 -6.31 3.61 -2.76
C VAL A 103 -5.57 2.77 -3.77
N VAL A 104 -5.78 1.46 -3.73
CA VAL A 104 -5.14 0.55 -4.66
C VAL A 104 -5.65 0.76 -6.09
N LYS A 105 -6.95 1.04 -6.16
CA LYS A 105 -7.62 1.28 -7.43
C LYS A 105 -6.91 2.37 -8.24
N GLY A 106 -6.80 3.56 -7.68
CA GLY A 106 -6.15 4.66 -8.36
C GLY A 106 -4.84 4.25 -9.02
N ILE A 107 -4.14 3.33 -8.37
CA ILE A 107 -2.86 2.85 -8.88
C ILE A 107 -3.04 1.88 -10.04
N VAL A 108 -4.03 1.00 -9.92
CA VAL A 108 -4.32 0.01 -10.96
C VAL A 108 -4.75 0.68 -12.26
N GLY A 109 -5.37 1.85 -12.16
CA GLY A 109 -5.83 2.55 -13.35
C GLY A 109 -4.69 3.13 -14.17
N MET A 110 -3.60 3.49 -13.51
CA MET A 110 -2.46 4.08 -14.19
C MET A 110 -1.61 3.00 -14.87
N CYS A 111 -1.70 1.77 -14.39
CA CYS A 111 -0.90 0.68 -14.93
C CYS A 111 -1.69 -0.21 -15.88
N ASP A 112 -3.02 -0.20 -15.79
CA ASP A 112 -3.83 -1.06 -16.64
C ASP A 112 -3.63 -0.70 -18.11
N LYS A 113 -2.88 -1.54 -18.82
CA LYS A 113 -2.61 -1.33 -20.23
C LYS A 113 -3.69 -1.98 -21.09
N ASN A 114 -4.41 -2.94 -20.52
CA ASN A 114 -5.49 -3.62 -21.23
C ASN A 114 -6.87 -3.18 -20.74
N ALA A 115 -6.89 -2.24 -19.80
CA ALA A 115 -8.15 -1.73 -19.25
C ALA A 115 -9.14 -2.85 -18.97
N ASP A 116 -8.80 -3.72 -18.03
CA ASP A 116 -9.67 -4.83 -17.66
C ASP A 116 -10.00 -4.82 -16.17
N GLY A 117 -9.34 -3.96 -15.40
CA GLY A 117 -9.59 -3.87 -13.98
C GLY A 117 -8.92 -4.97 -13.18
N GLN A 118 -8.05 -5.74 -13.84
CA GLN A 118 -7.35 -6.83 -13.16
C GLN A 118 -5.84 -6.66 -13.26
N ILE A 119 -5.11 -7.45 -12.47
CA ILE A 119 -3.66 -7.39 -12.44
C ILE A 119 -3.05 -8.67 -13.03
N ASN A 120 -2.61 -8.60 -14.28
CA ASN A 120 -1.99 -9.76 -14.91
C ASN A 120 -0.49 -9.77 -14.62
N ALA A 121 0.12 -10.95 -14.68
CA ALA A 121 1.55 -11.07 -14.39
C ALA A 121 2.37 -9.97 -15.05
N ASP A 122 1.98 -9.57 -16.25
CA ASP A 122 2.69 -8.51 -16.96
C ASP A 122 2.42 -7.16 -16.30
N GLU A 123 1.23 -7.01 -15.70
CA GLU A 123 0.87 -5.77 -15.03
C GLU A 123 1.55 -5.70 -13.66
N PHE A 124 1.44 -6.78 -12.89
CA PHE A 124 2.03 -6.84 -11.56
C PHE A 124 3.53 -6.58 -11.58
N ALA A 125 4.24 -7.29 -12.46
CA ALA A 125 5.69 -7.13 -12.57
C ALA A 125 6.07 -5.67 -12.83
N ALA A 126 5.33 -5.02 -13.71
CA ALA A 126 5.59 -3.63 -14.06
C ALA A 126 5.62 -2.73 -12.82
N TRP A 127 4.83 -3.06 -11.81
CA TRP A 127 4.77 -2.25 -10.59
C TRP A 127 5.82 -2.69 -9.57
N LEU A 128 6.07 -3.98 -9.50
CA LEU A 128 7.06 -4.51 -8.55
C LEU A 128 8.43 -3.97 -8.88
N THR A 129 8.76 -3.92 -10.16
CA THR A 129 10.05 -3.39 -10.60
C THR A 129 10.07 -1.87 -10.40
N ALA A 130 8.89 -1.27 -10.39
CA ALA A 130 8.77 0.18 -10.20
C ALA A 130 9.22 0.60 -8.80
N LEU A 131 8.91 -0.21 -7.80
CA LEU A 131 9.26 0.12 -6.41
C LEU A 131 10.67 -0.33 -6.05
N GLY A 132 11.36 -0.99 -6.96
CA GLY A 132 12.72 -1.43 -6.67
C GLY A 132 12.84 -2.94 -6.50
N MET A 133 11.93 -3.69 -7.11
CA MET A 133 11.97 -5.15 -7.03
C MET A 133 12.54 -5.73 -8.31
N SER A 134 13.14 -6.91 -8.22
CA SER A 134 13.72 -7.55 -9.39
C SER A 134 12.66 -8.30 -10.19
N LYS A 135 12.97 -8.57 -11.45
CA LYS A 135 12.05 -9.27 -12.34
C LYS A 135 11.72 -10.67 -11.82
N ALA A 136 12.66 -11.26 -11.10
CA ALA A 136 12.46 -12.59 -10.54
C ALA A 136 11.50 -12.56 -9.36
N GLU A 137 11.40 -11.39 -8.72
CA GLU A 137 10.53 -11.23 -7.56
C GLU A 137 9.06 -11.16 -7.97
N ALA A 138 8.77 -10.44 -9.05
CA ALA A 138 7.41 -10.30 -9.54
C ALA A 138 6.80 -11.65 -9.86
N ALA A 139 7.45 -12.39 -10.77
CA ALA A 139 6.98 -13.71 -11.16
C ALA A 139 6.67 -14.57 -9.93
N GLU A 140 7.57 -14.52 -8.95
CA GLU A 140 7.41 -15.30 -7.73
C GLU A 140 6.25 -14.78 -6.88
N ALA A 141 6.23 -13.47 -6.66
CA ALA A 141 5.19 -12.85 -5.85
C ALA A 141 3.81 -12.99 -6.50
N PHE A 142 3.78 -12.96 -7.82
CA PHE A 142 2.53 -13.09 -8.56
C PHE A 142 1.83 -14.41 -8.22
N ASN A 143 2.53 -15.50 -8.49
CA ASN A 143 2.03 -16.86 -8.26
C ASN A 143 1.61 -17.09 -6.80
N GLN A 144 2.34 -16.50 -5.86
CA GLN A 144 2.02 -16.70 -4.44
C GLN A 144 0.71 -16.02 -4.05
N VAL A 145 0.36 -14.95 -4.75
CA VAL A 145 -0.87 -14.23 -4.44
C VAL A 145 -2.10 -14.84 -5.10
N ASP A 146 -1.91 -15.42 -6.29
CA ASP A 146 -3.03 -16.03 -7.01
C ASP A 146 -3.64 -17.18 -6.20
N THR A 147 -4.46 -16.82 -5.22
CA THR A 147 -5.14 -17.78 -4.36
C THR A 147 -6.01 -18.76 -5.14
N ASN A 148 -6.62 -18.28 -6.21
CA ASN A 148 -7.50 -19.11 -7.02
C ASN A 148 -6.77 -19.74 -8.21
N GLY A 149 -5.46 -19.53 -8.30
CA GLY A 149 -4.68 -20.09 -9.39
C GLY A 149 -5.37 -20.01 -10.73
N ASN A 150 -6.07 -18.90 -10.96
CA ASN A 150 -6.79 -18.70 -12.21
C ASN A 150 -5.95 -17.91 -13.22
N GLY A 151 -4.79 -17.43 -12.79
CA GLY A 151 -3.91 -16.70 -13.67
C GLY A 151 -4.18 -15.21 -13.69
N GLU A 152 -5.11 -14.73 -12.86
CA GLU A 152 -5.43 -13.32 -12.82
C GLU A 152 -5.53 -12.82 -11.38
N LEU A 153 -4.94 -11.66 -11.12
CA LEU A 153 -4.98 -11.06 -9.79
C LEU A 153 -5.98 -9.92 -9.77
N SER A 154 -7.15 -10.17 -9.20
CA SER A 154 -8.20 -9.15 -9.14
C SER A 154 -8.05 -8.28 -7.89
N LEU A 155 -8.82 -7.19 -7.87
CA LEU A 155 -8.78 -6.26 -6.74
C LEU A 155 -8.90 -7.00 -5.41
N ASP A 156 -9.81 -7.98 -5.36
CA ASP A 156 -10.03 -8.76 -4.16
C ASP A 156 -8.74 -9.44 -3.68
N GLU A 157 -8.12 -10.20 -4.57
CA GLU A 157 -6.91 -10.92 -4.25
C GLU A 157 -5.75 -9.99 -3.89
N LEU A 158 -5.87 -8.73 -4.32
CA LEU A 158 -4.86 -7.72 -4.03
C LEU A 158 -4.95 -7.25 -2.58
N LEU A 159 -6.09 -6.64 -2.23
CA LEU A 159 -6.30 -6.12 -0.87
C LEU A 159 -5.82 -7.11 0.18
N THR A 160 -6.30 -8.35 0.10
CA THR A 160 -5.90 -9.37 1.07
C THR A 160 -4.38 -9.43 1.17
N ALA A 161 -3.72 -9.50 0.01
CA ALA A 161 -2.27 -9.54 -0.02
C ALA A 161 -1.71 -8.24 0.57
N VAL A 162 -2.22 -7.12 0.09
CA VAL A 162 -1.80 -5.81 0.56
C VAL A 162 -1.92 -5.69 2.08
N ARG A 163 -2.75 -6.54 2.68
CA ARG A 163 -2.96 -6.52 4.13
C ARG A 163 -1.65 -6.35 4.89
N ASP A 164 -0.56 -6.82 4.31
CA ASP A 164 0.76 -6.72 4.93
C ASP A 164 0.93 -7.79 6.00
N PHE A 165 2.18 -8.15 6.26
CA PHE A 165 2.49 -9.15 7.28
C PHE A 165 1.95 -8.75 8.64
N HIS A 166 2.54 -9.31 9.69
CA HIS A 166 2.12 -9.00 11.06
C HIS A 166 3.15 -9.55 12.05
N PHE A 167 3.61 -10.77 11.78
CA PHE A 167 4.60 -11.42 12.63
C PHE A 167 5.40 -12.45 11.82
N GLY A 168 6.22 -11.97 10.90
CA GLY A 168 7.02 -12.86 10.08
C GLY A 168 6.15 -13.90 9.39
N ARG A 169 5.21 -13.44 8.57
CA ARG A 169 4.32 -14.35 7.86
C ARG A 169 4.71 -14.50 6.39
N LEU A 170 4.38 -13.51 5.57
CA LEU A 170 4.71 -13.55 4.15
C LEU A 170 5.58 -12.38 3.73
N ASP A 171 6.08 -12.42 2.50
CA ASP A 171 6.93 -11.36 1.99
C ASP A 171 6.12 -10.32 1.20
N VAL A 172 4.83 -10.56 1.03
CA VAL A 172 3.97 -9.63 0.30
C VAL A 172 4.21 -8.19 0.72
N GLU A 173 3.61 -7.79 1.85
CA GLU A 173 3.77 -6.43 2.36
C GLU A 173 3.50 -5.40 1.26
N LEU A 174 3.61 -4.12 1.61
CA LEU A 174 3.38 -3.04 0.66
C LEU A 174 3.75 -1.69 1.27
N LEU A 175 2.97 -1.26 2.25
CA LEU A 175 3.21 0.02 2.92
C LEU A 175 3.42 1.14 1.89
N GLY A 176 2.45 1.31 1.00
CA GLY A 176 2.55 2.34 -0.02
C GLY A 176 2.70 1.77 -1.41
N THR A 1 15.38 -8.36 21.44
CA THR A 1 14.09 -7.87 20.90
C THR A 1 13.04 -8.98 20.92
N THR A 2 13.41 -10.15 20.40
CA THR A 2 12.50 -11.29 20.36
C THR A 2 11.34 -11.02 19.41
N ALA A 3 10.49 -10.07 19.80
CA ALA A 3 9.34 -9.69 19.00
C ALA A 3 9.74 -9.41 17.55
N ILE A 4 9.28 -10.25 16.64
CA ILE A 4 9.59 -10.09 15.23
C ILE A 4 8.72 -9.02 14.60
N ALA A 5 7.52 -8.86 15.15
CA ALA A 5 6.58 -7.87 14.65
C ALA A 5 7.10 -6.45 14.79
N SER A 6 7.81 -6.20 15.89
CA SER A 6 8.37 -4.87 16.15
C SER A 6 9.30 -4.43 15.03
N ASP A 7 10.33 -5.24 14.77
CA ASP A 7 11.30 -4.92 13.72
C ASP A 7 10.62 -4.56 12.41
N ARG A 8 9.69 -5.39 11.97
CA ARG A 8 8.98 -5.16 10.71
C ARG A 8 8.22 -3.84 10.72
N LEU A 9 7.50 -3.57 11.80
CA LEU A 9 6.72 -2.34 11.89
C LEU A 9 7.59 -1.13 12.21
N LYS A 10 8.68 -1.35 12.93
CA LYS A 10 9.57 -0.27 13.31
C LYS A 10 10.17 0.42 12.08
N LYS A 11 10.65 -0.38 11.13
CA LYS A 11 11.24 0.16 9.91
C LYS A 11 10.22 0.90 9.06
N ARG A 12 9.06 0.30 8.86
CA ARG A 12 8.00 0.93 8.06
C ARG A 12 7.77 2.37 8.49
N PHE A 13 8.10 2.65 9.75
CA PHE A 13 7.93 4.00 10.28
C PHE A 13 8.97 4.95 9.69
N ASP A 14 10.24 4.71 10.01
CA ASP A 14 11.33 5.54 9.51
C ASP A 14 11.53 5.34 8.01
N ARG A 15 11.06 4.20 7.49
CA ARG A 15 11.21 3.88 6.07
C ARG A 15 10.26 4.72 5.21
N TRP A 16 9.27 5.33 5.83
CA TRP A 16 8.32 6.16 5.11
C TRP A 16 8.41 7.62 5.53
N ASP A 17 9.54 7.98 6.17
CA ASP A 17 9.75 9.35 6.61
C ASP A 17 10.20 10.23 5.45
N PHE A 18 9.23 10.69 4.68
CA PHE A 18 9.51 11.54 3.52
C PHE A 18 10.36 12.74 3.90
N ASP A 19 9.95 13.46 4.94
CA ASP A 19 10.68 14.64 5.39
C ASP A 19 11.56 14.33 6.60
N GLY A 20 11.36 13.18 7.21
CA GLY A 20 12.16 12.82 8.38
C GLY A 20 11.75 13.61 9.61
N ASN A 21 10.44 13.70 9.85
CA ASN A 21 9.93 14.43 11.00
C ASN A 21 9.72 13.51 12.21
N GLY A 22 9.84 12.21 12.00
CA GLY A 22 9.68 11.26 13.09
C GLY A 22 8.22 10.91 13.35
N ALA A 23 7.38 11.11 12.34
CA ALA A 23 5.95 10.80 12.46
C ALA A 23 5.34 10.58 11.09
N LEU A 24 4.04 10.29 11.06
CA LEU A 24 3.33 10.07 9.81
C LEU A 24 2.23 11.09 9.63
N GLU A 25 2.31 11.88 8.56
CA GLU A 25 1.31 12.90 8.29
C GLU A 25 0.59 12.59 6.98
N ARG A 26 -0.49 13.33 6.72
CA ARG A 26 -1.27 13.13 5.50
C ARG A 26 -0.47 13.57 4.28
N ALA A 27 0.27 14.66 4.44
CA ALA A 27 1.08 15.19 3.35
C ALA A 27 2.08 14.15 2.86
N ASP A 28 2.35 13.14 3.68
CA ASP A 28 3.28 12.07 3.31
C ASP A 28 2.67 11.17 2.25
N PHE A 29 1.34 11.09 2.24
CA PHE A 29 0.65 10.25 1.26
C PHE A 29 0.61 10.92 -0.11
N GLU A 30 0.41 12.24 -0.12
CA GLU A 30 0.36 13.01 -1.36
C GLU A 30 1.72 12.95 -2.07
N LYS A 31 2.79 13.04 -1.30
CA LYS A 31 4.13 12.98 -1.86
C LYS A 31 4.40 11.58 -2.42
N GLU A 32 4.03 10.57 -1.65
CA GLU A 32 4.22 9.19 -2.08
C GLU A 32 3.60 9.00 -3.46
N ALA A 33 2.30 9.26 -3.55
CA ALA A 33 1.58 9.15 -4.82
C ALA A 33 2.37 9.77 -5.96
N GLN A 34 2.83 11.00 -5.75
CA GLN A 34 3.61 11.70 -6.76
C GLN A 34 4.92 10.96 -7.03
N HIS A 35 5.64 10.63 -5.96
CA HIS A 35 6.90 9.91 -6.08
C HIS A 35 6.72 8.64 -6.88
N ILE A 36 5.49 8.12 -6.89
CA ILE A 36 5.19 6.91 -7.63
C ILE A 36 4.93 7.21 -9.10
N ALA A 37 4.01 8.13 -9.36
CA ALA A 37 3.67 8.53 -10.73
C ALA A 37 4.93 8.76 -11.57
N GLU A 38 5.92 9.42 -10.98
CA GLU A 38 7.17 9.69 -11.67
C GLU A 38 7.88 8.41 -12.06
N ALA A 39 7.84 7.41 -11.19
CA ALA A 39 8.48 6.13 -11.46
C ALA A 39 7.93 5.51 -12.74
N PHE A 40 6.70 5.89 -13.11
CA PHE A 40 6.07 5.36 -14.32
C PHE A 40 6.34 6.26 -15.52
N GLY A 41 7.14 7.30 -15.33
CA GLY A 41 7.46 8.20 -16.43
C GLY A 41 6.26 9.02 -16.90
N LYS A 42 5.17 8.99 -16.13
CA LYS A 42 3.98 9.72 -16.49
C LYS A 42 4.02 11.14 -15.91
N ASP A 43 3.19 12.01 -16.45
CA ASP A 43 3.13 13.40 -15.99
C ASP A 43 2.47 13.50 -14.61
N ALA A 44 3.12 14.21 -13.71
CA ALA A 44 2.60 14.39 -12.35
C ALA A 44 1.33 15.24 -12.36
N GLY A 45 1.09 15.94 -13.48
CA GLY A 45 -0.09 16.79 -13.57
C GLY A 45 -1.21 16.19 -14.40
N ALA A 46 -1.12 14.89 -14.67
CA ALA A 46 -2.14 14.19 -15.44
C ALA A 46 -3.42 14.05 -14.63
N ALA A 47 -4.34 13.23 -15.12
CA ALA A 47 -5.61 12.99 -14.45
C ALA A 47 -5.50 11.79 -13.52
N GLU A 48 -4.93 10.71 -14.03
CA GLU A 48 -4.77 9.47 -13.26
C GLU A 48 -3.94 9.68 -12.01
N VAL A 49 -3.04 10.66 -12.03
CA VAL A 49 -2.20 10.93 -10.88
C VAL A 49 -3.00 11.68 -9.81
N GLN A 50 -3.79 12.65 -10.24
CA GLN A 50 -4.62 13.41 -9.31
C GLN A 50 -5.59 12.47 -8.61
N THR A 51 -6.15 11.54 -9.38
CA THR A 51 -7.09 10.56 -8.83
C THR A 51 -6.43 9.78 -7.70
N LEU A 52 -5.32 9.13 -8.00
CA LEU A 52 -4.62 8.35 -6.99
C LEU A 52 -4.40 9.17 -5.73
N LYS A 53 -3.71 10.29 -5.87
CA LYS A 53 -3.45 11.18 -4.72
C LYS A 53 -4.76 11.45 -3.96
N ASN A 54 -5.84 11.67 -4.71
CA ASN A 54 -7.14 11.94 -4.10
C ASN A 54 -7.53 10.81 -3.15
N ALA A 55 -7.31 9.56 -3.57
CA ALA A 55 -7.63 8.41 -2.74
C ALA A 55 -6.68 8.33 -1.55
N PHE A 56 -5.39 8.35 -1.84
CA PHE A 56 -4.37 8.27 -0.79
C PHE A 56 -4.66 9.25 0.33
N GLY A 57 -5.29 10.37 0.00
CA GLY A 57 -5.63 11.37 0.99
C GLY A 57 -6.63 10.85 2.00
N GLY A 58 -7.72 10.27 1.51
CA GLY A 58 -8.75 9.74 2.39
C GLY A 58 -8.23 8.63 3.29
N LEU A 59 -7.22 7.90 2.82
CA LEU A 59 -6.65 6.81 3.60
C LEU A 59 -6.12 7.30 4.95
N PHE A 60 -5.47 8.48 4.96
CA PHE A 60 -4.95 9.03 6.19
C PHE A 60 -6.10 9.25 7.18
N ASP A 61 -7.25 9.70 6.66
CA ASP A 61 -8.43 9.92 7.49
C ASP A 61 -8.62 8.79 8.49
N TYR A 62 -8.48 7.56 8.01
CA TYR A 62 -8.62 6.39 8.85
C TYR A 62 -7.62 6.40 10.00
N LEU A 63 -6.40 6.85 9.70
CA LEU A 63 -5.35 6.90 10.71
C LEU A 63 -5.67 7.91 11.81
N ALA A 64 -5.88 9.16 11.44
CA ALA A 64 -6.20 10.21 12.40
C ALA A 64 -7.43 9.85 13.24
N LYS A 65 -8.45 9.33 12.59
CA LYS A 65 -9.68 8.94 13.28
C LYS A 65 -9.42 7.76 14.22
N GLU A 66 -8.90 6.68 13.64
CA GLU A 66 -8.61 5.48 14.42
C GLU A 66 -7.59 5.79 15.51
N ALA A 67 -6.57 6.56 15.15
CA ALA A 67 -5.52 6.93 16.10
C ALA A 67 -6.01 8.00 17.08
N GLY A 68 -6.97 8.79 16.62
CA GLY A 68 -7.54 9.83 17.46
C GLY A 68 -6.65 11.06 17.56
N VAL A 69 -6.24 11.60 16.43
CA VAL A 69 -5.37 12.77 16.41
C VAL A 69 -6.01 13.90 15.61
N GLY A 70 -5.92 13.84 14.28
CA GLY A 70 -6.49 14.86 13.45
C GLY A 70 -5.98 14.81 12.03
N SER A 71 -6.71 15.42 11.11
CA SER A 71 -6.32 15.45 9.70
C SER A 71 -5.00 16.18 9.52
N ASP A 72 -4.62 16.99 10.51
CA ASP A 72 -3.37 17.75 10.45
C ASP A 72 -2.39 17.31 11.54
N GLY A 73 -2.68 16.20 12.19
CA GLY A 73 -1.81 15.72 13.25
C GLY A 73 -0.78 14.71 12.77
N SER A 74 -0.17 14.02 13.71
CA SER A 74 0.84 13.02 13.39
C SER A 74 0.74 11.82 14.32
N LEU A 75 1.22 10.67 13.84
CA LEU A 75 1.20 9.45 14.63
C LEU A 75 2.63 8.99 14.87
N THR A 76 2.90 8.53 16.09
CA THR A 76 4.25 8.06 16.43
C THR A 76 4.44 6.61 15.99
N GLU A 77 5.56 6.02 16.41
CA GLU A 77 5.86 4.64 16.06
C GLU A 77 5.01 3.67 16.86
N GLU A 78 5.04 3.84 18.18
CA GLU A 78 4.28 2.98 19.08
C GLU A 78 2.80 3.01 18.72
N GLN A 79 2.34 4.15 18.22
CA GLN A 79 0.95 4.33 17.84
C GLN A 79 0.64 3.53 16.58
N PHE A 80 1.53 3.65 15.59
CA PHE A 80 1.37 2.94 14.33
C PHE A 80 1.10 1.46 14.56
N ILE A 81 2.01 0.83 15.31
CA ILE A 81 1.90 -0.59 15.60
C ILE A 81 0.55 -0.95 16.24
N ARG A 82 0.23 -0.32 17.37
CA ARG A 82 -1.02 -0.58 18.06
C ARG A 82 -2.21 -0.48 17.12
N VAL A 83 -2.32 0.65 16.43
CA VAL A 83 -3.42 0.88 15.50
C VAL A 83 -3.33 -0.04 14.29
N THR A 84 -2.13 -0.19 13.75
CA THR A 84 -1.94 -1.05 12.59
C THR A 84 -2.31 -2.48 12.95
N GLU A 85 -1.88 -2.90 14.14
CA GLU A 85 -2.16 -4.24 14.64
C GLU A 85 -3.63 -4.58 14.47
N ASN A 86 -4.48 -3.68 14.95
CA ASN A 86 -5.93 -3.87 14.86
C ASN A 86 -6.38 -3.99 13.41
N LEU A 87 -5.74 -3.23 12.53
CA LEU A 87 -6.07 -3.25 11.11
C LEU A 87 -5.92 -4.65 10.53
N ILE A 88 -4.78 -5.29 10.81
CA ILE A 88 -4.53 -6.64 10.31
C ILE A 88 -5.32 -7.68 11.11
N PHE A 89 -5.44 -7.44 12.41
CA PHE A 89 -6.18 -8.34 13.28
C PHE A 89 -7.65 -7.94 13.33
N GLU A 90 -7.98 -6.97 14.18
CA GLU A 90 -9.35 -6.49 14.31
C GLU A 90 -9.84 -5.92 12.99
N GLN A 91 -10.83 -5.02 13.06
CA GLN A 91 -11.39 -4.40 11.87
C GLN A 91 -12.14 -5.44 11.03
N GLY A 92 -13.15 -4.98 10.30
CA GLY A 92 -13.93 -5.90 9.50
C GLY A 92 -13.35 -6.14 8.11
N GLU A 93 -13.68 -7.29 7.53
CA GLU A 93 -13.20 -7.65 6.21
C GLU A 93 -13.47 -6.53 5.22
N ALA A 94 -14.74 -6.15 5.11
CA ALA A 94 -15.17 -5.08 4.22
C ALA A 94 -14.55 -3.75 4.60
N SER A 95 -13.95 -3.67 5.78
CA SER A 95 -13.32 -2.44 6.23
C SER A 95 -12.04 -2.17 5.47
N PHE A 96 -11.24 -3.21 5.26
CA PHE A 96 -9.99 -3.10 4.53
C PHE A 96 -10.27 -2.77 3.06
N ASN A 97 -11.25 -3.48 2.48
CA ASN A 97 -11.64 -3.28 1.09
C ASN A 97 -12.27 -1.91 0.88
N ARG A 98 -13.08 -1.48 1.84
CA ARG A 98 -13.77 -0.19 1.76
C ARG A 98 -12.79 0.97 1.74
N VAL A 99 -12.00 1.10 2.79
CA VAL A 99 -11.05 2.21 2.91
C VAL A 99 -9.88 2.05 1.98
N LEU A 100 -9.40 0.82 1.83
CA LEU A 100 -8.23 0.59 0.99
C LEU A 100 -8.64 0.39 -0.48
N GLY A 101 -9.86 -0.07 -0.70
CA GLY A 101 -10.35 -0.27 -2.07
C GLY A 101 -9.92 0.83 -3.01
N PRO A 102 -10.26 2.10 -2.71
CA PRO A 102 -9.88 3.24 -3.56
C PRO A 102 -8.38 3.53 -3.54
N VAL A 103 -7.67 2.89 -2.61
CA VAL A 103 -6.22 3.10 -2.50
C VAL A 103 -5.49 2.27 -3.54
N VAL A 104 -5.73 0.97 -3.57
CA VAL A 104 -5.09 0.09 -4.55
C VAL A 104 -5.61 0.39 -5.94
N LYS A 105 -6.87 0.80 -6.02
CA LYS A 105 -7.52 1.14 -7.28
C LYS A 105 -6.71 2.21 -8.02
N GLY A 106 -6.42 3.30 -7.32
CA GLY A 106 -5.66 4.38 -7.91
C GLY A 106 -4.40 3.90 -8.61
N ILE A 107 -3.74 2.90 -8.04
CA ILE A 107 -2.54 2.35 -8.63
C ILE A 107 -2.85 1.53 -9.88
N VAL A 108 -3.96 0.79 -9.83
CA VAL A 108 -4.37 -0.04 -10.96
C VAL A 108 -4.76 0.80 -12.18
N GLY A 109 -5.38 1.95 -11.95
CA GLY A 109 -5.79 2.82 -13.05
C GLY A 109 -4.63 3.34 -13.85
N MET A 110 -3.53 3.67 -13.17
CA MET A 110 -2.34 4.18 -13.85
C MET A 110 -1.56 3.04 -14.50
N CYS A 111 -1.72 1.83 -13.97
CA CYS A 111 -0.99 0.67 -14.48
C CYS A 111 -1.81 -0.17 -15.44
N ASP A 112 -3.12 -0.12 -15.34
CA ASP A 112 -3.96 -0.93 -16.21
C ASP A 112 -3.75 -0.58 -17.67
N LYS A 113 -3.01 -1.43 -18.37
CA LYS A 113 -2.72 -1.23 -19.78
C LYS A 113 -3.83 -1.82 -20.66
N ASN A 114 -4.58 -2.76 -20.10
CA ASN A 114 -5.68 -3.39 -20.83
C ASN A 114 -7.04 -2.89 -20.33
N ALA A 115 -7.04 -2.04 -19.33
CA ALA A 115 -8.28 -1.49 -18.78
C ALA A 115 -9.28 -2.59 -18.48
N ASP A 116 -8.90 -3.54 -17.64
CA ASP A 116 -9.80 -4.62 -17.25
C ASP A 116 -10.12 -4.59 -15.76
N GLY A 117 -9.42 -3.73 -15.02
CA GLY A 117 -9.65 -3.62 -13.59
C GLY A 117 -8.99 -4.72 -12.79
N GLN A 118 -8.14 -5.51 -13.43
CA GLN A 118 -7.45 -6.60 -12.76
C GLN A 118 -5.93 -6.46 -12.91
N ILE A 119 -5.20 -7.26 -12.14
CA ILE A 119 -3.74 -7.22 -12.20
C ILE A 119 -3.16 -8.46 -12.86
N ASN A 120 -2.78 -8.33 -14.13
CA ASN A 120 -2.19 -9.44 -14.86
C ASN A 120 -0.70 -9.53 -14.56
N ALA A 121 -0.11 -10.71 -14.80
CA ALA A 121 1.30 -10.89 -14.51
C ALA A 121 2.15 -9.80 -15.15
N ASP A 122 1.78 -9.37 -16.35
CA ASP A 122 2.51 -8.31 -17.02
C ASP A 122 2.23 -6.97 -16.34
N GLU A 123 1.09 -6.88 -15.64
CA GLU A 123 0.74 -5.67 -14.91
C GLU A 123 1.44 -5.67 -13.56
N PHE A 124 1.32 -6.77 -12.83
CA PHE A 124 1.94 -6.90 -11.52
C PHE A 124 3.44 -6.67 -11.60
N ALA A 125 4.10 -7.34 -12.55
CA ALA A 125 5.54 -7.18 -12.74
C ALA A 125 5.91 -5.72 -12.99
N ALA A 126 5.12 -5.07 -13.85
CA ALA A 126 5.36 -3.67 -14.20
C ALA A 126 5.35 -2.76 -12.98
N TRP A 127 4.48 -3.06 -12.02
CA TRP A 127 4.36 -2.24 -10.83
C TRP A 127 5.42 -2.61 -9.79
N LEU A 128 5.64 -3.90 -9.60
CA LEU A 128 6.63 -4.36 -8.63
C LEU A 128 8.01 -3.80 -8.96
N THR A 129 8.32 -3.74 -10.26
CA THR A 129 9.60 -3.21 -10.70
C THR A 129 9.66 -1.70 -10.47
N ALA A 130 8.49 -1.07 -10.43
CA ALA A 130 8.41 0.37 -10.21
C ALA A 130 8.88 0.76 -8.81
N LEU A 131 8.55 -0.06 -7.82
CA LEU A 131 8.89 0.24 -6.43
C LEU A 131 10.32 -0.19 -6.07
N GLY A 132 11.06 -0.74 -7.03
CA GLY A 132 12.43 -1.14 -6.75
C GLY A 132 12.61 -2.63 -6.62
N MET A 133 11.66 -3.40 -7.15
CA MET A 133 11.75 -4.86 -7.09
C MET A 133 12.33 -5.39 -8.40
N SER A 134 12.91 -6.57 -8.35
CA SER A 134 13.53 -7.17 -9.54
C SER A 134 12.49 -7.83 -10.43
N LYS A 135 12.93 -8.25 -11.62
CA LYS A 135 12.05 -8.89 -12.59
C LYS A 135 11.77 -10.35 -12.22
N ALA A 136 12.70 -10.97 -11.50
CA ALA A 136 12.54 -12.36 -11.09
C ALA A 136 11.65 -12.51 -9.86
N GLU A 137 11.64 -11.49 -9.01
CA GLU A 137 10.84 -11.51 -7.79
C GLU A 137 9.35 -11.38 -8.10
N ALA A 138 9.02 -10.54 -9.08
CA ALA A 138 7.63 -10.33 -9.46
C ALA A 138 7.00 -11.64 -9.91
N ALA A 139 7.63 -12.29 -10.88
CA ALA A 139 7.14 -13.55 -11.41
C ALA A 139 6.77 -14.52 -10.27
N GLU A 140 7.65 -14.59 -9.27
CA GLU A 140 7.42 -15.46 -8.12
C GLU A 140 6.30 -14.94 -7.24
N ALA A 141 6.31 -13.63 -6.99
CA ALA A 141 5.31 -12.99 -6.15
C ALA A 141 3.92 -13.09 -6.75
N PHE A 142 3.83 -12.91 -8.08
CA PHE A 142 2.55 -12.98 -8.77
C PHE A 142 1.86 -14.31 -8.47
N ASN A 143 2.54 -15.41 -8.78
CA ASN A 143 1.99 -16.75 -8.56
C ASN A 143 1.62 -16.96 -7.10
N GLN A 144 2.38 -16.36 -6.20
CA GLN A 144 2.14 -16.50 -4.76
C GLN A 144 0.81 -15.89 -4.34
N VAL A 145 0.44 -14.78 -4.94
CA VAL A 145 -0.80 -14.10 -4.57
C VAL A 145 -2.01 -14.70 -5.25
N ASP A 146 -1.83 -15.28 -6.43
CA ASP A 146 -2.95 -15.88 -7.15
C ASP A 146 -3.59 -17.01 -6.34
N THR A 147 -4.38 -16.62 -5.36
CA THR A 147 -5.09 -17.56 -4.48
C THR A 147 -5.96 -18.53 -5.24
N ASN A 148 -6.60 -18.05 -6.29
CA ASN A 148 -7.50 -18.86 -7.10
C ASN A 148 -6.77 -19.50 -8.28
N GLY A 149 -5.45 -19.34 -8.34
CA GLY A 149 -4.65 -19.91 -9.41
C GLY A 149 -5.32 -19.84 -10.77
N ASN A 150 -6.04 -18.75 -11.01
CA ASN A 150 -6.73 -18.55 -12.28
C ASN A 150 -5.87 -17.76 -13.27
N GLY A 151 -4.70 -17.30 -12.82
CA GLY A 151 -3.82 -16.56 -13.69
C GLY A 151 -4.06 -15.07 -13.66
N GLU A 152 -5.00 -14.61 -12.83
CA GLU A 152 -5.31 -13.19 -12.72
C GLU A 152 -5.35 -12.76 -11.26
N LEU A 153 -4.71 -11.64 -10.95
CA LEU A 153 -4.68 -11.12 -9.60
C LEU A 153 -5.72 -10.02 -9.41
N SER A 154 -6.81 -10.34 -8.73
CA SER A 154 -7.89 -9.37 -8.52
C SER A 154 -7.72 -8.58 -7.23
N LEU A 155 -8.45 -7.46 -7.15
CA LEU A 155 -8.41 -6.58 -5.99
C LEU A 155 -8.57 -7.36 -4.69
N ASP A 156 -9.49 -8.31 -4.68
CA ASP A 156 -9.76 -9.13 -3.50
C ASP A 156 -8.49 -9.84 -3.03
N GLU A 157 -7.93 -10.67 -3.91
CA GLU A 157 -6.74 -11.43 -3.60
C GLU A 157 -5.53 -10.53 -3.34
N LEU A 158 -5.62 -9.28 -3.79
CA LEU A 158 -4.55 -8.32 -3.60
C LEU A 158 -4.43 -7.91 -2.13
N LEU A 159 -5.54 -7.46 -1.56
CA LEU A 159 -5.56 -7.02 -0.17
C LEU A 159 -5.16 -8.16 0.76
N THR A 160 -5.64 -9.35 0.47
CA THR A 160 -5.34 -10.52 1.30
C THR A 160 -3.83 -10.67 1.51
N ALA A 161 -3.09 -10.81 0.41
CA ALA A 161 -1.64 -10.95 0.49
C ALA A 161 -1.01 -9.70 1.14
N VAL A 162 -1.33 -8.54 0.59
CA VAL A 162 -0.82 -7.28 1.10
C VAL A 162 -1.13 -7.08 2.57
N ARG A 163 -2.32 -7.52 2.98
CA ARG A 163 -2.76 -7.39 4.37
C ARG A 163 -1.65 -7.70 5.36
N ASP A 164 -1.43 -9.00 5.63
CA ASP A 164 -0.39 -9.41 6.56
C ASP A 164 0.99 -9.42 5.91
N PHE A 165 2.02 -9.28 6.74
CA PHE A 165 3.40 -9.26 6.26
C PHE A 165 4.38 -9.01 7.41
N HIS A 166 4.05 -9.54 8.59
CA HIS A 166 4.90 -9.36 9.75
C HIS A 166 5.51 -10.69 10.19
N PHE A 167 4.64 -11.65 10.53
CA PHE A 167 5.11 -12.96 10.95
C PHE A 167 5.38 -13.86 9.74
N GLY A 168 5.40 -13.27 8.54
CA GLY A 168 5.66 -14.04 7.33
C GLY A 168 4.40 -14.27 6.51
N ARG A 169 4.09 -13.34 5.62
CA ARG A 169 2.90 -13.45 4.79
C ARG A 169 3.27 -13.69 3.34
N LEU A 170 4.15 -12.86 2.80
CA LEU A 170 4.57 -12.98 1.41
C LEU A 170 5.60 -11.89 1.09
N ASP A 171 6.09 -11.88 -0.15
CA ASP A 171 7.06 -10.88 -0.56
C ASP A 171 6.39 -9.55 -0.90
N VAL A 172 5.06 -9.50 -0.78
CA VAL A 172 4.30 -8.30 -1.09
C VAL A 172 4.55 -7.21 -0.04
N GLU A 173 3.87 -7.30 1.10
CA GLU A 173 4.02 -6.31 2.17
C GLU A 173 3.94 -4.89 1.62
N LEU A 174 2.84 -4.58 0.94
CA LEU A 174 2.62 -3.26 0.36
C LEU A 174 1.91 -2.35 1.36
N LEU A 175 2.22 -1.06 1.29
CA LEU A 175 1.59 -0.09 2.18
C LEU A 175 2.15 1.31 1.96
N GLY A 176 1.76 1.93 0.85
CA GLY A 176 2.24 3.28 0.56
C GLY A 176 1.86 4.26 1.64
N THR A 1 2.96 -10.16 22.46
CA THR A 1 3.07 -10.92 21.18
C THR A 1 4.53 -11.18 20.83
N THR A 2 4.75 -11.81 19.69
CA THR A 2 6.12 -12.12 19.24
C THR A 2 6.96 -10.86 19.13
N ALA A 3 8.23 -10.97 19.49
CA ALA A 3 9.15 -9.84 19.43
C ALA A 3 9.58 -9.54 17.98
N ILE A 4 9.13 -10.36 17.05
CA ILE A 4 9.46 -10.18 15.64
C ILE A 4 8.59 -9.10 15.00
N ALA A 5 7.40 -8.91 15.56
CA ALA A 5 6.46 -7.92 15.06
C ALA A 5 7.00 -6.50 15.18
N SER A 6 7.71 -6.20 16.26
CA SER A 6 8.26 -4.87 16.46
C SER A 6 9.23 -4.51 15.35
N ASP A 7 10.25 -5.34 15.16
CA ASP A 7 11.26 -5.10 14.14
C ASP A 7 10.62 -4.77 12.78
N ARG A 8 9.67 -5.60 12.36
CA ARG A 8 9.01 -5.40 11.08
C ARG A 8 8.25 -4.07 11.04
N LEU A 9 7.55 -3.77 12.12
CA LEU A 9 6.76 -2.53 12.19
C LEU A 9 7.65 -1.31 12.45
N LYS A 10 8.72 -1.51 13.21
CA LYS A 10 9.64 -0.42 13.53
C LYS A 10 10.27 0.16 12.27
N LYS A 11 11.05 -0.67 11.58
CA LYS A 11 11.73 -0.26 10.37
C LYS A 11 10.76 0.42 9.39
N ARG A 12 9.61 -0.21 9.18
CA ARG A 12 8.60 0.33 8.26
C ARG A 12 8.33 1.81 8.54
N PHE A 13 8.50 2.21 9.80
CA PHE A 13 8.28 3.60 10.19
C PHE A 13 9.41 4.48 9.68
N ASP A 14 10.62 4.24 10.17
CA ASP A 14 11.79 5.00 9.76
C ASP A 14 12.16 4.72 8.31
N ARG A 15 11.58 3.67 7.74
CA ARG A 15 11.87 3.30 6.35
C ARG A 15 11.27 4.30 5.37
N TRP A 16 10.30 5.09 5.84
CA TRP A 16 9.66 6.08 5.00
C TRP A 16 10.16 7.48 5.31
N ASP A 17 9.48 8.19 6.22
CA ASP A 17 9.86 9.55 6.61
C ASP A 17 10.26 10.37 5.39
N PHE A 18 9.27 10.80 4.62
CA PHE A 18 9.52 11.59 3.41
C PHE A 18 10.36 12.81 3.71
N ASP A 19 9.97 13.61 4.71
CA ASP A 19 10.70 14.82 5.06
C ASP A 19 11.64 14.59 6.24
N GLY A 20 11.50 13.47 6.93
CA GLY A 20 12.36 13.18 8.06
C GLY A 20 11.95 13.93 9.31
N ASN A 21 10.64 14.05 9.54
CA ASN A 21 10.14 14.75 10.72
C ASN A 21 9.99 13.83 11.92
N GLY A 22 10.07 12.52 11.68
CA GLY A 22 9.96 11.56 12.76
C GLY A 22 8.52 11.22 13.09
N ALA A 23 7.63 11.44 12.13
CA ALA A 23 6.22 11.15 12.31
C ALA A 23 5.55 10.90 10.96
N LEU A 24 4.25 10.60 11.00
CA LEU A 24 3.50 10.35 9.78
C LEU A 24 2.40 11.38 9.60
N GLU A 25 2.37 12.00 8.42
CA GLU A 25 1.36 13.01 8.12
C GLU A 25 0.64 12.67 6.82
N ARG A 26 -0.41 13.43 6.52
CA ARG A 26 -1.18 13.21 5.30
C ARG A 26 -0.36 13.54 4.06
N ALA A 27 0.52 14.53 4.20
CA ALA A 27 1.38 14.95 3.10
C ALA A 27 2.36 13.83 2.73
N ASP A 28 2.58 12.91 3.65
CA ASP A 28 3.48 11.78 3.41
C ASP A 28 2.84 10.80 2.44
N PHE A 29 1.51 10.74 2.46
CA PHE A 29 0.78 9.84 1.58
C PHE A 29 0.70 10.43 0.17
N GLU A 30 0.57 11.75 0.10
CA GLU A 30 0.48 12.46 -1.17
C GLU A 30 1.79 12.35 -1.93
N LYS A 31 2.91 12.43 -1.21
CA LYS A 31 4.23 12.33 -1.84
C LYS A 31 4.45 10.93 -2.38
N GLU A 32 4.09 9.92 -1.60
CA GLU A 32 4.24 8.53 -2.01
C GLU A 32 3.68 8.33 -3.41
N ALA A 33 2.36 8.50 -3.55
CA ALA A 33 1.71 8.36 -4.84
C ALA A 33 2.52 9.04 -5.94
N GLN A 34 2.96 10.26 -5.67
CA GLN A 34 3.75 11.02 -6.62
C GLN A 34 5.09 10.33 -6.88
N HIS A 35 5.84 10.06 -5.82
CA HIS A 35 7.14 9.41 -5.96
C HIS A 35 7.01 8.13 -6.76
N ILE A 36 5.88 7.44 -6.61
CA ILE A 36 5.63 6.20 -7.34
C ILE A 36 5.39 6.50 -8.82
N ALA A 37 4.42 7.37 -9.10
CA ALA A 37 4.07 7.72 -10.47
C ALA A 37 5.32 7.95 -11.33
N GLU A 38 6.31 8.63 -10.75
CA GLU A 38 7.55 8.92 -11.45
C GLU A 38 8.26 7.64 -11.91
N ALA A 39 8.24 6.62 -11.06
CA ALA A 39 8.89 5.35 -11.38
C ALA A 39 8.33 4.76 -12.68
N PHE A 40 7.13 5.18 -13.06
CA PHE A 40 6.49 4.68 -14.27
C PHE A 40 6.81 5.60 -15.46
N GLY A 41 7.60 6.64 -15.24
CA GLY A 41 7.94 7.56 -16.30
C GLY A 41 6.73 8.10 -17.02
N LYS A 42 5.57 8.04 -16.38
CA LYS A 42 4.34 8.55 -16.97
C LYS A 42 4.12 10.00 -16.54
N ASP A 43 2.86 10.43 -16.50
CA ASP A 43 2.53 11.80 -16.13
C ASP A 43 2.82 12.07 -14.66
N ALA A 44 2.31 13.21 -14.18
CA ALA A 44 2.45 13.62 -12.80
C ALA A 44 1.14 14.23 -12.34
N GLY A 45 0.73 15.29 -13.04
CA GLY A 45 -0.50 15.97 -12.73
C GLY A 45 -1.67 15.44 -13.55
N ALA A 46 -1.58 14.18 -13.96
CA ALA A 46 -2.65 13.55 -14.73
C ALA A 46 -3.90 13.36 -13.89
N ALA A 47 -4.83 12.55 -14.39
CA ALA A 47 -6.08 12.27 -13.67
C ALA A 47 -5.93 11.07 -12.75
N GLU A 48 -5.37 9.99 -13.29
CA GLU A 48 -5.17 8.76 -12.53
C GLU A 48 -4.34 9.00 -11.27
N VAL A 49 -3.48 10.01 -11.33
CA VAL A 49 -2.63 10.34 -10.20
C VAL A 49 -3.43 11.12 -9.14
N GLN A 50 -4.25 12.05 -9.58
CA GLN A 50 -5.08 12.82 -8.65
C GLN A 50 -6.02 11.88 -7.91
N THR A 51 -6.59 10.93 -8.64
CA THR A 51 -7.49 9.94 -8.04
C THR A 51 -6.75 9.17 -6.96
N LEU A 52 -5.62 8.59 -7.34
CA LEU A 52 -4.82 7.82 -6.39
C LEU A 52 -4.56 8.63 -5.14
N LYS A 53 -3.87 9.76 -5.29
CA LYS A 53 -3.57 10.63 -4.16
C LYS A 53 -4.84 10.96 -3.38
N ASN A 54 -5.93 11.22 -4.09
CA ASN A 54 -7.19 11.54 -3.45
C ASN A 54 -7.59 10.42 -2.49
N ALA A 55 -7.40 9.19 -2.94
CA ALA A 55 -7.73 8.02 -2.13
C ALA A 55 -6.80 7.91 -0.93
N PHE A 56 -5.56 8.35 -1.10
CA PHE A 56 -4.57 8.29 -0.03
C PHE A 56 -4.94 9.25 1.09
N GLY A 57 -5.58 10.35 0.73
CA GLY A 57 -5.99 11.34 1.72
C GLY A 57 -7.02 10.77 2.68
N GLY A 58 -8.05 10.14 2.13
CA GLY A 58 -9.10 9.57 2.96
C GLY A 58 -8.57 8.55 3.95
N LEU A 59 -7.56 7.80 3.54
CA LEU A 59 -6.98 6.79 4.42
C LEU A 59 -6.52 7.43 5.72
N PHE A 60 -6.09 8.69 5.63
CA PHE A 60 -5.64 9.43 6.80
C PHE A 60 -6.79 9.60 7.79
N ASP A 61 -7.95 9.97 7.27
CA ASP A 61 -9.14 10.18 8.10
C ASP A 61 -9.29 9.09 9.15
N TYR A 62 -9.21 7.83 8.71
CA TYR A 62 -9.35 6.69 9.60
C TYR A 62 -8.29 6.73 10.70
N LEU A 63 -7.07 7.09 10.32
CA LEU A 63 -5.96 7.15 11.27
C LEU A 63 -6.19 8.24 12.32
N ALA A 64 -6.38 9.47 11.87
CA ALA A 64 -6.62 10.60 12.77
C ALA A 64 -7.80 10.31 13.71
N LYS A 65 -8.88 9.80 13.16
CA LYS A 65 -10.07 9.51 13.96
C LYS A 65 -9.78 8.38 14.96
N GLU A 66 -9.24 7.28 14.45
CA GLU A 66 -8.92 6.14 15.30
C GLU A 66 -7.85 6.51 16.34
N ALA A 67 -6.86 7.28 15.92
CA ALA A 67 -5.79 7.70 16.82
C ALA A 67 -6.24 8.81 17.76
N GLY A 68 -7.21 9.59 17.32
CA GLY A 68 -7.73 10.68 18.14
C GLY A 68 -7.26 12.06 17.73
N VAL A 69 -6.43 12.13 16.69
CA VAL A 69 -5.94 13.42 16.21
C VAL A 69 -6.72 13.86 14.98
N GLY A 70 -6.46 15.07 14.51
CA GLY A 70 -7.19 15.59 13.36
C GLY A 70 -6.58 15.21 12.04
N SER A 71 -7.23 15.66 10.97
CA SER A 71 -6.75 15.40 9.61
C SER A 71 -5.41 16.11 9.36
N ASP A 72 -5.04 17.02 10.27
CA ASP A 72 -3.80 17.78 10.14
C ASP A 72 -2.80 17.41 11.23
N GLY A 73 -3.05 16.34 11.96
CA GLY A 73 -2.15 15.92 13.02
C GLY A 73 -1.13 14.91 12.54
N SER A 74 -0.47 14.24 13.48
CA SER A 74 0.54 13.26 13.13
C SER A 74 0.50 12.05 14.06
N LEU A 75 0.98 10.92 13.55
CA LEU A 75 1.01 9.68 14.30
C LEU A 75 2.45 9.23 14.52
N THR A 76 2.74 8.74 15.72
CA THR A 76 4.09 8.28 16.05
C THR A 76 4.25 6.82 15.65
N GLU A 77 5.40 6.23 16.00
CA GLU A 77 5.66 4.84 15.69
C GLU A 77 4.82 3.91 16.55
N GLU A 78 4.83 4.17 17.86
CA GLU A 78 4.08 3.37 18.80
C GLU A 78 2.59 3.36 18.45
N GLN A 79 2.11 4.48 17.90
CA GLN A 79 0.72 4.59 17.51
C GLN A 79 0.44 3.76 16.27
N PHE A 80 1.36 3.83 15.31
CA PHE A 80 1.23 3.07 14.07
C PHE A 80 0.93 1.61 14.36
N ILE A 81 1.79 0.98 15.15
CA ILE A 81 1.63 -0.42 15.52
C ILE A 81 0.25 -0.68 16.13
N ARG A 82 -0.10 0.11 17.14
CA ARG A 82 -1.37 -0.03 17.83
C ARG A 82 -2.55 0.03 16.87
N VAL A 83 -2.64 1.10 16.10
CA VAL A 83 -3.73 1.27 15.15
C VAL A 83 -3.62 0.33 13.97
N THR A 84 -2.40 0.16 13.47
CA THR A 84 -2.16 -0.73 12.34
C THR A 84 -2.54 -2.16 12.70
N GLU A 85 -2.10 -2.59 13.88
CA GLU A 85 -2.39 -3.95 14.35
C GLU A 85 -3.88 -4.28 14.24
N ASN A 86 -4.71 -3.36 14.75
CA ASN A 86 -6.16 -3.55 14.71
C ASN A 86 -6.66 -3.71 13.28
N LEU A 87 -6.05 -2.95 12.37
CA LEU A 87 -6.44 -3.00 10.96
C LEU A 87 -6.27 -4.41 10.40
N ILE A 88 -5.13 -5.03 10.69
CA ILE A 88 -4.85 -6.38 10.20
C ILE A 88 -5.69 -7.43 10.92
N PHE A 89 -5.80 -7.28 12.24
CA PHE A 89 -6.58 -8.23 13.05
C PHE A 89 -8.04 -7.79 13.15
N GLU A 90 -8.28 -6.77 13.98
CA GLU A 90 -9.64 -6.25 14.18
C GLU A 90 -10.20 -5.67 12.89
N GLN A 91 -11.24 -4.86 13.02
CA GLN A 91 -11.87 -4.24 11.85
C GLN A 91 -12.64 -5.28 11.04
N GLY A 92 -11.92 -5.99 10.17
CA GLY A 92 -12.57 -7.01 9.37
C GLY A 92 -12.30 -6.85 7.89
N GLU A 93 -12.72 -7.85 7.10
CA GLU A 93 -12.53 -7.82 5.66
C GLU A 93 -13.10 -6.54 5.05
N ALA A 94 -14.40 -6.35 5.25
CA ALA A 94 -15.11 -5.19 4.72
C ALA A 94 -14.52 -3.87 5.24
N SER A 95 -13.75 -3.94 6.32
CA SER A 95 -13.15 -2.75 6.89
C SER A 95 -11.91 -2.34 6.11
N PHE A 96 -11.07 -3.31 5.78
CA PHE A 96 -9.85 -3.06 5.02
C PHE A 96 -10.16 -2.70 3.57
N ASN A 97 -11.15 -3.38 3.01
CA ASN A 97 -11.56 -3.17 1.63
C ASN A 97 -12.22 -1.80 1.43
N ARG A 98 -12.96 -1.34 2.44
CA ARG A 98 -13.66 -0.06 2.35
C ARG A 98 -12.68 1.10 2.21
N VAL A 99 -11.91 1.35 3.27
CA VAL A 99 -10.97 2.46 3.29
C VAL A 99 -9.79 2.26 2.33
N LEU A 100 -9.33 1.01 2.19
CA LEU A 100 -8.20 0.74 1.32
C LEU A 100 -8.62 0.47 -0.12
N GLY A 101 -9.84 -0.04 -0.30
CA GLY A 101 -10.35 -0.32 -1.63
C GLY A 101 -10.01 0.76 -2.65
N PRO A 102 -10.35 2.03 -2.36
CA PRO A 102 -10.07 3.15 -3.26
C PRO A 102 -8.57 3.48 -3.31
N VAL A 103 -7.82 2.94 -2.36
CA VAL A 103 -6.38 3.18 -2.30
C VAL A 103 -5.65 2.32 -3.32
N VAL A 104 -5.96 1.03 -3.33
CA VAL A 104 -5.33 0.11 -4.28
C VAL A 104 -5.83 0.38 -5.69
N LYS A 105 -7.09 0.82 -5.78
CA LYS A 105 -7.72 1.14 -7.05
C LYS A 105 -6.92 2.20 -7.79
N GLY A 106 -6.60 3.29 -7.10
CA GLY A 106 -5.83 4.37 -7.72
C GLY A 106 -4.57 3.86 -8.37
N ILE A 107 -3.91 2.90 -7.73
CA ILE A 107 -2.67 2.35 -8.25
C ILE A 107 -2.95 1.43 -9.45
N VAL A 108 -4.01 0.64 -9.35
CA VAL A 108 -4.39 -0.28 -10.41
C VAL A 108 -4.77 0.48 -11.69
N GLY A 109 -5.40 1.63 -11.52
CA GLY A 109 -5.80 2.42 -12.67
C GLY A 109 -4.65 2.66 -13.63
N MET A 110 -3.50 3.06 -13.07
CA MET A 110 -2.33 3.33 -13.89
C MET A 110 -1.63 2.04 -14.31
N CYS A 111 -1.91 0.94 -13.61
CA CYS A 111 -1.28 -0.34 -13.90
C CYS A 111 -2.13 -1.17 -14.85
N ASP A 112 -2.62 -0.53 -15.90
CA ASP A 112 -3.44 -1.23 -16.88
C ASP A 112 -3.62 -0.39 -18.16
N LYS A 113 -2.96 -0.85 -19.23
CA LYS A 113 -3.05 -0.19 -20.52
C LYS A 113 -4.16 -0.82 -21.39
N ASN A 114 -4.79 -1.87 -20.89
CA ASN A 114 -5.86 -2.53 -21.63
C ASN A 114 -7.23 -2.14 -21.08
N ALA A 115 -7.25 -1.62 -19.85
CA ALA A 115 -8.49 -1.19 -19.22
C ALA A 115 -9.40 -2.36 -18.86
N ASP A 116 -8.93 -3.25 -17.99
CA ASP A 116 -9.72 -4.40 -17.58
C ASP A 116 -9.99 -4.39 -16.06
N GLY A 117 -9.27 -3.55 -15.33
CA GLY A 117 -9.45 -3.48 -13.88
C GLY A 117 -8.75 -4.59 -13.14
N GLN A 118 -7.91 -5.36 -13.84
CA GLN A 118 -7.18 -6.45 -13.20
C GLN A 118 -5.67 -6.30 -13.38
N ILE A 119 -4.92 -7.05 -12.58
CA ILE A 119 -3.47 -7.00 -12.62
C ILE A 119 -2.89 -8.29 -13.20
N ASN A 120 -2.50 -8.25 -14.47
CA ASN A 120 -1.92 -9.43 -15.13
C ASN A 120 -0.41 -9.48 -14.87
N ALA A 121 0.17 -10.67 -14.98
CA ALA A 121 1.60 -10.85 -14.74
C ALA A 121 2.42 -9.80 -15.48
N ASP A 122 2.02 -9.47 -16.69
CA ASP A 122 2.73 -8.46 -17.48
C ASP A 122 2.51 -7.07 -16.88
N GLU A 123 1.39 -6.90 -16.19
CA GLU A 123 1.07 -5.64 -15.53
C GLU A 123 1.72 -5.60 -14.14
N PHE A 124 1.54 -6.68 -13.40
CA PHE A 124 2.10 -6.78 -12.05
C PHE A 124 3.59 -6.53 -12.06
N ALA A 125 4.30 -7.26 -12.93
CA ALA A 125 5.74 -7.10 -13.06
C ALA A 125 6.12 -5.67 -13.41
N ALA A 126 5.34 -5.05 -14.29
CA ALA A 126 5.58 -3.68 -14.71
C ALA A 126 5.65 -2.73 -13.51
N TRP A 127 4.87 -3.03 -12.47
CA TRP A 127 4.82 -2.19 -11.29
C TRP A 127 5.89 -2.60 -10.27
N LEU A 128 6.14 -3.91 -10.16
CA LEU A 128 7.14 -4.40 -9.23
C LEU A 128 8.52 -3.87 -9.60
N THR A 129 8.80 -3.86 -10.90
CA THR A 129 10.08 -3.35 -11.39
C THR A 129 10.11 -1.82 -11.29
N ALA A 130 8.93 -1.21 -11.24
CA ALA A 130 8.82 0.24 -11.12
C ALA A 130 9.31 0.73 -9.77
N LEU A 131 9.01 -0.02 -8.71
CA LEU A 131 9.40 0.37 -7.36
C LEU A 131 10.81 -0.07 -7.00
N GLY A 132 11.50 -0.73 -7.93
CA GLY A 132 12.86 -1.15 -7.66
C GLY A 132 13.02 -2.65 -7.47
N MET A 133 12.08 -3.43 -7.99
CA MET A 133 12.16 -4.89 -7.88
C MET A 133 12.72 -5.48 -9.16
N SER A 134 13.31 -6.66 -9.07
CA SER A 134 13.89 -7.31 -10.23
C SER A 134 12.81 -8.03 -11.04
N LYS A 135 13.13 -8.34 -12.30
CA LYS A 135 12.19 -9.01 -13.18
C LYS A 135 11.90 -10.44 -12.74
N ALA A 136 12.80 -11.01 -11.95
CA ALA A 136 12.63 -12.38 -11.46
C ALA A 136 11.76 -12.41 -10.21
N GLU A 137 11.79 -11.34 -9.43
CA GLU A 137 11.00 -11.26 -8.20
C GLU A 137 9.52 -11.10 -8.50
N ALA A 138 9.21 -10.37 -9.57
CA ALA A 138 7.82 -10.14 -9.95
C ALA A 138 7.13 -11.48 -10.23
N ALA A 139 7.70 -12.23 -11.16
CA ALA A 139 7.17 -13.54 -11.53
C ALA A 139 6.84 -14.37 -10.30
N GLU A 140 7.74 -14.33 -9.32
CA GLU A 140 7.56 -15.10 -8.08
C GLU A 140 6.43 -14.54 -7.22
N ALA A 141 6.44 -13.23 -7.02
CA ALA A 141 5.42 -12.58 -6.21
C ALA A 141 4.03 -12.73 -6.82
N PHE A 142 3.98 -12.68 -8.14
CA PHE A 142 2.71 -12.81 -8.86
C PHE A 142 2.00 -14.11 -8.46
N ASN A 143 2.66 -15.23 -8.71
CA ASN A 143 2.10 -16.55 -8.40
C ASN A 143 1.70 -16.68 -6.93
N GLN A 144 2.47 -16.05 -6.05
CA GLN A 144 2.20 -16.11 -4.61
C GLN A 144 0.89 -15.41 -4.25
N VAL A 145 0.56 -14.36 -4.99
CA VAL A 145 -0.65 -13.58 -4.69
C VAL A 145 -1.91 -14.17 -5.35
N ASP A 146 -1.76 -14.73 -6.54
CA ASP A 146 -2.91 -15.30 -7.25
C ASP A 146 -3.52 -16.46 -6.46
N THR A 147 -4.33 -16.11 -5.47
CA THR A 147 -5.01 -17.08 -4.60
C THR A 147 -5.88 -18.05 -5.40
N ASN A 148 -6.43 -17.59 -6.52
CA ASN A 148 -7.32 -18.44 -7.33
C ASN A 148 -6.58 -19.12 -8.47
N GLY A 149 -5.25 -18.98 -8.51
CA GLY A 149 -4.45 -19.60 -9.56
C GLY A 149 -5.11 -19.51 -10.93
N ASN A 150 -5.91 -18.47 -11.15
CA ASN A 150 -6.60 -18.29 -12.42
C ASN A 150 -5.72 -17.50 -13.40
N GLY A 151 -4.56 -17.04 -12.94
CA GLY A 151 -3.67 -16.29 -13.79
C GLY A 151 -3.96 -14.81 -13.82
N GLU A 152 -4.89 -14.34 -12.99
CA GLU A 152 -5.24 -12.92 -12.96
C GLU A 152 -5.34 -12.43 -11.52
N LEU A 153 -4.75 -11.27 -11.25
CA LEU A 153 -4.81 -10.68 -9.92
C LEU A 153 -5.86 -9.57 -9.87
N SER A 154 -6.99 -9.86 -9.24
CA SER A 154 -8.08 -8.90 -9.14
C SER A 154 -7.94 -8.00 -7.91
N LEU A 155 -8.70 -6.91 -7.89
CA LEU A 155 -8.67 -5.97 -6.79
C LEU A 155 -8.76 -6.71 -5.45
N ASP A 156 -9.66 -7.66 -5.37
CA ASP A 156 -9.85 -8.45 -4.15
C ASP A 156 -8.55 -9.13 -3.75
N GLU A 157 -7.95 -9.84 -4.71
CA GLU A 157 -6.71 -10.58 -4.48
C GLU A 157 -5.54 -9.65 -4.16
N LEU A 158 -5.71 -8.36 -4.42
CA LEU A 158 -4.68 -7.37 -4.16
C LEU A 158 -4.59 -7.05 -2.67
N LEU A 159 -5.75 -6.98 -2.00
CA LEU A 159 -5.78 -6.67 -0.58
C LEU A 159 -5.34 -7.89 0.23
N THR A 160 -5.60 -9.08 -0.29
CA THR A 160 -5.21 -10.31 0.38
C THR A 160 -3.72 -10.30 0.70
N ALA A 161 -2.97 -9.50 -0.06
CA ALA A 161 -1.54 -9.37 0.16
C ALA A 161 -1.25 -8.75 1.52
N VAL A 162 -1.77 -7.55 1.73
CA VAL A 162 -1.58 -6.82 2.98
C VAL A 162 -2.01 -7.66 4.18
N ARG A 163 -2.87 -8.64 3.95
CA ARG A 163 -3.39 -9.52 5.00
C ARG A 163 -2.33 -9.85 6.05
N ASP A 164 -1.08 -10.01 5.62
CA ASP A 164 0.00 -10.33 6.54
C ASP A 164 1.36 -9.98 5.95
N PHE A 165 1.70 -8.70 5.97
CA PHE A 165 2.97 -8.23 5.45
C PHE A 165 3.89 -7.78 6.57
N HIS A 166 3.29 -7.31 7.66
CA HIS A 166 4.07 -6.86 8.82
C HIS A 166 4.67 -8.07 9.55
N PHE A 167 4.10 -9.25 9.30
CA PHE A 167 4.57 -10.48 9.92
C PHE A 167 5.38 -11.32 8.92
N GLY A 168 5.21 -11.02 7.63
CA GLY A 168 5.92 -11.75 6.60
C GLY A 168 4.98 -12.33 5.57
N ARG A 169 4.93 -11.70 4.39
CA ARG A 169 4.07 -12.15 3.32
C ARG A 169 4.87 -12.93 2.27
N LEU A 170 5.57 -12.20 1.41
CA LEU A 170 6.38 -12.81 0.37
C LEU A 170 7.26 -11.77 -0.30
N ASP A 171 6.69 -11.03 -1.24
CA ASP A 171 7.44 -10.00 -1.96
C ASP A 171 6.51 -8.92 -2.51
N VAL A 172 5.42 -8.67 -1.81
CA VAL A 172 4.45 -7.66 -2.24
C VAL A 172 4.45 -6.46 -1.29
N GLU A 173 4.35 -6.75 0.01
CA GLU A 173 4.34 -5.69 1.02
C GLU A 173 3.10 -4.82 0.88
N LEU A 174 3.08 -3.98 -0.15
CA LEU A 174 1.93 -3.10 -0.40
C LEU A 174 1.89 -1.96 0.62
N LEU A 175 3.05 -1.33 0.86
CA LEU A 175 3.13 -0.23 1.81
C LEU A 175 4.37 0.63 1.55
N GLY A 176 5.54 0.06 1.80
CA GLY A 176 6.78 0.79 1.59
C GLY A 176 7.64 0.84 2.84
N THR A 1 10.40 -9.58 23.58
CA THR A 1 11.40 -10.68 23.57
C THR A 1 11.48 -11.34 22.20
N THR A 2 12.52 -11.01 21.44
CA THR A 2 12.71 -11.58 20.11
C THR A 2 11.51 -11.25 19.20
N ALA A 3 10.79 -10.19 19.54
CA ALA A 3 9.63 -9.78 18.75
C ALA A 3 10.00 -9.51 17.30
N ILE A 4 9.53 -10.39 16.41
CA ILE A 4 9.81 -10.26 14.98
C ILE A 4 8.95 -9.19 14.34
N ALA A 5 7.72 -9.06 14.81
CA ALA A 5 6.78 -8.08 14.28
C ALA A 5 7.26 -6.65 14.50
N SER A 6 7.92 -6.41 15.62
CA SER A 6 8.43 -5.08 15.94
C SER A 6 9.36 -4.57 14.85
N ASP A 7 10.29 -5.43 14.43
CA ASP A 7 11.26 -5.07 13.39
C ASP A 7 10.56 -4.70 12.08
N ARG A 8 9.61 -5.54 11.67
CA ARG A 8 8.89 -5.30 10.42
C ARG A 8 8.15 -3.98 10.44
N LEU A 9 7.39 -3.71 11.50
CA LEU A 9 6.63 -2.48 11.62
C LEU A 9 7.52 -1.30 11.99
N LYS A 10 8.59 -1.57 12.73
CA LYS A 10 9.50 -0.52 13.16
C LYS A 10 10.11 0.20 11.97
N LYS A 11 10.66 -0.57 11.03
CA LYS A 11 11.27 0.00 9.84
C LYS A 11 10.25 0.76 9.00
N ARG A 12 9.08 0.16 8.81
CA ARG A 12 8.02 0.79 8.03
C ARG A 12 7.79 2.24 8.46
N PHE A 13 8.08 2.53 9.72
CA PHE A 13 7.90 3.88 10.26
C PHE A 13 9.00 4.80 9.74
N ASP A 14 10.26 4.48 10.09
CA ASP A 14 11.39 5.29 9.67
C ASP A 14 11.60 5.16 8.16
N ARG A 15 11.07 4.09 7.57
CA ARG A 15 11.20 3.84 6.15
C ARG A 15 10.26 4.73 5.34
N TRP A 16 9.28 5.33 6.00
CA TRP A 16 8.31 6.20 5.32
C TRP A 16 8.48 7.67 5.73
N ASP A 17 9.63 8.01 6.30
CA ASP A 17 9.88 9.39 6.71
C ASP A 17 10.31 10.24 5.51
N PHE A 18 9.33 10.69 4.74
CA PHE A 18 9.58 11.50 3.55
C PHE A 18 10.42 12.73 3.89
N ASP A 19 9.98 13.50 4.88
CA ASP A 19 10.70 14.70 5.28
C ASP A 19 11.62 14.44 6.47
N GLY A 20 11.45 13.28 7.11
CA GLY A 20 12.28 12.95 8.26
C GLY A 20 11.85 13.69 9.50
N ASN A 21 10.55 13.77 9.73
CA ASN A 21 10.01 14.47 10.89
C ASN A 21 9.81 13.53 12.07
N GLY A 22 9.91 12.22 11.83
CA GLY A 22 9.73 11.26 12.89
C GLY A 22 8.27 10.94 13.14
N ALA A 23 7.44 11.19 12.14
CA ALA A 23 6.00 10.93 12.23
C ALA A 23 5.40 10.73 10.85
N LEU A 24 4.10 10.45 10.82
CA LEU A 24 3.40 10.24 9.56
C LEU A 24 2.29 11.28 9.37
N GLU A 25 2.35 12.00 8.26
CA GLU A 25 1.34 13.02 7.97
C GLU A 25 0.62 12.69 6.67
N ARG A 26 -0.41 13.47 6.36
CA ARG A 26 -1.19 13.27 5.14
C ARG A 26 -0.37 13.63 3.90
N ALA A 27 0.50 14.60 4.05
CA ALA A 27 1.35 15.04 2.95
C ALA A 27 2.34 13.94 2.55
N ASP A 28 2.55 12.98 3.44
CA ASP A 28 3.45 11.87 3.17
C ASP A 28 2.83 10.93 2.14
N PHE A 29 1.50 10.85 2.15
CA PHE A 29 0.78 9.99 1.22
C PHE A 29 0.66 10.65 -0.16
N GLU A 30 0.39 11.95 -0.18
CA GLU A 30 0.26 12.67 -1.44
C GLU A 30 1.59 12.62 -2.19
N LYS A 31 2.69 12.74 -1.47
CA LYS A 31 4.01 12.68 -2.08
C LYS A 31 4.26 11.29 -2.62
N GLU A 32 3.88 10.28 -1.86
CA GLU A 32 4.04 8.89 -2.27
C GLU A 32 3.46 8.68 -3.65
N ALA A 33 2.15 8.87 -3.77
CA ALA A 33 1.45 8.71 -5.06
C ALA A 33 2.24 9.36 -6.20
N GLN A 34 2.65 10.62 -5.98
CA GLN A 34 3.41 11.34 -7.00
C GLN A 34 4.74 10.65 -7.26
N HIS A 35 5.46 10.33 -6.19
CA HIS A 35 6.75 9.66 -6.32
C HIS A 35 6.62 8.39 -7.14
N ILE A 36 5.42 7.81 -7.18
CA ILE A 36 5.17 6.60 -7.93
C ILE A 36 4.93 6.90 -9.40
N ALA A 37 4.02 7.84 -9.67
CA ALA A 37 3.70 8.23 -11.05
C ALA A 37 4.97 8.46 -11.86
N GLU A 38 5.94 9.13 -11.26
CA GLU A 38 7.22 9.43 -11.91
C GLU A 38 7.95 8.14 -12.28
N ALA A 39 7.95 7.18 -11.38
CA ALA A 39 8.62 5.90 -11.61
C ALA A 39 8.03 5.19 -12.82
N PHE A 40 6.75 5.42 -13.07
CA PHE A 40 6.06 4.79 -14.19
C PHE A 40 6.12 5.67 -15.44
N GLY A 41 6.84 6.78 -15.37
CA GLY A 41 6.94 7.67 -16.52
C GLY A 41 5.63 8.40 -16.77
N LYS A 42 4.78 8.45 -15.75
CA LYS A 42 3.49 9.12 -15.86
C LYS A 42 3.59 10.59 -15.52
N ASP A 43 2.45 11.28 -15.58
CA ASP A 43 2.38 12.70 -15.29
C ASP A 43 2.61 12.98 -13.81
N ALA A 44 2.08 14.10 -13.32
CA ALA A 44 2.19 14.47 -11.92
C ALA A 44 0.85 15.05 -11.48
N GLY A 45 0.47 16.15 -12.12
CA GLY A 45 -0.78 16.81 -11.82
C GLY A 45 -1.89 16.41 -12.79
N ALA A 46 -1.75 15.24 -13.42
CA ALA A 46 -2.75 14.75 -14.35
C ALA A 46 -4.00 14.28 -13.61
N ALA A 47 -4.86 13.55 -14.32
CA ALA A 47 -6.08 13.01 -13.72
C ALA A 47 -5.77 11.70 -13.00
N GLU A 48 -5.18 10.75 -13.72
CA GLU A 48 -4.84 9.45 -13.16
C GLU A 48 -4.06 9.57 -11.86
N VAL A 49 -3.11 10.50 -11.83
CA VAL A 49 -2.30 10.71 -10.63
C VAL A 49 -3.09 11.48 -9.59
N GLN A 50 -3.88 12.46 -10.03
CA GLN A 50 -4.70 13.23 -9.13
C GLN A 50 -5.69 12.31 -8.43
N THR A 51 -6.25 11.37 -9.20
CA THR A 51 -7.20 10.40 -8.66
C THR A 51 -6.57 9.61 -7.53
N LEU A 52 -5.46 8.95 -7.81
CA LEU A 52 -4.77 8.15 -6.80
C LEU A 52 -4.54 8.98 -5.54
N LYS A 53 -3.83 10.09 -5.68
CA LYS A 53 -3.56 10.97 -4.55
C LYS A 53 -4.83 11.30 -3.80
N ASN A 54 -5.92 11.55 -4.52
CA ASN A 54 -7.20 11.86 -3.89
C ASN A 54 -7.61 10.74 -2.95
N ALA A 55 -7.38 9.50 -3.38
CA ALA A 55 -7.71 8.34 -2.56
C ALA A 55 -6.79 8.25 -1.36
N PHE A 56 -5.50 8.43 -1.60
CA PHE A 56 -4.50 8.37 -0.53
C PHE A 56 -4.86 9.35 0.57
N GLY A 57 -5.48 10.46 0.21
CA GLY A 57 -5.86 11.46 1.20
C GLY A 57 -6.86 10.93 2.21
N GLY A 58 -7.94 10.33 1.72
CA GLY A 58 -8.95 9.79 2.61
C GLY A 58 -8.41 8.67 3.47
N LEU A 59 -7.39 7.98 2.99
CA LEU A 59 -6.80 6.88 3.74
C LEU A 59 -6.28 7.37 5.08
N PHE A 60 -5.65 8.53 5.09
CA PHE A 60 -5.13 9.12 6.32
C PHE A 60 -6.27 9.37 7.30
N ASP A 61 -7.40 9.85 6.78
CA ASP A 61 -8.56 10.13 7.61
C ASP A 61 -8.79 9.03 8.65
N TYR A 62 -8.80 7.78 8.19
CA TYR A 62 -9.00 6.65 9.08
C TYR A 62 -7.92 6.62 10.16
N LEU A 63 -6.70 6.98 9.78
CA LEU A 63 -5.59 6.99 10.73
C LEU A 63 -5.82 8.03 11.82
N ALA A 64 -6.06 9.27 11.40
CA ALA A 64 -6.32 10.36 12.34
C ALA A 64 -7.50 10.07 13.27
N LYS A 65 -8.61 9.64 12.69
CA LYS A 65 -9.81 9.34 13.46
C LYS A 65 -9.56 8.21 14.45
N GLU A 66 -9.02 7.11 13.95
CA GLU A 66 -8.72 5.96 14.79
C GLU A 66 -7.68 6.31 15.87
N ALA A 67 -6.68 7.08 15.49
CA ALA A 67 -5.61 7.48 16.42
C ALA A 67 -6.06 8.61 17.34
N GLY A 68 -6.99 9.42 16.87
CA GLY A 68 -7.49 10.52 17.68
C GLY A 68 -6.94 11.88 17.26
N VAL A 69 -6.17 11.90 16.17
CA VAL A 69 -5.60 13.15 15.67
C VAL A 69 -6.36 13.62 14.44
N GLY A 70 -6.09 14.84 13.99
CA GLY A 70 -6.79 15.38 12.83
C GLY A 70 -6.12 15.05 11.52
N SER A 71 -6.70 15.56 10.44
CA SER A 71 -6.16 15.36 9.10
C SER A 71 -4.79 16.03 8.96
N ASP A 72 -4.43 16.88 9.92
CA ASP A 72 -3.14 17.56 9.89
C ASP A 72 -2.24 17.13 11.03
N GLY A 73 -2.59 16.02 11.68
CA GLY A 73 -1.79 15.53 12.79
C GLY A 73 -0.77 14.49 12.36
N SER A 74 -0.18 13.81 13.34
CA SER A 74 0.82 12.80 13.06
C SER A 74 0.70 11.60 14.01
N LEU A 75 1.19 10.46 13.55
CA LEU A 75 1.17 9.23 14.35
C LEU A 75 2.60 8.75 14.60
N THR A 76 2.86 8.28 15.81
CA THR A 76 4.19 7.80 16.17
C THR A 76 4.38 6.34 15.74
N GLU A 77 5.52 5.77 16.11
CA GLU A 77 5.83 4.38 15.78
C GLU A 77 5.03 3.42 16.64
N GLU A 78 5.09 3.62 17.95
CA GLU A 78 4.38 2.77 18.90
C GLU A 78 2.89 2.76 18.58
N GLN A 79 2.40 3.87 18.06
CA GLN A 79 1.00 4.00 17.68
C GLN A 79 0.70 3.21 16.42
N PHE A 80 1.60 3.32 15.43
CA PHE A 80 1.44 2.60 14.18
C PHE A 80 1.24 1.10 14.41
N ILE A 81 2.17 0.51 15.14
CA ILE A 81 2.12 -0.91 15.45
C ILE A 81 0.76 -1.31 16.05
N ARG A 82 0.36 -0.59 17.09
CA ARG A 82 -0.90 -0.89 17.76
C ARG A 82 -2.09 -0.81 16.80
N VAL A 83 -2.22 0.32 16.12
CA VAL A 83 -3.34 0.52 15.18
C VAL A 83 -3.20 -0.35 13.95
N THR A 84 -1.98 -0.48 13.43
CA THR A 84 -1.74 -1.30 12.25
C THR A 84 -2.08 -2.76 12.54
N GLU A 85 -1.66 -3.24 13.70
CA GLU A 85 -1.91 -4.61 14.10
C GLU A 85 -3.38 -4.96 13.97
N ASN A 86 -4.23 -4.09 14.52
CA ASN A 86 -5.67 -4.29 14.47
C ASN A 86 -6.16 -4.36 13.03
N LEU A 87 -5.54 -3.54 12.17
CA LEU A 87 -5.90 -3.52 10.76
C LEU A 87 -5.67 -4.88 10.12
N ILE A 88 -4.49 -5.44 10.37
CA ILE A 88 -4.13 -6.75 9.83
C ILE A 88 -4.85 -7.87 10.58
N PHE A 89 -4.98 -7.71 11.89
CA PHE A 89 -5.64 -8.71 12.73
C PHE A 89 -7.14 -8.44 12.79
N GLU A 90 -7.54 -7.52 13.67
CA GLU A 90 -8.94 -7.18 13.82
C GLU A 90 -9.48 -6.47 12.59
N GLN A 91 -10.58 -5.74 12.75
CA GLN A 91 -11.19 -5.02 11.64
C GLN A 91 -11.91 -5.98 10.70
N GLY A 92 -13.11 -5.58 10.27
CA GLY A 92 -13.89 -6.41 9.39
C GLY A 92 -13.36 -6.44 7.97
N GLU A 93 -13.78 -7.44 7.20
CA GLU A 93 -13.33 -7.59 5.82
C GLU A 93 -13.65 -6.33 5.00
N ALA A 94 -14.93 -5.96 4.97
CA ALA A 94 -15.38 -4.80 4.23
C ALA A 94 -14.75 -3.50 4.73
N SER A 95 -14.09 -3.54 5.88
CA SER A 95 -13.45 -2.35 6.44
C SER A 95 -12.17 -2.00 5.67
N PHE A 96 -11.36 -3.02 5.41
CA PHE A 96 -10.10 -2.82 4.69
C PHE A 96 -10.38 -2.47 3.22
N ASN A 97 -11.35 -3.15 2.64
CA ASN A 97 -11.73 -2.93 1.24
C ASN A 97 -12.40 -1.58 1.06
N ARG A 98 -13.17 -1.17 2.07
CA ARG A 98 -13.88 0.11 2.02
C ARG A 98 -12.90 1.28 1.94
N VAL A 99 -12.00 1.37 2.91
CA VAL A 99 -11.04 2.47 2.96
C VAL A 99 -9.85 2.25 2.05
N LEU A 100 -9.39 1.01 1.91
CA LEU A 100 -8.22 0.74 1.08
C LEU A 100 -8.60 0.49 -0.38
N GLY A 101 -9.81 0.01 -0.61
CA GLY A 101 -10.26 -0.25 -1.96
C GLY A 101 -10.00 0.90 -2.92
N PRO A 102 -10.42 2.13 -2.60
CA PRO A 102 -10.23 3.29 -3.47
C PRO A 102 -8.77 3.66 -3.71
N VAL A 103 -7.90 3.46 -2.72
CA VAL A 103 -6.50 3.83 -2.88
C VAL A 103 -5.79 2.87 -3.84
N VAL A 104 -6.08 1.58 -3.71
CA VAL A 104 -5.46 0.58 -4.59
C VAL A 104 -5.98 0.75 -6.01
N LYS A 105 -7.28 1.06 -6.11
CA LYS A 105 -7.90 1.28 -7.42
C LYS A 105 -7.17 2.39 -8.16
N GLY A 106 -6.91 3.49 -7.46
CA GLY A 106 -6.22 4.61 -8.05
C GLY A 106 -4.94 4.21 -8.75
N ILE A 107 -4.31 3.14 -8.26
CA ILE A 107 -3.07 2.65 -8.86
C ILE A 107 -3.36 1.96 -10.19
N VAL A 108 -4.45 1.19 -10.22
CA VAL A 108 -4.85 0.47 -11.43
C VAL A 108 -5.21 1.43 -12.56
N GLY A 109 -5.89 2.51 -12.22
CA GLY A 109 -6.27 3.49 -13.23
C GLY A 109 -5.08 4.09 -13.96
N MET A 110 -4.02 4.38 -13.21
CA MET A 110 -2.83 4.98 -13.79
C MET A 110 -2.00 3.96 -14.55
N CYS A 111 -2.10 2.69 -14.17
CA CYS A 111 -1.31 1.65 -14.80
C CYS A 111 -2.09 0.90 -15.88
N ASP A 112 -2.81 -0.16 -15.46
CA ASP A 112 -3.62 -1.02 -16.35
C ASP A 112 -3.25 -0.86 -17.83
N LYS A 113 -2.50 -1.82 -18.36
CA LYS A 113 -2.08 -1.76 -19.75
C LYS A 113 -3.17 -2.26 -20.71
N ASN A 114 -4.24 -2.83 -20.15
CA ASN A 114 -5.34 -3.33 -20.97
C ASN A 114 -6.69 -2.79 -20.51
N ALA A 115 -6.70 -1.98 -19.46
CA ALA A 115 -7.94 -1.41 -18.93
C ALA A 115 -8.97 -2.50 -18.68
N ASP A 116 -8.65 -3.42 -17.78
CA ASP A 116 -9.57 -4.51 -17.44
C ASP A 116 -9.90 -4.52 -15.95
N GLY A 117 -9.20 -3.69 -15.17
CA GLY A 117 -9.46 -3.62 -13.74
C GLY A 117 -8.79 -4.74 -12.96
N GLN A 118 -7.95 -5.53 -13.63
CA GLN A 118 -7.27 -6.64 -12.97
C GLN A 118 -5.75 -6.49 -13.08
N ILE A 119 -5.04 -7.28 -12.27
CA ILE A 119 -3.59 -7.23 -12.25
C ILE A 119 -2.99 -8.50 -12.86
N ASN A 120 -2.56 -8.40 -14.12
CA ASN A 120 -1.95 -9.53 -14.80
C ASN A 120 -0.45 -9.57 -14.50
N ALA A 121 0.15 -10.75 -14.61
CA ALA A 121 1.58 -10.90 -14.31
C ALA A 121 2.41 -9.81 -14.98
N ASP A 122 1.99 -9.41 -16.18
CA ASP A 122 2.70 -8.36 -16.91
C ASP A 122 2.48 -7.01 -16.24
N GLU A 123 1.30 -6.82 -15.64
CA GLU A 123 0.99 -5.57 -14.95
C GLU A 123 1.68 -5.56 -13.59
N PHE A 124 1.55 -6.65 -12.85
CA PHE A 124 2.16 -6.78 -11.53
C PHE A 124 3.67 -6.53 -11.57
N ALA A 125 4.34 -7.18 -12.50
CA ALA A 125 5.78 -7.05 -12.64
C ALA A 125 6.20 -5.59 -12.83
N ALA A 126 5.48 -4.89 -13.71
CA ALA A 126 5.80 -3.49 -14.00
C ALA A 126 5.85 -2.63 -12.74
N TRP A 127 5.03 -2.96 -11.75
CA TRP A 127 4.99 -2.18 -10.51
C TRP A 127 6.02 -2.68 -9.49
N LEU A 128 6.22 -3.99 -9.44
CA LEU A 128 7.18 -4.57 -8.51
C LEU A 128 8.58 -4.05 -8.80
N THR A 129 8.91 -4.00 -10.09
CA THR A 129 10.22 -3.52 -10.52
C THR A 129 10.30 -2.01 -10.37
N ALA A 130 9.15 -1.35 -10.49
CA ALA A 130 9.10 0.11 -10.36
C ALA A 130 9.51 0.53 -8.96
N LEU A 131 9.15 -0.27 -7.96
CA LEU A 131 9.46 0.05 -6.58
C LEU A 131 10.89 -0.37 -6.19
N GLY A 132 11.59 -1.04 -7.10
CA GLY A 132 12.95 -1.46 -6.81
C GLY A 132 13.11 -2.95 -6.66
N MET A 133 12.18 -3.72 -7.21
CA MET A 133 12.24 -5.18 -7.14
C MET A 133 12.82 -5.74 -8.43
N SER A 134 13.40 -6.94 -8.36
CA SER A 134 13.98 -7.57 -9.53
C SER A 134 12.90 -8.25 -10.37
N LYS A 135 13.24 -8.59 -11.61
CA LYS A 135 12.30 -9.24 -12.50
C LYS A 135 11.96 -10.64 -12.00
N ALA A 136 12.85 -11.22 -11.20
CA ALA A 136 12.65 -12.56 -10.64
C ALA A 136 11.72 -12.51 -9.44
N GLU A 137 11.68 -11.37 -8.77
CA GLU A 137 10.84 -11.20 -7.58
C GLU A 137 9.37 -11.08 -7.95
N ALA A 138 9.08 -10.38 -9.05
CA ALA A 138 7.70 -10.19 -9.49
C ALA A 138 7.04 -11.54 -9.77
N ALA A 139 7.63 -12.30 -10.68
CA ALA A 139 7.11 -13.62 -11.04
C ALA A 139 6.80 -14.45 -9.79
N GLU A 140 7.69 -14.39 -8.81
CA GLU A 140 7.51 -15.15 -7.57
C GLU A 140 6.36 -14.59 -6.73
N ALA A 141 6.37 -13.28 -6.51
CA ALA A 141 5.35 -12.64 -5.70
C ALA A 141 3.96 -12.78 -6.33
N PHE A 142 3.93 -12.70 -7.66
CA PHE A 142 2.67 -12.84 -8.39
C PHE A 142 1.95 -14.13 -8.00
N ASN A 143 2.63 -15.25 -8.24
CA ASN A 143 2.08 -16.57 -7.95
C ASN A 143 1.71 -16.75 -6.47
N GLN A 144 2.48 -16.12 -5.59
CA GLN A 144 2.24 -16.23 -4.14
C GLN A 144 0.92 -15.57 -3.75
N VAL A 145 0.58 -14.49 -4.44
CA VAL A 145 -0.65 -13.76 -4.12
C VAL A 145 -1.87 -14.35 -4.81
N ASP A 146 -1.69 -14.95 -5.98
CA ASP A 146 -2.80 -15.53 -6.72
C ASP A 146 -3.47 -16.65 -5.93
N THR A 147 -4.28 -16.26 -4.96
CA THR A 147 -5.01 -17.19 -4.08
C THR A 147 -5.88 -18.16 -4.87
N ASN A 148 -6.43 -17.71 -5.99
CA ASN A 148 -7.33 -18.55 -6.79
C ASN A 148 -6.61 -19.20 -7.97
N GLY A 149 -5.29 -19.03 -8.04
CA GLY A 149 -4.51 -19.62 -9.11
C GLY A 149 -5.19 -19.53 -10.47
N ASN A 150 -5.96 -18.47 -10.68
CA ASN A 150 -6.66 -18.28 -11.94
C ASN A 150 -5.79 -17.52 -12.94
N GLY A 151 -4.61 -17.08 -12.49
CA GLY A 151 -3.71 -16.36 -13.38
C GLY A 151 -3.96 -14.87 -13.40
N GLU A 152 -4.89 -14.39 -12.58
CA GLU A 152 -5.20 -12.96 -12.53
C GLU A 152 -5.29 -12.47 -11.09
N LEU A 153 -4.68 -11.33 -10.82
CA LEU A 153 -4.72 -10.74 -9.49
C LEU A 153 -5.71 -9.57 -9.44
N SER A 154 -6.89 -9.83 -8.92
CA SER A 154 -7.92 -8.80 -8.83
C SER A 154 -7.84 -8.00 -7.53
N LEU A 155 -8.62 -6.93 -7.46
CA LEU A 155 -8.65 -6.07 -6.28
C LEU A 155 -8.82 -6.88 -5.00
N ASP A 156 -9.73 -7.83 -5.02
CA ASP A 156 -9.99 -8.68 -3.87
C ASP A 156 -8.73 -9.43 -3.45
N GLU A 157 -8.10 -10.09 -4.41
CA GLU A 157 -6.89 -10.88 -4.16
C GLU A 157 -5.73 -10.02 -3.68
N LEU A 158 -5.81 -8.72 -3.95
CA LEU A 158 -4.76 -7.78 -3.56
C LEU A 158 -4.77 -7.57 -2.05
N LEU A 159 -5.95 -7.68 -1.44
CA LEU A 159 -6.10 -7.49 -0.01
C LEU A 159 -5.60 -8.71 0.75
N THR A 160 -5.88 -9.89 0.19
CA THR A 160 -5.45 -11.14 0.82
C THR A 160 -3.96 -11.10 1.12
N ALA A 161 -3.23 -10.29 0.36
CA ALA A 161 -1.80 -10.14 0.56
C ALA A 161 -1.50 -9.45 1.89
N VAL A 162 -1.95 -8.19 2.00
CA VAL A 162 -1.75 -7.40 3.20
C VAL A 162 -2.25 -8.13 4.46
N ARG A 163 -3.16 -9.08 4.26
CA ARG A 163 -3.74 -9.84 5.37
C ARG A 163 -2.71 -10.17 6.44
N ASP A 164 -1.45 -10.35 6.03
CA ASP A 164 -0.39 -10.67 6.98
C ASP A 164 0.99 -10.41 6.37
N PHE A 165 1.88 -9.85 7.17
CA PHE A 165 3.24 -9.55 6.74
C PHE A 165 4.05 -8.96 7.88
N HIS A 166 3.78 -9.43 9.10
CA HIS A 166 4.49 -8.93 10.28
C HIS A 166 5.59 -9.90 10.71
N PHE A 167 5.22 -11.14 10.95
CA PHE A 167 6.17 -12.16 11.37
C PHE A 167 6.81 -12.86 10.18
N GLY A 168 7.56 -12.10 9.38
CA GLY A 168 8.21 -12.67 8.21
C GLY A 168 7.24 -13.43 7.33
N ARG A 169 6.65 -12.73 6.36
CA ARG A 169 5.69 -13.36 5.45
C ARG A 169 6.41 -14.17 4.38
N LEU A 170 6.96 -13.50 3.38
CA LEU A 170 7.67 -14.18 2.30
C LEU A 170 8.49 -13.17 1.48
N ASP A 171 7.87 -12.60 0.46
CA ASP A 171 8.56 -11.64 -0.41
C ASP A 171 7.84 -10.29 -0.41
N VAL A 172 7.28 -9.93 0.75
CA VAL A 172 6.57 -8.66 0.87
C VAL A 172 5.31 -8.68 0.02
N GLU A 173 4.17 -8.90 0.68
CA GLU A 173 2.90 -8.95 0.00
C GLU A 173 2.58 -7.61 -0.68
N LEU A 174 2.05 -6.68 0.08
CA LEU A 174 1.70 -5.37 -0.45
C LEU A 174 2.96 -4.66 -0.99
N LEU A 175 2.80 -3.40 -1.38
CA LEU A 175 3.91 -2.62 -1.90
C LEU A 175 5.10 -2.66 -0.93
N GLY A 176 6.23 -2.13 -1.37
CA GLY A 176 7.41 -2.12 -0.53
C GLY A 176 8.63 -1.58 -1.24
N THR A 1 14.76 -10.08 20.87
CA THR A 1 14.44 -8.74 21.42
C THR A 1 12.96 -8.40 21.25
N THR A 2 12.19 -8.63 22.32
CA THR A 2 10.75 -8.36 22.29
C THR A 2 10.02 -9.34 21.37
N ALA A 3 10.30 -9.26 20.08
CA ALA A 3 9.67 -10.13 19.10
C ALA A 3 10.15 -9.80 17.68
N ILE A 4 9.74 -10.62 16.72
CA ILE A 4 10.12 -10.42 15.33
C ILE A 4 9.25 -9.35 14.67
N ALA A 5 8.02 -9.23 15.14
CA ALA A 5 7.08 -8.27 14.60
C ALA A 5 7.51 -6.83 14.83
N SER A 6 8.17 -6.56 15.95
CA SER A 6 8.62 -5.22 16.27
C SER A 6 9.59 -4.72 15.21
N ASP A 7 10.57 -5.54 14.88
CA ASP A 7 11.57 -5.20 13.88
C ASP A 7 10.93 -4.79 12.55
N ARG A 8 9.96 -5.60 12.11
CA ARG A 8 9.28 -5.34 10.86
C ARG A 8 8.52 -4.01 10.89
N LEU A 9 7.75 -3.78 11.95
CA LEU A 9 6.97 -2.54 12.06
C LEU A 9 7.86 -1.34 12.40
N LYS A 10 8.83 -1.57 13.28
CA LYS A 10 9.74 -0.51 13.69
C LYS A 10 10.45 0.08 12.47
N LYS A 11 10.84 -0.78 11.55
CA LYS A 11 11.54 -0.34 10.35
C LYS A 11 10.59 0.36 9.38
N ARG A 12 9.42 -0.23 9.15
CA ARG A 12 8.44 0.36 8.25
C ARG A 12 8.25 1.85 8.54
N PHE A 13 8.47 2.23 9.79
CA PHE A 13 8.33 3.63 10.20
C PHE A 13 9.52 4.45 9.70
N ASP A 14 10.72 4.06 10.11
CA ASP A 14 11.93 4.75 9.69
C ASP A 14 12.22 4.52 8.20
N ARG A 15 11.54 3.53 7.62
CA ARG A 15 11.71 3.21 6.21
C ARG A 15 11.05 4.26 5.33
N TRP A 16 10.08 4.98 5.88
CA TRP A 16 9.36 6.01 5.12
C TRP A 16 9.91 7.41 5.41
N ASP A 17 9.26 8.15 6.33
CA ASP A 17 9.68 9.51 6.68
C ASP A 17 10.11 10.30 5.42
N PHE A 18 9.11 10.68 4.63
CA PHE A 18 9.36 11.43 3.40
C PHE A 18 10.15 12.70 3.66
N ASP A 19 9.70 13.51 4.62
CA ASP A 19 10.37 14.77 4.94
C ASP A 19 11.30 14.61 6.15
N GLY A 20 11.14 13.53 6.91
CA GLY A 20 11.97 13.31 8.07
C GLY A 20 11.47 14.10 9.27
N ASN A 21 10.18 13.99 9.55
CA ASN A 21 9.57 14.71 10.68
C ASN A 21 9.48 13.81 11.92
N GLY A 22 9.71 12.52 11.75
CA GLY A 22 9.63 11.60 12.87
C GLY A 22 8.21 11.19 13.19
N ALA A 23 7.32 11.32 12.20
CA ALA A 23 5.92 10.95 12.36
C ALA A 23 5.27 10.70 11.00
N LEU A 24 4.00 10.35 11.01
CA LEU A 24 3.28 10.10 9.77
C LEU A 24 2.18 11.13 9.57
N GLU A 25 2.30 11.91 8.50
CA GLU A 25 1.33 12.95 8.20
C GLU A 25 0.63 12.65 6.87
N ARG A 26 -0.40 13.43 6.59
CA ARG A 26 -1.17 13.26 5.36
C ARG A 26 -0.34 13.69 4.15
N ALA A 27 0.40 14.78 4.33
CA ALA A 27 1.25 15.30 3.27
C ALA A 27 2.26 14.25 2.80
N ASP A 28 2.53 13.27 3.68
CA ASP A 28 3.47 12.21 3.36
C ASP A 28 2.87 11.27 2.31
N PHE A 29 1.54 11.20 2.30
CA PHE A 29 0.83 10.35 1.36
C PHE A 29 0.80 10.99 -0.03
N GLU A 30 0.67 12.31 -0.05
CA GLU A 30 0.63 13.06 -1.30
C GLU A 30 1.96 12.95 -2.03
N LYS A 31 3.06 13.03 -1.29
CA LYS A 31 4.38 12.93 -1.89
C LYS A 31 4.60 11.54 -2.46
N GLU A 32 4.20 10.52 -1.71
CA GLU A 32 4.35 9.13 -2.15
C GLU A 32 3.77 8.96 -3.55
N ALA A 33 2.45 9.09 -3.66
CA ALA A 33 1.77 8.97 -4.95
C ALA A 33 2.54 9.69 -6.05
N GLN A 34 2.95 10.92 -5.74
CA GLN A 34 3.72 11.72 -6.70
C GLN A 34 5.06 11.08 -6.99
N HIS A 35 5.82 10.81 -5.94
CA HIS A 35 7.12 10.17 -6.12
C HIS A 35 6.97 8.85 -6.87
N ILE A 36 5.91 8.12 -6.55
CA ILE A 36 5.64 6.85 -7.21
C ILE A 36 5.38 7.07 -8.70
N ALA A 37 4.43 7.93 -9.02
CA ALA A 37 4.08 8.22 -10.40
C ALA A 37 5.33 8.38 -11.27
N GLU A 38 6.31 9.13 -10.80
CA GLU A 38 7.54 9.34 -11.55
C GLU A 38 8.22 8.00 -11.80
N ALA A 39 8.12 7.10 -10.82
CA ALA A 39 8.70 5.78 -10.95
C ALA A 39 8.05 5.04 -12.11
N PHE A 40 6.78 5.31 -12.33
CA PHE A 40 6.03 4.70 -13.42
C PHE A 40 6.14 5.56 -14.68
N GLY A 41 6.88 6.67 -14.59
CA GLY A 41 7.05 7.54 -15.73
C GLY A 41 5.74 8.20 -16.13
N LYS A 42 5.68 8.64 -17.39
CA LYS A 42 4.47 9.29 -17.91
C LYS A 42 4.33 10.71 -17.36
N ASP A 43 3.10 11.21 -17.34
CA ASP A 43 2.83 12.56 -16.86
C ASP A 43 3.06 12.68 -15.36
N ALA A 44 2.51 13.74 -14.77
CA ALA A 44 2.60 14.01 -13.34
C ALA A 44 1.27 14.59 -12.87
N GLY A 45 0.87 15.66 -13.54
CA GLY A 45 -0.39 16.32 -13.22
C GLY A 45 -1.55 15.77 -14.02
N ALA A 46 -1.48 14.49 -14.38
CA ALA A 46 -2.54 13.85 -15.15
C ALA A 46 -3.81 13.71 -14.30
N ALA A 47 -4.78 12.95 -14.81
CA ALA A 47 -6.04 12.73 -14.10
C ALA A 47 -5.94 11.55 -13.14
N GLU A 48 -5.36 10.45 -13.63
CA GLU A 48 -5.22 9.24 -12.84
C GLU A 48 -4.42 9.47 -11.56
N VAL A 49 -3.53 10.46 -11.58
CA VAL A 49 -2.73 10.76 -10.41
C VAL A 49 -3.54 11.52 -9.37
N GLN A 50 -4.35 12.48 -9.82
CA GLN A 50 -5.19 13.24 -8.91
C GLN A 50 -6.16 12.29 -8.21
N THR A 51 -6.71 11.35 -8.96
CA THR A 51 -7.63 10.37 -8.41
C THR A 51 -6.93 9.57 -7.31
N LEU A 52 -5.81 8.97 -7.68
CA LEU A 52 -5.04 8.16 -6.73
C LEU A 52 -4.79 8.94 -5.44
N LYS A 53 -4.12 10.08 -5.55
CA LYS A 53 -3.83 10.91 -4.38
C LYS A 53 -5.11 11.19 -3.60
N ASN A 54 -6.22 11.35 -4.29
CA ASN A 54 -7.50 11.60 -3.64
C ASN A 54 -7.84 10.46 -2.69
N ALA A 55 -7.59 9.24 -3.13
CA ALA A 55 -7.85 8.05 -2.33
C ALA A 55 -6.88 8.00 -1.15
N PHE A 56 -5.59 8.21 -1.45
CA PHE A 56 -4.56 8.19 -0.43
C PHE A 56 -4.89 9.18 0.68
N GLY A 57 -5.52 10.29 0.31
CA GLY A 57 -5.88 11.29 1.29
C GLY A 57 -6.86 10.77 2.31
N GLY A 58 -7.95 10.17 1.85
CA GLY A 58 -8.95 9.64 2.74
C GLY A 58 -8.40 8.57 3.66
N LEU A 59 -7.37 7.86 3.21
CA LEU A 59 -6.76 6.81 4.02
C LEU A 59 -6.28 7.38 5.34
N PHE A 60 -5.71 8.58 5.29
CA PHE A 60 -5.23 9.24 6.50
C PHE A 60 -6.36 9.50 7.47
N ASP A 61 -7.49 9.97 6.94
CA ASP A 61 -8.67 10.27 7.76
C ASP A 61 -8.90 9.18 8.82
N TYR A 62 -8.90 7.93 8.40
CA TYR A 62 -9.11 6.82 9.31
C TYR A 62 -8.05 6.82 10.41
N LEU A 63 -6.86 7.26 10.06
CA LEU A 63 -5.75 7.30 11.02
C LEU A 63 -6.02 8.34 12.11
N ALA A 64 -6.24 9.59 11.70
CA ALA A 64 -6.51 10.67 12.64
C ALA A 64 -7.70 10.35 13.53
N LYS A 65 -8.79 9.90 12.92
CA LYS A 65 -10.00 9.57 13.67
C LYS A 65 -9.73 8.42 14.63
N GLU A 66 -9.19 7.33 14.10
CA GLU A 66 -8.89 6.15 14.91
C GLU A 66 -7.85 6.50 15.99
N ALA A 67 -6.85 7.31 15.62
CA ALA A 67 -5.80 7.71 16.55
C ALA A 67 -6.30 8.78 17.53
N GLY A 68 -7.29 9.55 17.09
CA GLY A 68 -7.85 10.59 17.95
C GLY A 68 -7.40 12.00 17.60
N VAL A 69 -6.63 12.14 16.53
CA VAL A 69 -6.14 13.46 16.11
C VAL A 69 -6.89 13.94 14.87
N GLY A 70 -6.60 15.17 14.44
CA GLY A 70 -7.27 15.72 13.28
C GLY A 70 -6.63 15.35 11.96
N SER A 71 -7.25 15.81 10.88
CA SER A 71 -6.75 15.57 9.53
C SER A 71 -5.39 16.24 9.31
N ASP A 72 -5.02 17.15 10.23
CA ASP A 72 -3.76 17.87 10.13
C ASP A 72 -2.79 17.45 11.24
N GLY A 73 -3.09 16.33 11.90
CA GLY A 73 -2.23 15.85 12.96
C GLY A 73 -1.20 14.84 12.48
N SER A 74 -0.57 14.14 13.42
CA SER A 74 0.44 13.16 13.08
C SER A 74 0.36 11.94 14.00
N LEU A 75 0.84 10.80 13.50
CA LEU A 75 0.83 9.56 14.27
C LEU A 75 2.26 9.07 14.50
N THR A 76 2.54 8.61 15.70
CA THR A 76 3.87 8.11 16.04
C THR A 76 4.01 6.63 15.70
N GLU A 77 5.19 6.08 15.94
CA GLU A 77 5.45 4.67 15.65
C GLU A 77 4.68 3.76 16.60
N GLU A 78 4.77 4.04 17.89
CA GLU A 78 4.06 3.25 18.90
C GLU A 78 2.57 3.23 18.62
N GLN A 79 2.05 4.35 18.13
CA GLN A 79 0.64 4.45 17.79
C GLN A 79 0.33 3.68 16.51
N PHE A 80 1.23 3.81 15.55
CA PHE A 80 1.09 3.12 14.27
C PHE A 80 0.87 1.64 14.50
N ILE A 81 1.78 1.02 15.24
CA ILE A 81 1.70 -0.40 15.54
C ILE A 81 0.35 -0.77 16.16
N ARG A 82 -0.02 -0.03 17.21
CA ARG A 82 -1.27 -0.28 17.92
C ARG A 82 -2.47 -0.25 16.96
N VAL A 83 -2.62 0.85 16.24
CA VAL A 83 -3.74 0.99 15.30
C VAL A 83 -3.59 0.07 14.11
N THR A 84 -2.36 -0.15 13.65
CA THR A 84 -2.14 -1.01 12.51
C THR A 84 -2.57 -2.43 12.83
N GLU A 85 -2.23 -2.89 14.03
CA GLU A 85 -2.58 -4.22 14.47
C GLU A 85 -4.07 -4.53 14.26
N ASN A 86 -4.93 -3.63 14.74
CA ASN A 86 -6.37 -3.80 14.61
C ASN A 86 -6.82 -3.86 13.15
N LEU A 87 -6.17 -3.07 12.29
CA LEU A 87 -6.51 -3.05 10.88
C LEU A 87 -6.40 -4.44 10.27
N ILE A 88 -5.25 -5.07 10.46
CA ILE A 88 -5.01 -6.41 9.93
C ILE A 88 -5.80 -7.46 10.69
N PHE A 89 -5.90 -7.30 12.00
CA PHE A 89 -6.63 -8.24 12.85
C PHE A 89 -8.08 -7.82 13.04
N GLU A 90 -8.31 -6.87 13.93
CA GLU A 90 -9.66 -6.38 14.20
C GLU A 90 -10.30 -5.79 12.96
N GLN A 91 -11.36 -5.02 13.15
CA GLN A 91 -12.08 -4.39 12.05
C GLN A 91 -12.81 -5.43 11.20
N GLY A 92 -12.09 -6.08 10.30
CA GLY A 92 -12.70 -7.09 9.45
C GLY A 92 -12.29 -6.96 8.00
N GLU A 93 -12.72 -7.92 7.18
CA GLU A 93 -12.39 -7.92 5.76
C GLU A 93 -12.87 -6.64 5.07
N ALA A 94 -14.17 -6.39 5.17
CA ALA A 94 -14.79 -5.22 4.56
C ALA A 94 -14.19 -3.91 5.05
N SER A 95 -13.44 -3.97 6.14
CA SER A 95 -12.83 -2.76 6.69
C SER A 95 -11.60 -2.34 5.89
N PHE A 96 -10.78 -3.31 5.53
CA PHE A 96 -9.56 -3.04 4.76
C PHE A 96 -9.88 -2.67 3.31
N ASN A 97 -10.87 -3.34 2.73
CA ASN A 97 -11.27 -3.09 1.35
C ASN A 97 -11.95 -1.73 1.21
N ARG A 98 -12.69 -1.31 2.23
CA ARG A 98 -13.40 -0.03 2.20
C ARG A 98 -12.44 1.14 2.04
N VAL A 99 -11.62 1.37 3.05
CA VAL A 99 -10.67 2.49 3.05
C VAL A 99 -9.50 2.29 2.08
N LEU A 100 -9.05 1.05 1.93
CA LEU A 100 -7.90 0.82 1.05
C LEU A 100 -8.32 0.55 -0.39
N GLY A 101 -9.54 0.05 -0.60
CA GLY A 101 -10.01 -0.24 -1.94
C GLY A 101 -9.68 0.88 -2.92
N PRO A 102 -10.19 2.11 -2.68
CA PRO A 102 -9.92 3.26 -3.54
C PRO A 102 -8.44 3.61 -3.63
N VAL A 103 -7.66 3.09 -2.68
CA VAL A 103 -6.22 3.37 -2.65
C VAL A 103 -5.47 2.49 -3.64
N VAL A 104 -5.70 1.19 -3.57
CA VAL A 104 -5.04 0.25 -4.49
C VAL A 104 -5.56 0.43 -5.91
N LYS A 105 -6.82 0.80 -6.03
CA LYS A 105 -7.45 1.01 -7.34
C LYS A 105 -6.64 2.02 -8.15
N GLY A 106 -6.46 3.21 -7.59
CA GLY A 106 -5.70 4.25 -8.28
C GLY A 106 -4.42 3.71 -8.89
N ILE A 107 -3.76 2.81 -8.16
CA ILE A 107 -2.52 2.23 -8.63
C ILE A 107 -2.77 1.19 -9.72
N VAL A 108 -3.84 0.43 -9.56
CA VAL A 108 -4.21 -0.60 -10.54
C VAL A 108 -4.53 0.03 -11.89
N GLY A 109 -5.09 1.23 -11.87
CA GLY A 109 -5.44 1.91 -13.10
C GLY A 109 -4.21 2.40 -13.85
N MET A 110 -3.14 2.69 -13.11
CA MET A 110 -1.91 3.17 -13.71
C MET A 110 -1.12 2.00 -14.31
N CYS A 111 -1.31 0.81 -13.75
CA CYS A 111 -0.57 -0.38 -14.19
C CYS A 111 -1.25 -1.09 -15.36
N ASP A 112 -2.57 -1.22 -15.33
CA ASP A 112 -3.27 -1.90 -16.40
C ASP A 112 -3.10 -1.16 -17.72
N LYS A 113 -3.76 -0.02 -17.84
CA LYS A 113 -3.72 0.78 -19.05
C LYS A 113 -4.70 0.25 -20.10
N ASN A 114 -5.38 -0.86 -19.78
CA ASN A 114 -6.35 -1.47 -20.70
C ASN A 114 -7.77 -1.20 -20.22
N ALA A 115 -7.91 -0.83 -18.94
CA ALA A 115 -9.22 -0.52 -18.37
C ALA A 115 -10.03 -1.78 -18.02
N ASP A 116 -9.37 -2.77 -17.43
CA ASP A 116 -10.04 -4.01 -17.05
C ASP A 116 -10.25 -4.09 -15.54
N GLY A 117 -9.50 -3.29 -14.80
CA GLY A 117 -9.63 -3.27 -13.35
C GLY A 117 -8.92 -4.42 -12.67
N GLN A 118 -8.08 -5.15 -13.40
CA GLN A 118 -7.35 -6.28 -12.83
C GLN A 118 -5.84 -6.15 -13.01
N ILE A 119 -5.09 -6.94 -12.26
CA ILE A 119 -3.63 -6.92 -12.31
C ILE A 119 -3.08 -8.20 -12.93
N ASN A 120 -2.69 -8.14 -14.20
CA ASN A 120 -2.13 -9.31 -14.87
C ASN A 120 -0.64 -9.41 -14.60
N ALA A 121 -0.06 -10.60 -14.77
CA ALA A 121 1.35 -10.80 -14.50
C ALA A 121 2.20 -9.74 -15.19
N ASP A 122 1.81 -9.35 -16.40
CA ASP A 122 2.52 -8.32 -17.14
C ASP A 122 2.34 -6.97 -16.45
N GLU A 123 1.22 -6.82 -15.75
CA GLU A 123 0.93 -5.58 -15.03
C GLU A 123 1.56 -5.63 -13.64
N PHE A 124 1.38 -6.74 -12.94
CA PHE A 124 1.95 -6.90 -11.61
C PHE A 124 3.45 -6.66 -11.63
N ALA A 125 4.14 -7.32 -12.55
CA ALA A 125 5.57 -7.18 -12.68
C ALA A 125 5.94 -5.71 -12.90
N ALA A 126 5.15 -5.03 -13.74
CA ALA A 126 5.39 -3.63 -14.04
C ALA A 126 5.44 -2.79 -12.77
N TRP A 127 4.62 -3.14 -11.77
CA TRP A 127 4.57 -2.39 -10.52
C TRP A 127 5.68 -2.80 -9.56
N LEU A 128 5.90 -4.11 -9.43
CA LEU A 128 6.93 -4.61 -8.51
C LEU A 128 8.30 -4.09 -8.89
N THR A 129 8.59 -4.10 -10.19
CA THR A 129 9.87 -3.61 -10.68
C THR A 129 9.93 -2.08 -10.54
N ALA A 130 8.77 -1.46 -10.58
CA ALA A 130 8.68 0.00 -10.44
C ALA A 130 9.16 0.42 -9.05
N LEU A 131 8.85 -0.39 -8.04
CA LEU A 131 9.22 -0.07 -6.66
C LEU A 131 10.64 -0.53 -6.34
N GLY A 132 11.34 -1.12 -7.30
CA GLY A 132 12.71 -1.55 -7.06
C GLY A 132 12.87 -3.06 -6.97
N MET A 133 11.96 -3.81 -7.59
CA MET A 133 12.04 -5.27 -7.56
C MET A 133 12.60 -5.80 -8.88
N SER A 134 13.19 -6.98 -8.84
CA SER A 134 13.77 -7.58 -10.04
C SER A 134 12.70 -8.28 -10.87
N LYS A 135 13.06 -8.68 -12.08
CA LYS A 135 12.12 -9.36 -12.97
C LYS A 135 11.84 -10.78 -12.51
N ALA A 136 12.76 -11.34 -11.73
CA ALA A 136 12.60 -12.69 -11.21
C ALA A 136 11.69 -12.71 -9.99
N GLU A 137 11.64 -11.58 -9.29
CA GLU A 137 10.80 -11.46 -8.09
C GLU A 137 9.32 -11.33 -8.44
N ALA A 138 9.01 -10.49 -9.41
CA ALA A 138 7.62 -10.29 -9.81
C ALA A 138 6.98 -11.61 -10.22
N ALA A 139 7.63 -12.32 -11.11
CA ALA A 139 7.14 -13.62 -11.59
C ALA A 139 6.79 -14.52 -10.41
N GLU A 140 7.67 -14.55 -9.41
CA GLU A 140 7.47 -15.37 -8.22
C GLU A 140 6.33 -14.85 -7.36
N ALA A 141 6.32 -13.54 -7.12
CA ALA A 141 5.29 -12.91 -6.30
C ALA A 141 3.91 -13.06 -6.92
N PHE A 142 3.86 -12.97 -8.24
CA PHE A 142 2.60 -13.10 -8.97
C PHE A 142 1.89 -14.39 -8.58
N ASN A 143 2.55 -15.52 -8.83
CA ASN A 143 2.00 -16.82 -8.52
C ASN A 143 1.60 -16.95 -7.05
N GLN A 144 2.36 -16.30 -6.18
CA GLN A 144 2.09 -16.36 -4.74
C GLN A 144 0.79 -15.63 -4.39
N VAL A 145 0.46 -14.60 -5.17
CA VAL A 145 -0.75 -13.81 -4.91
C VAL A 145 -1.98 -14.44 -5.55
N ASP A 146 -1.82 -15.04 -6.72
CA ASP A 146 -2.94 -15.66 -7.42
C ASP A 146 -3.56 -16.79 -6.59
N THR A 147 -4.35 -16.40 -5.60
CA THR A 147 -5.03 -17.35 -4.72
C THR A 147 -5.92 -18.33 -5.49
N ASN A 148 -6.49 -17.86 -6.59
CA ASN A 148 -7.38 -18.69 -7.40
C ASN A 148 -6.66 -19.31 -8.60
N GLY A 149 -5.35 -19.11 -8.69
CA GLY A 149 -4.58 -19.67 -9.79
C GLY A 149 -5.30 -19.58 -11.13
N ASN A 150 -6.01 -18.48 -11.33
CA ASN A 150 -6.75 -18.26 -12.58
C ASN A 150 -5.93 -17.46 -13.59
N GLY A 151 -4.77 -16.97 -13.16
CA GLY A 151 -3.93 -16.21 -14.05
C GLY A 151 -4.14 -14.71 -13.98
N GLU A 152 -5.06 -14.27 -13.12
CA GLU A 152 -5.34 -12.84 -12.98
C GLU A 152 -5.38 -12.45 -11.50
N LEU A 153 -4.72 -11.35 -11.18
CA LEU A 153 -4.70 -10.86 -9.80
C LEU A 153 -5.79 -9.81 -9.59
N SER A 154 -6.87 -10.20 -8.93
CA SER A 154 -7.98 -9.29 -8.68
C SER A 154 -7.79 -8.49 -7.39
N LEU A 155 -8.45 -7.34 -7.32
CA LEU A 155 -8.36 -6.46 -6.15
C LEU A 155 -8.46 -7.25 -4.84
N ASP A 156 -9.37 -8.22 -4.80
CA ASP A 156 -9.55 -9.02 -3.60
C ASP A 156 -8.23 -9.67 -3.16
N GLU A 157 -7.63 -10.43 -4.05
CA GLU A 157 -6.38 -11.12 -3.76
C GLU A 157 -5.20 -10.15 -3.58
N LEU A 158 -5.39 -8.90 -4.00
CA LEU A 158 -4.33 -7.89 -3.88
C LEU A 158 -4.12 -7.51 -2.41
N LEU A 159 -5.21 -7.29 -1.70
CA LEU A 159 -5.15 -6.90 -0.29
C LEU A 159 -4.70 -8.06 0.60
N THR A 160 -5.26 -9.24 0.36
CA THR A 160 -4.91 -10.42 1.14
C THR A 160 -3.41 -10.65 1.14
N ALA A 161 -2.79 -10.52 -0.03
CA ALA A 161 -1.35 -10.72 -0.15
C ALA A 161 -0.61 -9.81 0.81
N VAL A 162 -0.72 -8.50 0.60
CA VAL A 162 -0.08 -7.52 1.46
C VAL A 162 -0.41 -7.79 2.92
N ARG A 163 -1.63 -8.27 3.16
CA ARG A 163 -2.09 -8.57 4.51
C ARG A 163 -1.09 -9.49 5.21
N ASP A 164 -0.48 -10.38 4.45
CA ASP A 164 0.49 -11.32 4.99
C ASP A 164 1.89 -10.72 4.96
N PHE A 165 2.14 -9.75 5.84
CA PHE A 165 3.45 -9.11 5.92
C PHE A 165 3.89 -8.91 7.36
N HIS A 166 3.21 -9.55 8.30
CA HIS A 166 3.56 -9.44 9.71
C HIS A 166 4.55 -10.52 10.12
N PHE A 167 4.04 -11.71 10.42
CA PHE A 167 4.87 -12.82 10.81
C PHE A 167 5.24 -13.67 9.60
N GLY A 168 6.51 -13.61 9.20
CA GLY A 168 6.95 -14.37 8.04
C GLY A 168 6.89 -13.55 6.77
N ARG A 169 5.83 -12.77 6.62
CA ARG A 169 5.63 -11.94 5.44
C ARG A 169 5.95 -12.69 4.15
N LEU A 170 6.15 -11.93 3.07
CA LEU A 170 6.46 -12.51 1.76
C LEU A 170 7.08 -11.45 0.86
N ASP A 171 7.31 -11.80 -0.39
CA ASP A 171 7.89 -10.87 -1.35
C ASP A 171 6.84 -9.86 -1.85
N VAL A 172 5.60 -10.05 -1.43
CA VAL A 172 4.51 -9.15 -1.83
C VAL A 172 4.69 -7.77 -1.21
N GLU A 173 4.28 -7.63 0.05
CA GLU A 173 4.41 -6.35 0.76
C GLU A 173 3.97 -5.17 -0.12
N LEU A 174 2.69 -5.13 -0.46
CA LEU A 174 2.16 -4.06 -1.30
C LEU A 174 2.60 -2.70 -0.77
N LEU A 175 2.46 -2.51 0.53
CA LEU A 175 2.85 -1.26 1.17
C LEU A 175 4.35 -1.09 1.15
N GLY A 176 4.82 -0.06 0.45
CA GLY A 176 6.25 0.20 0.38
C GLY A 176 7.01 -0.97 -0.22
N THR A 1 11.56 -7.61 25.63
CA THR A 1 10.38 -7.74 24.73
C THR A 1 10.69 -7.15 23.34
N THR A 2 10.74 -8.02 22.34
CA THR A 2 11.04 -7.59 20.98
C THR A 2 10.17 -8.33 19.98
N ALA A 3 10.39 -9.63 19.84
CA ALA A 3 9.63 -10.45 18.91
C ALA A 3 9.91 -10.06 17.47
N ILE A 4 9.35 -10.83 16.54
CA ILE A 4 9.53 -10.56 15.12
C ILE A 4 8.63 -9.41 14.66
N ALA A 5 7.54 -9.20 15.39
CA ALA A 5 6.58 -8.15 15.06
C ALA A 5 7.18 -6.76 15.16
N SER A 6 7.92 -6.51 16.24
CA SER A 6 8.54 -5.20 16.46
C SER A 6 9.48 -4.85 15.31
N ASP A 7 10.46 -5.71 15.07
CA ASP A 7 11.43 -5.49 14.00
C ASP A 7 10.73 -5.10 12.69
N ARG A 8 9.77 -5.89 12.29
CA ARG A 8 9.03 -5.64 11.04
C ARG A 8 8.29 -4.32 11.08
N LEU A 9 7.60 -4.04 12.19
CA LEU A 9 6.83 -2.81 12.30
C LEU A 9 7.73 -1.59 12.52
N LYS A 10 8.80 -1.77 13.28
CA LYS A 10 9.73 -0.68 13.55
C LYS A 10 10.36 -0.17 12.25
N LYS A 11 11.09 -1.04 11.57
CA LYS A 11 11.74 -0.68 10.31
C LYS A 11 10.73 -0.04 9.36
N ARG A 12 9.54 -0.65 9.28
CA ARG A 12 8.49 -0.14 8.41
C ARG A 12 8.33 1.36 8.53
N PHE A 13 8.49 1.87 9.75
CA PHE A 13 8.35 3.29 10.02
C PHE A 13 9.54 4.08 9.48
N ASP A 14 10.74 3.68 9.88
CA ASP A 14 11.96 4.35 9.44
C ASP A 14 12.23 4.10 7.95
N ARG A 15 11.57 3.09 7.38
CA ARG A 15 11.77 2.76 5.97
C ARG A 15 11.08 3.77 5.06
N TRP A 16 10.12 4.52 5.61
CA TRP A 16 9.40 5.52 4.82
C TRP A 16 9.87 6.93 5.17
N ASP A 17 9.18 7.58 6.12
CA ASP A 17 9.53 8.94 6.54
C ASP A 17 9.94 9.81 5.36
N PHE A 18 8.94 10.32 4.64
CA PHE A 18 9.18 11.15 3.47
C PHE A 18 10.03 12.37 3.81
N ASP A 19 9.63 13.13 4.82
CA ASP A 19 10.38 14.33 5.22
C ASP A 19 11.30 14.06 6.40
N GLY A 20 11.10 12.92 7.07
CA GLY A 20 11.94 12.60 8.23
C GLY A 20 11.54 13.39 9.46
N ASN A 21 10.24 13.51 9.70
CA ASN A 21 9.74 14.26 10.84
C ASN A 21 9.54 13.36 12.06
N GLY A 22 9.65 12.05 11.87
CA GLY A 22 9.46 11.12 12.96
C GLY A 22 8.00 10.85 13.25
N ALA A 23 7.14 11.18 12.30
CA ALA A 23 5.70 10.97 12.45
C ALA A 23 5.05 10.81 11.08
N LEU A 24 3.73 10.62 11.07
CA LEU A 24 2.98 10.46 9.83
C LEU A 24 1.92 11.53 9.68
N GLU A 25 1.98 12.29 8.59
CA GLU A 25 1.02 13.36 8.34
C GLU A 25 0.24 13.07 7.05
N ARG A 26 -0.77 13.89 6.81
CA ARG A 26 -1.61 13.75 5.62
C ARG A 26 -0.81 13.99 4.35
N ALA A 27 0.21 14.85 4.46
CA ALA A 27 1.07 15.17 3.33
C ALA A 27 2.02 14.02 3.01
N ASP A 28 2.21 13.12 3.97
CA ASP A 28 3.07 11.96 3.77
C ASP A 28 2.40 10.95 2.84
N PHE A 29 1.07 10.90 2.89
CA PHE A 29 0.32 9.97 2.06
C PHE A 29 0.25 10.47 0.62
N GLU A 30 0.13 11.78 0.46
CA GLU A 30 0.05 12.38 -0.88
C GLU A 30 1.36 12.18 -1.63
N LYS A 31 2.47 12.23 -0.90
CA LYS A 31 3.78 12.03 -1.52
C LYS A 31 3.89 10.61 -2.07
N GLU A 32 3.36 9.66 -1.31
CA GLU A 32 3.39 8.25 -1.71
C GLU A 32 2.73 8.04 -3.07
N ALA A 33 1.92 9.02 -3.49
CA ALA A 33 1.24 8.94 -4.78
C ALA A 33 2.08 9.57 -5.89
N GLN A 34 2.53 10.78 -5.65
CA GLN A 34 3.34 11.51 -6.62
C GLN A 34 4.64 10.74 -6.92
N HIS A 35 5.35 10.39 -5.87
CA HIS A 35 6.62 9.67 -6.01
C HIS A 35 6.42 8.41 -6.84
N ILE A 36 5.20 7.88 -6.86
CA ILE A 36 4.89 6.68 -7.62
C ILE A 36 4.56 7.02 -9.07
N ALA A 37 3.65 7.97 -9.28
CA ALA A 37 3.24 8.36 -10.63
C ALA A 37 4.47 8.53 -11.53
N GLU A 38 5.47 9.28 -11.06
CA GLU A 38 6.69 9.47 -11.84
C GLU A 38 7.33 8.13 -12.14
N ALA A 39 7.21 7.20 -11.20
CA ALA A 39 7.75 5.86 -11.39
C ALA A 39 7.08 5.21 -12.59
N PHE A 40 5.82 5.57 -12.83
CA PHE A 40 5.07 5.06 -13.95
C PHE A 40 5.16 5.99 -15.16
N GLY A 41 5.92 7.09 -15.00
CA GLY A 41 6.08 8.03 -16.08
C GLY A 41 4.76 8.63 -16.54
N LYS A 42 4.73 9.07 -17.79
CA LYS A 42 3.53 9.66 -18.38
C LYS A 42 3.29 11.08 -17.87
N ASP A 43 3.20 11.24 -16.55
CA ASP A 43 2.96 12.56 -15.99
C ASP A 43 3.25 12.59 -14.49
N ALA A 44 2.75 13.64 -13.83
CA ALA A 44 2.90 13.81 -12.39
C ALA A 44 1.59 14.38 -11.86
N GLY A 45 1.21 15.53 -12.43
CA GLY A 45 -0.03 16.20 -12.04
C GLY A 45 -1.17 15.84 -12.97
N ALA A 46 -1.08 14.68 -13.61
CA ALA A 46 -2.13 14.24 -14.53
C ALA A 46 -3.43 13.97 -13.79
N ALA A 47 -4.41 13.41 -14.51
CA ALA A 47 -5.71 13.10 -13.93
C ALA A 47 -5.62 11.90 -12.99
N GLU A 48 -5.08 10.80 -13.50
CA GLU A 48 -4.95 9.57 -12.71
C GLU A 48 -4.12 9.78 -11.45
N VAL A 49 -3.21 10.75 -11.49
CA VAL A 49 -2.38 11.03 -10.33
C VAL A 49 -3.16 11.82 -9.29
N GLN A 50 -3.90 12.84 -9.75
CA GLN A 50 -4.72 13.64 -8.85
C GLN A 50 -5.73 12.73 -8.16
N THR A 51 -6.34 11.84 -8.94
CA THR A 51 -7.32 10.90 -8.41
C THR A 51 -6.68 10.07 -7.29
N LEU A 52 -5.59 9.40 -7.61
CA LEU A 52 -4.91 8.57 -6.62
C LEU A 52 -4.67 9.37 -5.34
N LYS A 53 -3.99 10.50 -5.47
CA LYS A 53 -3.72 11.37 -4.33
C LYS A 53 -5.02 11.64 -3.56
N ASN A 54 -6.10 11.90 -4.30
CA ASN A 54 -7.39 12.16 -3.68
C ASN A 54 -7.79 10.99 -2.79
N ALA A 55 -7.62 9.78 -3.31
CA ALA A 55 -7.96 8.58 -2.56
C ALA A 55 -7.01 8.41 -1.37
N PHE A 56 -5.72 8.62 -1.63
CA PHE A 56 -4.71 8.50 -0.59
C PHE A 56 -5.02 9.45 0.56
N GLY A 57 -5.63 10.59 0.24
CA GLY A 57 -5.98 11.57 1.26
C GLY A 57 -7.08 11.07 2.17
N GLY A 58 -8.15 10.55 1.57
CA GLY A 58 -9.27 10.03 2.34
C GLY A 58 -8.85 8.99 3.35
N LEU A 59 -7.88 8.16 2.97
CA LEU A 59 -7.40 7.11 3.88
C LEU A 59 -6.87 7.72 5.17
N PHE A 60 -6.26 8.90 5.05
CA PHE A 60 -5.74 9.58 6.23
C PHE A 60 -6.87 9.88 7.20
N ASP A 61 -7.97 10.43 6.68
CA ASP A 61 -9.14 10.75 7.50
C ASP A 61 -9.44 9.63 8.50
N TYR A 62 -9.52 8.40 8.01
CA TYR A 62 -9.78 7.26 8.88
C TYR A 62 -8.73 7.16 9.97
N LEU A 63 -7.49 7.51 9.63
CA LEU A 63 -6.39 7.48 10.58
C LEU A 63 -6.62 8.50 11.69
N ALA A 64 -6.80 9.76 11.31
CA ALA A 64 -7.04 10.82 12.27
C ALA A 64 -8.24 10.52 13.14
N LYS A 65 -9.32 10.06 12.51
CA LYS A 65 -10.54 9.73 13.25
C LYS A 65 -10.31 8.56 14.20
N GLU A 66 -9.81 7.46 13.66
CA GLU A 66 -9.53 6.28 14.45
C GLU A 66 -8.46 6.57 15.51
N ALA A 67 -7.45 7.35 15.13
CA ALA A 67 -6.38 7.70 16.04
C ALA A 67 -6.81 8.79 17.02
N GLY A 68 -7.76 9.61 16.59
CA GLY A 68 -8.28 10.66 17.45
C GLY A 68 -7.35 11.87 17.56
N VAL A 69 -7.22 12.61 16.46
CA VAL A 69 -6.36 13.80 16.44
C VAL A 69 -7.14 15.04 15.99
N GLY A 70 -7.21 15.26 14.67
CA GLY A 70 -7.92 16.43 14.19
C GLY A 70 -7.90 16.60 12.67
N SER A 71 -6.89 16.00 11.99
CA SER A 71 -6.71 16.09 10.52
C SER A 71 -5.42 16.85 10.22
N ASP A 72 -5.04 17.72 11.14
CA ASP A 72 -3.83 18.54 11.00
C ASP A 72 -2.77 18.10 12.01
N GLY A 73 -3.00 16.97 12.68
CA GLY A 73 -2.04 16.48 13.66
C GLY A 73 -1.06 15.48 13.06
N SER A 74 -0.39 14.73 13.93
CA SER A 74 0.59 13.75 13.48
C SER A 74 0.56 12.49 14.34
N LEU A 75 1.02 11.39 13.77
CA LEU A 75 1.05 10.11 14.47
C LEU A 75 2.49 9.60 14.59
N THR A 76 2.79 9.00 15.73
CA THR A 76 4.13 8.47 15.99
C THR A 76 4.29 7.05 15.45
N GLU A 77 5.40 6.42 15.80
CA GLU A 77 5.68 5.05 15.37
C GLU A 77 4.83 4.06 16.18
N GLU A 78 4.83 4.25 17.50
CA GLU A 78 4.08 3.39 18.39
C GLU A 78 2.58 3.44 18.08
N GLN A 79 2.11 4.59 17.61
CA GLN A 79 0.70 4.77 17.27
C GLN A 79 0.37 4.03 15.99
N PHE A 80 1.23 4.15 14.98
CA PHE A 80 1.02 3.50 13.70
C PHE A 80 0.79 2.00 13.89
N ILE A 81 1.70 1.36 14.61
CA ILE A 81 1.62 -0.08 14.87
C ILE A 81 0.28 -0.48 15.46
N ARG A 82 -0.11 0.18 16.56
CA ARG A 82 -1.37 -0.13 17.23
C ARG A 82 -2.57 0.01 16.28
N VAL A 83 -2.63 1.13 15.58
CA VAL A 83 -3.74 1.41 14.66
C VAL A 83 -3.68 0.56 13.40
N THR A 84 -2.53 0.50 12.75
CA THR A 84 -2.39 -0.26 11.52
C THR A 84 -2.73 -1.74 11.74
N GLU A 85 -2.28 -2.28 12.86
CA GLU A 85 -2.53 -3.68 13.18
C GLU A 85 -4.02 -4.00 13.33
N ASN A 86 -4.74 -3.10 14.01
CA ASN A 86 -6.17 -3.29 14.25
C ASN A 86 -6.95 -3.50 12.95
N LEU A 87 -6.61 -2.76 11.92
CA LEU A 87 -7.30 -2.88 10.63
C LEU A 87 -7.18 -4.28 10.06
N ILE A 88 -5.94 -4.75 9.88
CA ILE A 88 -5.68 -6.07 9.32
C ILE A 88 -6.00 -7.20 10.29
N PHE A 89 -5.73 -6.99 11.58
CA PHE A 89 -5.98 -8.02 12.58
C PHE A 89 -7.39 -7.93 13.17
N GLU A 90 -7.62 -6.89 13.96
CA GLU A 90 -8.92 -6.70 14.61
C GLU A 90 -10.09 -7.01 13.67
N GLN A 91 -10.44 -6.08 12.79
CA GLN A 91 -11.56 -6.29 11.87
C GLN A 91 -11.16 -7.13 10.66
N GLY A 92 -12.15 -7.46 9.83
CA GLY A 92 -11.89 -8.26 8.65
C GLY A 92 -11.53 -7.44 7.42
N GLU A 93 -11.74 -8.02 6.24
CA GLU A 93 -11.43 -7.37 4.98
C GLU A 93 -12.13 -6.02 4.84
N ALA A 94 -13.39 -5.97 5.28
CA ALA A 94 -14.19 -4.76 5.18
C ALA A 94 -13.47 -3.55 5.78
N SER A 95 -12.57 -3.81 6.72
CA SER A 95 -11.81 -2.74 7.37
C SER A 95 -10.62 -2.33 6.51
N PHE A 96 -9.81 -3.31 6.13
CA PHE A 96 -8.62 -3.06 5.33
C PHE A 96 -8.97 -2.70 3.89
N ASN A 97 -9.98 -3.36 3.34
CA ASN A 97 -10.42 -3.10 1.96
C ASN A 97 -11.07 -1.73 1.83
N ARG A 98 -11.80 -1.31 2.85
CA ARG A 98 -12.48 -0.03 2.83
C ARG A 98 -11.49 1.14 2.74
N VAL A 99 -10.71 1.30 3.79
CA VAL A 99 -9.74 2.40 3.86
C VAL A 99 -8.62 2.27 2.84
N LEU A 100 -8.16 1.04 2.63
CA LEU A 100 -7.06 0.81 1.71
C LEU A 100 -7.53 0.54 0.28
N GLY A 101 -8.76 0.07 0.12
CA GLY A 101 -9.28 -0.21 -1.22
C GLY A 101 -8.96 0.88 -2.23
N PRO A 102 -9.53 2.09 -2.05
CA PRO A 102 -9.31 3.22 -2.97
C PRO A 102 -7.82 3.53 -3.15
N VAL A 103 -6.99 3.06 -2.24
CA VAL A 103 -5.56 3.31 -2.32
C VAL A 103 -4.90 2.41 -3.36
N VAL A 104 -5.23 1.12 -3.34
CA VAL A 104 -4.66 0.18 -4.30
C VAL A 104 -5.22 0.43 -5.69
N LYS A 105 -6.51 0.79 -5.75
CA LYS A 105 -7.17 1.08 -7.01
C LYS A 105 -6.43 2.19 -7.77
N GLY A 106 -6.21 3.30 -7.09
CA GLY A 106 -5.52 4.43 -7.71
C GLY A 106 -4.26 4.03 -8.44
N ILE A 107 -3.60 2.98 -7.95
CA ILE A 107 -2.39 2.49 -8.58
C ILE A 107 -2.70 1.73 -9.87
N VAL A 108 -3.78 0.94 -9.83
CA VAL A 108 -4.20 0.17 -10.98
C VAL A 108 -4.57 1.07 -12.15
N GLY A 109 -5.18 2.20 -11.85
CA GLY A 109 -5.58 3.13 -12.90
C GLY A 109 -4.40 3.61 -13.73
N MET A 110 -3.29 3.91 -13.06
CA MET A 110 -2.10 4.39 -13.75
C MET A 110 -1.33 3.23 -14.41
N CYS A 111 -1.50 2.03 -13.88
CA CYS A 111 -0.78 0.87 -14.40
C CYS A 111 -1.59 0.04 -15.39
N ASP A 112 -2.91 0.09 -15.28
CA ASP A 112 -3.75 -0.71 -16.18
C ASP A 112 -3.56 -0.29 -17.63
N LYS A 113 -2.85 -1.12 -18.38
CA LYS A 113 -2.59 -0.85 -19.79
C LYS A 113 -3.71 -1.42 -20.65
N ASN A 114 -4.46 -2.39 -20.13
CA ASN A 114 -5.56 -2.99 -20.86
C ASN A 114 -6.91 -2.55 -20.30
N ALA A 115 -6.90 -1.59 -19.39
CA ALA A 115 -8.13 -1.07 -18.79
C ALA A 115 -9.14 -2.18 -18.48
N ASP A 116 -8.75 -3.11 -17.62
CA ASP A 116 -9.63 -4.20 -17.25
C ASP A 116 -9.93 -4.21 -15.74
N GLY A 117 -9.19 -3.39 -14.99
CA GLY A 117 -9.39 -3.31 -13.55
C GLY A 117 -8.74 -4.45 -12.80
N GLN A 118 -7.92 -5.24 -13.48
CA GLN A 118 -7.25 -6.37 -12.84
C GLN A 118 -5.73 -6.27 -13.01
N ILE A 119 -5.02 -7.10 -12.25
CA ILE A 119 -3.56 -7.11 -12.29
C ILE A 119 -3.03 -8.36 -12.98
N ASN A 120 -2.67 -8.24 -14.24
CA ASN A 120 -2.13 -9.37 -14.99
C ASN A 120 -0.63 -9.47 -14.75
N ALA A 121 -0.07 -10.66 -14.90
CA ALA A 121 1.36 -10.86 -14.67
C ALA A 121 2.20 -9.78 -15.36
N ASP A 122 1.77 -9.37 -16.54
CA ASP A 122 2.49 -8.33 -17.29
C ASP A 122 2.30 -6.97 -16.61
N GLU A 123 1.18 -6.82 -15.91
CA GLU A 123 0.89 -5.58 -15.20
C GLU A 123 1.57 -5.60 -13.84
N PHE A 124 1.42 -6.71 -13.11
CA PHE A 124 2.02 -6.85 -11.79
C PHE A 124 3.53 -6.68 -11.87
N ALA A 125 4.15 -7.42 -12.79
CA ALA A 125 5.60 -7.36 -12.97
C ALA A 125 6.06 -5.93 -13.23
N ALA A 126 5.34 -5.23 -14.10
CA ALA A 126 5.67 -3.85 -14.46
C ALA A 126 5.72 -2.95 -13.22
N TRP A 127 4.90 -3.25 -12.21
CA TRP A 127 4.85 -2.44 -11.00
C TRP A 127 5.89 -2.90 -9.99
N LEU A 128 6.11 -4.20 -9.90
CA LEU A 128 7.08 -4.76 -8.95
C LEU A 128 8.48 -4.25 -9.28
N THR A 129 8.79 -4.22 -10.57
CA THR A 129 10.09 -3.73 -11.02
C THR A 129 10.17 -2.21 -10.85
N ALA A 130 9.00 -1.58 -10.77
CA ALA A 130 8.93 -0.13 -10.60
C ALA A 130 9.50 0.30 -9.25
N LEU A 131 9.27 -0.49 -8.21
CA LEU A 131 9.76 -0.16 -6.88
C LEU A 131 11.17 -0.69 -6.62
N GLY A 132 11.65 -1.58 -7.48
CA GLY A 132 12.99 -2.11 -7.29
C GLY A 132 13.04 -3.62 -7.17
N MET A 133 12.09 -4.31 -7.81
CA MET A 133 12.05 -5.77 -7.76
C MET A 133 12.58 -6.33 -9.08
N SER A 134 13.15 -7.53 -9.02
CA SER A 134 13.69 -8.17 -10.22
C SER A 134 12.60 -8.86 -11.04
N LYS A 135 12.91 -9.17 -12.28
CA LYS A 135 11.96 -9.83 -13.17
C LYS A 135 11.63 -11.23 -12.67
N ALA A 136 12.56 -11.82 -11.94
CA ALA A 136 12.37 -13.16 -11.39
C ALA A 136 11.48 -13.11 -10.14
N GLU A 137 11.48 -11.96 -9.47
CA GLU A 137 10.69 -11.77 -8.26
C GLU A 137 9.20 -11.64 -8.58
N ALA A 138 8.88 -10.86 -9.60
CA ALA A 138 7.49 -10.65 -9.98
C ALA A 138 6.83 -11.98 -10.34
N ALA A 139 7.42 -12.69 -11.28
CA ALA A 139 6.89 -13.98 -11.71
C ALA A 139 6.59 -14.89 -10.51
N GLU A 140 7.51 -14.90 -9.56
CA GLU A 140 7.36 -15.73 -8.36
C GLU A 140 6.25 -15.20 -7.46
N ALA A 141 6.29 -13.90 -7.18
CA ALA A 141 5.31 -13.27 -6.32
C ALA A 141 3.89 -13.38 -6.89
N PHE A 142 3.80 -13.29 -8.21
CA PHE A 142 2.51 -13.39 -8.89
C PHE A 142 1.80 -14.69 -8.51
N ASN A 143 2.45 -15.81 -8.79
CA ASN A 143 1.91 -17.14 -8.50
C ASN A 143 1.61 -17.33 -7.02
N GLN A 144 2.43 -16.71 -6.17
CA GLN A 144 2.28 -16.84 -4.72
C GLN A 144 0.97 -16.20 -4.24
N VAL A 145 0.62 -15.06 -4.82
CA VAL A 145 -0.58 -14.34 -4.41
C VAL A 145 -1.84 -14.89 -5.06
N ASP A 146 -1.71 -15.46 -6.25
CA ASP A 146 -2.87 -16.01 -6.95
C ASP A 146 -3.53 -17.12 -6.15
N THR A 147 -4.32 -16.73 -5.14
CA THR A 147 -5.02 -17.67 -4.28
C THR A 147 -5.93 -18.61 -5.06
N ASN A 148 -6.54 -18.11 -6.13
CA ASN A 148 -7.45 -18.91 -6.93
C ASN A 148 -6.77 -19.50 -8.16
N GLY A 149 -5.44 -19.33 -8.25
CA GLY A 149 -4.70 -19.86 -9.38
C GLY A 149 -5.42 -19.71 -10.70
N ASN A 150 -6.11 -18.58 -10.88
CA ASN A 150 -6.86 -18.32 -12.10
C ASN A 150 -6.02 -17.53 -13.10
N GLY A 151 -4.83 -17.09 -12.69
CA GLY A 151 -3.96 -16.36 -13.58
C GLY A 151 -4.19 -14.86 -13.55
N GLU A 152 -5.09 -14.40 -12.69
CA GLU A 152 -5.38 -12.98 -12.60
C GLU A 152 -5.37 -12.51 -11.14
N LEU A 153 -4.70 -11.40 -10.88
CA LEU A 153 -4.64 -10.85 -9.54
C LEU A 153 -5.68 -9.73 -9.39
N SER A 154 -6.81 -10.07 -8.77
CA SER A 154 -7.89 -9.10 -8.60
C SER A 154 -7.70 -8.28 -7.32
N LEU A 155 -8.43 -7.18 -7.23
CA LEU A 155 -8.36 -6.29 -6.08
C LEU A 155 -8.40 -7.08 -4.77
N ASP A 156 -9.30 -8.04 -4.70
CA ASP A 156 -9.45 -8.88 -3.52
C ASP A 156 -8.13 -9.57 -3.17
N GLU A 157 -7.62 -10.35 -4.12
CA GLU A 157 -6.38 -11.09 -3.93
C GLU A 157 -5.16 -10.17 -3.78
N LEU A 158 -5.32 -8.91 -4.14
CA LEU A 158 -4.23 -7.95 -4.05
C LEU A 158 -3.91 -7.62 -2.59
N LEU A 159 -4.94 -7.29 -1.83
CA LEU A 159 -4.78 -6.97 -0.41
C LEU A 159 -4.30 -8.19 0.36
N THR A 160 -4.82 -9.35 0.01
CA THR A 160 -4.44 -10.59 0.68
C THR A 160 -2.92 -10.77 0.63
N ALA A 161 -2.30 -10.20 -0.39
CA ALA A 161 -0.85 -10.28 -0.54
C ALA A 161 -0.15 -9.61 0.64
N VAL A 162 -0.26 -8.29 0.70
CA VAL A 162 0.36 -7.52 1.77
C VAL A 162 -0.08 -8.03 3.14
N ARG A 163 -1.32 -8.53 3.20
CA ARG A 163 -1.87 -9.04 4.44
C ARG A 163 -0.92 -10.04 5.09
N ASP A 164 -0.18 -10.78 4.27
CA ASP A 164 0.77 -11.77 4.77
C ASP A 164 2.17 -11.18 4.89
N PHE A 165 2.27 -10.00 5.52
CA PHE A 165 3.55 -9.35 5.71
C PHE A 165 3.96 -9.36 7.17
N HIS A 166 2.96 -9.27 8.05
CA HIS A 166 3.22 -9.27 9.48
C HIS A 166 3.93 -10.56 9.90
N PHE A 167 3.27 -11.69 9.69
CA PHE A 167 3.84 -12.99 10.03
C PHE A 167 4.58 -13.59 8.84
N GLY A 168 5.90 -13.65 8.94
CA GLY A 168 6.70 -14.20 7.85
C GLY A 168 6.37 -13.56 6.52
N ARG A 169 6.77 -12.30 6.35
CA ARG A 169 6.51 -11.59 5.10
C ARG A 169 7.05 -12.38 3.91
N LEU A 170 6.77 -11.88 2.71
CA LEU A 170 7.23 -12.54 1.49
C LEU A 170 7.70 -11.51 0.46
N ASP A 171 7.92 -11.96 -0.77
CA ASP A 171 8.37 -11.07 -1.84
C ASP A 171 7.20 -10.29 -2.44
N VAL A 172 6.47 -9.58 -1.58
CA VAL A 172 5.32 -8.79 -2.03
C VAL A 172 5.15 -7.56 -1.16
N GLU A 173 4.62 -7.74 0.04
CA GLU A 173 4.40 -6.64 0.97
C GLU A 173 3.78 -5.44 0.26
N LEU A 174 2.64 -5.67 -0.37
CA LEU A 174 1.94 -4.61 -1.10
C LEU A 174 1.37 -3.56 -0.15
N LEU A 175 2.26 -2.75 0.41
CA LEU A 175 1.86 -1.69 1.33
C LEU A 175 2.41 -0.34 0.88
N GLY A 176 3.71 -0.33 0.57
CA GLY A 176 4.35 0.90 0.12
C GLY A 176 5.86 0.75 -0.02
N THR A 1 13.02 -14.26 20.02
CA THR A 1 13.74 -13.46 21.05
C THR A 1 13.72 -11.97 20.72
N THR A 2 13.52 -11.15 21.74
CA THR A 2 13.50 -9.70 21.58
C THR A 2 12.26 -9.22 20.82
N ALA A 3 11.25 -10.07 20.71
CA ALA A 3 10.02 -9.71 20.01
C ALA A 3 10.31 -9.40 18.54
N ILE A 4 9.81 -10.24 17.66
CA ILE A 4 10.00 -10.04 16.22
C ILE A 4 9.06 -8.97 15.69
N ALA A 5 7.95 -8.77 16.39
CA ALA A 5 6.95 -7.78 16.00
C ALA A 5 7.49 -6.36 16.04
N SER A 6 8.21 -6.02 17.11
CA SER A 6 8.78 -4.68 17.26
C SER A 6 9.72 -4.34 16.11
N ASP A 7 10.74 -5.17 15.92
CA ASP A 7 11.73 -4.94 14.87
C ASP A 7 11.08 -4.65 13.51
N ARG A 8 10.15 -5.51 13.09
CA ARG A 8 9.50 -5.35 11.80
C ARG A 8 8.74 -4.02 11.72
N LEU A 9 8.01 -3.70 12.78
CA LEU A 9 7.22 -2.46 12.81
C LEU A 9 8.08 -1.23 13.09
N LYS A 10 9.10 -1.41 13.92
CA LYS A 10 9.99 -0.32 14.28
C LYS A 10 10.64 0.30 13.05
N LYS A 11 11.30 -0.53 12.24
CA LYS A 11 11.96 -0.06 11.03
C LYS A 11 10.98 0.60 10.07
N ARG A 12 9.83 -0.03 9.86
CA ARG A 12 8.81 0.49 8.97
C ARG A 12 8.52 1.96 9.26
N PHE A 13 8.73 2.35 10.50
CA PHE A 13 8.48 3.73 10.92
C PHE A 13 9.54 4.66 10.35
N ASP A 14 10.80 4.30 10.56
CA ASP A 14 11.92 5.11 10.06
C ASP A 14 12.00 5.03 8.54
N ARG A 15 11.49 3.94 7.98
CA ARG A 15 11.50 3.76 6.53
C ARG A 15 10.40 4.59 5.88
N TRP A 16 9.41 4.98 6.67
CA TRP A 16 8.30 5.79 6.18
C TRP A 16 8.38 7.21 6.71
N ASP A 17 9.25 8.01 6.11
CA ASP A 17 9.44 9.39 6.52
C ASP A 17 9.94 10.25 5.35
N PHE A 18 9.00 10.65 4.51
CA PHE A 18 9.32 11.45 3.33
C PHE A 18 10.10 12.71 3.65
N ASP A 19 9.65 13.49 4.64
CA ASP A 19 10.33 14.72 5.02
C ASP A 19 11.27 14.51 6.20
N GLY A 20 11.14 13.38 6.89
CA GLY A 20 11.99 13.09 8.04
C GLY A 20 11.60 13.90 9.27
N ASN A 21 10.30 13.92 9.57
CA ASN A 21 9.80 14.66 10.72
C ASN A 21 9.61 13.77 11.96
N GLY A 22 9.76 12.47 11.78
CA GLY A 22 9.59 11.55 12.90
C GLY A 22 8.14 11.26 13.21
N ALA A 23 7.27 11.46 12.22
CA ALA A 23 5.85 11.22 12.38
C ALA A 23 5.20 10.94 11.01
N LEU A 24 3.93 10.56 11.02
CA LEU A 24 3.22 10.26 9.78
C LEU A 24 2.13 11.29 9.54
N GLU A 25 2.23 12.00 8.42
CA GLU A 25 1.25 13.01 8.06
C GLU A 25 0.58 12.64 6.74
N ARG A 26 -0.50 13.34 6.42
CA ARG A 26 -1.23 13.07 5.18
C ARG A 26 -0.44 13.53 3.96
N ALA A 27 0.30 14.62 4.11
CA ALA A 27 1.11 15.15 3.02
C ALA A 27 2.13 14.12 2.55
N ASP A 28 2.44 13.15 3.41
CA ASP A 28 3.39 12.11 3.06
C ASP A 28 2.80 11.17 2.01
N PHE A 29 1.48 11.10 1.95
CA PHE A 29 0.79 10.25 1.00
C PHE A 29 0.78 10.86 -0.39
N GLU A 30 0.66 12.19 -0.45
CA GLU A 30 0.66 12.90 -1.73
C GLU A 30 2.00 12.75 -2.42
N LYS A 31 3.07 12.78 -1.64
CA LYS A 31 4.42 12.64 -2.18
C LYS A 31 4.64 11.23 -2.72
N GLU A 32 4.23 10.24 -1.94
CA GLU A 32 4.37 8.84 -2.34
C GLU A 32 3.89 8.64 -3.78
N ALA A 33 2.58 8.80 -3.99
CA ALA A 33 2.00 8.66 -5.32
C ALA A 33 2.83 9.37 -6.37
N GLN A 34 3.19 10.62 -6.07
CA GLN A 34 3.99 11.41 -7.00
C GLN A 34 5.34 10.73 -7.22
N HIS A 35 6.06 10.48 -6.13
CA HIS A 35 7.36 9.82 -6.21
C HIS A 35 7.26 8.52 -7.02
N ILE A 36 6.07 7.92 -7.00
CA ILE A 36 5.85 6.68 -7.75
C ILE A 36 5.65 6.97 -9.23
N ALA A 37 4.65 7.81 -9.54
CA ALA A 37 4.35 8.17 -10.92
C ALA A 37 5.62 8.41 -11.74
N GLU A 38 6.55 9.16 -11.17
CA GLU A 38 7.81 9.45 -11.84
C GLU A 38 8.54 8.17 -12.21
N ALA A 39 8.50 7.19 -11.30
CA ALA A 39 9.15 5.91 -11.53
C ALA A 39 8.51 5.19 -12.72
N PHE A 40 7.23 5.47 -12.95
CA PHE A 40 6.49 4.85 -14.05
C PHE A 40 6.58 5.67 -15.33
N GLY A 41 7.31 6.78 -15.27
CA GLY A 41 7.47 7.63 -16.45
C GLY A 41 6.18 8.31 -16.88
N LYS A 42 5.19 8.30 -15.99
CA LYS A 42 3.91 8.92 -16.28
C LYS A 42 3.89 10.37 -15.79
N ASP A 43 3.04 11.19 -16.41
CA ASP A 43 2.94 12.59 -16.02
C ASP A 43 2.27 12.72 -14.66
N ALA A 44 2.90 13.49 -13.77
CA ALA A 44 2.37 13.69 -12.43
C ALA A 44 1.07 14.48 -12.45
N GLY A 45 0.79 15.14 -13.57
CA GLY A 45 -0.41 15.95 -13.66
C GLY A 45 -1.52 15.28 -14.45
N ALA A 46 -1.42 13.97 -14.63
CA ALA A 46 -2.45 13.22 -15.35
C ALA A 46 -3.73 13.14 -14.53
N ALA A 47 -4.67 12.32 -14.99
CA ALA A 47 -5.95 12.16 -14.31
C ALA A 47 -5.88 11.03 -13.28
N GLU A 48 -5.29 9.92 -13.68
CA GLU A 48 -5.16 8.74 -12.81
C GLU A 48 -4.32 9.05 -11.57
N VAL A 49 -3.46 10.06 -11.66
CA VAL A 49 -2.62 10.43 -10.54
C VAL A 49 -3.42 11.18 -9.49
N GLN A 50 -4.24 12.13 -9.94
CA GLN A 50 -5.07 12.90 -9.03
C GLN A 50 -6.04 11.96 -8.32
N THR A 51 -6.56 10.99 -9.05
CA THR A 51 -7.47 10.01 -8.47
C THR A 51 -6.78 9.26 -7.34
N LEU A 52 -5.64 8.65 -7.65
CA LEU A 52 -4.90 7.90 -6.65
C LEU A 52 -4.67 8.74 -5.39
N LYS A 53 -3.99 9.88 -5.56
CA LYS A 53 -3.73 10.76 -4.43
C LYS A 53 -5.03 11.05 -3.68
N ASN A 54 -6.12 11.18 -4.44
CA ASN A 54 -7.42 11.44 -3.86
C ASN A 54 -7.80 10.34 -2.89
N ALA A 55 -7.56 9.10 -3.30
CA ALA A 55 -7.86 7.95 -2.46
C ALA A 55 -6.93 7.87 -1.26
N PHE A 56 -5.64 8.07 -1.51
CA PHE A 56 -4.64 8.04 -0.45
C PHE A 56 -5.00 9.02 0.65
N GLY A 57 -5.65 10.11 0.26
CA GLY A 57 -6.04 11.13 1.21
C GLY A 57 -7.01 10.59 2.25
N GLY A 58 -8.08 9.96 1.78
CA GLY A 58 -9.08 9.41 2.69
C GLY A 58 -8.51 8.34 3.61
N LEU A 59 -7.46 7.66 3.15
CA LEU A 59 -6.84 6.61 3.95
C LEU A 59 -6.38 7.17 5.30
N PHE A 60 -5.91 8.42 5.29
CA PHE A 60 -5.46 9.07 6.50
C PHE A 60 -6.61 9.25 7.49
N ASP A 61 -7.78 9.60 6.98
CA ASP A 61 -8.97 9.80 7.80
C ASP A 61 -9.10 8.72 8.87
N TYR A 62 -9.04 7.46 8.45
CA TYR A 62 -9.16 6.34 9.37
C TYR A 62 -8.07 6.40 10.44
N LEU A 63 -6.88 6.86 10.06
CA LEU A 63 -5.77 6.95 10.99
C LEU A 63 -6.05 7.99 12.07
N ALA A 64 -6.26 9.23 11.65
CA ALA A 64 -6.55 10.33 12.58
C ALA A 64 -7.73 10.00 13.46
N LYS A 65 -8.79 9.46 12.86
CA LYS A 65 -9.99 9.10 13.61
C LYS A 65 -9.68 7.99 14.60
N GLU A 66 -9.11 6.91 14.09
CA GLU A 66 -8.76 5.76 14.92
C GLU A 66 -7.73 6.14 15.98
N ALA A 67 -6.74 6.95 15.57
CA ALA A 67 -5.68 7.38 16.48
C ALA A 67 -6.15 8.49 17.41
N GLY A 68 -7.16 9.24 16.97
CA GLY A 68 -7.70 10.32 17.79
C GLY A 68 -7.25 11.72 17.39
N VAL A 69 -6.46 11.81 16.33
CA VAL A 69 -5.98 13.11 15.86
C VAL A 69 -6.74 13.57 14.63
N GLY A 70 -6.50 14.80 14.19
CA GLY A 70 -7.20 15.35 13.04
C GLY A 70 -6.54 15.04 11.71
N SER A 71 -7.16 15.53 10.64
CA SER A 71 -6.65 15.36 9.29
C SER A 71 -5.31 16.05 9.10
N ASP A 72 -4.96 16.96 10.01
CA ASP A 72 -3.70 17.69 9.92
C ASP A 72 -2.74 17.29 11.05
N GLY A 73 -3.04 16.19 11.72
CA GLY A 73 -2.18 15.74 12.80
C GLY A 73 -1.13 14.74 12.35
N SER A 74 -0.50 14.07 13.30
CA SER A 74 0.53 13.10 12.99
C SER A 74 0.46 11.90 13.92
N LEU A 75 0.95 10.76 13.44
CA LEU A 75 0.96 9.54 14.24
C LEU A 75 2.39 9.13 14.57
N THR A 76 2.62 8.73 15.82
CA THR A 76 3.95 8.32 16.26
C THR A 76 4.21 6.85 15.91
N GLU A 77 5.32 6.31 16.38
CA GLU A 77 5.67 4.93 16.10
C GLU A 77 4.92 3.99 17.04
N GLU A 78 5.03 4.27 18.34
CA GLU A 78 4.34 3.47 19.34
C GLU A 78 2.86 3.40 19.04
N GLN A 79 2.33 4.50 18.50
CA GLN A 79 0.93 4.58 18.13
C GLN A 79 0.68 3.77 16.87
N PHE A 80 1.59 3.88 15.91
CA PHE A 80 1.50 3.16 14.65
C PHE A 80 1.30 1.67 14.91
N ILE A 81 2.16 1.10 15.74
CA ILE A 81 2.10 -0.33 16.06
C ILE A 81 0.73 -0.70 16.63
N ARG A 82 0.27 0.08 17.60
CA ARG A 82 -1.03 -0.17 18.24
C ARG A 82 -2.15 -0.16 17.20
N VAL A 83 -2.20 0.89 16.39
CA VAL A 83 -3.23 1.04 15.37
C VAL A 83 -3.01 0.08 14.21
N THR A 84 -1.77 -0.05 13.76
CA THR A 84 -1.45 -0.94 12.66
C THR A 84 -1.82 -2.37 13.00
N GLU A 85 -1.41 -2.79 14.20
CA GLU A 85 -1.69 -4.14 14.67
C GLU A 85 -3.17 -4.46 14.59
N ASN A 86 -3.99 -3.56 15.12
CA ASN A 86 -5.44 -3.73 15.12
C ASN A 86 -5.97 -3.86 13.70
N LEU A 87 -5.44 -3.07 12.78
CA LEU A 87 -5.89 -3.11 11.40
C LEU A 87 -5.70 -4.51 10.82
N ILE A 88 -4.55 -5.11 11.12
CA ILE A 88 -4.24 -6.46 10.65
C ILE A 88 -5.06 -7.51 11.38
N PHE A 89 -5.34 -7.26 12.66
CA PHE A 89 -6.12 -8.18 13.47
C PHE A 89 -7.60 -7.84 13.46
N GLU A 90 -7.97 -6.79 14.18
CA GLU A 90 -9.36 -6.35 14.26
C GLU A 90 -9.85 -5.83 12.90
N GLN A 91 -10.88 -5.00 12.93
CA GLN A 91 -11.44 -4.43 11.71
C GLN A 91 -12.17 -5.50 10.89
N GLY A 92 -11.46 -6.17 9.99
CA GLY A 92 -12.07 -7.21 9.19
C GLY A 92 -11.83 -7.04 7.70
N GLU A 93 -12.39 -7.96 6.90
CA GLU A 93 -12.23 -7.89 5.45
C GLU A 93 -12.78 -6.58 4.90
N ALA A 94 -14.08 -6.38 5.07
CA ALA A 94 -14.76 -5.19 4.60
C ALA A 94 -14.17 -3.92 5.19
N SER A 95 -13.43 -4.06 6.28
CA SER A 95 -12.81 -2.90 6.94
C SER A 95 -11.58 -2.45 6.17
N PHE A 96 -10.72 -3.40 5.84
CA PHE A 96 -9.50 -3.11 5.10
C PHE A 96 -9.83 -2.78 3.64
N ASN A 97 -10.80 -3.48 3.07
CA ASN A 97 -11.22 -3.27 1.69
C ASN A 97 -11.91 -1.93 1.52
N ARG A 98 -12.67 -1.51 2.54
CA ARG A 98 -13.39 -0.25 2.48
C ARG A 98 -12.44 0.94 2.37
N VAL A 99 -11.64 1.14 3.40
CA VAL A 99 -10.71 2.25 3.44
C VAL A 99 -9.55 2.11 2.46
N LEU A 100 -9.05 0.89 2.34
CA LEU A 100 -7.90 0.66 1.48
C LEU A 100 -8.32 0.39 0.03
N GLY A 101 -9.53 -0.12 -0.17
CA GLY A 101 -10.00 -0.38 -1.52
C GLY A 101 -9.68 0.75 -2.48
N PRO A 102 -10.22 1.95 -2.25
CA PRO A 102 -9.97 3.12 -3.09
C PRO A 102 -8.48 3.47 -3.16
N VAL A 103 -7.72 2.98 -2.19
CA VAL A 103 -6.29 3.26 -2.15
C VAL A 103 -5.55 2.38 -3.14
N VAL A 104 -5.79 1.08 -3.08
CA VAL A 104 -5.15 0.14 -4.00
C VAL A 104 -5.69 0.33 -5.42
N LYS A 105 -6.98 0.67 -5.50
CA LYS A 105 -7.63 0.91 -6.78
C LYS A 105 -6.88 1.96 -7.59
N GLY A 106 -6.71 3.14 -7.00
CA GLY A 106 -6.01 4.22 -7.68
C GLY A 106 -4.73 3.75 -8.33
N ILE A 107 -4.03 2.81 -7.68
CA ILE A 107 -2.79 2.30 -8.21
C ILE A 107 -3.03 1.34 -9.37
N VAL A 108 -4.07 0.51 -9.26
CA VAL A 108 -4.40 -0.44 -10.30
C VAL A 108 -4.73 0.26 -11.61
N GLY A 109 -5.37 1.43 -11.50
CA GLY A 109 -5.72 2.18 -12.68
C GLY A 109 -4.50 2.60 -13.48
N MET A 110 -3.43 2.94 -12.79
CA MET A 110 -2.18 3.35 -13.45
C MET A 110 -1.41 2.13 -13.92
N CYS A 111 -1.61 0.99 -13.26
CA CYS A 111 -0.90 -0.23 -13.61
C CYS A 111 -1.72 -1.09 -14.55
N ASP A 112 -2.27 -0.45 -15.56
CA ASP A 112 -3.08 -1.12 -16.57
C ASP A 112 -3.31 -0.22 -17.77
N LYS A 113 -2.65 -0.55 -18.89
CA LYS A 113 -2.79 0.21 -20.11
C LYS A 113 -3.85 -0.39 -21.04
N ASN A 114 -4.52 -1.45 -20.57
CA ASN A 114 -5.57 -2.09 -21.37
C ASN A 114 -6.95 -1.71 -20.85
N ALA A 115 -7.01 -1.25 -19.60
CA ALA A 115 -8.27 -0.83 -18.99
C ALA A 115 -9.22 -2.00 -18.80
N ASP A 116 -8.78 -3.02 -18.06
CA ASP A 116 -9.62 -4.18 -17.80
C ASP A 116 -9.97 -4.30 -16.33
N GLY A 117 -9.30 -3.54 -15.47
CA GLY A 117 -9.58 -3.58 -14.05
C GLY A 117 -8.87 -4.72 -13.35
N GLN A 118 -8.02 -5.45 -14.06
CA GLN A 118 -7.28 -6.57 -13.49
C GLN A 118 -5.78 -6.39 -13.61
N ILE A 119 -5.03 -7.13 -12.80
CA ILE A 119 -3.58 -7.07 -12.81
C ILE A 119 -2.98 -8.34 -13.40
N ASN A 120 -2.58 -8.29 -14.67
CA ASN A 120 -1.99 -9.45 -15.31
C ASN A 120 -0.50 -9.49 -15.00
N ALA A 121 0.10 -10.68 -15.06
CA ALA A 121 1.52 -10.83 -14.76
C ALA A 121 2.36 -9.74 -15.43
N ASP A 122 1.97 -9.36 -16.65
CA ASP A 122 2.69 -8.33 -17.39
C ASP A 122 2.46 -6.96 -16.74
N GLU A 123 1.31 -6.80 -16.09
CA GLU A 123 0.98 -5.53 -15.42
C GLU A 123 1.61 -5.49 -14.03
N PHE A 124 1.43 -6.57 -13.26
CA PHE A 124 1.98 -6.64 -11.91
C PHE A 124 3.49 -6.38 -11.93
N ALA A 125 4.17 -7.02 -12.88
CA ALA A 125 5.60 -6.86 -13.03
C ALA A 125 5.99 -5.40 -13.23
N ALA A 126 5.23 -4.72 -14.09
CA ALA A 126 5.48 -3.32 -14.41
C ALA A 126 5.53 -2.44 -13.15
N TRP A 127 4.74 -2.78 -12.14
CA TRP A 127 4.70 -1.98 -10.91
C TRP A 127 5.74 -2.45 -9.90
N LEU A 128 6.03 -3.74 -9.89
CA LEU A 128 7.00 -4.30 -8.97
C LEU A 128 8.39 -3.74 -9.26
N THR A 129 8.76 -3.71 -10.54
CA THR A 129 10.05 -3.19 -10.95
C THR A 129 10.07 -1.66 -10.76
N ALA A 130 8.89 -1.07 -10.73
CA ALA A 130 8.76 0.37 -10.54
C ALA A 130 9.22 0.81 -9.16
N LEU A 131 8.91 0.00 -8.14
CA LEU A 131 9.28 0.33 -6.77
C LEU A 131 10.67 -0.18 -6.38
N GLY A 132 11.31 -0.93 -7.27
CA GLY A 132 12.65 -1.43 -6.98
C GLY A 132 12.73 -2.93 -6.85
N MET A 133 11.84 -3.66 -7.51
CA MET A 133 11.86 -5.11 -7.46
C MET A 133 12.42 -5.68 -8.77
N SER A 134 13.01 -6.87 -8.69
CA SER A 134 13.57 -7.51 -9.86
C SER A 134 12.48 -8.22 -10.66
N LYS A 135 12.77 -8.49 -11.94
CA LYS A 135 11.80 -9.15 -12.82
C LYS A 135 11.47 -10.57 -12.35
N ALA A 136 12.37 -11.16 -11.56
CA ALA A 136 12.15 -12.52 -11.06
C ALA A 136 11.26 -12.52 -9.83
N GLU A 137 11.24 -11.39 -9.11
CA GLU A 137 10.42 -11.26 -7.91
C GLU A 137 8.94 -11.14 -8.25
N ALA A 138 8.64 -10.38 -9.30
CA ALA A 138 7.26 -10.18 -9.72
C ALA A 138 6.60 -11.50 -10.11
N ALA A 139 7.23 -12.20 -11.05
CA ALA A 139 6.73 -13.49 -11.51
C ALA A 139 6.37 -14.40 -10.34
N GLU A 140 7.23 -14.40 -9.33
CA GLU A 140 7.01 -15.21 -8.14
C GLU A 140 5.85 -14.67 -7.30
N ALA A 141 5.84 -13.36 -7.10
CA ALA A 141 4.80 -12.72 -6.30
C ALA A 141 3.44 -12.88 -6.96
N PHE A 142 3.42 -12.88 -8.28
CA PHE A 142 2.18 -13.04 -9.02
C PHE A 142 1.48 -14.34 -8.61
N ASN A 143 2.17 -15.45 -8.84
CA ASN A 143 1.66 -16.78 -8.52
C ASN A 143 1.27 -16.91 -7.05
N GLN A 144 2.02 -16.26 -6.16
CA GLN A 144 1.73 -16.34 -4.72
C GLN A 144 0.43 -15.62 -4.36
N VAL A 145 0.09 -14.61 -5.14
CA VAL A 145 -1.10 -13.82 -4.89
C VAL A 145 -2.35 -14.44 -5.52
N ASP A 146 -2.17 -15.04 -6.69
CA ASP A 146 -3.30 -15.66 -7.39
C ASP A 146 -3.90 -16.80 -6.56
N THR A 147 -4.71 -16.42 -5.57
CA THR A 147 -5.37 -17.38 -4.69
C THR A 147 -6.23 -18.36 -5.48
N ASN A 148 -6.77 -17.90 -6.60
CA ASN A 148 -7.64 -18.73 -7.43
C ASN A 148 -6.88 -19.35 -8.60
N GLY A 149 -5.56 -19.14 -8.64
CA GLY A 149 -4.75 -19.70 -9.71
C GLY A 149 -5.42 -19.62 -11.08
N ASN A 150 -6.14 -18.52 -11.31
CA ASN A 150 -6.84 -18.33 -12.58
C ASN A 150 -5.99 -17.56 -13.58
N GLY A 151 -4.83 -17.07 -13.13
CA GLY A 151 -3.95 -16.34 -14.02
C GLY A 151 -4.22 -14.85 -14.06
N GLU A 152 -5.16 -14.38 -13.25
CA GLU A 152 -5.48 -12.96 -13.21
C GLU A 152 -5.58 -12.46 -11.77
N LEU A 153 -4.98 -11.30 -11.51
CA LEU A 153 -5.01 -10.72 -10.18
C LEU A 153 -6.02 -9.57 -10.14
N SER A 154 -7.21 -9.85 -9.62
CA SER A 154 -8.27 -8.85 -9.56
C SER A 154 -8.19 -8.01 -8.29
N LEU A 155 -9.01 -6.96 -8.24
CA LEU A 155 -9.05 -6.07 -7.09
C LEU A 155 -9.20 -6.84 -5.77
N ASP A 156 -10.10 -7.80 -5.75
CA ASP A 156 -10.34 -8.60 -4.55
C ASP A 156 -9.05 -9.28 -4.08
N GLU A 157 -8.45 -10.04 -4.99
CA GLU A 157 -7.23 -10.78 -4.69
C GLU A 157 -6.04 -9.86 -4.39
N LEU A 158 -6.17 -8.59 -4.77
CA LEU A 158 -5.11 -7.61 -4.52
C LEU A 158 -5.05 -7.25 -3.04
N LEU A 159 -6.11 -6.61 -2.55
CA LEU A 159 -6.19 -6.18 -1.14
C LEU A 159 -5.69 -7.28 -0.22
N THR A 160 -6.14 -8.50 -0.46
CA THR A 160 -5.73 -9.63 0.36
C THR A 160 -4.21 -9.67 0.48
N ALA A 161 -3.54 -9.79 -0.65
CA ALA A 161 -2.08 -9.82 -0.66
C ALA A 161 -1.51 -8.53 -0.08
N VAL A 162 -2.12 -7.40 -0.42
CA VAL A 162 -1.69 -6.11 0.08
C VAL A 162 -1.57 -6.13 1.60
N ARG A 163 -2.35 -6.99 2.24
CA ARG A 163 -2.34 -7.12 3.70
C ARG A 163 -0.92 -7.09 4.24
N ASP A 164 -0.68 -6.21 5.20
CA ASP A 164 0.64 -6.06 5.81
C ASP A 164 1.24 -7.40 6.19
N PHE A 165 2.50 -7.38 6.60
CA PHE A 165 3.20 -8.59 7.00
C PHE A 165 2.54 -9.26 8.20
N HIS A 166 3.08 -10.39 8.61
CA HIS A 166 2.55 -11.14 9.73
C HIS A 166 3.54 -12.20 10.19
N PHE A 167 3.06 -13.20 10.94
CA PHE A 167 3.93 -14.27 11.42
C PHE A 167 4.67 -14.93 10.26
N GLY A 168 5.83 -14.38 9.91
CA GLY A 168 6.60 -14.92 8.82
C GLY A 168 5.82 -14.93 7.53
N ARG A 169 5.26 -13.78 7.17
CA ARG A 169 4.46 -13.65 5.95
C ARG A 169 5.29 -13.98 4.71
N LEU A 170 4.67 -13.86 3.55
CA LEU A 170 5.35 -14.16 2.28
C LEU A 170 6.33 -13.04 1.91
N ASP A 171 5.87 -12.07 1.13
CA ASP A 171 6.74 -10.95 0.73
C ASP A 171 5.96 -9.93 -0.10
N VAL A 172 4.86 -9.44 0.45
CA VAL A 172 4.04 -8.44 -0.23
C VAL A 172 4.23 -7.08 0.43
N GLU A 173 3.59 -6.89 1.58
CA GLU A 173 3.70 -5.64 2.32
C GLU A 173 2.97 -4.50 1.59
N LEU A 174 3.49 -4.12 0.43
CA LEU A 174 2.88 -3.05 -0.37
C LEU A 174 2.55 -1.84 0.51
N LEU A 175 3.45 -0.86 0.51
CA LEU A 175 3.24 0.36 1.29
C LEU A 175 3.78 1.58 0.56
N GLY A 176 5.02 1.48 0.09
CA GLY A 176 5.64 2.59 -0.62
C GLY A 176 6.00 2.24 -2.05
N THR A 1 15.26 -8.40 19.84
CA THR A 1 14.36 -8.28 21.01
C THR A 1 13.04 -7.63 20.63
N THR A 2 12.11 -7.57 21.58
CA THR A 2 10.80 -6.98 21.35
C THR A 2 10.03 -7.75 20.28
N ALA A 3 10.47 -8.98 20.01
CA ALA A 3 9.82 -9.84 19.01
C ALA A 3 10.24 -9.47 17.60
N ILE A 4 9.80 -10.28 16.63
CA ILE A 4 10.13 -10.06 15.23
C ILE A 4 9.22 -9.00 14.62
N ALA A 5 8.00 -8.89 15.15
CA ALA A 5 7.03 -7.94 14.66
C ALA A 5 7.49 -6.51 14.84
N SER A 6 8.16 -6.23 15.96
CA SER A 6 8.66 -4.89 16.24
C SER A 6 9.62 -4.43 15.15
N ASP A 7 10.69 -5.18 14.97
CA ASP A 7 11.70 -4.85 13.96
C ASP A 7 11.07 -4.47 12.62
N ARG A 8 10.13 -5.30 12.16
CA ARG A 8 9.47 -5.04 10.89
C ARG A 8 8.68 -3.74 10.90
N LEU A 9 7.91 -3.52 11.97
CA LEU A 9 7.11 -2.31 12.07
C LEU A 9 7.97 -1.09 12.43
N LYS A 10 9.02 -1.33 13.21
CA LYS A 10 9.92 -0.26 13.62
C LYS A 10 10.59 0.37 12.40
N LYS A 11 11.10 -0.47 11.52
CA LYS A 11 11.76 0.00 10.30
C LYS A 11 10.76 0.68 9.38
N ARG A 12 9.60 0.06 9.20
CA ARG A 12 8.55 0.61 8.35
C ARG A 12 8.33 2.08 8.65
N PHE A 13 8.60 2.48 9.90
CA PHE A 13 8.42 3.86 10.33
C PHE A 13 9.55 4.75 9.79
N ASP A 14 10.78 4.35 10.04
CA ASP A 14 11.94 5.12 9.59
C ASP A 14 12.04 5.08 8.06
N ARG A 15 11.54 4.00 7.47
CA ARG A 15 11.58 3.85 6.02
C ARG A 15 10.49 4.71 5.35
N TRP A 16 9.50 5.13 6.13
CA TRP A 16 8.42 5.96 5.61
C TRP A 16 8.41 7.33 6.27
N ASP A 17 9.24 8.22 5.75
CA ASP A 17 9.35 9.58 6.28
C ASP A 17 9.81 10.54 5.18
N PHE A 18 8.85 11.04 4.42
CA PHE A 18 9.12 11.96 3.32
C PHE A 18 9.98 13.14 3.76
N ASP A 19 9.56 13.82 4.83
CA ASP A 19 10.29 14.98 5.33
C ASP A 19 11.20 14.63 6.51
N GLY A 20 11.03 13.42 7.05
CA GLY A 20 11.84 13.01 8.18
C GLY A 20 11.50 13.78 9.45
N ASN A 21 10.22 13.97 9.69
CA ASN A 21 9.77 14.71 10.88
C ASN A 21 9.59 13.80 12.09
N GLY A 22 9.74 12.50 11.88
CA GLY A 22 9.58 11.56 12.98
C GLY A 22 8.13 11.20 13.25
N ALA A 23 7.27 11.45 12.27
CA ALA A 23 5.85 11.16 12.40
C ALA A 23 5.22 10.94 11.03
N LEU A 24 3.92 10.65 11.01
CA LEU A 24 3.21 10.43 9.76
C LEU A 24 2.10 11.46 9.58
N GLU A 25 2.15 12.18 8.46
CA GLU A 25 1.15 13.20 8.17
C GLU A 25 0.35 12.82 6.92
N ARG A 26 -0.71 13.56 6.66
CA ARG A 26 -1.56 13.31 5.50
C ARG A 26 -0.83 13.66 4.22
N ALA A 27 0.06 14.64 4.31
CA ALA A 27 0.85 15.08 3.17
C ALA A 27 1.84 14.00 2.74
N ASP A 28 2.09 13.04 3.62
CA ASP A 28 3.01 11.95 3.31
C ASP A 28 2.35 10.98 2.34
N PHE A 29 1.04 10.82 2.46
CA PHE A 29 0.29 9.94 1.59
C PHE A 29 0.11 10.57 0.22
N GLU A 30 -0.17 11.87 0.20
CA GLU A 30 -0.36 12.59 -1.05
C GLU A 30 0.95 12.60 -1.84
N LYS A 31 2.07 12.77 -1.15
CA LYS A 31 3.37 12.78 -1.80
C LYS A 31 3.67 11.40 -2.37
N GLU A 32 3.32 10.37 -1.60
CA GLU A 32 3.53 8.99 -2.01
C GLU A 32 2.92 8.76 -3.39
N ALA A 33 1.60 8.96 -3.48
CA ALA A 33 0.89 8.77 -4.74
C ALA A 33 1.64 9.41 -5.91
N GLN A 34 2.04 10.67 -5.72
CA GLN A 34 2.77 11.39 -6.76
C GLN A 34 4.09 10.70 -7.05
N HIS A 35 4.82 10.37 -5.98
CA HIS A 35 6.11 9.70 -6.12
C HIS A 35 5.97 8.41 -6.91
N ILE A 36 4.92 7.64 -6.61
CA ILE A 36 4.67 6.38 -7.29
C ILE A 36 4.38 6.61 -8.78
N ALA A 37 3.38 7.44 -9.06
CA ALA A 37 3.00 7.76 -10.43
C ALA A 37 4.25 8.00 -11.30
N GLU A 38 5.23 8.66 -10.71
CA GLU A 38 6.48 8.96 -11.40
C GLU A 38 7.21 7.69 -11.81
N ALA A 39 7.18 6.69 -10.93
CA ALA A 39 7.84 5.41 -11.20
C ALA A 39 7.28 4.78 -12.47
N PHE A 40 6.03 5.10 -12.80
CA PHE A 40 5.39 4.56 -13.99
C PHE A 40 5.59 5.46 -15.20
N GLY A 41 6.36 6.54 -15.02
CA GLY A 41 6.62 7.45 -16.12
C GLY A 41 5.36 7.92 -16.81
N LYS A 42 4.59 8.78 -16.14
CA LYS A 42 3.35 9.31 -16.70
C LYS A 42 3.08 10.70 -16.15
N ASP A 43 4.15 11.42 -15.80
CA ASP A 43 4.02 12.76 -15.25
C ASP A 43 3.22 12.76 -13.97
N ALA A 44 3.77 13.43 -12.95
CA ALA A 44 3.12 13.50 -11.64
C ALA A 44 1.83 14.33 -11.69
N GLY A 45 1.57 14.99 -12.81
CA GLY A 45 0.38 15.82 -12.91
C GLY A 45 -0.73 15.21 -13.73
N ALA A 46 -0.63 13.91 -14.01
CA ALA A 46 -1.66 13.22 -14.79
C ALA A 46 -2.96 13.10 -13.99
N ALA A 47 -4.01 12.64 -14.65
CA ALA A 47 -5.32 12.47 -14.02
C ALA A 47 -5.30 11.33 -13.01
N GLU A 48 -4.72 10.20 -13.42
CA GLU A 48 -4.63 9.02 -12.56
C GLU A 48 -3.79 9.29 -11.32
N VAL A 49 -2.94 10.31 -11.39
CA VAL A 49 -2.09 10.66 -10.26
C VAL A 49 -2.90 11.40 -9.21
N GLN A 50 -3.70 12.36 -9.66
CA GLN A 50 -4.54 13.12 -8.74
C GLN A 50 -5.49 12.16 -8.02
N THR A 51 -5.99 11.18 -8.77
CA THR A 51 -6.90 10.18 -8.23
C THR A 51 -6.25 9.45 -7.05
N LEU A 52 -5.13 8.80 -7.30
CA LEU A 52 -4.45 8.05 -6.24
C LEU A 52 -4.26 8.94 -5.01
N LYS A 53 -3.59 10.08 -5.19
CA LYS A 53 -3.37 11.01 -4.08
C LYS A 53 -4.67 11.29 -3.35
N ASN A 54 -5.74 11.50 -4.11
CA ASN A 54 -7.05 11.77 -3.52
C ASN A 54 -7.46 10.63 -2.60
N ALA A 55 -7.22 9.40 -3.07
CA ALA A 55 -7.56 8.22 -2.28
C ALA A 55 -6.62 8.09 -1.08
N PHE A 56 -5.32 8.17 -1.34
CA PHE A 56 -4.32 8.07 -0.29
C PHE A 56 -4.62 9.06 0.83
N GLY A 57 -5.27 10.17 0.47
CA GLY A 57 -5.61 11.19 1.44
C GLY A 57 -6.65 10.72 2.44
N GLY A 58 -7.76 10.20 1.93
CA GLY A 58 -8.82 9.71 2.80
C GLY A 58 -8.32 8.64 3.75
N LEU A 59 -7.30 7.90 3.32
CA LEU A 59 -6.75 6.84 4.14
C LEU A 59 -6.23 7.38 5.46
N PHE A 60 -5.61 8.56 5.42
CA PHE A 60 -5.09 9.19 6.62
C PHE A 60 -6.22 9.46 7.61
N ASP A 61 -7.35 9.95 7.11
CA ASP A 61 -8.50 10.26 7.96
C ASP A 61 -8.75 9.13 8.96
N TYR A 62 -8.66 7.89 8.48
CA TYR A 62 -8.87 6.73 9.33
C TYR A 62 -7.88 6.74 10.49
N LEU A 63 -6.64 7.07 10.19
CA LEU A 63 -5.60 7.11 11.22
C LEU A 63 -5.90 8.17 12.27
N ALA A 64 -6.12 9.41 11.84
CA ALA A 64 -6.41 10.51 12.77
C ALA A 64 -7.59 10.17 13.68
N LYS A 65 -8.69 9.70 13.10
CA LYS A 65 -9.87 9.36 13.89
C LYS A 65 -9.60 8.21 14.85
N GLU A 66 -9.04 7.12 14.33
CA GLU A 66 -8.71 5.96 15.15
C GLU A 66 -7.68 6.30 16.22
N ALA A 67 -6.69 7.11 15.85
CA ALA A 67 -5.63 7.51 16.79
C ALA A 67 -6.11 8.61 17.73
N GLY A 68 -7.09 9.39 17.28
CA GLY A 68 -7.64 10.45 18.11
C GLY A 68 -7.11 11.84 17.75
N VAL A 69 -6.36 11.92 16.65
CA VAL A 69 -5.82 13.21 16.21
C VAL A 69 -6.57 13.71 14.98
N GLY A 70 -6.32 14.95 14.57
CA GLY A 70 -7.01 15.52 13.44
C GLY A 70 -6.37 15.22 12.10
N SER A 71 -7.01 15.71 11.04
CA SER A 71 -6.50 15.54 9.68
C SER A 71 -5.17 16.29 9.50
N ASP A 72 -4.83 17.16 10.44
CA ASP A 72 -3.59 17.93 10.38
C ASP A 72 -2.61 17.51 11.48
N GLY A 73 -2.89 16.39 12.14
CA GLY A 73 -2.01 15.93 13.19
C GLY A 73 -0.98 14.93 12.71
N SER A 74 -0.35 14.24 13.64
CA SER A 74 0.67 13.25 13.30
C SER A 74 0.61 12.06 14.25
N LEU A 75 1.12 10.91 13.80
CA LEU A 75 1.14 9.71 14.63
C LEU A 75 2.58 9.26 14.88
N THR A 76 2.82 8.76 16.08
CA THR A 76 4.16 8.30 16.45
C THR A 76 4.36 6.85 16.04
N GLU A 77 5.60 6.38 16.13
CA GLU A 77 5.93 5.01 15.78
C GLU A 77 5.15 4.03 16.66
N GLU A 78 5.20 4.28 17.97
CA GLU A 78 4.50 3.43 18.93
C GLU A 78 3.01 3.40 18.63
N GLN A 79 2.48 4.51 18.15
CA GLN A 79 1.06 4.61 17.81
C GLN A 79 0.76 3.82 16.54
N PHE A 80 1.64 3.96 15.55
CA PHE A 80 1.50 3.26 14.29
C PHE A 80 1.30 1.76 14.53
N ILE A 81 2.21 1.18 15.29
CA ILE A 81 2.18 -0.24 15.60
C ILE A 81 0.81 -0.67 16.13
N ARG A 82 0.34 0.01 17.16
CA ARG A 82 -0.95 -0.32 17.78
C ARG A 82 -2.09 -0.29 16.78
N VAL A 83 -2.29 0.83 16.11
CA VAL A 83 -3.37 0.97 15.14
C VAL A 83 -3.12 0.14 13.88
N THR A 84 -1.86 0.07 13.45
CA THR A 84 -1.53 -0.69 12.27
C THR A 84 -1.84 -2.16 12.48
N GLU A 85 -1.43 -2.70 13.63
CA GLU A 85 -1.66 -4.10 13.95
C GLU A 85 -3.13 -4.49 13.74
N ASN A 86 -4.03 -3.67 14.28
CA ASN A 86 -5.46 -3.93 14.17
C ASN A 86 -5.91 -3.99 12.72
N LEU A 87 -5.28 -3.18 11.86
CA LEU A 87 -5.63 -3.16 10.44
C LEU A 87 -5.42 -4.52 9.81
N ILE A 88 -4.25 -5.11 10.04
CA ILE A 88 -3.92 -6.42 9.49
C ILE A 88 -4.68 -7.52 10.21
N PHE A 89 -4.81 -7.39 11.53
CA PHE A 89 -5.52 -8.39 12.33
C PHE A 89 -7.01 -8.06 12.39
N GLU A 90 -7.39 -7.19 13.33
CA GLU A 90 -8.78 -6.80 13.48
C GLU A 90 -9.30 -6.11 12.23
N GLN A 91 -10.41 -5.39 12.37
CA GLN A 91 -11.00 -4.69 11.24
C GLN A 91 -11.70 -5.66 10.29
N GLY A 92 -12.98 -5.40 10.01
CA GLY A 92 -13.73 -6.26 9.13
C GLY A 92 -13.16 -6.31 7.73
N GLU A 93 -13.49 -7.36 6.98
CA GLU A 93 -12.97 -7.52 5.62
C GLU A 93 -13.30 -6.31 4.76
N ALA A 94 -14.59 -5.95 4.71
CA ALA A 94 -15.04 -4.82 3.92
C ALA A 94 -14.44 -3.50 4.40
N SER A 95 -13.79 -3.51 5.55
CA SER A 95 -13.18 -2.29 6.10
C SER A 95 -11.90 -1.94 5.34
N PHE A 96 -11.07 -2.95 5.07
CA PHE A 96 -9.82 -2.74 4.35
C PHE A 96 -10.09 -2.37 2.90
N ASN A 97 -11.04 -3.07 2.29
CA ASN A 97 -11.42 -2.83 0.90
C ASN A 97 -12.06 -1.45 0.73
N ARG A 98 -12.83 -1.03 1.74
CA ARG A 98 -13.52 0.25 1.69
C ARG A 98 -12.53 1.42 1.64
N VAL A 99 -11.74 1.56 2.69
CA VAL A 99 -10.79 2.67 2.77
C VAL A 99 -9.58 2.48 1.86
N LEU A 100 -9.11 1.24 1.70
CA LEU A 100 -7.93 1.01 0.87
C LEU A 100 -8.30 0.76 -0.59
N GLY A 101 -9.52 0.24 -0.82
CA GLY A 101 -9.97 -0.02 -2.18
C GLY A 101 -9.58 1.07 -3.16
N PRO A 102 -10.01 2.32 -2.91
CA PRO A 102 -9.68 3.45 -3.80
C PRO A 102 -8.19 3.77 -3.81
N VAL A 103 -7.45 3.16 -2.89
CA VAL A 103 -6.00 3.39 -2.81
C VAL A 103 -5.28 2.55 -3.84
N VAL A 104 -5.51 1.24 -3.80
CA VAL A 104 -4.87 0.32 -4.74
C VAL A 104 -5.41 0.51 -6.15
N LYS A 105 -6.71 0.81 -6.23
CA LYS A 105 -7.35 1.04 -7.52
C LYS A 105 -6.65 2.14 -8.30
N GLY A 106 -6.51 3.31 -7.68
CA GLY A 106 -5.85 4.43 -8.34
C GLY A 106 -4.56 4.04 -9.00
N ILE A 107 -3.87 3.06 -8.43
CA ILE A 107 -2.60 2.60 -8.98
C ILE A 107 -2.82 1.79 -10.25
N VAL A 108 -3.86 0.95 -10.22
CA VAL A 108 -4.21 0.11 -11.35
C VAL A 108 -4.62 0.93 -12.57
N GLY A 109 -5.28 2.06 -12.32
CA GLY A 109 -5.72 2.91 -13.41
C GLY A 109 -4.57 3.52 -14.19
N MET A 110 -3.50 3.87 -13.48
CA MET A 110 -2.34 4.48 -14.13
C MET A 110 -1.48 3.43 -14.82
N CYS A 111 -1.55 2.19 -14.34
CA CYS A 111 -0.74 1.12 -14.91
C CYS A 111 -1.48 0.32 -15.97
N ASP A 112 -2.27 -0.68 -15.52
CA ASP A 112 -3.04 -1.59 -16.39
C ASP A 112 -2.53 -1.60 -17.84
N LYS A 113 -2.95 -0.59 -18.60
CA LYS A 113 -2.58 -0.42 -20.01
C LYS A 113 -3.62 -1.08 -20.92
N ASN A 114 -4.38 -2.02 -20.38
CA ASN A 114 -5.41 -2.70 -21.16
C ASN A 114 -6.80 -2.23 -20.74
N ALA A 115 -6.91 -1.70 -19.53
CA ALA A 115 -8.18 -1.20 -19.02
C ALA A 115 -9.18 -2.33 -18.78
N ASP A 116 -8.86 -3.22 -17.86
CA ASP A 116 -9.75 -4.34 -17.55
C ASP A 116 -10.09 -4.39 -16.05
N GLY A 117 -9.43 -3.56 -15.25
CA GLY A 117 -9.69 -3.53 -13.83
C GLY A 117 -9.03 -4.66 -13.08
N GLN A 118 -8.16 -5.42 -13.77
CA GLN A 118 -7.47 -6.54 -13.14
C GLN A 118 -5.96 -6.37 -13.20
N ILE A 119 -5.25 -7.17 -12.41
CA ILE A 119 -3.79 -7.11 -12.35
C ILE A 119 -3.18 -8.37 -12.98
N ASN A 120 -2.76 -8.27 -14.24
CA ASN A 120 -2.14 -9.40 -14.92
C ASN A 120 -0.66 -9.44 -14.60
N ALA A 121 -0.04 -10.62 -14.76
CA ALA A 121 1.38 -10.78 -14.47
C ALA A 121 2.21 -9.68 -15.11
N ASP A 122 1.83 -9.26 -16.32
CA ASP A 122 2.56 -8.20 -17.00
C ASP A 122 2.32 -6.86 -16.31
N GLU A 123 1.17 -6.74 -15.64
CA GLU A 123 0.85 -5.53 -14.91
C GLU A 123 1.49 -5.55 -13.53
N PHE A 124 1.36 -6.68 -12.83
CA PHE A 124 1.92 -6.85 -11.50
C PHE A 124 3.43 -6.59 -11.52
N ALA A 125 4.12 -7.28 -12.42
CA ALA A 125 5.57 -7.14 -12.55
C ALA A 125 5.96 -5.69 -12.76
N ALA A 126 5.23 -5.00 -13.63
CA ALA A 126 5.50 -3.60 -13.94
C ALA A 126 5.51 -2.74 -12.66
N TRP A 127 4.69 -3.11 -11.69
CA TRP A 127 4.60 -2.35 -10.44
C TRP A 127 5.65 -2.81 -9.43
N LEU A 128 5.87 -4.12 -9.34
CA LEU A 128 6.85 -4.65 -8.42
C LEU A 128 8.23 -4.09 -8.74
N THR A 129 8.55 -4.04 -10.02
CA THR A 129 9.82 -3.49 -10.47
C THR A 129 9.83 -1.97 -10.28
N ALA A 130 8.63 -1.39 -10.24
CA ALA A 130 8.48 0.05 -10.05
C ALA A 130 8.97 0.47 -8.67
N LEU A 131 8.68 -0.35 -7.67
CA LEU A 131 9.05 -0.05 -6.29
C LEU A 131 10.49 -0.48 -5.98
N GLY A 132 11.15 -1.13 -6.94
CA GLY A 132 12.52 -1.55 -6.71
C GLY A 132 12.70 -3.06 -6.63
N MET A 133 11.80 -3.80 -7.26
CA MET A 133 11.88 -5.26 -7.25
C MET A 133 12.48 -5.76 -8.56
N SER A 134 13.10 -6.93 -8.52
CA SER A 134 13.72 -7.52 -9.70
C SER A 134 12.68 -8.18 -10.60
N LYS A 135 13.14 -8.71 -11.72
CA LYS A 135 12.26 -9.36 -12.68
C LYS A 135 11.88 -10.77 -12.23
N ALA A 136 12.80 -11.45 -11.56
CA ALA A 136 12.56 -12.80 -11.08
C ALA A 136 11.65 -12.80 -9.85
N GLU A 137 11.67 -11.70 -9.10
CA GLU A 137 10.87 -11.57 -7.88
C GLU A 137 9.39 -11.38 -8.20
N ALA A 138 9.09 -10.50 -9.15
CA ALA A 138 7.71 -10.22 -9.52
C ALA A 138 7.01 -11.50 -9.96
N ALA A 139 7.63 -12.20 -10.90
CA ALA A 139 7.07 -13.45 -11.41
C ALA A 139 6.68 -14.39 -10.26
N GLU A 140 7.53 -14.43 -9.25
CA GLU A 140 7.30 -15.28 -8.08
C GLU A 140 6.15 -14.77 -7.21
N ALA A 141 6.13 -13.47 -6.98
CA ALA A 141 5.11 -12.85 -6.16
C ALA A 141 3.72 -13.00 -6.78
N PHE A 142 3.67 -12.92 -8.11
CA PHE A 142 2.41 -13.06 -8.82
C PHE A 142 1.74 -14.39 -8.47
N ASN A 143 2.44 -15.48 -8.75
CA ASN A 143 1.91 -16.82 -8.47
C ASN A 143 1.52 -16.99 -7.00
N GLN A 144 2.29 -16.36 -6.11
CA GLN A 144 2.03 -16.46 -4.68
C GLN A 144 0.69 -15.82 -4.31
N VAL A 145 0.34 -14.75 -5.02
CA VAL A 145 -0.90 -14.04 -4.73
C VAL A 145 -2.11 -14.65 -5.43
N ASP A 146 -1.91 -15.19 -6.63
CA ASP A 146 -3.02 -15.79 -7.38
C ASP A 146 -3.62 -16.98 -6.62
N THR A 147 -4.44 -16.66 -5.63
CA THR A 147 -5.11 -17.66 -4.80
C THR A 147 -5.95 -18.64 -5.61
N ASN A 148 -6.54 -18.18 -6.70
CA ASN A 148 -7.40 -19.03 -7.51
C ASN A 148 -6.65 -19.64 -8.70
N GLY A 149 -5.34 -19.45 -8.74
CA GLY A 149 -4.54 -19.99 -9.84
C GLY A 149 -5.20 -19.81 -11.19
N ASN A 150 -6.00 -18.77 -11.32
CA ASN A 150 -6.70 -18.48 -12.57
C ASN A 150 -5.82 -17.65 -13.49
N GLY A 151 -4.68 -17.20 -12.98
CA GLY A 151 -3.76 -16.42 -13.78
C GLY A 151 -4.07 -14.94 -13.74
N GLU A 152 -5.02 -14.52 -12.90
CA GLU A 152 -5.38 -13.11 -12.81
C GLU A 152 -5.46 -12.66 -11.35
N LEU A 153 -4.86 -11.52 -11.06
CA LEU A 153 -4.86 -10.97 -9.70
C LEU A 153 -5.95 -9.90 -9.58
N SER A 154 -7.08 -10.27 -8.98
CA SER A 154 -8.20 -9.35 -8.83
C SER A 154 -8.11 -8.54 -7.54
N LEU A 155 -8.95 -7.50 -7.45
CA LEU A 155 -8.98 -6.63 -6.28
C LEU A 155 -9.09 -7.44 -4.99
N ASP A 156 -9.99 -8.43 -4.98
CA ASP A 156 -10.18 -9.28 -3.81
C ASP A 156 -8.89 -9.96 -3.41
N GLU A 157 -8.29 -10.67 -4.35
CA GLU A 157 -7.06 -11.40 -4.11
C GLU A 157 -5.89 -10.48 -3.77
N LEU A 158 -6.02 -9.21 -4.12
CA LEU A 158 -4.98 -8.22 -3.84
C LEU A 158 -4.92 -7.91 -2.35
N LEU A 159 -6.05 -7.46 -1.81
CA LEU A 159 -6.16 -7.10 -0.40
C LEU A 159 -5.65 -8.23 0.50
N THR A 160 -6.15 -9.44 0.26
CA THR A 160 -5.73 -10.59 1.06
C THR A 160 -4.21 -10.70 1.12
N ALA A 161 -3.58 -10.67 -0.04
CA ALA A 161 -2.12 -10.76 -0.11
C ALA A 161 -1.47 -9.61 0.68
N VAL A 162 -2.08 -8.43 0.63
CA VAL A 162 -1.56 -7.27 1.34
C VAL A 162 -1.34 -7.58 2.82
N ARG A 163 -2.27 -8.33 3.40
CA ARG A 163 -2.18 -8.69 4.81
C ARG A 163 -1.27 -9.90 5.03
N ASP A 164 0.00 -9.73 4.69
CA ASP A 164 0.99 -10.79 4.85
C ASP A 164 2.35 -10.22 5.19
N PHE A 165 2.40 -9.39 6.22
CA PHE A 165 3.64 -8.76 6.67
C PHE A 165 3.54 -8.36 8.13
N HIS A 166 4.32 -9.03 8.99
CA HIS A 166 4.30 -8.74 10.41
C HIS A 166 5.29 -9.62 11.17
N PHE A 167 5.04 -10.92 11.14
CA PHE A 167 5.89 -11.88 11.82
C PHE A 167 6.78 -12.63 10.83
N GLY A 168 6.36 -12.67 9.57
CA GLY A 168 7.14 -13.35 8.56
C GLY A 168 6.47 -13.33 7.19
N ARG A 169 6.65 -12.22 6.47
CA ARG A 169 6.06 -12.09 5.14
C ARG A 169 6.46 -13.27 4.26
N LEU A 170 5.52 -13.76 3.47
CA LEU A 170 5.76 -14.89 2.58
C LEU A 170 6.01 -14.44 1.15
N ASP A 171 6.85 -13.41 0.99
CA ASP A 171 7.18 -12.89 -0.34
C ASP A 171 6.01 -12.13 -0.94
N VAL A 172 5.13 -11.60 -0.08
CA VAL A 172 3.97 -10.84 -0.57
C VAL A 172 4.13 -9.35 -0.29
N GLU A 173 3.85 -8.95 0.96
CA GLU A 173 3.95 -7.55 1.33
C GLU A 173 3.06 -6.68 0.44
N LEU A 174 3.35 -5.39 0.39
CA LEU A 174 2.56 -4.47 -0.43
C LEU A 174 3.47 -3.43 -1.09
N LEU A 175 4.29 -2.77 -0.29
CA LEU A 175 5.20 -1.76 -0.79
C LEU A 175 6.60 -2.33 -1.02
N GLY A 176 7.52 -1.47 -1.45
CA GLY A 176 8.88 -1.92 -1.70
C GLY A 176 9.47 -2.65 -0.51
N THR A 1 4.13 -11.72 21.84
CA THR A 1 4.21 -10.87 20.62
C THR A 1 5.26 -9.77 20.79
N THR A 2 6.47 -10.03 20.32
CA THR A 2 7.56 -9.06 20.42
C THR A 2 8.79 -9.53 19.65
N ALA A 3 9.90 -8.83 19.84
CA ALA A 3 11.16 -9.16 19.18
C ALA A 3 11.04 -8.98 17.66
N ILE A 4 10.38 -9.93 17.01
CA ILE A 4 10.18 -9.88 15.58
C ILE A 4 9.18 -8.80 15.22
N ALA A 5 8.16 -8.66 16.07
CA ALA A 5 7.11 -7.67 15.85
C ALA A 5 7.67 -6.25 15.90
N SER A 6 8.39 -5.95 16.97
CA SER A 6 8.97 -4.61 17.13
C SER A 6 9.91 -4.30 15.98
N ASP A 7 10.85 -5.20 15.72
CA ASP A 7 11.82 -5.01 14.64
C ASP A 7 11.14 -4.70 13.31
N ARG A 8 10.19 -5.54 12.92
CA ARG A 8 9.49 -5.36 11.66
C ARG A 8 8.70 -4.05 11.62
N LEU A 9 7.96 -3.76 12.68
CA LEU A 9 7.16 -2.54 12.73
C LEU A 9 8.03 -1.31 12.96
N LYS A 10 9.10 -1.47 13.72
CA LYS A 10 10.00 -0.36 14.00
C LYS A 10 10.61 0.18 12.71
N LYS A 11 11.04 -0.73 11.84
CA LYS A 11 11.64 -0.34 10.57
C LYS A 11 10.61 0.28 9.64
N ARG A 12 9.44 -0.35 9.55
CA ARG A 12 8.35 0.15 8.70
C ARG A 12 8.15 1.64 8.90
N PHE A 13 8.37 2.11 10.12
CA PHE A 13 8.21 3.52 10.45
C PHE A 13 9.37 4.34 9.91
N ASP A 14 10.59 3.94 10.26
CA ASP A 14 11.80 4.64 9.81
C ASP A 14 12.03 4.43 8.32
N ARG A 15 11.39 3.42 7.75
CA ARG A 15 11.54 3.13 6.33
C ARG A 15 10.82 4.17 5.47
N TRP A 16 9.85 4.86 6.06
CA TRP A 16 9.10 5.88 5.35
C TRP A 16 9.67 7.28 5.64
N ASP A 17 9.02 8.03 6.54
CA ASP A 17 9.48 9.38 6.89
C ASP A 17 9.90 10.16 5.64
N PHE A 18 8.93 10.56 4.85
CA PHE A 18 9.19 11.29 3.62
C PHE A 18 10.04 12.54 3.86
N ASP A 19 9.64 13.35 4.83
CA ASP A 19 10.39 14.57 5.15
C ASP A 19 11.33 14.36 6.34
N GLY A 20 11.17 13.25 7.04
CA GLY A 20 12.01 12.99 8.20
C GLY A 20 11.57 13.78 9.42
N ASN A 21 10.26 13.82 9.65
CA ASN A 21 9.71 14.56 10.78
C ASN A 21 9.53 13.66 12.01
N GLY A 22 9.64 12.35 11.81
CA GLY A 22 9.48 11.42 12.93
C GLY A 22 8.02 11.13 13.24
N ALA A 23 7.15 11.37 12.26
CA ALA A 23 5.73 11.13 12.43
C ALA A 23 5.07 10.87 11.09
N LEU A 24 3.79 10.51 11.11
CA LEU A 24 3.06 10.22 9.89
C LEU A 24 1.96 11.26 9.69
N GLU A 25 2.08 12.05 8.63
CA GLU A 25 1.09 13.08 8.33
C GLU A 25 0.37 12.77 7.04
N ARG A 26 -0.67 13.54 6.75
CA ARG A 26 -1.45 13.35 5.53
C ARG A 26 -0.59 13.63 4.30
N ALA A 27 0.34 14.56 4.45
CA ALA A 27 1.24 14.94 3.37
C ALA A 27 2.21 13.82 3.02
N ASP A 28 2.43 12.90 3.96
CA ASP A 28 3.33 11.78 3.74
C ASP A 28 2.73 10.81 2.74
N PHE A 29 1.41 10.71 2.74
CA PHE A 29 0.71 9.80 1.83
C PHE A 29 0.60 10.40 0.43
N GLU A 30 0.33 11.70 0.36
CA GLU A 30 0.20 12.37 -0.93
C GLU A 30 1.52 12.32 -1.69
N LYS A 31 2.63 12.44 -0.97
CA LYS A 31 3.94 12.39 -1.60
C LYS A 31 4.20 11.00 -2.18
N GLU A 32 3.86 9.99 -1.39
CA GLU A 32 4.05 8.61 -1.83
C GLU A 32 3.40 8.38 -3.19
N ALA A 33 2.13 8.73 -3.30
CA ALA A 33 1.40 8.58 -4.56
C ALA A 33 2.18 9.19 -5.71
N GLN A 34 2.59 10.44 -5.54
CA GLN A 34 3.35 11.15 -6.57
C GLN A 34 4.66 10.40 -6.83
N HIS A 35 5.39 10.08 -5.77
CA HIS A 35 6.65 9.37 -5.91
C HIS A 35 6.46 8.12 -6.77
N ILE A 36 5.25 7.58 -6.75
CA ILE A 36 4.92 6.39 -7.53
C ILE A 36 4.69 6.73 -9.00
N ALA A 37 3.80 7.69 -9.25
CA ALA A 37 3.48 8.09 -10.62
C ALA A 37 4.75 8.30 -11.44
N GLU A 38 5.74 8.98 -10.87
CA GLU A 38 7.01 9.24 -11.55
C GLU A 38 7.73 7.95 -11.92
N ALA A 39 7.72 6.98 -11.01
CA ALA A 39 8.39 5.71 -11.24
C ALA A 39 7.91 5.07 -12.54
N PHE A 40 6.71 5.44 -12.96
CA PHE A 40 6.14 4.90 -14.20
C PHE A 40 6.47 5.79 -15.40
N GLY A 41 7.28 6.83 -15.18
CA GLY A 41 7.65 7.73 -16.25
C GLY A 41 6.45 8.38 -16.91
N LYS A 42 5.30 8.33 -16.25
CA LYS A 42 4.08 8.92 -16.78
C LYS A 42 3.92 10.36 -16.28
N ASP A 43 2.68 10.83 -16.20
CA ASP A 43 2.41 12.19 -15.74
C ASP A 43 2.68 12.32 -14.24
N ALA A 44 2.16 13.39 -13.65
CA ALA A 44 2.28 13.64 -12.21
C ALA A 44 0.97 14.23 -11.70
N GLY A 45 0.59 15.35 -12.29
CA GLY A 45 -0.64 16.02 -11.91
C GLY A 45 -1.81 15.60 -12.78
N ALA A 46 -1.71 14.43 -13.40
CA ALA A 46 -2.79 13.93 -14.24
C ALA A 46 -4.02 13.56 -13.42
N ALA A 47 -4.93 12.79 -14.01
CA ALA A 47 -6.13 12.36 -13.31
C ALA A 47 -5.85 11.12 -12.48
N GLU A 48 -5.27 10.10 -13.11
CA GLU A 48 -4.96 8.85 -12.43
C GLU A 48 -4.12 9.09 -11.19
N VAL A 49 -3.25 10.10 -11.25
CA VAL A 49 -2.40 10.44 -10.12
C VAL A 49 -3.19 11.21 -9.08
N GLN A 50 -4.01 12.15 -9.54
CA GLN A 50 -4.84 12.94 -8.64
C GLN A 50 -5.84 12.04 -7.91
N THR A 51 -6.47 11.14 -8.66
CA THR A 51 -7.45 10.21 -8.08
C THR A 51 -6.76 9.33 -7.03
N LEU A 52 -5.64 8.74 -7.40
CA LEU A 52 -4.91 7.88 -6.47
C LEU A 52 -4.62 8.65 -5.19
N LYS A 53 -3.92 9.77 -5.32
CA LYS A 53 -3.61 10.61 -4.17
C LYS A 53 -4.87 10.94 -3.38
N ASN A 54 -5.97 11.16 -4.10
CA ASN A 54 -7.24 11.48 -3.46
C ASN A 54 -7.64 10.37 -2.50
N ALA A 55 -7.43 9.13 -2.91
CA ALA A 55 -7.75 7.98 -2.08
C ALA A 55 -6.84 7.91 -0.86
N PHE A 56 -5.55 8.21 -1.07
CA PHE A 56 -4.58 8.18 0.00
C PHE A 56 -4.96 9.16 1.11
N GLY A 57 -5.59 10.27 0.73
CA GLY A 57 -6.00 11.26 1.70
C GLY A 57 -7.01 10.70 2.68
N GLY A 58 -8.05 10.07 2.15
CA GLY A 58 -9.09 9.50 3.00
C GLY A 58 -8.55 8.49 3.98
N LEU A 59 -7.51 7.75 3.58
CA LEU A 59 -6.91 6.76 4.46
C LEU A 59 -6.47 7.40 5.77
N PHE A 60 -5.93 8.61 5.67
CA PHE A 60 -5.48 9.34 6.85
C PHE A 60 -6.63 9.61 7.82
N ASP A 61 -7.75 10.08 7.28
CA ASP A 61 -8.92 10.39 8.10
C ASP A 61 -9.17 9.31 9.16
N TYR A 62 -9.16 8.05 8.72
CA TYR A 62 -9.38 6.93 9.63
C TYR A 62 -8.36 6.93 10.77
N LEU A 63 -7.12 7.29 10.45
CA LEU A 63 -6.05 7.34 11.46
C LEU A 63 -6.32 8.43 12.48
N ALA A 64 -6.42 9.66 12.01
CA ALA A 64 -6.66 10.80 12.90
C ALA A 64 -7.85 10.55 13.83
N LYS A 65 -8.94 10.05 13.28
CA LYS A 65 -10.13 9.77 14.08
C LYS A 65 -9.87 8.66 15.08
N GLU A 66 -9.33 7.55 14.60
CA GLU A 66 -9.03 6.41 15.46
C GLU A 66 -7.98 6.78 16.50
N ALA A 67 -6.97 7.55 16.08
CA ALA A 67 -5.90 7.96 16.98
C ALA A 67 -6.34 9.12 17.88
N GLY A 68 -7.30 9.92 17.40
CA GLY A 68 -7.79 11.03 18.19
C GLY A 68 -7.26 12.39 17.73
N VAL A 69 -6.50 12.39 16.63
CA VAL A 69 -5.95 13.64 16.10
C VAL A 69 -6.73 14.07 14.86
N GLY A 70 -6.45 15.28 14.37
CA GLY A 70 -7.15 15.80 13.21
C GLY A 70 -6.51 15.42 11.89
N SER A 71 -7.12 15.89 10.81
CA SER A 71 -6.62 15.64 9.46
C SER A 71 -5.26 16.33 9.25
N ASP A 72 -4.88 17.22 10.17
CA ASP A 72 -3.61 17.93 10.07
C ASP A 72 -2.66 17.52 11.20
N GLY A 73 -2.97 16.43 11.89
CA GLY A 73 -2.12 15.98 12.97
C GLY A 73 -1.11 14.93 12.53
N SER A 74 -0.49 14.26 13.51
CA SER A 74 0.52 13.25 13.20
C SER A 74 0.43 12.07 14.16
N LEU A 75 0.88 10.90 13.68
CA LEU A 75 0.88 9.69 14.48
C LEU A 75 2.31 9.25 14.78
N THR A 76 2.55 8.83 16.01
CA THR A 76 3.88 8.38 16.42
C THR A 76 4.09 6.91 16.07
N GLU A 77 5.34 6.45 16.14
CA GLU A 77 5.66 5.07 15.84
C GLU A 77 4.89 4.13 16.75
N GLU A 78 4.97 4.39 18.04
CA GLU A 78 4.28 3.57 19.03
C GLU A 78 2.77 3.56 18.77
N GLN A 79 2.26 4.67 18.24
CA GLN A 79 0.84 4.78 17.93
C GLN A 79 0.52 3.96 16.67
N PHE A 80 1.40 4.06 15.68
CA PHE A 80 1.22 3.32 14.44
C PHE A 80 1.01 1.84 14.71
N ILE A 81 1.94 1.25 15.46
CA ILE A 81 1.88 -0.17 15.79
C ILE A 81 0.53 -0.55 16.40
N ARG A 82 0.11 0.18 17.43
CA ARG A 82 -1.16 -0.09 18.09
C ARG A 82 -2.33 -0.09 17.12
N VAL A 83 -2.48 0.98 16.37
CA VAL A 83 -3.58 1.09 15.41
C VAL A 83 -3.36 0.15 14.22
N THR A 84 -2.11 -0.01 13.81
CA THR A 84 -1.79 -0.90 12.70
C THR A 84 -2.21 -2.33 13.05
N GLU A 85 -1.81 -2.76 14.25
CA GLU A 85 -2.14 -4.09 14.74
C GLU A 85 -3.62 -4.42 14.49
N ASN A 86 -4.49 -3.57 15.04
CA ASN A 86 -5.93 -3.75 14.90
C ASN A 86 -6.35 -3.74 13.43
N LEU A 87 -5.69 -2.91 12.63
CA LEU A 87 -6.00 -2.81 11.21
C LEU A 87 -5.83 -4.17 10.53
N ILE A 88 -4.73 -4.84 10.84
CA ILE A 88 -4.47 -6.15 10.27
C ILE A 88 -5.35 -7.21 10.90
N PHE A 89 -5.55 -7.11 12.21
CA PHE A 89 -6.39 -8.06 12.94
C PHE A 89 -7.84 -7.59 12.99
N GLU A 90 -8.13 -6.66 13.88
CA GLU A 90 -9.47 -6.12 14.04
C GLU A 90 -9.98 -5.54 12.72
N GLN A 91 -10.98 -4.66 12.82
CA GLN A 91 -11.56 -4.02 11.63
C GLN A 91 -12.31 -5.04 10.78
N GLY A 92 -11.61 -5.69 9.85
CA GLY A 92 -12.26 -6.68 9.01
C GLY A 92 -12.00 -6.48 7.53
N GLU A 93 -12.58 -7.36 6.71
CA GLU A 93 -12.40 -7.30 5.27
C GLU A 93 -12.93 -5.99 4.68
N ALA A 94 -14.23 -5.79 4.78
CA ALA A 94 -14.89 -4.60 4.24
C ALA A 94 -14.28 -3.30 4.75
N SER A 95 -13.54 -3.39 5.85
CA SER A 95 -12.90 -2.20 6.43
C SER A 95 -11.66 -1.84 5.63
N PHE A 96 -10.84 -2.84 5.32
CA PHE A 96 -9.62 -2.62 4.56
C PHE A 96 -9.94 -2.33 3.09
N ASN A 97 -10.93 -3.04 2.56
CA ASN A 97 -11.34 -2.87 1.17
C ASN A 97 -12.01 -1.50 0.97
N ARG A 98 -12.76 -1.07 1.97
CA ARG A 98 -13.47 0.21 1.90
C ARG A 98 -12.50 1.38 1.79
N VAL A 99 -11.63 1.54 2.79
CA VAL A 99 -10.68 2.64 2.81
C VAL A 99 -9.51 2.42 1.85
N LEU A 100 -9.07 1.17 1.71
CA LEU A 100 -7.93 0.91 0.84
C LEU A 100 -8.36 0.64 -0.60
N GLY A 101 -9.59 0.15 -0.78
CA GLY A 101 -10.08 -0.13 -2.12
C GLY A 101 -9.72 0.97 -3.11
N PRO A 102 -10.21 2.20 -2.90
CA PRO A 102 -9.92 3.34 -3.78
C PRO A 102 -8.42 3.67 -3.81
N VAL A 103 -7.68 3.15 -2.84
CA VAL A 103 -6.24 3.39 -2.78
C VAL A 103 -5.51 2.45 -3.75
N VAL A 104 -5.80 1.17 -3.64
CA VAL A 104 -5.19 0.18 -4.52
C VAL A 104 -5.72 0.33 -5.94
N LYS A 105 -6.99 0.70 -6.04
CA LYS A 105 -7.64 0.91 -7.33
C LYS A 105 -6.86 1.94 -8.15
N GLY A 106 -6.65 3.12 -7.55
CA GLY A 106 -5.93 4.18 -8.23
C GLY A 106 -4.65 3.67 -8.87
N ILE A 107 -3.98 2.75 -8.18
CA ILE A 107 -2.74 2.19 -8.69
C ILE A 107 -3.00 1.20 -9.82
N VAL A 108 -4.05 0.41 -9.68
CA VAL A 108 -4.42 -0.56 -10.70
C VAL A 108 -4.77 0.13 -12.01
N GLY A 109 -5.37 1.31 -11.90
CA GLY A 109 -5.73 2.07 -13.09
C GLY A 109 -4.53 2.42 -13.93
N MET A 110 -3.43 2.75 -13.27
CA MET A 110 -2.20 3.11 -13.97
C MET A 110 -1.47 1.84 -14.41
N CYS A 111 -1.72 0.74 -13.71
CA CYS A 111 -1.07 -0.54 -14.01
C CYS A 111 -1.91 -1.38 -14.97
N ASP A 112 -2.45 -0.71 -15.98
CA ASP A 112 -3.28 -1.37 -16.97
C ASP A 112 -3.52 -0.45 -18.17
N LYS A 113 -2.89 -0.79 -19.30
CA LYS A 113 -3.05 -0.02 -20.52
C LYS A 113 -4.15 -0.60 -21.43
N ASN A 114 -4.82 -1.65 -20.94
CA ASN A 114 -5.89 -2.28 -21.72
C ASN A 114 -7.27 -1.89 -21.17
N ALA A 115 -7.29 -1.34 -19.96
CA ALA A 115 -8.53 -0.91 -19.34
C ALA A 115 -9.47 -2.08 -19.05
N ASP A 116 -9.00 -3.04 -18.26
CA ASP A 116 -9.80 -4.20 -17.91
C ASP A 116 -10.09 -4.23 -16.41
N GLY A 117 -9.37 -3.42 -15.63
CA GLY A 117 -9.57 -3.39 -14.20
C GLY A 117 -8.91 -4.53 -13.47
N GLN A 118 -8.07 -5.29 -14.18
CA GLN A 118 -7.39 -6.43 -13.58
C GLN A 118 -5.87 -6.31 -13.72
N ILE A 119 -5.15 -7.09 -12.92
CA ILE A 119 -3.69 -7.08 -12.94
C ILE A 119 -3.13 -8.36 -13.53
N ASN A 120 -2.73 -8.33 -14.79
CA ASN A 120 -2.17 -9.51 -15.44
C ASN A 120 -0.68 -9.62 -15.10
N ALA A 121 -0.12 -10.81 -15.27
CA ALA A 121 1.29 -11.03 -14.96
C ALA A 121 2.15 -9.98 -15.65
N ASP A 122 1.77 -9.60 -16.87
CA ASP A 122 2.49 -8.58 -17.62
C ASP A 122 2.28 -7.22 -16.96
N GLU A 123 1.17 -7.06 -16.26
CA GLU A 123 0.87 -5.82 -15.55
C GLU A 123 1.57 -5.80 -14.20
N PHE A 124 1.43 -6.90 -13.46
CA PHE A 124 2.05 -7.02 -12.14
C PHE A 124 3.56 -6.82 -12.25
N ALA A 125 4.17 -7.50 -13.21
CA ALA A 125 5.61 -7.41 -13.44
C ALA A 125 6.03 -5.96 -13.67
N ALA A 126 5.31 -5.27 -14.53
CA ALA A 126 5.60 -3.88 -14.86
C ALA A 126 5.68 -3.01 -13.61
N TRP A 127 4.89 -3.35 -12.59
CA TRP A 127 4.86 -2.57 -11.35
C TRP A 127 6.00 -2.97 -10.41
N LEU A 128 6.26 -4.26 -10.29
CA LEU A 128 7.30 -4.74 -9.40
C LEU A 128 8.67 -4.18 -9.80
N THR A 129 8.96 -4.19 -11.10
CA THR A 129 10.23 -3.68 -11.59
C THR A 129 10.26 -2.15 -11.47
N ALA A 130 9.08 -1.54 -11.41
CA ALA A 130 8.97 -0.10 -11.28
C ALA A 130 9.47 0.37 -9.91
N LEU A 131 9.16 -0.40 -8.87
CA LEU A 131 9.56 -0.04 -7.51
C LEU A 131 10.96 -0.53 -7.16
N GLY A 132 11.61 -1.22 -8.08
CA GLY A 132 12.96 -1.70 -7.82
C GLY A 132 13.06 -3.20 -7.65
N MET A 133 12.14 -3.95 -8.25
CA MET A 133 12.16 -5.41 -8.15
C MET A 133 12.70 -6.02 -9.43
N SER A 134 13.27 -7.22 -9.31
CA SER A 134 13.83 -7.91 -10.47
C SER A 134 12.72 -8.63 -11.24
N LYS A 135 12.97 -8.90 -12.52
CA LYS A 135 11.99 -9.58 -13.37
C LYS A 135 11.68 -10.97 -12.86
N ALA A 136 12.59 -11.54 -12.08
CA ALA A 136 12.42 -12.87 -11.51
C ALA A 136 11.54 -12.82 -10.27
N GLU A 137 11.56 -11.68 -9.58
CA GLU A 137 10.78 -11.48 -8.36
C GLU A 137 9.29 -11.36 -8.67
N ALA A 138 8.95 -10.66 -9.73
CA ALA A 138 7.56 -10.48 -10.11
C ALA A 138 6.89 -11.82 -10.38
N ALA A 139 7.49 -12.58 -11.29
CA ALA A 139 6.98 -13.90 -11.64
C ALA A 139 6.68 -14.74 -10.40
N GLU A 140 7.60 -14.68 -9.43
CA GLU A 140 7.45 -15.44 -8.19
C GLU A 140 6.33 -14.88 -7.32
N ALA A 141 6.35 -13.57 -7.11
CA ALA A 141 5.36 -12.92 -6.26
C ALA A 141 3.95 -13.08 -6.83
N PHE A 142 3.85 -13.06 -8.16
CA PHE A 142 2.57 -13.22 -8.83
C PHE A 142 1.88 -14.51 -8.40
N ASN A 143 2.55 -15.64 -8.63
CA ASN A 143 2.02 -16.95 -8.27
C ASN A 143 1.68 -17.07 -6.78
N GLN A 144 2.49 -16.40 -5.95
CA GLN A 144 2.31 -16.45 -4.50
C GLN A 144 1.00 -15.80 -4.06
N VAL A 145 0.64 -14.70 -4.72
CA VAL A 145 -0.56 -13.96 -4.37
C VAL A 145 -1.80 -14.55 -5.02
N ASP A 146 -1.62 -15.08 -6.23
CA ASP A 146 -2.74 -15.66 -6.98
C ASP A 146 -3.38 -16.81 -6.22
N THR A 147 -4.20 -16.47 -5.23
CA THR A 147 -4.90 -17.46 -4.41
C THR A 147 -5.80 -18.37 -5.25
N ASN A 148 -6.35 -17.83 -6.34
CA ASN A 148 -7.25 -18.58 -7.19
C ASN A 148 -6.54 -19.23 -8.37
N GLY A 149 -5.21 -19.07 -8.43
CA GLY A 149 -4.43 -19.66 -9.51
C GLY A 149 -5.11 -19.55 -10.87
N ASN A 150 -5.80 -18.45 -11.10
CA ASN A 150 -6.49 -18.24 -12.36
C ASN A 150 -5.60 -17.49 -13.37
N GLY A 151 -4.43 -17.06 -12.92
CA GLY A 151 -3.52 -16.36 -13.79
C GLY A 151 -3.79 -14.87 -13.87
N GLU A 152 -4.71 -14.37 -13.06
CA GLU A 152 -5.04 -12.95 -13.08
C GLU A 152 -5.13 -12.38 -11.67
N LEU A 153 -4.55 -11.20 -11.47
CA LEU A 153 -4.57 -10.53 -10.17
C LEU A 153 -5.61 -9.43 -10.15
N SER A 154 -6.74 -9.68 -9.47
CA SER A 154 -7.81 -8.71 -9.38
C SER A 154 -7.68 -7.84 -8.13
N LEU A 155 -8.50 -6.78 -8.08
CA LEU A 155 -8.49 -5.86 -6.95
C LEU A 155 -8.61 -6.60 -5.63
N ASP A 156 -9.55 -7.55 -5.57
CA ASP A 156 -9.77 -8.34 -4.36
C ASP A 156 -8.49 -9.01 -3.89
N GLU A 157 -7.90 -9.80 -4.78
CA GLU A 157 -6.67 -10.53 -4.45
C GLU A 157 -5.49 -9.61 -4.18
N LEU A 158 -5.63 -8.33 -4.54
CA LEU A 158 -4.57 -7.35 -4.31
C LEU A 158 -4.44 -7.04 -2.82
N LEU A 159 -5.58 -6.96 -2.15
CA LEU A 159 -5.62 -6.67 -0.71
C LEU A 159 -5.13 -7.87 0.08
N THR A 160 -5.55 -9.06 -0.35
CA THR A 160 -5.14 -10.30 0.31
C THR A 160 -3.62 -10.35 0.41
N ALA A 161 -2.95 -9.69 -0.53
CA ALA A 161 -1.49 -9.64 -0.54
C ALA A 161 -0.96 -8.85 0.65
N VAL A 162 -1.55 -7.68 0.88
CA VAL A 162 -1.15 -6.81 1.99
C VAL A 162 -1.10 -7.58 3.30
N ARG A 163 -2.26 -8.07 3.73
CA ARG A 163 -2.36 -8.82 4.97
C ARG A 163 -1.26 -9.87 5.09
N ASP A 164 -0.84 -10.16 6.32
CA ASP A 164 0.19 -11.15 6.56
C ASP A 164 1.56 -10.66 6.07
N PHE A 165 1.92 -9.44 6.47
CA PHE A 165 3.20 -8.87 6.07
C PHE A 165 4.16 -8.83 7.26
N HIS A 166 3.59 -8.82 8.47
CA HIS A 166 4.37 -8.78 9.69
C HIS A 166 5.29 -9.99 9.81
N PHE A 167 4.70 -11.16 10.01
CA PHE A 167 5.47 -12.39 10.16
C PHE A 167 5.76 -13.04 8.81
N GLY A 168 7.04 -13.05 8.43
CA GLY A 168 7.45 -13.63 7.17
C GLY A 168 6.51 -13.27 6.02
N ARG A 169 6.58 -12.03 5.57
CA ARG A 169 5.73 -11.57 4.48
C ARG A 169 5.93 -12.44 3.24
N LEU A 170 5.24 -12.09 2.16
CA LEU A 170 5.33 -12.84 0.91
C LEU A 170 5.97 -11.99 -0.19
N ASP A 171 6.06 -10.69 0.02
CA ASP A 171 6.65 -9.80 -0.96
C ASP A 171 6.95 -8.43 -0.35
N VAL A 172 5.89 -7.66 -0.11
CA VAL A 172 6.04 -6.32 0.49
C VAL A 172 4.70 -5.57 0.53
N GLU A 173 3.61 -6.30 0.72
CA GLU A 173 2.29 -5.68 0.79
C GLU A 173 2.08 -4.73 -0.40
N LEU A 174 0.95 -4.03 -0.39
CA LEU A 174 0.64 -3.08 -1.46
C LEU A 174 1.28 -1.73 -1.17
N LEU A 175 1.32 -1.36 0.10
CA LEU A 175 1.91 -0.09 0.52
C LEU A 175 3.37 -0.01 0.09
N GLY A 176 4.03 -1.16 0.06
CA GLY A 176 5.43 -1.20 -0.32
C GLY A 176 5.64 -1.87 -1.67
N THR A 1 3.63 -12.90 21.29
CA THR A 1 4.47 -11.88 21.97
C THR A 1 5.22 -11.03 20.95
N THR A 2 5.44 -9.76 21.29
CA THR A 2 6.15 -8.83 20.40
C THR A 2 7.55 -9.32 20.09
N ALA A 3 7.99 -9.09 18.86
CA ALA A 3 9.32 -9.50 18.42
C ALA A 3 9.54 -9.19 16.95
N ILE A 4 8.99 -10.04 16.09
CA ILE A 4 9.12 -9.86 14.64
C ILE A 4 8.17 -8.78 14.13
N ALA A 5 7.03 -8.64 14.79
CA ALA A 5 6.03 -7.66 14.40
C ALA A 5 6.56 -6.23 14.49
N SER A 6 7.29 -5.94 15.55
CA SER A 6 7.85 -4.61 15.75
C SER A 6 8.82 -4.22 14.64
N ASP A 7 9.83 -5.06 14.43
CA ASP A 7 10.84 -4.82 13.40
C ASP A 7 10.23 -4.40 12.07
N ARG A 8 9.28 -5.18 11.58
CA ARG A 8 8.65 -4.90 10.29
C ARG A 8 7.89 -3.57 10.31
N LEU A 9 7.13 -3.34 11.37
CA LEU A 9 6.35 -2.11 11.47
C LEU A 9 7.24 -0.92 11.83
N LYS A 10 8.34 -1.18 12.52
CA LYS A 10 9.25 -0.11 12.91
C LYS A 10 9.82 0.62 11.70
N LYS A 11 10.44 -0.15 10.80
CA LYS A 11 11.01 0.43 9.60
C LYS A 11 9.97 1.21 8.79
N ARG A 12 8.81 0.60 8.60
CA ARG A 12 7.71 1.25 7.86
C ARG A 12 7.53 2.69 8.31
N PHE A 13 7.87 2.97 9.56
CA PHE A 13 7.75 4.30 10.13
C PHE A 13 8.84 5.23 9.59
N ASP A 14 10.10 4.86 9.84
CA ASP A 14 11.23 5.66 9.38
C ASP A 14 11.36 5.59 7.86
N ARG A 15 10.87 4.51 7.27
CA ARG A 15 10.95 4.34 5.83
C ARG A 15 9.95 5.26 5.11
N TRP A 16 8.99 5.78 5.86
CA TRP A 16 7.98 6.68 5.28
C TRP A 16 8.18 8.12 5.75
N ASP A 17 9.35 8.41 6.31
CA ASP A 17 9.64 9.77 6.77
C ASP A 17 10.05 10.64 5.59
N PHE A 18 9.05 11.07 4.81
CA PHE A 18 9.29 11.89 3.63
C PHE A 18 10.10 13.13 3.97
N ASP A 19 9.68 13.88 4.99
CA ASP A 19 10.37 15.10 5.39
C ASP A 19 11.32 14.85 6.56
N GLY A 20 11.16 13.70 7.22
CA GLY A 20 12.01 13.38 8.35
C GLY A 20 11.60 14.13 9.60
N ASN A 21 10.30 14.14 9.88
CA ASN A 21 9.78 14.84 11.05
C ASN A 21 9.67 13.91 12.26
N GLY A 22 9.85 12.61 12.04
CA GLY A 22 9.77 11.66 13.13
C GLY A 22 8.34 11.33 13.49
N ALA A 23 7.43 11.58 12.55
CA ALA A 23 6.01 11.30 12.74
C ALA A 23 5.33 11.06 11.41
N LEU A 24 4.03 10.78 11.41
CA LEU A 24 3.30 10.53 10.19
C LEU A 24 2.24 11.60 9.95
N GLU A 25 2.39 12.34 8.86
CA GLU A 25 1.45 13.40 8.52
C GLU A 25 0.71 13.05 7.24
N ARG A 26 -0.34 13.80 6.94
CA ARG A 26 -1.15 13.58 5.75
C ARG A 26 -0.37 13.93 4.49
N ALA A 27 0.55 14.89 4.60
CA ALA A 27 1.36 15.32 3.47
C ALA A 27 2.33 14.22 3.03
N ASP A 28 2.57 13.26 3.92
CA ASP A 28 3.47 12.15 3.62
C ASP A 28 2.81 11.20 2.64
N PHE A 29 1.49 11.17 2.65
CA PHE A 29 0.72 10.29 1.77
C PHE A 29 0.64 10.87 0.36
N GLU A 30 0.45 12.18 0.27
CA GLU A 30 0.37 12.83 -1.03
C GLU A 30 1.72 12.75 -1.76
N LYS A 31 2.81 12.85 -1.00
CA LYS A 31 4.14 12.78 -1.57
C LYS A 31 4.39 11.38 -2.13
N GLU A 32 4.04 10.37 -1.34
CA GLU A 32 4.23 8.98 -1.74
C GLU A 32 3.64 8.75 -3.14
N ALA A 33 2.36 9.05 -3.30
CA ALA A 33 1.69 8.88 -4.58
C ALA A 33 2.49 9.58 -5.69
N GLN A 34 2.91 10.80 -5.39
CA GLN A 34 3.71 11.57 -6.35
C GLN A 34 5.02 10.84 -6.63
N HIS A 35 5.74 10.50 -5.58
CA HIS A 35 7.01 9.81 -5.72
C HIS A 35 6.83 8.52 -6.52
N ILE A 36 5.64 7.94 -6.41
CA ILE A 36 5.33 6.70 -7.12
C ILE A 36 5.02 6.99 -8.59
N ALA A 37 4.06 7.88 -8.84
CA ALA A 37 3.67 8.23 -10.20
C ALA A 37 4.90 8.43 -11.10
N GLU A 38 5.86 9.21 -10.60
CA GLU A 38 7.08 9.46 -11.35
C GLU A 38 7.78 8.14 -11.68
N ALA A 39 7.71 7.19 -10.74
CA ALA A 39 8.32 5.89 -10.96
C ALA A 39 7.72 5.24 -12.20
N PHE A 40 6.44 5.50 -12.42
CA PHE A 40 5.75 4.96 -13.58
C PHE A 40 5.86 5.90 -14.78
N GLY A 41 6.59 7.00 -14.59
CA GLY A 41 6.77 7.97 -15.66
C GLY A 41 5.52 8.76 -15.94
N LYS A 42 5.35 9.15 -17.20
CA LYS A 42 4.21 9.92 -17.66
C LYS A 42 4.22 11.34 -17.10
N ASP A 43 3.47 11.60 -16.02
CA ASP A 43 3.43 12.94 -15.44
C ASP A 43 2.69 12.95 -14.11
N ALA A 44 3.28 13.60 -13.12
CA ALA A 44 2.68 13.69 -11.79
C ALA A 44 1.42 14.56 -11.80
N GLY A 45 1.17 15.23 -12.92
CA GLY A 45 0.00 16.09 -13.01
C GLY A 45 -1.15 15.48 -13.80
N ALA A 46 -1.08 14.18 -14.04
CA ALA A 46 -2.13 13.49 -14.76
C ALA A 46 -3.43 13.47 -13.96
N ALA A 47 -4.41 12.71 -14.46
CA ALA A 47 -5.70 12.61 -13.79
C ALA A 47 -5.70 11.48 -12.77
N GLU A 48 -5.16 10.33 -13.17
CA GLU A 48 -5.11 9.16 -12.30
C GLU A 48 -4.25 9.39 -11.07
N VAL A 49 -3.36 10.39 -11.12
CA VAL A 49 -2.50 10.69 -9.99
C VAL A 49 -3.31 11.43 -8.93
N GLN A 50 -4.13 12.39 -9.36
CA GLN A 50 -4.97 13.13 -8.43
C GLN A 50 -5.90 12.17 -7.70
N THR A 51 -6.46 11.24 -8.46
CA THR A 51 -7.35 10.23 -7.89
C THR A 51 -6.63 9.46 -6.79
N LEU A 52 -5.49 8.87 -7.15
CA LEU A 52 -4.70 8.11 -6.19
C LEU A 52 -4.47 8.93 -4.92
N LYS A 53 -3.81 10.08 -5.08
CA LYS A 53 -3.54 10.95 -3.93
C LYS A 53 -4.81 11.22 -3.15
N ASN A 54 -5.93 11.40 -3.85
CA ASN A 54 -7.21 11.67 -3.19
C ASN A 54 -7.57 10.51 -2.27
N ALA A 55 -7.35 9.29 -2.73
CA ALA A 55 -7.64 8.11 -1.93
C ALA A 55 -6.68 8.01 -0.75
N PHE A 56 -5.42 8.37 -1.01
CA PHE A 56 -4.40 8.32 0.03
C PHE A 56 -4.71 9.30 1.14
N GLY A 57 -5.35 10.41 0.79
CA GLY A 57 -5.70 11.41 1.78
C GLY A 57 -6.73 10.92 2.77
N GLY A 58 -7.83 10.38 2.25
CA GLY A 58 -8.89 9.88 3.11
C GLY A 58 -8.39 8.86 4.12
N LEU A 59 -7.37 8.09 3.74
CA LEU A 59 -6.80 7.09 4.62
C LEU A 59 -6.31 7.72 5.92
N PHE A 60 -5.72 8.91 5.81
CA PHE A 60 -5.22 9.62 6.98
C PHE A 60 -6.35 9.89 7.96
N ASP A 61 -7.48 10.40 7.44
CA ASP A 61 -8.64 10.70 8.27
C ASP A 61 -8.90 9.59 9.29
N TYR A 62 -8.90 8.35 8.83
CA TYR A 62 -9.14 7.21 9.72
C TYR A 62 -8.08 7.18 10.82
N LEU A 63 -6.86 7.56 10.46
CA LEU A 63 -5.75 7.58 11.42
C LEU A 63 -6.00 8.60 12.52
N ALA A 64 -6.23 9.85 12.13
CA ALA A 64 -6.49 10.92 13.09
C ALA A 64 -7.64 10.57 14.01
N LYS A 65 -8.73 10.06 13.42
CA LYS A 65 -9.90 9.69 14.19
C LYS A 65 -9.60 8.53 15.13
N GLU A 66 -9.06 7.45 14.57
CA GLU A 66 -8.73 6.28 15.36
C GLU A 66 -7.67 6.61 16.42
N ALA A 67 -6.67 7.40 16.03
CA ALA A 67 -5.60 7.79 16.93
C ALA A 67 -6.04 8.88 17.91
N GLY A 68 -7.02 9.68 17.47
CA GLY A 68 -7.52 10.74 18.32
C GLY A 68 -7.02 12.13 17.96
N VAL A 69 -6.20 12.22 16.92
CA VAL A 69 -5.66 13.50 16.48
C VAL A 69 -6.44 14.01 15.25
N GLY A 70 -6.16 15.23 14.83
CA GLY A 70 -6.87 15.81 13.69
C GLY A 70 -6.27 15.47 12.34
N SER A 71 -6.94 15.95 11.30
CA SER A 71 -6.49 15.75 9.92
C SER A 71 -5.16 16.47 9.68
N ASP A 72 -4.81 17.38 10.58
CA ASP A 72 -3.56 18.14 10.47
C ASP A 72 -2.57 17.72 11.56
N GLY A 73 -2.86 16.60 12.23
CA GLY A 73 -1.99 16.14 13.29
C GLY A 73 -1.01 15.09 12.80
N SER A 74 -0.41 14.36 13.74
CA SER A 74 0.57 13.33 13.40
C SER A 74 0.46 12.13 14.34
N LEU A 75 0.90 10.98 13.86
CA LEU A 75 0.88 9.75 14.64
C LEU A 75 2.30 9.23 14.85
N THR A 76 2.58 8.74 16.05
CA THR A 76 3.90 8.21 16.37
C THR A 76 4.04 6.76 15.95
N GLU A 77 5.25 6.21 16.12
CA GLU A 77 5.52 4.83 15.76
C GLU A 77 4.72 3.86 16.64
N GLU A 78 4.79 4.09 17.95
CA GLU A 78 4.06 3.25 18.90
C GLU A 78 2.57 3.27 18.61
N GLN A 79 2.07 4.42 18.16
CA GLN A 79 0.66 4.57 17.84
C GLN A 79 0.34 3.87 16.53
N PHE A 80 1.21 4.05 15.54
CA PHE A 80 1.04 3.44 14.23
C PHE A 80 0.80 1.94 14.36
N ILE A 81 1.76 1.27 15.01
CA ILE A 81 1.67 -0.18 15.20
C ILE A 81 0.35 -0.57 15.85
N ARG A 82 -0.06 0.16 16.87
CA ARG A 82 -1.30 -0.12 17.58
C ARG A 82 -2.52 -0.07 16.65
N VAL A 83 -2.71 1.06 15.99
CA VAL A 83 -3.83 1.24 15.09
C VAL A 83 -3.68 0.42 13.81
N THR A 84 -2.45 0.29 13.33
CA THR A 84 -2.18 -0.48 12.12
C THR A 84 -2.53 -1.95 12.33
N GLU A 85 -2.11 -2.50 13.46
CA GLU A 85 -2.35 -3.90 13.78
C GLU A 85 -3.84 -4.23 13.81
N ASN A 86 -4.63 -3.34 14.42
CA ASN A 86 -6.07 -3.55 14.53
C ASN A 86 -6.72 -3.73 13.17
N LEU A 87 -6.27 -2.97 12.18
CA LEU A 87 -6.83 -3.05 10.84
C LEU A 87 -6.66 -4.46 10.25
N ILE A 88 -5.49 -5.05 10.47
CA ILE A 88 -5.21 -6.39 9.96
C ILE A 88 -5.99 -7.45 10.73
N PHE A 89 -5.96 -7.35 12.05
CA PHE A 89 -6.67 -8.30 12.90
C PHE A 89 -8.10 -7.83 13.14
N GLU A 90 -8.24 -6.78 13.95
CA GLU A 90 -9.56 -6.24 14.25
C GLU A 90 -10.19 -5.67 12.98
N GLN A 91 -11.17 -4.79 13.16
CA GLN A 91 -11.86 -4.17 12.03
C GLN A 91 -12.61 -5.21 11.20
N GLY A 92 -11.93 -5.80 10.21
CA GLY A 92 -12.57 -6.81 9.38
C GLY A 92 -12.14 -6.75 7.93
N GLU A 93 -12.53 -7.75 7.15
CA GLU A 93 -12.18 -7.81 5.73
C GLU A 93 -12.65 -6.56 4.99
N ALA A 94 -13.95 -6.30 5.09
CA ALA A 94 -14.57 -5.15 4.42
C ALA A 94 -13.93 -3.83 4.84
N SER A 95 -13.18 -3.83 5.94
CA SER A 95 -12.53 -2.62 6.41
C SER A 95 -11.30 -2.30 5.56
N PHE A 96 -10.49 -3.33 5.28
CA PHE A 96 -9.29 -3.17 4.48
C PHE A 96 -9.64 -2.86 3.02
N ASN A 97 -10.62 -3.57 2.49
CA ASN A 97 -11.05 -3.37 1.10
C ASN A 97 -11.71 -2.00 0.93
N ARG A 98 -12.47 -1.58 1.93
CA ARG A 98 -13.17 -0.31 1.89
C ARG A 98 -12.20 0.87 1.82
N VAL A 99 -11.42 1.04 2.87
CA VAL A 99 -10.47 2.16 2.95
C VAL A 99 -9.32 2.02 1.97
N LEU A 100 -8.82 0.80 1.82
CA LEU A 100 -7.68 0.58 0.94
C LEU A 100 -8.11 0.34 -0.50
N GLY A 101 -9.32 -0.16 -0.70
CA GLY A 101 -9.83 -0.42 -2.04
C GLY A 101 -9.49 0.69 -3.02
N PRO A 102 -9.97 1.92 -2.76
CA PRO A 102 -9.69 3.08 -3.62
C PRO A 102 -8.20 3.41 -3.69
N VAL A 103 -7.43 2.86 -2.76
CA VAL A 103 -6.00 3.10 -2.73
C VAL A 103 -5.27 2.18 -3.70
N VAL A 104 -5.55 0.89 -3.62
CA VAL A 104 -4.93 -0.09 -4.50
C VAL A 104 -5.47 0.07 -5.93
N LYS A 105 -6.74 0.43 -6.02
CA LYS A 105 -7.40 0.62 -7.32
C LYS A 105 -6.62 1.62 -8.18
N GLY A 106 -6.50 2.85 -7.69
CA GLY A 106 -5.78 3.87 -8.43
C GLY A 106 -4.51 3.36 -9.08
N ILE A 107 -3.84 2.43 -8.41
CA ILE A 107 -2.60 1.87 -8.93
C ILE A 107 -2.88 0.92 -10.11
N VAL A 108 -3.93 0.11 -9.97
CA VAL A 108 -4.29 -0.84 -11.02
C VAL A 108 -4.63 -0.10 -12.32
N GLY A 109 -5.22 1.08 -12.18
CA GLY A 109 -5.59 1.87 -13.35
C GLY A 109 -4.38 2.39 -14.11
N MET A 110 -3.29 2.67 -13.38
CA MET A 110 -2.08 3.18 -14.00
C MET A 110 -1.26 2.05 -14.62
N CYS A 111 -1.38 0.84 -14.08
CA CYS A 111 -0.60 -0.29 -14.57
C CYS A 111 -1.30 -1.09 -15.67
N ASP A 112 -2.63 -1.10 -15.68
CA ASP A 112 -3.35 -1.85 -16.70
C ASP A 112 -3.07 -1.26 -18.07
N LYS A 113 -3.66 -0.10 -18.35
CA LYS A 113 -3.53 0.58 -19.62
C LYS A 113 -4.52 0.03 -20.66
N ASN A 114 -5.23 -1.04 -20.31
CA ASN A 114 -6.21 -1.65 -21.19
C ASN A 114 -7.63 -1.35 -20.69
N ALA A 115 -7.74 -0.98 -19.42
CA ALA A 115 -9.01 -0.65 -18.80
C ALA A 115 -9.85 -1.89 -18.47
N ASP A 116 -9.26 -2.81 -17.72
CA ASP A 116 -9.97 -4.03 -17.34
C ASP A 116 -10.18 -4.10 -15.83
N GLY A 117 -9.42 -3.29 -15.08
CA GLY A 117 -9.55 -3.29 -13.63
C GLY A 117 -8.86 -4.46 -12.97
N GLN A 118 -8.03 -5.19 -13.73
CA GLN A 118 -7.34 -6.36 -13.18
C GLN A 118 -5.83 -6.26 -13.37
N ILE A 119 -5.10 -7.12 -12.65
CA ILE A 119 -3.65 -7.13 -12.71
C ILE A 119 -3.11 -8.40 -13.36
N ASN A 120 -2.75 -8.34 -14.64
CA ASN A 120 -2.21 -9.50 -15.33
C ASN A 120 -0.73 -9.63 -15.04
N ALA A 121 -0.18 -10.85 -15.20
CA ALA A 121 1.23 -11.07 -14.92
C ALA A 121 2.10 -10.00 -15.57
N ASP A 122 1.73 -9.56 -16.77
CA ASP A 122 2.49 -8.53 -17.47
C ASP A 122 2.31 -7.19 -16.75
N GLU A 123 1.16 -7.03 -16.10
CA GLU A 123 0.90 -5.80 -15.36
C GLU A 123 1.58 -5.85 -14.00
N PHE A 124 1.45 -7.00 -13.33
CA PHE A 124 2.06 -7.19 -12.01
C PHE A 124 3.57 -6.93 -12.07
N ALA A 125 4.24 -7.57 -13.01
CA ALA A 125 5.67 -7.41 -13.16
C ALA A 125 6.05 -5.95 -13.37
N ALA A 126 5.26 -5.26 -14.19
CA ALA A 126 5.50 -3.85 -14.49
C ALA A 126 5.57 -3.00 -13.22
N TRP A 127 4.78 -3.36 -12.21
CA TRP A 127 4.76 -2.58 -10.97
C TRP A 127 5.86 -3.03 -10.00
N LEU A 128 6.07 -4.34 -9.90
CA LEU A 128 7.10 -4.87 -9.00
C LEU A 128 8.47 -4.33 -9.36
N THR A 129 8.77 -4.32 -10.66
CA THR A 129 10.05 -3.81 -11.14
C THR A 129 10.09 -2.29 -10.96
N ALA A 130 8.92 -1.67 -10.94
CA ALA A 130 8.83 -0.23 -10.77
C ALA A 130 9.32 0.17 -9.39
N LEU A 131 9.02 -0.66 -8.39
CA LEU A 131 9.42 -0.37 -7.01
C LEU A 131 10.83 -0.86 -6.70
N GLY A 132 11.44 -1.60 -7.64
CA GLY A 132 12.79 -2.07 -7.41
C GLY A 132 12.91 -3.58 -7.26
N MET A 133 11.97 -4.31 -7.86
CA MET A 133 12.00 -5.77 -7.79
C MET A 133 12.54 -6.34 -9.10
N SER A 134 13.13 -7.54 -9.03
CA SER A 134 13.69 -8.18 -10.21
C SER A 134 12.61 -8.88 -11.03
N LYS A 135 12.95 -9.24 -12.25
CA LYS A 135 12.00 -9.89 -13.15
C LYS A 135 11.66 -11.31 -12.69
N ALA A 136 12.50 -11.88 -11.84
CA ALA A 136 12.27 -13.23 -11.33
C ALA A 136 11.35 -13.21 -10.12
N GLU A 137 11.32 -12.09 -9.41
CA GLU A 137 10.49 -11.96 -8.21
C GLU A 137 9.01 -11.82 -8.57
N ALA A 138 8.71 -11.02 -9.59
CA ALA A 138 7.33 -10.82 -10.01
C ALA A 138 6.69 -12.16 -10.38
N ALA A 139 7.28 -12.84 -11.35
CA ALA A 139 6.77 -14.13 -11.80
C ALA A 139 6.47 -15.04 -10.61
N GLU A 140 7.38 -15.05 -9.64
CA GLU A 140 7.24 -15.88 -8.45
C GLU A 140 6.13 -15.37 -7.54
N ALA A 141 6.15 -14.07 -7.27
CA ALA A 141 5.16 -13.46 -6.39
C ALA A 141 3.75 -13.61 -6.97
N PHE A 142 3.67 -13.53 -8.29
CA PHE A 142 2.39 -13.67 -8.98
C PHE A 142 1.70 -14.96 -8.55
N ASN A 143 2.38 -16.07 -8.79
CA ASN A 143 1.87 -17.40 -8.45
C ASN A 143 1.57 -17.54 -6.96
N GLN A 144 2.39 -16.90 -6.13
CA GLN A 144 2.24 -16.98 -4.67
C GLN A 144 0.95 -16.30 -4.19
N VAL A 145 0.60 -15.18 -4.82
CA VAL A 145 -0.58 -14.43 -4.43
C VAL A 145 -1.83 -14.99 -5.06
N ASP A 146 -1.69 -15.50 -6.28
CA ASP A 146 -2.82 -16.06 -7.01
C ASP A 146 -3.42 -17.25 -6.27
N THR A 147 -4.22 -16.95 -5.23
CA THR A 147 -4.88 -17.97 -4.43
C THR A 147 -5.78 -18.86 -5.28
N ASN A 148 -6.30 -18.31 -6.37
CA ASN A 148 -7.20 -19.06 -7.24
C ASN A 148 -6.50 -19.64 -8.46
N GLY A 149 -5.18 -19.42 -8.55
CA GLY A 149 -4.41 -19.93 -9.68
C GLY A 149 -5.14 -19.86 -11.01
N ASN A 150 -5.87 -18.76 -11.21
CA ASN A 150 -6.63 -18.58 -12.45
C ASN A 150 -5.84 -17.78 -13.48
N GLY A 151 -4.67 -17.28 -13.08
CA GLY A 151 -3.83 -16.53 -14.00
C GLY A 151 -4.12 -15.03 -13.98
N GLU A 152 -5.04 -14.59 -13.13
CA GLU A 152 -5.38 -13.17 -13.04
C GLU A 152 -5.41 -12.70 -11.60
N LEU A 153 -4.80 -11.56 -11.35
CA LEU A 153 -4.77 -10.99 -9.99
C LEU A 153 -5.81 -9.89 -9.85
N SER A 154 -6.91 -10.21 -9.16
CA SER A 154 -7.98 -9.25 -8.95
C SER A 154 -7.75 -8.43 -7.67
N LEU A 155 -8.38 -7.27 -7.60
CA LEU A 155 -8.25 -6.37 -6.44
C LEU A 155 -8.25 -7.14 -5.13
N ASP A 156 -9.12 -8.14 -5.03
CA ASP A 156 -9.23 -8.96 -3.83
C ASP A 156 -7.89 -9.61 -3.48
N GLU A 157 -7.36 -10.37 -4.43
CA GLU A 157 -6.10 -11.08 -4.25
C GLU A 157 -4.91 -10.15 -4.04
N LEU A 158 -5.09 -8.88 -4.35
CA LEU A 158 -4.01 -7.90 -4.19
C LEU A 158 -3.73 -7.64 -2.71
N LEU A 159 -4.80 -7.59 -1.92
CA LEU A 159 -4.67 -7.35 -0.48
C LEU A 159 -4.12 -8.58 0.21
N THR A 160 -4.59 -9.75 -0.22
CA THR A 160 -4.15 -11.01 0.35
C THR A 160 -2.62 -11.08 0.33
N ALA A 161 -2.04 -10.58 -0.75
CA ALA A 161 -0.59 -10.57 -0.90
C ALA A 161 0.06 -9.69 0.16
N VAL A 162 -0.34 -8.41 0.19
CA VAL A 162 0.20 -7.46 1.16
C VAL A 162 0.09 -7.99 2.58
N ARG A 163 -1.14 -8.08 3.08
CA ARG A 163 -1.39 -8.57 4.45
C ARG A 163 -0.39 -7.99 5.43
N ASP A 164 0.08 -6.78 5.15
CA ASP A 164 1.05 -6.11 6.01
C ASP A 164 2.40 -6.83 5.95
N PHE A 165 2.90 -7.06 4.75
CA PHE A 165 4.17 -7.75 4.57
C PHE A 165 4.09 -9.19 5.08
N HIS A 166 2.86 -9.69 5.29
CA HIS A 166 2.67 -11.05 5.78
C HIS A 166 3.56 -11.31 6.98
N PHE A 167 3.55 -12.55 7.47
CA PHE A 167 4.36 -12.93 8.62
C PHE A 167 5.80 -13.15 8.19
N GLY A 168 6.65 -12.16 8.45
CA GLY A 168 8.05 -12.27 8.09
C GLY A 168 8.30 -12.00 6.61
N ARG A 169 7.25 -11.67 5.86
CA ARG A 169 7.38 -11.39 4.43
C ARG A 169 7.85 -12.62 3.68
N LEU A 170 6.97 -13.17 2.85
CA LEU A 170 7.29 -14.36 2.06
C LEU A 170 7.52 -14.00 0.60
N ASP A 171 8.34 -12.98 0.36
CA ASP A 171 8.64 -12.54 -1.00
C ASP A 171 7.42 -11.91 -1.65
N VAL A 172 6.58 -11.28 -0.83
CA VAL A 172 5.37 -10.63 -1.33
C VAL A 172 5.53 -9.11 -1.39
N GLU A 173 5.09 -8.41 -0.34
CA GLU A 173 5.20 -6.95 -0.29
C GLU A 173 4.44 -6.32 -1.47
N LEU A 174 4.03 -5.06 -1.28
CA LEU A 174 3.31 -4.34 -2.32
C LEU A 174 3.67 -2.86 -2.30
N LEU A 175 3.17 -2.14 -1.30
CA LEU A 175 3.43 -0.72 -1.17
C LEU A 175 4.85 -0.48 -0.64
N GLY A 176 5.68 0.14 -1.47
CA GLY A 176 7.05 0.42 -1.08
C GLY A 176 7.99 -0.73 -1.40
N THR A 1 12.86 -15.65 21.97
CA THR A 1 12.69 -15.05 20.62
C THR A 1 12.22 -13.60 20.71
N THR A 2 12.94 -12.71 20.02
CA THR A 2 12.60 -11.29 20.01
C THR A 2 11.40 -11.03 19.11
N ALA A 3 10.58 -10.05 19.48
CA ALA A 3 9.40 -9.70 18.70
C ALA A 3 9.74 -9.46 17.23
N ILE A 4 9.25 -10.35 16.36
CA ILE A 4 9.51 -10.24 14.92
C ILE A 4 8.64 -9.17 14.26
N ALA A 5 7.43 -9.01 14.77
CA ALA A 5 6.49 -8.03 14.23
C ALA A 5 6.94 -6.60 14.46
N SER A 6 7.62 -6.35 15.57
CA SER A 6 8.10 -5.02 15.91
C SER A 6 9.07 -4.50 14.84
N ASP A 7 10.11 -5.27 14.57
CA ASP A 7 11.11 -4.89 13.58
C ASP A 7 10.47 -4.52 12.25
N ARG A 8 9.50 -5.32 11.82
CA ARG A 8 8.81 -5.07 10.55
C ARG A 8 8.06 -3.74 10.57
N LEU A 9 7.28 -3.50 11.63
CA LEU A 9 6.51 -2.27 11.72
C LEU A 9 7.40 -1.09 12.12
N LYS A 10 8.42 -1.36 12.92
CA LYS A 10 9.33 -0.31 13.36
C LYS A 10 10.00 0.35 12.16
N LYS A 11 10.61 -0.45 11.31
CA LYS A 11 11.29 0.05 10.12
C LYS A 11 10.29 0.78 9.22
N ARG A 12 9.12 0.17 9.04
CA ARG A 12 8.08 0.76 8.20
C ARG A 12 7.84 2.23 8.56
N PHE A 13 8.09 2.57 9.82
CA PHE A 13 7.90 3.93 10.28
C PHE A 13 9.01 4.84 9.76
N ASP A 14 10.25 4.53 10.15
CA ASP A 14 11.40 5.30 9.71
C ASP A 14 11.64 5.15 8.22
N ARG A 15 10.96 4.20 7.59
CA ARG A 15 11.12 3.96 6.16
C ARG A 15 10.43 5.05 5.35
N TRP A 16 9.44 5.70 5.97
CA TRP A 16 8.71 6.77 5.29
C TRP A 16 9.34 8.14 5.55
N ASP A 17 8.81 8.87 6.55
CA ASP A 17 9.33 10.20 6.89
C ASP A 17 9.70 11.00 5.64
N PHE A 18 8.69 11.37 4.87
CA PHE A 18 8.92 12.14 3.64
C PHE A 18 9.76 13.38 3.93
N ASP A 19 9.35 14.15 4.93
CA ASP A 19 10.07 15.37 5.30
C ASP A 19 11.01 15.13 6.47
N GLY A 20 10.85 13.99 7.14
CA GLY A 20 11.71 13.67 8.27
C GLY A 20 11.35 14.44 9.52
N ASN A 21 10.06 14.49 9.85
CA ASN A 21 9.62 15.21 11.04
C ASN A 21 9.52 14.27 12.24
N GLY A 22 9.68 12.97 12.01
CA GLY A 22 9.60 12.00 13.08
C GLY A 22 8.17 11.58 13.38
N ALA A 23 7.30 11.75 12.40
CA ALA A 23 5.89 11.38 12.55
C ALA A 23 5.26 11.14 11.18
N LEU A 24 4.02 10.66 11.17
CA LEU A 24 3.32 10.40 9.93
C LEU A 24 2.22 11.42 9.69
N GLU A 25 2.27 12.12 8.55
CA GLU A 25 1.27 13.12 8.22
C GLU A 25 0.56 12.79 6.92
N ARG A 26 -0.48 13.56 6.62
CA ARG A 26 -1.28 13.38 5.40
C ARG A 26 -0.45 13.75 4.17
N ALA A 27 0.41 14.75 4.31
CA ALA A 27 1.26 15.20 3.22
C ALA A 27 2.25 14.11 2.82
N ASP A 28 2.48 13.15 3.71
CA ASP A 28 3.40 12.06 3.44
C ASP A 28 2.79 11.09 2.43
N PHE A 29 1.47 10.93 2.49
CA PHE A 29 0.77 10.02 1.59
C PHE A 29 0.65 10.60 0.19
N GLU A 30 0.41 11.91 0.11
CA GLU A 30 0.27 12.58 -1.18
C GLU A 30 1.59 12.51 -1.96
N LYS A 31 2.71 12.66 -1.27
CA LYS A 31 4.01 12.61 -1.91
C LYS A 31 4.28 11.22 -2.47
N GLU A 32 3.94 10.20 -1.68
CA GLU A 32 4.14 8.81 -2.11
C GLU A 32 3.58 8.60 -3.51
N ALA A 33 2.28 8.81 -3.67
CA ALA A 33 1.64 8.65 -4.98
C ALA A 33 2.47 9.29 -6.08
N GLN A 34 2.94 10.50 -5.84
CA GLN A 34 3.77 11.21 -6.82
C GLN A 34 5.06 10.43 -7.06
N HIS A 35 5.74 10.09 -5.97
CA HIS A 35 7.00 9.35 -6.06
C HIS A 35 6.80 8.09 -6.90
N ILE A 36 5.58 7.53 -6.84
CA ILE A 36 5.26 6.33 -7.61
C ILE A 36 5.01 6.68 -9.08
N ALA A 37 4.08 7.61 -9.32
CA ALA A 37 3.75 8.03 -10.68
C ALA A 37 5.01 8.28 -11.50
N GLU A 38 5.97 8.96 -10.88
CA GLU A 38 7.25 9.27 -11.53
C GLU A 38 7.97 8.00 -11.95
N ALA A 39 7.97 6.99 -11.07
CA ALA A 39 8.65 5.72 -11.37
C ALA A 39 8.08 5.09 -12.63
N PHE A 40 6.85 5.44 -12.97
CA PHE A 40 6.20 4.90 -14.16
C PHE A 40 6.41 5.81 -15.37
N GLY A 41 7.19 6.89 -15.18
CA GLY A 41 7.44 7.81 -16.28
C GLY A 41 6.20 8.57 -16.70
N LYS A 42 5.17 8.53 -15.86
CA LYS A 42 3.92 9.22 -16.15
C LYS A 42 3.93 10.64 -15.58
N ASP A 43 3.09 11.52 -16.11
CA ASP A 43 3.02 12.89 -15.63
C ASP A 43 2.38 12.94 -14.25
N ALA A 44 3.03 13.64 -13.32
CA ALA A 44 2.53 13.76 -11.96
C ALA A 44 1.26 14.60 -11.90
N GLY A 45 1.01 15.37 -12.96
CA GLY A 45 -0.17 16.22 -12.97
C GLY A 45 -1.28 15.68 -13.87
N ALA A 46 -1.15 14.42 -14.27
CA ALA A 46 -2.16 13.80 -15.12
C ALA A 46 -3.46 13.59 -14.34
N ALA A 47 -4.29 12.68 -14.83
CA ALA A 47 -5.57 12.38 -14.19
C ALA A 47 -5.42 11.22 -13.20
N GLU A 48 -4.81 10.14 -13.68
CA GLU A 48 -4.61 8.95 -12.87
C GLU A 48 -3.80 9.22 -11.61
N VAL A 49 -2.90 10.21 -11.66
CA VAL A 49 -2.09 10.54 -10.49
C VAL A 49 -2.92 11.31 -9.47
N GLN A 50 -3.70 12.28 -9.95
CA GLN A 50 -4.56 13.06 -9.07
C GLN A 50 -5.56 12.13 -8.38
N THR A 51 -6.11 11.17 -9.14
CA THR A 51 -7.06 10.22 -8.59
C THR A 51 -6.44 9.48 -7.41
N LEU A 52 -5.32 8.81 -7.66
CA LEU A 52 -4.65 8.05 -6.61
C LEU A 52 -4.44 8.92 -5.37
N LYS A 53 -3.78 10.07 -5.54
CA LYS A 53 -3.53 10.97 -4.43
C LYS A 53 -4.83 11.28 -3.68
N ASN A 54 -5.93 11.41 -4.41
CA ASN A 54 -7.21 11.69 -3.81
C ASN A 54 -7.61 10.58 -2.84
N ALA A 55 -7.40 9.34 -3.27
CA ALA A 55 -7.72 8.18 -2.43
C ALA A 55 -6.78 8.07 -1.25
N PHE A 56 -5.51 8.39 -1.48
CA PHE A 56 -4.50 8.33 -0.43
C PHE A 56 -4.83 9.31 0.69
N GLY A 57 -5.47 10.41 0.32
CA GLY A 57 -5.84 11.42 1.28
C GLY A 57 -6.83 10.92 2.31
N GLY A 58 -7.93 10.34 1.84
CA GLY A 58 -8.95 9.84 2.74
C GLY A 58 -8.43 8.75 3.66
N LEU A 59 -7.42 8.03 3.20
CA LEU A 59 -6.84 6.95 4.00
C LEU A 59 -6.40 7.45 5.37
N PHE A 60 -5.85 8.67 5.40
CA PHE A 60 -5.39 9.26 6.64
C PHE A 60 -6.56 9.45 7.61
N ASP A 61 -7.71 9.86 7.08
CA ASP A 61 -8.90 10.09 7.89
C ASP A 61 -9.07 9.00 8.95
N TYR A 62 -9.07 7.75 8.49
CA TYR A 62 -9.24 6.61 9.38
C TYR A 62 -8.15 6.59 10.47
N LEU A 63 -6.95 7.02 10.11
CA LEU A 63 -5.83 7.05 11.05
C LEU A 63 -6.07 8.08 12.15
N ALA A 64 -6.26 9.33 11.75
CA ALA A 64 -6.51 10.42 12.70
C ALA A 64 -7.65 10.09 13.67
N LYS A 65 -8.78 9.66 13.14
CA LYS A 65 -9.93 9.33 13.99
C LYS A 65 -9.62 8.18 14.92
N GLU A 66 -9.08 7.10 14.37
CA GLU A 66 -8.75 5.94 15.17
C GLU A 66 -7.73 6.29 16.27
N ALA A 67 -6.74 7.08 15.89
CA ALA A 67 -5.69 7.49 16.83
C ALA A 67 -6.18 8.57 17.79
N GLY A 68 -7.13 9.38 17.35
CA GLY A 68 -7.67 10.42 18.20
C GLY A 68 -7.21 11.83 17.81
N VAL A 69 -6.40 11.92 16.76
CA VAL A 69 -5.90 13.22 16.30
C VAL A 69 -6.67 13.65 15.07
N GLY A 70 -6.40 14.86 14.57
CA GLY A 70 -7.12 15.36 13.41
C GLY A 70 -6.48 15.00 12.08
N SER A 71 -7.10 15.46 11.01
CA SER A 71 -6.60 15.23 9.66
C SER A 71 -5.27 15.96 9.44
N ASP A 72 -4.92 16.85 10.35
CA ASP A 72 -3.67 17.61 10.27
C ASP A 72 -2.69 17.20 11.37
N GLY A 73 -2.98 16.10 12.05
CA GLY A 73 -2.10 15.65 13.10
C GLY A 73 -1.11 14.62 12.62
N SER A 74 -0.49 13.91 13.55
CA SER A 74 0.50 12.91 13.18
C SER A 74 0.45 11.69 14.11
N LEU A 75 0.93 10.57 13.59
CA LEU A 75 0.97 9.32 14.34
C LEU A 75 2.40 8.87 14.57
N THR A 76 2.75 8.52 15.80
CA THR A 76 4.10 8.06 16.12
C THR A 76 4.27 6.58 15.81
N GLU A 77 5.46 6.04 16.08
CA GLU A 77 5.74 4.64 15.80
C GLU A 77 5.00 3.73 16.77
N GLU A 78 5.16 4.00 18.07
CA GLU A 78 4.50 3.20 19.09
C GLU A 78 3.00 3.18 18.84
N GLN A 79 2.47 4.31 18.36
CA GLN A 79 1.06 4.42 18.05
C GLN A 79 0.74 3.67 16.76
N PHE A 80 1.61 3.83 15.78
CA PHE A 80 1.43 3.16 14.48
C PHE A 80 1.26 1.66 14.68
N ILE A 81 2.22 1.05 15.38
CA ILE A 81 2.19 -0.38 15.62
C ILE A 81 0.87 -0.82 16.25
N ARG A 82 0.42 -0.09 17.26
CA ARG A 82 -0.83 -0.42 17.94
C ARG A 82 -2.03 -0.40 17.00
N VAL A 83 -2.20 0.70 16.28
CA VAL A 83 -3.31 0.83 15.34
C VAL A 83 -3.09 -0.01 14.11
N THR A 84 -1.84 -0.15 13.69
CA THR A 84 -1.50 -0.95 12.52
C THR A 84 -1.84 -2.42 12.77
N GLU A 85 -1.41 -2.93 13.91
CA GLU A 85 -1.68 -4.32 14.26
C GLU A 85 -3.16 -4.65 14.15
N ASN A 86 -3.98 -3.75 14.69
CA ASN A 86 -5.42 -3.93 14.65
C ASN A 86 -5.92 -4.05 13.21
N LEU A 87 -5.32 -3.28 12.31
CA LEU A 87 -5.72 -3.32 10.90
C LEU A 87 -5.56 -4.72 10.31
N ILE A 88 -4.40 -5.34 10.55
CA ILE A 88 -4.14 -6.68 10.04
C ILE A 88 -4.93 -7.73 10.82
N PHE A 89 -4.91 -7.61 12.16
CA PHE A 89 -5.62 -8.55 13.01
C PHE A 89 -7.06 -8.11 13.23
N GLU A 90 -7.25 -7.10 14.07
CA GLU A 90 -8.57 -6.58 14.37
C GLU A 90 -9.21 -5.98 13.12
N GLN A 91 -10.23 -5.15 13.31
CA GLN A 91 -10.92 -4.51 12.19
C GLN A 91 -11.67 -5.55 11.36
N GLY A 92 -12.91 -5.21 11.00
CA GLY A 92 -13.71 -6.13 10.21
C GLY A 92 -13.20 -6.27 8.79
N GLU A 93 -13.56 -7.37 8.13
CA GLU A 93 -13.12 -7.63 6.77
C GLU A 93 -13.45 -6.46 5.84
N ALA A 94 -14.73 -6.11 5.76
CA ALA A 94 -15.18 -5.01 4.90
C ALA A 94 -14.53 -3.68 5.28
N SER A 95 -13.90 -3.61 6.44
CA SER A 95 -13.26 -2.37 6.89
C SER A 95 -11.97 -2.13 6.10
N PHE A 96 -11.20 -3.19 5.91
CA PHE A 96 -9.94 -3.08 5.18
C PHE A 96 -10.22 -2.78 3.70
N ASN A 97 -11.18 -3.50 3.14
CA ASN A 97 -11.54 -3.33 1.74
C ASN A 97 -12.13 -1.95 1.45
N ARG A 98 -12.95 -1.45 2.37
CA ARG A 98 -13.60 -0.15 2.19
C ARG A 98 -12.60 0.99 2.10
N VAL A 99 -11.86 1.21 3.18
CA VAL A 99 -10.90 2.31 3.23
C VAL A 99 -9.73 2.13 2.27
N LEU A 100 -9.26 0.90 2.13
CA LEU A 100 -8.10 0.66 1.27
C LEU A 100 -8.48 0.39 -0.18
N GLY A 101 -9.70 -0.11 -0.39
CA GLY A 101 -10.16 -0.41 -1.74
C GLY A 101 -9.77 0.67 -2.75
N PRO A 102 -10.15 1.93 -2.52
CA PRO A 102 -9.83 3.05 -3.42
C PRO A 102 -8.34 3.40 -3.42
N VAL A 103 -7.61 2.88 -2.44
CA VAL A 103 -6.18 3.16 -2.37
C VAL A 103 -5.41 2.28 -3.35
N VAL A 104 -5.68 0.98 -3.31
CA VAL A 104 -5.04 0.04 -4.23
C VAL A 104 -5.58 0.26 -5.63
N LYS A 105 -6.85 0.61 -5.70
CA LYS A 105 -7.53 0.87 -6.97
C LYS A 105 -6.74 1.90 -7.78
N GLY A 106 -6.57 3.09 -7.22
CA GLY A 106 -5.83 4.13 -7.91
C GLY A 106 -4.55 3.63 -8.55
N ILE A 107 -3.90 2.67 -7.89
CA ILE A 107 -2.66 2.10 -8.40
C ILE A 107 -2.91 1.18 -9.58
N VAL A 108 -3.96 0.36 -9.48
CA VAL A 108 -4.30 -0.57 -10.56
C VAL A 108 -4.64 0.17 -11.84
N GLY A 109 -5.25 1.35 -11.70
CA GLY A 109 -5.60 2.13 -12.86
C GLY A 109 -4.39 2.57 -13.65
N MET A 110 -3.31 2.87 -12.94
CA MET A 110 -2.06 3.29 -13.56
C MET A 110 -1.29 2.07 -14.06
N CYS A 111 -1.50 0.94 -13.41
CA CYS A 111 -0.82 -0.31 -13.75
C CYS A 111 -1.66 -1.14 -14.70
N ASP A 112 -2.18 -0.48 -15.73
CA ASP A 112 -3.01 -1.13 -16.72
C ASP A 112 -3.22 -0.22 -17.92
N LYS A 113 -2.58 -0.56 -19.03
CA LYS A 113 -2.72 0.21 -20.27
C LYS A 113 -3.81 -0.39 -21.15
N ASN A 114 -4.53 -1.38 -20.62
CA ASN A 114 -5.60 -2.04 -21.37
C ASN A 114 -6.97 -1.64 -20.82
N ALA A 115 -7.00 -1.24 -19.55
CA ALA A 115 -8.24 -0.83 -18.90
C ALA A 115 -9.21 -1.99 -18.73
N ASP A 116 -8.78 -3.00 -17.99
CA ASP A 116 -9.63 -4.16 -17.72
C ASP A 116 -9.97 -4.26 -16.25
N GLY A 117 -9.28 -3.48 -15.41
CA GLY A 117 -9.54 -3.49 -14.00
C GLY A 117 -8.85 -4.62 -13.26
N GLN A 118 -8.02 -5.39 -13.97
CA GLN A 118 -7.31 -6.50 -13.35
C GLN A 118 -5.80 -6.37 -13.47
N ILE A 119 -5.09 -7.18 -12.70
CA ILE A 119 -3.63 -7.18 -12.67
C ILE A 119 -3.08 -8.47 -13.27
N ASN A 120 -2.67 -8.44 -14.53
CA ASN A 120 -2.11 -9.63 -15.17
C ASN A 120 -0.61 -9.73 -14.87
N ALA A 121 -0.08 -10.95 -14.90
CA ALA A 121 1.34 -11.17 -14.62
C ALA A 121 2.22 -10.13 -15.30
N ASP A 122 1.88 -9.76 -16.52
CA ASP A 122 2.64 -8.77 -17.25
C ASP A 122 2.46 -7.39 -16.60
N GLU A 123 1.26 -7.13 -16.13
CA GLU A 123 0.98 -5.86 -15.46
C GLU A 123 1.62 -5.85 -14.07
N PHE A 124 1.44 -6.95 -13.34
CA PHE A 124 2.00 -7.05 -11.98
C PHE A 124 3.50 -6.79 -11.97
N ALA A 125 4.23 -7.50 -12.82
CA ALA A 125 5.68 -7.36 -12.89
C ALA A 125 6.08 -5.89 -13.12
N ALA A 126 5.33 -5.22 -13.98
CA ALA A 126 5.60 -3.81 -14.31
C ALA A 126 5.64 -2.93 -13.07
N TRP A 127 4.84 -3.26 -12.07
CA TRP A 127 4.79 -2.46 -10.84
C TRP A 127 5.84 -2.89 -9.84
N LEU A 128 6.02 -4.20 -9.70
CA LEU A 128 7.01 -4.74 -8.76
C LEU A 128 8.41 -4.20 -9.09
N THR A 129 8.75 -4.19 -10.37
CA THR A 129 10.03 -3.68 -10.81
C THR A 129 10.08 -2.15 -10.67
N ALA A 130 8.91 -1.54 -10.62
CA ALA A 130 8.81 -0.08 -10.49
C ALA A 130 9.36 0.36 -9.13
N LEU A 131 9.12 -0.44 -8.10
CA LEU A 131 9.56 -0.11 -6.74
C LEU A 131 11.00 -0.57 -6.48
N GLY A 132 11.67 -1.13 -7.49
CA GLY A 132 13.04 -1.56 -7.32
C GLY A 132 13.20 -3.06 -7.14
N MET A 133 12.28 -3.83 -7.73
CA MET A 133 12.34 -5.28 -7.63
C MET A 133 12.88 -5.88 -8.93
N SER A 134 13.45 -7.07 -8.84
CA SER A 134 14.01 -7.74 -10.02
C SER A 134 12.92 -8.44 -10.82
N LYS A 135 13.28 -8.87 -12.03
CA LYS A 135 12.34 -9.56 -12.91
C LYS A 135 11.98 -10.95 -12.41
N ALA A 136 12.75 -11.46 -11.45
CA ALA A 136 12.51 -12.79 -10.90
C ALA A 136 11.55 -12.75 -9.72
N GLU A 137 11.58 -11.66 -8.97
CA GLU A 137 10.73 -11.51 -7.79
C GLU A 137 9.25 -11.37 -8.15
N ALA A 138 8.97 -10.65 -9.23
CA ALA A 138 7.59 -10.45 -9.66
C ALA A 138 6.92 -11.78 -9.98
N ALA A 139 7.50 -12.52 -10.94
CA ALA A 139 6.96 -13.82 -11.32
C ALA A 139 6.64 -14.68 -10.11
N GLU A 140 7.53 -14.65 -9.12
CA GLU A 140 7.36 -15.43 -7.90
C GLU A 140 6.21 -14.89 -7.07
N ALA A 141 6.21 -13.57 -6.87
CA ALA A 141 5.17 -12.93 -6.07
C ALA A 141 3.80 -13.05 -6.70
N PHE A 142 3.75 -12.97 -8.03
CA PHE A 142 2.50 -13.09 -8.77
C PHE A 142 1.79 -14.39 -8.41
N ASN A 143 2.46 -15.51 -8.68
CA ASN A 143 1.91 -16.83 -8.41
C ASN A 143 1.50 -17.00 -6.95
N GLN A 144 2.26 -16.38 -6.06
CA GLN A 144 1.99 -16.48 -4.63
C GLN A 144 0.67 -15.80 -4.26
N VAL A 145 0.34 -14.72 -4.97
CA VAL A 145 -0.87 -13.96 -4.66
C VAL A 145 -2.10 -14.57 -5.32
N ASP A 146 -1.93 -15.18 -6.50
CA ASP A 146 -3.04 -15.78 -7.22
C ASP A 146 -3.70 -16.89 -6.40
N THR A 147 -4.50 -16.49 -5.41
CA THR A 147 -5.20 -17.43 -4.53
C THR A 147 -6.07 -18.40 -5.32
N ASN A 148 -6.66 -17.91 -6.41
CA ASN A 148 -7.55 -18.73 -7.21
C ASN A 148 -6.82 -19.36 -8.40
N GLY A 149 -5.50 -19.19 -8.46
CA GLY A 149 -4.70 -19.75 -9.54
C GLY A 149 -5.38 -19.66 -10.89
N ASN A 150 -6.18 -18.62 -11.11
CA ASN A 150 -6.87 -18.45 -12.38
C ASN A 150 -6.01 -17.69 -13.38
N GLY A 151 -4.83 -17.23 -12.95
CA GLY A 151 -3.95 -16.51 -13.85
C GLY A 151 -4.23 -15.02 -13.89
N GLU A 152 -5.17 -14.55 -13.07
CA GLU A 152 -5.51 -13.14 -13.05
C GLU A 152 -5.60 -12.63 -11.61
N LEU A 153 -5.00 -11.48 -11.35
CA LEU A 153 -5.04 -10.88 -10.01
C LEU A 153 -6.09 -9.77 -9.95
N SER A 154 -7.22 -10.06 -9.31
CA SER A 154 -8.30 -9.08 -9.20
C SER A 154 -8.16 -8.19 -7.97
N LEU A 155 -8.96 -7.12 -7.94
CA LEU A 155 -8.95 -6.18 -6.83
C LEU A 155 -9.01 -6.90 -5.49
N ASP A 156 -9.91 -7.87 -5.40
CA ASP A 156 -10.09 -8.65 -4.18
C ASP A 156 -8.78 -9.30 -3.75
N GLU A 157 -8.23 -10.12 -4.63
CA GLU A 157 -6.99 -10.83 -4.36
C GLU A 157 -5.81 -9.88 -4.16
N LEU A 158 -5.97 -8.63 -4.61
CA LEU A 158 -4.92 -7.62 -4.46
C LEU A 158 -4.78 -7.19 -3.01
N LEU A 159 -5.79 -6.46 -2.52
CA LEU A 159 -5.80 -5.95 -1.14
C LEU A 159 -5.30 -7.02 -0.16
N THR A 160 -5.67 -8.26 -0.41
CA THR A 160 -5.25 -9.37 0.44
C THR A 160 -3.74 -9.41 0.57
N ALA A 161 -3.07 -9.68 -0.54
CA ALA A 161 -1.62 -9.74 -0.56
C ALA A 161 -1.01 -8.37 -0.28
N VAL A 162 -1.73 -7.32 -0.64
CA VAL A 162 -1.27 -5.95 -0.44
C VAL A 162 -0.86 -5.72 1.01
N ARG A 163 -1.82 -5.37 1.86
CA ARG A 163 -1.51 -5.12 3.26
C ARG A 163 -2.17 -6.14 4.18
N ASP A 164 -1.36 -7.01 4.76
CA ASP A 164 -1.85 -8.04 5.67
C ASP A 164 -0.70 -8.89 6.19
N PHE A 165 0.43 -8.23 6.50
CA PHE A 165 1.59 -8.94 7.01
C PHE A 165 1.42 -9.27 8.49
N HIS A 166 1.23 -10.53 8.78
CA HIS A 166 1.06 -10.98 10.15
C HIS A 166 2.05 -12.09 10.47
N PHE A 167 3.23 -11.70 10.93
CA PHE A 167 4.27 -12.66 11.27
C PHE A 167 4.42 -13.73 10.18
N GLY A 168 4.19 -13.34 8.93
CA GLY A 168 4.31 -14.29 7.82
C GLY A 168 3.33 -14.04 6.68
N ARG A 169 3.80 -13.37 5.62
CA ARG A 169 2.96 -13.09 4.46
C ARG A 169 3.57 -13.68 3.19
N LEU A 170 3.07 -13.22 2.04
CA LEU A 170 3.56 -13.68 0.76
C LEU A 170 4.32 -12.57 0.03
N ASP A 171 3.57 -11.72 -0.67
CA ASP A 171 4.19 -10.60 -1.39
C ASP A 171 5.08 -9.79 -0.46
N VAL A 172 4.78 -9.86 0.84
CA VAL A 172 5.54 -9.14 1.85
C VAL A 172 5.14 -7.67 1.90
N GLU A 173 3.99 -7.39 2.52
CA GLU A 173 3.49 -6.03 2.64
C GLU A 173 3.13 -5.45 1.27
N LEU A 174 2.62 -4.22 1.27
CA LEU A 174 2.25 -3.54 0.03
C LEU A 174 3.49 -3.13 -0.75
N LEU A 175 4.31 -2.29 -0.13
CA LEU A 175 5.54 -1.82 -0.75
C LEU A 175 6.55 -2.96 -0.85
N GLY A 176 7.60 -2.75 -1.63
CA GLY A 176 8.62 -3.77 -1.79
C GLY A 176 8.04 -5.15 -2.05
N THR A 1 4.80 -12.44 19.88
CA THR A 1 4.18 -11.40 20.74
C THR A 1 5.23 -10.43 21.27
N THR A 2 5.15 -9.17 20.84
CA THR A 2 6.09 -8.14 21.27
C THR A 2 7.52 -8.55 20.95
N ALA A 3 7.68 -9.44 19.98
CA ALA A 3 9.00 -9.91 19.58
C ALA A 3 9.25 -9.65 18.10
N ILE A 4 8.70 -10.52 17.26
CA ILE A 4 8.85 -10.38 15.81
C ILE A 4 7.94 -9.30 15.26
N ALA A 5 6.84 -9.05 15.96
CA ALA A 5 5.87 -8.04 15.55
C ALA A 5 6.47 -6.64 15.54
N SER A 6 7.21 -6.31 16.59
CA SER A 6 7.83 -4.99 16.70
C SER A 6 8.79 -4.74 15.54
N ASP A 7 9.64 -5.72 15.25
CA ASP A 7 10.63 -5.60 14.18
C ASP A 7 9.99 -5.27 12.84
N ARG A 8 9.03 -6.09 12.43
CA ARG A 8 8.37 -5.89 11.14
C ARG A 8 7.64 -4.55 11.08
N LEU A 9 6.94 -4.19 12.15
CA LEU A 9 6.19 -2.94 12.18
C LEU A 9 7.08 -1.74 12.44
N LYS A 10 8.16 -1.94 13.18
CA LYS A 10 9.08 -0.85 13.50
C LYS A 10 9.70 -0.26 12.24
N LYS A 11 10.46 -1.08 11.52
CA LYS A 11 11.12 -0.63 10.30
C LYS A 11 10.14 0.09 9.36
N ARG A 12 8.97 -0.49 9.16
CA ARG A 12 7.95 0.10 8.29
C ARG A 12 7.79 1.59 8.58
N PHE A 13 8.02 1.97 9.83
CA PHE A 13 7.89 3.37 10.24
C PHE A 13 9.09 4.19 9.74
N ASP A 14 10.29 3.79 10.14
CA ASP A 14 11.51 4.50 9.72
C ASP A 14 11.78 4.28 8.23
N ARG A 15 11.10 3.31 7.64
CA ARG A 15 11.27 3.00 6.22
C ARG A 15 10.66 4.06 5.33
N TRP A 16 9.67 4.78 5.85
CA TRP A 16 8.99 5.81 5.09
C TRP A 16 9.55 7.20 5.40
N ASP A 17 8.94 7.89 6.37
CA ASP A 17 9.39 9.23 6.76
C ASP A 17 9.80 10.07 5.56
N PHE A 18 8.81 10.51 4.80
CA PHE A 18 9.06 11.32 3.61
C PHE A 18 9.95 12.51 3.93
N ASP A 19 9.57 13.27 4.95
CA ASP A 19 10.31 14.46 5.34
C ASP A 19 11.26 14.19 6.51
N GLY A 20 11.12 13.03 7.14
CA GLY A 20 11.97 12.70 8.28
C GLY A 20 11.62 13.51 9.51
N ASN A 21 10.33 13.68 9.77
CA ASN A 21 9.86 14.45 10.91
C ASN A 21 9.68 13.58 12.15
N GLY A 22 9.80 12.26 11.98
CA GLY A 22 9.64 11.37 13.11
C GLY A 22 8.18 11.03 13.38
N ALA A 23 7.34 11.22 12.37
CA ALA A 23 5.92 10.94 12.50
C ALA A 23 5.29 10.69 11.13
N LEU A 24 4.00 10.34 11.15
CA LEU A 24 3.28 10.07 9.92
C LEU A 24 2.18 11.11 9.70
N GLU A 25 2.30 11.87 8.62
CA GLU A 25 1.32 12.92 8.30
C GLU A 25 0.56 12.57 7.03
N ARG A 26 -0.48 13.35 6.76
CA ARG A 26 -1.31 13.16 5.58
C ARG A 26 -0.53 13.49 4.32
N ALA A 27 0.34 14.49 4.42
CA ALA A 27 1.17 14.92 3.31
C ALA A 27 2.16 13.83 2.90
N ASP A 28 2.41 12.89 3.79
CA ASP A 28 3.33 11.79 3.51
C ASP A 28 2.69 10.83 2.52
N PHE A 29 1.37 10.75 2.54
CA PHE A 29 0.64 9.87 1.64
C PHE A 29 0.57 10.46 0.23
N GLU A 30 0.43 11.78 0.16
CA GLU A 30 0.35 12.47 -1.12
C GLU A 30 1.66 12.31 -1.89
N LYS A 31 2.78 12.51 -1.21
CA LYS A 31 4.09 12.39 -1.84
C LYS A 31 4.30 10.97 -2.35
N GLU A 32 3.91 9.98 -1.56
CA GLU A 32 4.05 8.59 -1.94
C GLU A 32 3.49 8.36 -3.34
N ALA A 33 2.18 8.58 -3.49
CA ALA A 33 1.52 8.41 -4.78
C ALA A 33 2.34 9.06 -5.90
N GLN A 34 2.78 10.29 -5.65
CA GLN A 34 3.57 11.01 -6.63
C GLN A 34 4.89 10.28 -6.87
N HIS A 35 5.61 10.02 -5.79
CA HIS A 35 6.89 9.33 -5.87
C HIS A 35 6.75 8.02 -6.64
N ILE A 36 5.54 7.49 -6.66
CA ILE A 36 5.27 6.24 -7.37
C ILE A 36 4.97 6.53 -8.83
N ALA A 37 4.06 7.47 -9.07
CA ALA A 37 3.69 7.85 -10.43
C ALA A 37 4.94 8.10 -11.27
N GLU A 38 5.92 8.77 -10.67
CA GLU A 38 7.18 9.06 -11.34
C GLU A 38 7.89 7.78 -11.75
N ALA A 39 7.88 6.80 -10.85
CA ALA A 39 8.50 5.52 -11.12
C ALA A 39 7.84 4.84 -12.32
N PHE A 40 6.58 5.19 -12.56
CA PHE A 40 5.83 4.62 -13.68
C PHE A 40 5.97 5.47 -14.95
N GLY A 41 6.75 6.55 -14.88
CA GLY A 41 6.93 7.40 -16.04
C GLY A 41 5.68 8.16 -16.43
N LYS A 42 4.69 8.18 -15.53
CA LYS A 42 3.44 8.88 -15.80
C LYS A 42 3.48 10.33 -15.33
N ASP A 43 2.59 11.15 -15.87
CA ASP A 43 2.52 12.56 -15.52
C ASP A 43 1.86 12.75 -14.16
N ALA A 44 2.51 13.53 -13.30
CA ALA A 44 1.98 13.79 -11.96
C ALA A 44 0.70 14.64 -12.02
N GLY A 45 0.45 15.24 -13.18
CA GLY A 45 -0.73 16.09 -13.31
C GLY A 45 -1.85 15.45 -14.12
N ALA A 46 -1.75 14.13 -14.33
CA ALA A 46 -2.78 13.41 -15.07
C ALA A 46 -4.07 13.31 -14.27
N ALA A 47 -4.99 12.46 -14.74
CA ALA A 47 -6.26 12.27 -14.06
C ALA A 47 -6.16 11.15 -13.04
N GLU A 48 -5.57 10.02 -13.46
CA GLU A 48 -5.41 8.86 -12.59
C GLU A 48 -4.53 9.18 -11.39
N VAL A 49 -3.66 10.17 -11.54
CA VAL A 49 -2.79 10.57 -10.46
C VAL A 49 -3.56 11.39 -9.43
N GLN A 50 -4.36 12.34 -9.91
CA GLN A 50 -5.18 13.16 -9.02
C GLN A 50 -6.15 12.26 -8.25
N THR A 51 -6.70 11.28 -8.94
CA THR A 51 -7.62 10.34 -8.34
C THR A 51 -6.94 9.60 -7.19
N LEU A 52 -5.82 8.96 -7.50
CA LEU A 52 -5.08 8.20 -6.49
C LEU A 52 -4.81 9.08 -5.27
N LYS A 53 -4.12 10.20 -5.48
CA LYS A 53 -3.81 11.12 -4.38
C LYS A 53 -5.08 11.46 -3.60
N ASN A 54 -6.18 11.71 -4.31
CA ASN A 54 -7.44 12.03 -3.65
C ASN A 54 -7.83 10.92 -2.67
N ALA A 55 -7.60 9.68 -3.09
CA ALA A 55 -7.92 8.52 -2.26
C ALA A 55 -7.00 8.42 -1.06
N PHE A 56 -5.73 8.79 -1.25
CA PHE A 56 -4.74 8.73 -0.20
C PHE A 56 -5.09 9.71 0.93
N GLY A 57 -5.75 10.81 0.55
CA GLY A 57 -6.14 11.80 1.53
C GLY A 57 -7.17 11.27 2.51
N GLY A 58 -8.22 10.66 1.99
CA GLY A 58 -9.27 10.12 2.83
C GLY A 58 -8.76 9.01 3.74
N LEU A 59 -7.77 8.26 3.26
CA LEU A 59 -7.22 7.15 4.03
C LEU A 59 -6.68 7.62 5.38
N PHE A 60 -6.03 8.78 5.41
CA PHE A 60 -5.49 9.32 6.66
C PHE A 60 -6.61 9.65 7.64
N ASP A 61 -7.74 10.17 7.12
CA ASP A 61 -8.88 10.53 7.97
C ASP A 61 -9.12 9.48 9.05
N TYR A 62 -9.10 8.21 8.66
CA TYR A 62 -9.32 7.12 9.59
C TYR A 62 -8.27 7.13 10.70
N LEU A 63 -7.04 7.48 10.35
CA LEU A 63 -5.95 7.52 11.32
C LEU A 63 -6.21 8.59 12.38
N ALA A 64 -6.38 9.83 11.94
CA ALA A 64 -6.62 10.95 12.84
C ALA A 64 -7.79 10.67 13.80
N LYS A 65 -8.91 10.21 13.25
CA LYS A 65 -10.09 9.92 14.06
C LYS A 65 -9.81 8.79 15.05
N GLU A 66 -9.28 7.68 14.54
CA GLU A 66 -8.97 6.52 15.36
C GLU A 66 -7.93 6.87 16.43
N ALA A 67 -6.91 7.62 16.04
CA ALA A 67 -5.85 8.01 16.97
C ALA A 67 -6.31 9.15 17.88
N GLY A 68 -7.28 9.92 17.42
CA GLY A 68 -7.81 11.01 18.23
C GLY A 68 -7.32 12.39 17.79
N VAL A 69 -6.42 12.42 16.81
CA VAL A 69 -5.88 13.70 16.32
C VAL A 69 -6.62 14.14 15.07
N GLY A 70 -6.32 15.35 14.60
CA GLY A 70 -7.00 15.89 13.44
C GLY A 70 -6.37 15.48 12.12
N SER A 71 -7.00 15.92 11.03
CA SER A 71 -6.51 15.66 9.68
C SER A 71 -5.16 16.34 9.46
N ASP A 72 -4.78 17.25 10.37
CA ASP A 72 -3.52 17.97 10.27
C ASP A 72 -2.55 17.57 11.38
N GLY A 73 -2.86 16.48 12.08
CA GLY A 73 -2.00 16.03 13.17
C GLY A 73 -1.00 14.99 12.71
N SER A 74 -0.37 14.32 13.67
CA SER A 74 0.62 13.30 13.36
C SER A 74 0.56 12.12 14.32
N LEU A 75 1.03 10.97 13.86
CA LEU A 75 1.06 9.76 14.67
C LEU A 75 2.50 9.29 14.82
N THR A 76 2.87 8.89 16.03
CA THR A 76 4.22 8.41 16.28
C THR A 76 4.37 6.95 15.90
N GLU A 77 5.56 6.40 16.14
CA GLU A 77 5.83 5.01 15.82
C GLU A 77 5.05 4.08 16.74
N GLU A 78 5.11 4.35 18.04
CA GLU A 78 4.40 3.55 19.03
C GLU A 78 2.90 3.54 18.75
N GLN A 79 2.40 4.66 18.23
CA GLN A 79 0.99 4.78 17.90
C GLN A 79 0.66 3.96 16.66
N PHE A 80 1.55 4.03 15.66
CA PHE A 80 1.37 3.30 14.42
C PHE A 80 1.13 1.82 14.70
N ILE A 81 2.08 1.19 15.37
CA ILE A 81 2.01 -0.23 15.70
C ILE A 81 0.67 -0.58 16.34
N ARG A 82 0.24 0.22 17.30
CA ARG A 82 -1.02 -0.01 17.99
C ARG A 82 -2.20 0.01 17.02
N VAL A 83 -2.30 1.08 16.23
CA VAL A 83 -3.39 1.21 15.28
C VAL A 83 -3.21 0.23 14.13
N THR A 84 -1.97 0.00 13.74
CA THR A 84 -1.67 -0.93 12.65
C THR A 84 -2.09 -2.35 13.05
N GLU A 85 -1.69 -2.76 14.25
CA GLU A 85 -2.02 -4.09 14.74
C GLU A 85 -3.52 -4.36 14.61
N ASN A 86 -4.32 -3.40 15.05
CA ASN A 86 -5.77 -3.53 14.98
C ASN A 86 -6.24 -3.67 13.53
N LEU A 87 -5.60 -2.91 12.65
CA LEU A 87 -5.94 -2.95 11.22
C LEU A 87 -5.79 -4.36 10.67
N ILE A 88 -4.70 -5.02 11.06
CA ILE A 88 -4.42 -6.38 10.60
C ILE A 88 -5.32 -7.40 11.31
N PHE A 89 -5.36 -7.32 12.63
CA PHE A 89 -6.17 -8.24 13.42
C PHE A 89 -7.61 -7.76 13.53
N GLU A 90 -7.83 -6.75 14.37
CA GLU A 90 -9.17 -6.19 14.55
C GLU A 90 -9.68 -5.56 13.26
N GLN A 91 -10.72 -4.75 13.37
CA GLN A 91 -11.30 -4.10 12.20
C GLN A 91 -12.05 -5.11 11.34
N GLY A 92 -13.20 -4.71 10.83
CA GLY A 92 -13.99 -5.59 10.00
C GLY A 92 -13.36 -5.87 8.65
N GLU A 93 -13.73 -6.99 8.04
CA GLU A 93 -13.21 -7.34 6.73
C GLU A 93 -13.46 -6.19 5.75
N ALA A 94 -14.72 -5.80 5.67
CA ALA A 94 -15.15 -4.71 4.81
C ALA A 94 -14.55 -3.37 5.21
N SER A 95 -13.91 -3.32 6.39
CA SER A 95 -13.30 -2.09 6.87
C SER A 95 -12.03 -1.77 6.09
N PHE A 96 -11.22 -2.80 5.85
CA PHE A 96 -9.98 -2.63 5.10
C PHE A 96 -10.28 -2.35 3.63
N ASN A 97 -11.27 -3.07 3.10
CA ASN A 97 -11.67 -2.93 1.71
C ASN A 97 -12.27 -1.56 1.43
N ARG A 98 -13.06 -1.06 2.37
CA ARG A 98 -13.72 0.22 2.22
C ARG A 98 -12.73 1.38 2.15
N VAL A 99 -11.81 1.45 3.12
CA VAL A 99 -10.85 2.55 3.15
C VAL A 99 -9.67 2.30 2.23
N LEU A 100 -9.24 1.05 2.12
CA LEU A 100 -8.08 0.76 1.28
C LEU A 100 -8.49 0.43 -0.16
N GLY A 101 -9.72 -0.07 -0.32
CA GLY A 101 -10.22 -0.41 -1.66
C GLY A 101 -9.85 0.62 -2.71
N PRO A 102 -10.20 1.91 -2.49
CA PRO A 102 -9.89 2.97 -3.43
C PRO A 102 -8.40 3.32 -3.48
N VAL A 103 -7.65 2.82 -2.50
CA VAL A 103 -6.21 3.08 -2.45
C VAL A 103 -5.46 2.14 -3.38
N VAL A 104 -5.72 0.85 -3.25
CA VAL A 104 -5.09 -0.16 -4.09
C VAL A 104 -5.59 -0.04 -5.53
N LYS A 105 -6.85 0.33 -5.67
CA LYS A 105 -7.47 0.50 -6.97
C LYS A 105 -6.69 1.53 -7.80
N GLY A 106 -6.48 2.71 -7.21
CA GLY A 106 -5.76 3.76 -7.91
C GLY A 106 -4.48 3.27 -8.54
N ILE A 107 -3.81 2.33 -7.88
CA ILE A 107 -2.56 1.78 -8.40
C ILE A 107 -2.83 0.87 -9.59
N VAL A 108 -3.89 0.07 -9.49
CA VAL A 108 -4.25 -0.84 -10.56
C VAL A 108 -4.64 -0.08 -11.83
N GLY A 109 -5.26 1.08 -11.65
CA GLY A 109 -5.65 1.87 -12.81
C GLY A 109 -4.46 2.27 -13.65
N MET A 110 -3.37 2.62 -12.99
CA MET A 110 -2.15 3.01 -13.68
C MET A 110 -1.41 1.77 -14.17
N CYS A 111 -1.64 0.64 -13.51
CA CYS A 111 -0.98 -0.61 -13.86
C CYS A 111 -1.82 -1.42 -14.83
N ASP A 112 -2.35 -0.73 -15.84
CA ASP A 112 -3.18 -1.37 -16.86
C ASP A 112 -3.37 -0.47 -18.07
N LYS A 113 -2.73 -0.84 -19.18
CA LYS A 113 -2.84 -0.10 -20.43
C LYS A 113 -3.95 -0.69 -21.33
N ASN A 114 -4.63 -1.73 -20.84
CA ASN A 114 -5.70 -2.36 -21.61
C ASN A 114 -7.07 -1.94 -21.05
N ALA A 115 -7.08 -1.46 -19.81
CA ALA A 115 -8.31 -1.02 -19.18
C ALA A 115 -9.25 -2.18 -18.88
N ASP A 116 -8.72 -3.21 -18.22
CA ASP A 116 -9.54 -4.38 -17.86
C ASP A 116 -9.83 -4.41 -16.36
N GLY A 117 -9.11 -3.61 -15.59
CA GLY A 117 -9.32 -3.55 -14.15
C GLY A 117 -8.64 -4.70 -13.41
N GLN A 118 -7.81 -5.46 -14.10
CA GLN A 118 -7.12 -6.60 -13.48
C GLN A 118 -5.61 -6.48 -13.62
N ILE A 119 -4.88 -7.24 -12.80
CA ILE A 119 -3.42 -7.23 -12.81
C ILE A 119 -2.87 -8.52 -13.42
N ASN A 120 -2.50 -8.46 -14.68
CA ASN A 120 -1.94 -9.63 -15.35
C ASN A 120 -0.45 -9.69 -15.10
N ALA A 121 0.12 -10.90 -15.15
CA ALA A 121 1.54 -11.08 -14.90
C ALA A 121 2.38 -10.05 -15.64
N ASP A 122 1.99 -9.72 -16.86
CA ASP A 122 2.71 -8.73 -17.65
C ASP A 122 2.52 -7.35 -17.05
N GLU A 123 1.37 -7.12 -16.43
CA GLU A 123 1.08 -5.84 -15.80
C GLU A 123 1.77 -5.77 -14.43
N PHE A 124 1.64 -6.83 -13.64
CA PHE A 124 2.25 -6.88 -12.32
C PHE A 124 3.76 -6.65 -12.40
N ALA A 125 4.39 -7.28 -13.40
CA ALA A 125 5.82 -7.14 -13.59
C ALA A 125 6.22 -5.70 -13.81
N ALA A 126 5.46 -5.00 -14.66
CA ALA A 126 5.74 -3.59 -14.96
C ALA A 126 5.82 -2.74 -13.70
N TRP A 127 5.03 -3.08 -12.68
CA TRP A 127 5.02 -2.32 -11.44
C TRP A 127 6.12 -2.80 -10.49
N LEU A 128 6.35 -4.10 -10.47
CA LEU A 128 7.37 -4.68 -9.61
C LEU A 128 8.75 -4.15 -9.98
N THR A 129 9.06 -4.18 -11.27
CA THR A 129 10.35 -3.68 -11.74
C THR A 129 10.40 -2.16 -11.61
N ALA A 130 9.21 -1.54 -11.55
CA ALA A 130 9.11 -0.10 -11.42
C ALA A 130 9.66 0.38 -10.08
N LEU A 131 9.42 -0.39 -9.02
CA LEU A 131 9.89 -0.01 -7.68
C LEU A 131 11.32 -0.49 -7.42
N GLY A 132 11.91 -1.18 -8.39
CA GLY A 132 13.27 -1.65 -8.23
C GLY A 132 13.37 -3.15 -8.00
N MET A 133 12.43 -3.91 -8.56
CA MET A 133 12.44 -5.36 -8.42
C MET A 133 12.98 -6.00 -9.69
N SER A 134 13.57 -7.18 -9.57
CA SER A 134 14.12 -7.87 -10.71
C SER A 134 13.03 -8.61 -11.49
N LYS A 135 13.27 -8.82 -12.77
CA LYS A 135 12.32 -9.50 -13.63
C LYS A 135 11.97 -10.89 -13.10
N ALA A 136 12.84 -11.42 -12.24
CA ALA A 136 12.61 -12.74 -11.65
C ALA A 136 11.70 -12.65 -10.42
N GLU A 137 11.63 -11.46 -9.83
CA GLU A 137 10.81 -11.23 -8.65
C GLU A 137 9.33 -11.16 -9.02
N ALA A 138 9.03 -10.52 -10.14
CA ALA A 138 7.64 -10.41 -10.60
C ALA A 138 7.05 -11.78 -10.86
N ALA A 139 7.66 -12.51 -11.80
CA ALA A 139 7.21 -13.85 -12.14
C ALA A 139 6.96 -14.67 -10.87
N GLU A 140 7.89 -14.60 -9.93
CA GLU A 140 7.78 -15.34 -8.68
C GLU A 140 6.67 -14.75 -7.81
N ALA A 141 6.67 -13.42 -7.67
CA ALA A 141 5.69 -12.72 -6.85
C ALA A 141 4.29 -12.94 -7.38
N PHE A 142 4.14 -12.87 -8.70
CA PHE A 142 2.85 -13.06 -9.34
C PHE A 142 2.18 -14.33 -8.83
N ASN A 143 2.87 -15.45 -9.01
CA ASN A 143 2.37 -16.76 -8.60
C ASN A 143 2.06 -16.83 -7.10
N GLN A 144 2.87 -16.15 -6.30
CA GLN A 144 2.71 -16.15 -4.84
C GLN A 144 1.40 -15.50 -4.40
N VAL A 145 1.05 -14.39 -5.05
CA VAL A 145 -0.14 -13.64 -4.70
C VAL A 145 -1.39 -14.25 -5.33
N ASP A 146 -1.24 -14.89 -6.48
CA ASP A 146 -2.37 -15.49 -7.17
C ASP A 146 -3.03 -16.58 -6.31
N THR A 147 -3.81 -16.15 -5.33
CA THR A 147 -4.52 -17.05 -4.40
C THR A 147 -5.37 -18.08 -5.12
N ASN A 148 -6.07 -17.65 -6.17
CA ASN A 148 -6.95 -18.55 -6.90
C ASN A 148 -6.28 -19.19 -8.10
N GLY A 149 -4.97 -18.95 -8.25
CA GLY A 149 -4.23 -19.52 -9.38
C GLY A 149 -5.01 -19.55 -10.67
N ASN A 150 -5.78 -18.48 -10.91
CA ASN A 150 -6.59 -18.37 -12.12
C ASN A 150 -5.84 -17.65 -13.24
N GLY A 151 -4.66 -17.12 -12.93
CA GLY A 151 -3.88 -16.43 -13.93
C GLY A 151 -4.10 -14.93 -13.93
N GLU A 152 -5.01 -14.44 -13.08
CA GLU A 152 -5.28 -13.00 -13.03
C GLU A 152 -5.30 -12.51 -11.58
N LEU A 153 -4.65 -11.36 -11.35
CA LEU A 153 -4.60 -10.76 -10.02
C LEU A 153 -5.57 -9.58 -9.94
N SER A 154 -6.73 -9.80 -9.34
CA SER A 154 -7.73 -8.74 -9.21
C SER A 154 -7.54 -7.93 -7.94
N LEU A 155 -8.20 -6.76 -7.89
CA LEU A 155 -8.12 -5.87 -6.74
C LEU A 155 -8.25 -6.64 -5.42
N ASP A 156 -9.16 -7.60 -5.39
CA ASP A 156 -9.39 -8.40 -4.19
C ASP A 156 -8.10 -9.10 -3.76
N GLU A 157 -7.59 -9.94 -4.65
CA GLU A 157 -6.39 -10.72 -4.39
C GLU A 157 -5.17 -9.82 -4.18
N LEU A 158 -5.29 -8.55 -4.59
CA LEU A 158 -4.21 -7.60 -4.45
C LEU A 158 -3.99 -7.21 -2.98
N LEU A 159 -4.97 -6.52 -2.41
CA LEU A 159 -4.90 -6.08 -1.02
C LEU A 159 -4.53 -7.25 -0.10
N THR A 160 -4.84 -8.46 -0.54
CA THR A 160 -4.53 -9.66 0.23
C THR A 160 -3.05 -9.69 0.60
N ALA A 161 -2.24 -9.03 -0.21
CA ALA A 161 -0.80 -8.96 0.03
C ALA A 161 -0.51 -8.20 1.32
N VAL A 162 -0.75 -6.90 1.30
CA VAL A 162 -0.51 -6.04 2.45
C VAL A 162 -1.23 -6.55 3.70
N ARG A 163 -2.32 -7.30 3.50
CA ARG A 163 -3.13 -7.84 4.61
C ARG A 163 -2.33 -8.06 5.88
N ASP A 164 -1.12 -8.59 5.74
CA ASP A 164 -0.25 -8.84 6.88
C ASP A 164 1.12 -9.30 6.41
N PHE A 165 1.56 -8.79 5.26
CA PHE A 165 2.86 -9.15 4.70
C PHE A 165 3.15 -10.64 4.84
N HIS A 166 2.09 -11.46 4.83
CA HIS A 166 2.24 -12.91 4.96
C HIS A 166 2.95 -13.28 6.27
N PHE A 167 2.88 -12.37 7.25
CA PHE A 167 3.49 -12.59 8.55
C PHE A 167 4.99 -12.85 8.44
N GLY A 168 5.58 -12.50 7.31
CA GLY A 168 7.01 -12.70 7.11
C GLY A 168 7.60 -11.78 6.07
N ARG A 169 6.84 -11.53 5.00
CA ARG A 169 7.27 -10.65 3.91
C ARG A 169 8.13 -11.40 2.90
N LEU A 170 7.64 -11.50 1.67
CA LEU A 170 8.36 -12.20 0.60
C LEU A 170 8.97 -11.23 -0.40
N ASP A 171 8.16 -10.76 -1.35
CA ASP A 171 8.63 -9.84 -2.37
C ASP A 171 7.51 -8.95 -2.89
N VAL A 172 6.56 -8.61 -2.02
CA VAL A 172 5.44 -7.76 -2.42
C VAL A 172 5.54 -6.36 -1.80
N GLU A 173 5.04 -6.20 -0.58
CA GLU A 173 5.09 -4.90 0.09
C GLU A 173 4.23 -3.88 -0.66
N LEU A 174 3.13 -3.47 -0.05
CA LEU A 174 2.24 -2.48 -0.67
C LEU A 174 2.56 -1.08 -0.17
N LEU A 175 2.17 -0.07 -0.95
CA LEU A 175 2.43 1.32 -0.57
C LEU A 175 3.92 1.57 -0.42
N GLY A 176 4.70 1.11 -1.39
CA GLY A 176 6.14 1.30 -1.34
C GLY A 176 6.89 0.00 -1.46
N THR A 1 9.63 -10.64 23.65
CA THR A 1 10.89 -11.41 23.53
C THR A 1 11.10 -11.93 22.12
N THR A 2 12.07 -11.36 21.41
CA THR A 2 12.38 -11.77 20.04
C THR A 2 11.25 -11.37 19.09
N ALA A 3 10.45 -10.39 19.49
CA ALA A 3 9.34 -9.93 18.66
C ALA A 3 9.81 -9.61 17.25
N ILE A 4 9.40 -10.43 16.30
CA ILE A 4 9.77 -10.23 14.90
C ILE A 4 8.88 -9.19 14.23
N ALA A 5 7.64 -9.08 14.71
CA ALA A 5 6.68 -8.13 14.16
C ALA A 5 7.14 -6.69 14.36
N SER A 6 7.81 -6.43 15.47
CA SER A 6 8.29 -5.08 15.77
C SER A 6 9.25 -4.60 14.69
N ASP A 7 10.25 -5.42 14.39
CA ASP A 7 11.25 -5.08 13.38
C ASP A 7 10.58 -4.72 12.06
N ARG A 8 9.64 -5.53 11.62
CA ARG A 8 8.94 -5.31 10.36
C ARG A 8 8.19 -3.99 10.37
N LEU A 9 7.43 -3.75 11.43
CA LEU A 9 6.64 -2.52 11.55
C LEU A 9 7.52 -1.32 11.89
N LYS A 10 8.61 -1.56 12.60
CA LYS A 10 9.53 -0.49 12.99
C LYS A 10 10.12 0.17 11.75
N LYS A 11 10.81 -0.61 10.94
CA LYS A 11 11.43 -0.10 9.73
C LYS A 11 10.40 0.59 8.83
N ARG A 12 9.23 -0.03 8.69
CA ARG A 12 8.16 0.51 7.87
C ARG A 12 7.95 2.00 8.15
N PHE A 13 8.17 2.39 9.39
CA PHE A 13 8.01 3.78 9.81
C PHE A 13 9.15 4.64 9.28
N ASP A 14 10.38 4.31 9.67
CA ASP A 14 11.56 5.04 9.24
C ASP A 14 11.85 4.83 7.75
N ARG A 15 11.19 3.84 7.15
CA ARG A 15 11.42 3.54 5.74
C ARG A 15 10.80 4.61 4.83
N TRP A 16 9.82 5.33 5.37
CA TRP A 16 9.16 6.39 4.60
C TRP A 16 9.70 7.77 4.99
N ASP A 17 9.04 8.41 5.97
CA ASP A 17 9.44 9.74 6.43
C ASP A 17 9.85 10.64 5.27
N PHE A 18 8.86 11.10 4.51
CA PHE A 18 9.09 11.95 3.36
C PHE A 18 9.93 13.18 3.73
N ASP A 19 9.50 13.90 4.76
CA ASP A 19 10.19 15.11 5.20
C ASP A 19 11.16 14.82 6.35
N GLY A 20 11.03 13.65 6.97
CA GLY A 20 11.89 13.31 8.09
C GLY A 20 11.49 14.03 9.36
N ASN A 21 10.19 14.07 9.65
CA ASN A 21 9.68 14.74 10.84
C ASN A 21 9.55 13.77 12.01
N GLY A 22 9.63 12.48 11.73
CA GLY A 22 9.51 11.49 12.78
C GLY A 22 8.06 11.16 13.08
N ALA A 23 7.19 11.43 12.12
CA ALA A 23 5.75 11.17 12.26
C ALA A 23 5.12 10.95 10.89
N LEU A 24 3.83 10.62 10.89
CA LEU A 24 3.11 10.38 9.65
C LEU A 24 2.01 11.42 9.45
N GLU A 25 2.08 12.16 8.36
CA GLU A 25 1.08 13.19 8.05
C GLU A 25 0.39 12.89 6.73
N ARG A 26 -0.65 13.66 6.44
CA ARG A 26 -1.41 13.48 5.20
C ARG A 26 -0.56 13.81 3.97
N ALA A 27 0.35 14.77 4.14
CA ALA A 27 1.23 15.18 3.05
C ALA A 27 2.20 14.07 2.67
N ASP A 28 2.42 13.14 3.59
CA ASP A 28 3.33 12.03 3.35
C ASP A 28 2.71 11.06 2.34
N PHE A 29 1.40 10.89 2.42
CA PHE A 29 0.68 10.01 1.52
C PHE A 29 0.50 10.66 0.15
N GLU A 30 0.24 11.96 0.14
CA GLU A 30 0.05 12.69 -1.10
C GLU A 30 1.35 12.71 -1.90
N LYS A 31 2.47 12.94 -1.21
CA LYS A 31 3.77 12.97 -1.87
C LYS A 31 4.12 11.59 -2.42
N GLU A 32 3.84 10.57 -1.62
CA GLU A 32 4.12 9.18 -2.02
C GLU A 32 3.53 8.91 -3.39
N ALA A 33 2.20 9.07 -3.53
CA ALA A 33 1.53 8.85 -4.81
C ALA A 33 2.30 9.53 -5.93
N GLN A 34 2.69 10.77 -5.69
CA GLN A 34 3.44 11.54 -6.66
C GLN A 34 4.77 10.86 -6.94
N HIS A 35 5.51 10.58 -5.88
CA HIS A 35 6.81 9.91 -6.01
C HIS A 35 6.66 8.59 -6.76
N ILE A 36 5.52 7.93 -6.57
CA ILE A 36 5.25 6.67 -7.23
C ILE A 36 4.98 6.91 -8.72
N ALA A 37 4.02 7.77 -9.02
CA ALA A 37 3.67 8.09 -10.40
C ALA A 37 4.91 8.26 -11.28
N GLU A 38 5.92 8.95 -10.74
CA GLU A 38 7.16 9.18 -11.46
C GLU A 38 7.86 7.85 -11.76
N ALA A 39 7.79 6.92 -10.82
CA ALA A 39 8.40 5.61 -11.02
C ALA A 39 7.82 4.94 -12.25
N PHE A 40 6.54 5.17 -12.49
CA PHE A 40 5.87 4.61 -13.66
C PHE A 40 5.97 5.56 -14.86
N GLY A 41 6.70 6.67 -14.68
CA GLY A 41 6.86 7.63 -15.76
C GLY A 41 5.58 8.38 -16.05
N LYS A 42 5.46 8.85 -17.29
CA LYS A 42 4.29 9.59 -17.73
C LYS A 42 4.26 11.00 -17.15
N ASP A 43 3.07 11.60 -17.08
CA ASP A 43 2.93 12.96 -16.57
C ASP A 43 3.19 13.03 -15.06
N ALA A 44 2.65 14.07 -14.41
CA ALA A 44 2.76 14.26 -12.97
C ALA A 44 1.42 14.79 -12.45
N GLY A 45 1.01 15.92 -13.00
CA GLY A 45 -0.25 16.53 -12.62
C GLY A 45 -1.39 16.05 -13.49
N ALA A 46 -1.29 14.83 -14.01
CA ALA A 46 -2.32 14.24 -14.85
C ALA A 46 -3.57 13.89 -14.03
N ALA A 47 -4.48 13.14 -14.65
CA ALA A 47 -5.70 12.72 -13.99
C ALA A 47 -5.46 11.48 -13.14
N GLU A 48 -4.87 10.46 -13.75
CA GLU A 48 -4.60 9.19 -13.06
C GLU A 48 -3.76 9.41 -11.80
N VAL A 49 -2.88 10.40 -11.83
CA VAL A 49 -2.04 10.70 -10.68
C VAL A 49 -2.85 11.45 -9.63
N GLN A 50 -3.66 12.41 -10.08
CA GLN A 50 -4.50 13.18 -9.16
C GLN A 50 -5.46 12.24 -8.45
N THR A 51 -6.01 11.28 -9.20
CA THR A 51 -6.95 10.32 -8.63
C THR A 51 -6.29 9.56 -7.49
N LEU A 52 -5.16 8.92 -7.78
CA LEU A 52 -4.45 8.16 -6.75
C LEU A 52 -4.26 9.02 -5.49
N LYS A 53 -3.62 10.17 -5.65
CA LYS A 53 -3.41 11.08 -4.53
C LYS A 53 -4.71 11.32 -3.79
N ASN A 54 -5.81 11.40 -4.54
CA ASN A 54 -7.13 11.61 -3.96
C ASN A 54 -7.49 10.47 -3.01
N ALA A 55 -7.25 9.24 -3.46
CA ALA A 55 -7.55 8.06 -2.66
C ALA A 55 -6.60 7.98 -1.46
N PHE A 56 -5.30 7.98 -1.74
CA PHE A 56 -4.29 7.91 -0.68
C PHE A 56 -4.61 8.90 0.43
N GLY A 57 -5.25 10.00 0.08
CA GLY A 57 -5.60 11.02 1.05
C GLY A 57 -6.64 10.56 2.05
N GLY A 58 -7.76 10.05 1.55
CA GLY A 58 -8.83 9.60 2.42
C GLY A 58 -8.37 8.57 3.43
N LEU A 59 -7.37 7.78 3.07
CA LEU A 59 -6.85 6.75 3.97
C LEU A 59 -6.37 7.36 5.29
N PHE A 60 -5.84 8.58 5.23
CA PHE A 60 -5.36 9.24 6.43
C PHE A 60 -6.51 9.47 7.41
N ASP A 61 -7.64 9.92 6.89
CA ASP A 61 -8.82 10.17 7.72
C ASP A 61 -9.03 9.05 8.74
N TYR A 62 -9.00 7.81 8.26
CA TYR A 62 -9.17 6.64 9.13
C TYR A 62 -8.11 6.61 10.23
N LEU A 63 -6.88 6.94 9.87
CA LEU A 63 -5.77 6.94 10.82
C LEU A 63 -6.00 8.01 11.90
N ALA A 64 -6.23 9.25 11.47
CA ALA A 64 -6.47 10.35 12.40
C ALA A 64 -7.63 10.05 13.34
N LYS A 65 -8.76 9.64 12.78
CA LYS A 65 -9.94 9.34 13.60
C LYS A 65 -9.67 8.19 14.56
N GLU A 66 -9.13 7.10 14.01
CA GLU A 66 -8.82 5.92 14.81
C GLU A 66 -7.78 6.26 15.88
N ALA A 67 -6.80 7.08 15.50
CA ALA A 67 -5.73 7.47 16.43
C ALA A 67 -6.21 8.56 17.39
N GLY A 68 -7.19 9.34 16.96
CA GLY A 68 -7.72 10.39 17.81
C GLY A 68 -7.26 11.79 17.43
N VAL A 69 -6.46 11.89 16.37
CA VAL A 69 -5.97 13.20 15.92
C VAL A 69 -6.75 13.65 14.69
N GLY A 70 -6.49 14.88 14.25
CA GLY A 70 -7.20 15.41 13.10
C GLY A 70 -6.57 15.08 11.76
N SER A 71 -7.20 15.56 10.70
CA SER A 71 -6.70 15.36 9.34
C SER A 71 -5.36 16.06 9.15
N ASP A 72 -4.98 16.93 10.09
CA ASP A 72 -3.72 17.65 10.01
C ASP A 72 -2.76 17.25 11.13
N GLY A 73 -3.06 16.14 11.80
CA GLY A 73 -2.20 15.69 12.89
C GLY A 73 -1.17 14.67 12.42
N SER A 74 -0.55 13.99 13.39
CA SER A 74 0.46 12.99 13.06
C SER A 74 0.39 11.79 14.01
N LEU A 75 0.88 10.65 13.54
CA LEU A 75 0.89 9.44 14.34
C LEU A 75 2.33 8.98 14.57
N THR A 76 2.63 8.51 15.78
CA THR A 76 3.97 8.05 16.11
C THR A 76 4.18 6.61 15.68
N GLU A 77 5.37 6.07 15.98
CA GLU A 77 5.68 4.69 15.62
C GLU A 77 4.90 3.71 16.49
N GLU A 78 4.93 3.94 17.80
CA GLU A 78 4.22 3.07 18.73
C GLU A 78 2.73 3.08 18.44
N GLN A 79 2.22 4.21 17.95
CA GLN A 79 0.81 4.34 17.61
C GLN A 79 0.52 3.55 16.32
N PHE A 80 1.41 3.68 15.36
CA PHE A 80 1.27 2.98 14.08
C PHE A 80 1.03 1.49 14.30
N ILE A 81 1.96 0.86 15.01
CA ILE A 81 1.87 -0.56 15.30
C ILE A 81 0.54 -0.94 15.94
N ARG A 82 0.16 -0.21 16.99
CA ARG A 82 -1.08 -0.49 17.71
C ARG A 82 -2.28 -0.44 16.76
N VAL A 83 -2.41 0.64 16.00
CA VAL A 83 -3.52 0.79 15.08
C VAL A 83 -3.39 -0.14 13.87
N THR A 84 -2.17 -0.29 13.37
CA THR A 84 -1.93 -1.15 12.22
C THR A 84 -2.33 -2.59 12.55
N GLU A 85 -1.94 -3.03 13.73
CA GLU A 85 -2.25 -4.38 14.18
C GLU A 85 -3.73 -4.70 14.01
N ASN A 86 -4.58 -3.85 14.59
CA ASN A 86 -6.02 -4.04 14.50
C ASN A 86 -6.49 -4.09 13.05
N LEU A 87 -5.87 -3.29 12.20
CA LEU A 87 -6.23 -3.23 10.78
C LEU A 87 -6.11 -4.60 10.13
N ILE A 88 -5.04 -5.32 10.44
CA ILE A 88 -4.82 -6.66 9.87
C ILE A 88 -5.78 -7.68 10.48
N PHE A 89 -5.78 -7.75 11.80
CA PHE A 89 -6.64 -8.69 12.52
C PHE A 89 -8.01 -8.08 12.79
N GLU A 90 -8.06 -7.10 13.67
CA GLU A 90 -9.31 -6.44 14.02
C GLU A 90 -10.00 -5.87 12.78
N GLN A 91 -10.97 -4.99 13.00
CA GLN A 91 -11.71 -4.37 11.91
C GLN A 91 -12.44 -5.42 11.07
N GLY A 92 -11.73 -6.00 10.12
CA GLY A 92 -12.32 -7.02 9.27
C GLY A 92 -11.98 -6.84 7.81
N GLU A 93 -12.42 -7.78 6.98
CA GLU A 93 -12.15 -7.73 5.55
C GLU A 93 -12.69 -6.44 4.93
N ALA A 94 -14.00 -6.24 5.05
CA ALA A 94 -14.67 -5.07 4.50
C ALA A 94 -14.08 -3.77 5.05
N SER A 95 -13.37 -3.86 6.17
CA SER A 95 -12.76 -2.68 6.77
C SER A 95 -11.49 -2.28 6.03
N PHE A 96 -10.65 -3.27 5.74
CA PHE A 96 -9.40 -3.04 5.02
C PHE A 96 -9.68 -2.67 3.56
N ASN A 97 -10.64 -3.36 2.97
CA ASN A 97 -11.03 -3.11 1.58
C ASN A 97 -11.69 -1.75 1.40
N ARG A 98 -12.46 -1.33 2.41
CA ARG A 98 -13.16 -0.05 2.35
C ARG A 98 -12.18 1.12 2.26
N VAL A 99 -11.28 1.23 3.21
CA VAL A 99 -10.33 2.34 3.24
C VAL A 99 -9.17 2.16 2.28
N LEU A 100 -8.71 0.92 2.10
CA LEU A 100 -7.57 0.69 1.22
C LEU A 100 -7.99 0.43 -0.22
N GLY A 101 -9.22 -0.07 -0.41
CA GLY A 101 -9.70 -0.35 -1.75
C GLY A 101 -9.40 0.78 -2.73
N PRO A 102 -9.90 1.99 -2.44
CA PRO A 102 -9.68 3.17 -3.31
C PRO A 102 -8.21 3.55 -3.39
N VAL A 103 -7.42 3.08 -2.43
CA VAL A 103 -5.99 3.38 -2.42
C VAL A 103 -5.25 2.48 -3.40
N VAL A 104 -5.54 1.18 -3.32
CA VAL A 104 -4.91 0.22 -4.21
C VAL A 104 -5.43 0.40 -5.64
N LYS A 105 -6.71 0.78 -5.74
CA LYS A 105 -7.33 1.00 -7.04
C LYS A 105 -6.53 2.01 -7.85
N GLY A 106 -6.33 3.21 -7.28
CA GLY A 106 -5.57 4.24 -7.97
C GLY A 106 -4.29 3.69 -8.60
N ILE A 107 -3.65 2.78 -7.89
CA ILE A 107 -2.42 2.17 -8.37
C ILE A 107 -2.69 1.16 -9.50
N VAL A 108 -3.78 0.41 -9.36
CA VAL A 108 -4.16 -0.58 -10.36
C VAL A 108 -4.43 0.08 -11.71
N GLY A 109 -5.00 1.27 -11.68
CA GLY A 109 -5.30 1.98 -12.91
C GLY A 109 -4.05 2.49 -13.60
N MET A 110 -3.02 2.73 -12.83
CA MET A 110 -1.75 3.24 -13.37
C MET A 110 -0.93 2.09 -13.98
N CYS A 111 -1.07 0.90 -13.43
CA CYS A 111 -0.29 -0.25 -13.90
C CYS A 111 -0.94 -0.97 -15.07
N ASP A 112 -2.26 -1.09 -15.06
CA ASP A 112 -2.96 -1.78 -16.14
C ASP A 112 -2.74 -1.04 -17.46
N LYS A 113 -3.38 0.12 -17.58
CA LYS A 113 -3.31 0.93 -18.79
C LYS A 113 -4.27 0.41 -19.85
N ASN A 114 -5.04 -0.62 -19.52
CA ASN A 114 -6.01 -1.21 -20.42
C ASN A 114 -7.42 -0.86 -19.96
N ALA A 115 -7.55 -0.52 -18.67
CA ALA A 115 -8.84 -0.16 -18.10
C ALA A 115 -9.74 -1.37 -17.87
N ASP A 116 -9.15 -2.43 -17.30
CA ASP A 116 -9.91 -3.65 -17.03
C ASP A 116 -10.20 -3.79 -15.54
N GLY A 117 -9.48 -3.04 -14.71
CA GLY A 117 -9.69 -3.12 -13.28
C GLY A 117 -9.00 -4.29 -12.61
N GLN A 118 -8.16 -5.00 -13.36
CA GLN A 118 -7.46 -6.16 -12.81
C GLN A 118 -5.94 -6.02 -12.95
N ILE A 119 -5.22 -6.83 -12.20
CA ILE A 119 -3.76 -6.83 -12.21
C ILE A 119 -3.19 -8.09 -12.83
N ASN A 120 -2.78 -8.02 -14.10
CA ASN A 120 -2.21 -9.17 -14.77
C ASN A 120 -0.71 -9.26 -14.49
N ALA A 121 -0.14 -10.46 -14.65
CA ALA A 121 1.28 -10.66 -14.37
C ALA A 121 2.13 -9.59 -15.04
N ASP A 122 1.76 -9.18 -16.25
CA ASP A 122 2.51 -8.15 -16.96
C ASP A 122 2.29 -6.81 -16.28
N GLU A 123 1.13 -6.66 -15.64
CA GLU A 123 0.80 -5.42 -14.93
C GLU A 123 1.43 -5.46 -13.54
N PHE A 124 1.25 -6.56 -12.83
CA PHE A 124 1.81 -6.71 -11.49
C PHE A 124 3.31 -6.47 -11.49
N ALA A 125 4.01 -7.17 -12.38
CA ALA A 125 5.46 -7.03 -12.48
C ALA A 125 5.86 -5.58 -12.66
N ALA A 126 5.11 -4.86 -13.50
CA ALA A 126 5.39 -3.46 -13.77
C ALA A 126 5.43 -2.65 -12.46
N TRP A 127 4.62 -3.04 -11.49
CA TRP A 127 4.57 -2.35 -10.21
C TRP A 127 5.69 -2.80 -9.27
N LEU A 128 5.84 -4.11 -9.12
CA LEU A 128 6.86 -4.66 -8.23
C LEU A 128 8.23 -4.10 -8.61
N THR A 129 8.53 -4.10 -9.90
CA THR A 129 9.79 -3.58 -10.38
C THR A 129 9.82 -2.05 -10.24
N ALA A 130 8.64 -1.46 -10.15
CA ALA A 130 8.51 -0.02 -9.99
C ALA A 130 9.09 0.45 -8.66
N LEU A 131 8.89 -0.35 -7.61
CA LEU A 131 9.37 0.00 -6.28
C LEU A 131 10.82 -0.45 -6.05
N GLY A 132 11.41 -1.11 -7.04
CA GLY A 132 12.78 -1.55 -6.89
C GLY A 132 12.92 -3.05 -6.75
N MET A 133 11.99 -3.80 -7.35
CA MET A 133 12.03 -5.25 -7.31
C MET A 133 12.56 -5.80 -8.61
N SER A 134 13.17 -6.99 -8.57
CA SER A 134 13.71 -7.61 -9.77
C SER A 134 12.63 -8.35 -10.52
N LYS A 135 12.87 -8.60 -11.80
CA LYS A 135 11.90 -9.29 -12.65
C LYS A 135 11.62 -10.71 -12.15
N ALA A 136 12.50 -11.22 -11.29
CA ALA A 136 12.34 -12.55 -10.74
C ALA A 136 11.40 -12.54 -9.54
N GLU A 137 11.33 -11.40 -8.85
CA GLU A 137 10.46 -11.26 -7.69
C GLU A 137 9.00 -11.16 -8.09
N ALA A 138 8.72 -10.40 -9.15
CA ALA A 138 7.36 -10.22 -9.63
C ALA A 138 6.75 -11.57 -10.01
N ALA A 139 7.40 -12.26 -10.93
CA ALA A 139 6.91 -13.56 -11.38
C ALA A 139 6.61 -14.48 -10.19
N GLU A 140 7.50 -14.48 -9.21
CA GLU A 140 7.35 -15.30 -8.03
C GLU A 140 6.23 -14.80 -7.12
N ALA A 141 6.24 -13.50 -6.84
CA ALA A 141 5.23 -12.89 -5.99
C ALA A 141 3.84 -13.03 -6.59
N PHE A 142 3.76 -12.98 -7.91
CA PHE A 142 2.49 -13.11 -8.60
C PHE A 142 1.80 -14.42 -8.24
N ASN A 143 2.49 -15.52 -8.51
CA ASN A 143 1.97 -16.86 -8.24
C ASN A 143 1.56 -17.05 -6.78
N GLN A 144 2.33 -16.46 -5.85
CA GLN A 144 2.04 -16.60 -4.43
C GLN A 144 0.74 -15.88 -4.07
N VAL A 145 0.41 -14.84 -4.82
CA VAL A 145 -0.79 -14.05 -4.57
C VAL A 145 -2.04 -14.66 -5.20
N ASP A 146 -1.89 -15.25 -6.38
CA ASP A 146 -3.02 -15.85 -7.08
C ASP A 146 -3.64 -16.98 -6.27
N THR A 147 -4.45 -16.61 -5.28
CA THR A 147 -5.14 -17.55 -4.41
C THR A 147 -6.01 -18.55 -5.18
N ASN A 148 -6.62 -18.09 -6.27
CA ASN A 148 -7.50 -18.94 -7.05
C ASN A 148 -6.78 -19.56 -8.25
N GLY A 149 -5.47 -19.37 -8.33
CA GLY A 149 -4.69 -19.92 -9.42
C GLY A 149 -5.38 -19.77 -10.77
N ASN A 150 -6.08 -18.66 -10.96
CA ASN A 150 -6.78 -18.40 -12.22
C ASN A 150 -5.91 -17.62 -13.19
N GLY A 151 -4.74 -17.17 -12.73
CA GLY A 151 -3.83 -16.43 -13.58
C GLY A 151 -4.10 -14.94 -13.59
N GLU A 152 -5.01 -14.48 -12.73
CA GLU A 152 -5.33 -13.07 -12.67
C GLU A 152 -5.37 -12.58 -11.22
N LEU A 153 -4.74 -11.44 -10.97
CA LEU A 153 -4.71 -10.86 -9.64
C LEU A 153 -5.80 -9.79 -9.51
N SER A 154 -6.92 -10.16 -8.89
CA SER A 154 -8.04 -9.25 -8.72
C SER A 154 -7.90 -8.42 -7.45
N LEU A 155 -8.67 -7.34 -7.38
CA LEU A 155 -8.64 -6.44 -6.22
C LEU A 155 -8.73 -7.22 -4.91
N ASP A 156 -9.63 -8.19 -4.86
CA ASP A 156 -9.81 -9.00 -3.66
C ASP A 156 -8.51 -9.66 -3.24
N GLU A 157 -7.96 -10.47 -4.13
CA GLU A 157 -6.71 -11.20 -3.86
C GLU A 157 -5.52 -10.26 -3.69
N LEU A 158 -5.69 -9.00 -4.11
CA LEU A 158 -4.63 -8.01 -3.97
C LEU A 158 -4.43 -7.63 -2.51
N LEU A 159 -5.50 -7.17 -1.88
CA LEU A 159 -5.46 -6.76 -0.48
C LEU A 159 -4.98 -7.90 0.41
N THR A 160 -5.43 -9.11 0.12
CA THR A 160 -5.04 -10.27 0.90
C THR A 160 -3.51 -10.35 0.99
N ALA A 161 -2.87 -10.51 -0.16
CA ALA A 161 -1.42 -10.58 -0.22
C ALA A 161 -0.81 -9.27 0.25
N VAL A 162 -1.21 -8.17 -0.40
CA VAL A 162 -0.71 -6.86 -0.05
C VAL A 162 -0.88 -6.57 1.43
N ARG A 163 0.16 -6.02 2.05
CA ARG A 163 0.13 -5.68 3.46
C ARG A 163 -0.20 -6.91 4.31
N ASP A 164 0.77 -7.81 4.43
CA ASP A 164 0.60 -9.03 5.22
C ASP A 164 1.91 -9.45 5.88
N PHE A 165 2.03 -9.16 7.18
CA PHE A 165 3.23 -9.51 7.93
C PHE A 165 3.10 -9.12 9.39
N HIS A 166 3.66 -9.95 10.26
CA HIS A 166 3.62 -9.69 11.70
C HIS A 166 4.32 -10.79 12.49
N PHE A 167 3.72 -11.97 12.51
CA PHE A 167 4.31 -13.10 13.22
C PHE A 167 5.45 -13.71 12.43
N GLY A 168 5.11 -14.51 11.41
CA GLY A 168 6.12 -15.13 10.59
C GLY A 168 5.67 -15.28 9.15
N ARG A 169 5.01 -14.24 8.64
CA ARG A 169 4.51 -14.26 7.26
C ARG A 169 5.60 -14.71 6.29
N LEU A 170 5.18 -15.06 5.08
CA LEU A 170 6.11 -15.51 4.04
C LEU A 170 6.68 -14.33 3.26
N ASP A 171 7.16 -14.59 2.04
CA ASP A 171 7.74 -13.56 1.20
C ASP A 171 6.65 -12.69 0.57
N VAL A 172 5.83 -12.07 1.41
CA VAL A 172 4.75 -11.22 0.93
C VAL A 172 5.07 -9.73 1.17
N GLU A 173 4.65 -9.20 2.32
CA GLU A 173 4.90 -7.80 2.65
C GLU A 173 4.19 -6.88 1.66
N LEU A 174 4.39 -5.58 1.83
CA LEU A 174 3.76 -4.60 0.94
C LEU A 174 4.76 -4.01 -0.04
N LEU A 175 5.88 -3.52 0.47
CA LEU A 175 6.91 -2.92 -0.38
C LEU A 175 8.21 -3.69 -0.27
N GLY A 176 9.23 -3.23 -0.98
CA GLY A 176 10.53 -3.88 -0.97
C GLY A 176 11.68 -2.89 -1.01
N THR A 1 3.59 -10.47 24.65
CA THR A 1 5.08 -10.39 24.60
C THR A 1 5.59 -10.31 23.17
N THR A 2 5.58 -9.11 22.59
CA THR A 2 6.04 -8.91 21.23
C THR A 2 7.47 -9.44 21.04
N ALA A 3 8.02 -9.27 19.84
CA ALA A 3 9.36 -9.74 19.54
C ALA A 3 9.79 -9.43 18.12
N ILE A 4 9.34 -10.26 17.18
CA ILE A 4 9.67 -10.08 15.77
C ILE A 4 8.77 -9.04 15.11
N ALA A 5 7.55 -8.92 15.60
CA ALA A 5 6.59 -7.97 15.05
C ALA A 5 7.09 -6.54 15.16
N SER A 6 7.80 -6.24 16.23
CA SER A 6 8.34 -4.90 16.45
C SER A 6 9.30 -4.52 15.34
N ASP A 7 10.22 -5.42 15.04
CA ASP A 7 11.23 -5.19 14.00
C ASP A 7 10.58 -4.86 12.65
N ARG A 8 9.62 -5.68 12.23
CA ARG A 8 8.95 -5.47 10.95
C ARG A 8 8.21 -4.14 10.91
N LEU A 9 7.41 -3.88 11.93
CA LEU A 9 6.63 -2.64 11.99
C LEU A 9 7.51 -1.45 12.30
N LYS A 10 8.60 -1.69 13.02
CA LYS A 10 9.52 -0.62 13.39
C LYS A 10 10.09 0.06 12.16
N LYS A 11 10.56 -0.74 11.21
CA LYS A 11 11.14 -0.21 9.99
C LYS A 11 10.08 0.52 9.17
N ARG A 12 8.92 -0.10 9.00
CA ARG A 12 7.83 0.49 8.24
C ARG A 12 7.60 1.95 8.65
N PHE A 13 7.93 2.27 9.90
CA PHE A 13 7.77 3.62 10.41
C PHE A 13 8.84 4.56 9.86
N ASP A 14 10.11 4.28 10.18
CA ASP A 14 11.22 5.10 9.72
C ASP A 14 11.45 4.93 8.21
N ARG A 15 11.00 3.80 7.67
CA ARG A 15 11.16 3.52 6.26
C ARG A 15 10.23 4.37 5.40
N TRP A 16 9.25 5.00 6.03
CA TRP A 16 8.30 5.84 5.31
C TRP A 16 8.44 7.31 5.66
N ASP A 17 9.59 7.69 6.21
CA ASP A 17 9.81 9.08 6.58
C ASP A 17 10.21 9.90 5.36
N PHE A 18 9.20 10.32 4.60
CA PHE A 18 9.42 11.11 3.40
C PHE A 18 10.24 12.36 3.70
N ASP A 19 9.82 13.13 4.70
CA ASP A 19 10.54 14.36 5.08
C ASP A 19 11.47 14.12 6.27
N GLY A 20 11.29 13.00 6.95
CA GLY A 20 12.13 12.70 8.10
C GLY A 20 11.78 13.52 9.32
N ASN A 21 10.50 13.60 9.64
CA ASN A 21 10.04 14.37 10.81
C ASN A 21 9.84 13.47 12.02
N GLY A 22 9.93 12.16 11.82
CA GLY A 22 9.73 11.23 12.92
C GLY A 22 8.27 10.95 13.17
N ALA A 23 7.43 11.25 12.16
CA ALA A 23 5.99 11.03 12.26
C ALA A 23 5.38 10.79 10.90
N LEU A 24 4.10 10.45 10.88
CA LEU A 24 3.39 10.19 9.63
C LEU A 24 2.28 11.22 9.40
N GLU A 25 2.37 11.95 8.30
CA GLU A 25 1.36 12.97 7.97
C GLU A 25 0.67 12.66 6.65
N ARG A 26 -0.37 13.43 6.34
CA ARG A 26 -1.13 13.26 5.11
C ARG A 26 -0.30 13.63 3.89
N ALA A 27 0.52 14.67 4.03
CA ALA A 27 1.38 15.11 2.94
C ALA A 27 2.38 14.02 2.54
N ASP A 28 2.63 13.09 3.46
CA ASP A 28 3.55 11.99 3.19
C ASP A 28 2.91 11.00 2.23
N PHE A 29 1.59 10.84 2.33
CA PHE A 29 0.85 9.92 1.48
C PHE A 29 0.70 10.48 0.07
N GLU A 30 0.46 11.79 -0.01
CA GLU A 30 0.30 12.45 -1.30
C GLU A 30 1.60 12.38 -2.09
N LYS A 31 2.73 12.51 -1.39
CA LYS A 31 4.02 12.46 -2.03
C LYS A 31 4.28 11.09 -2.64
N GLU A 32 3.98 10.04 -1.87
CA GLU A 32 4.17 8.67 -2.32
C GLU A 32 3.65 8.49 -3.75
N ALA A 33 2.33 8.66 -3.91
CA ALA A 33 1.72 8.52 -5.23
C ALA A 33 2.52 9.28 -6.29
N GLN A 34 2.90 10.51 -5.97
CA GLN A 34 3.67 11.34 -6.88
C GLN A 34 5.03 10.72 -7.18
N HIS A 35 5.82 10.48 -6.14
CA HIS A 35 7.14 9.89 -6.31
C HIS A 35 7.03 8.59 -7.13
N ILE A 36 5.89 7.93 -7.01
CA ILE A 36 5.67 6.68 -7.74
C ILE A 36 5.37 6.95 -9.22
N ALA A 37 4.43 7.85 -9.49
CA ALA A 37 4.06 8.19 -10.86
C ALA A 37 5.30 8.34 -11.74
N GLU A 38 6.27 9.10 -11.28
CA GLU A 38 7.50 9.30 -12.05
C GLU A 38 8.18 7.97 -12.30
N ALA A 39 8.10 7.07 -11.32
CA ALA A 39 8.69 5.74 -11.45
C ALA A 39 8.02 5.01 -12.61
N PHE A 40 6.75 5.34 -12.84
CA PHE A 40 5.98 4.73 -13.92
C PHE A 40 6.05 5.60 -15.17
N GLY A 41 6.78 6.72 -15.09
CA GLY A 41 6.93 7.61 -16.23
C GLY A 41 5.65 8.38 -16.53
N LYS A 42 5.50 8.73 -17.81
CA LYS A 42 4.34 9.48 -18.29
C LYS A 42 4.36 10.91 -17.73
N ASP A 43 3.59 11.17 -16.67
CA ASP A 43 3.56 12.51 -16.09
C ASP A 43 2.79 12.52 -14.76
N ALA A 44 3.36 13.18 -13.76
CA ALA A 44 2.75 13.26 -12.44
C ALA A 44 1.47 14.09 -12.46
N GLY A 45 1.18 14.75 -13.59
CA GLY A 45 0.00 15.58 -13.67
C GLY A 45 -1.12 14.96 -14.49
N ALA A 46 -1.01 13.66 -14.75
CA ALA A 46 -2.03 12.94 -15.51
C ALA A 46 -3.30 12.75 -14.69
N ALA A 47 -4.38 12.38 -15.37
CA ALA A 47 -5.65 12.15 -14.69
C ALA A 47 -5.54 10.96 -13.74
N GLU A 48 -4.98 9.87 -14.24
CA GLU A 48 -4.83 8.64 -13.46
C GLU A 48 -4.07 8.86 -12.16
N VAL A 49 -3.13 9.79 -12.15
CA VAL A 49 -2.35 10.05 -10.94
C VAL A 49 -3.15 10.84 -9.92
N GLN A 50 -3.94 11.80 -10.39
CA GLN A 50 -4.77 12.60 -9.49
C GLN A 50 -5.73 11.68 -8.74
N THR A 51 -6.28 10.71 -9.45
CA THR A 51 -7.20 9.75 -8.84
C THR A 51 -6.54 9.08 -7.64
N LEU A 52 -5.41 8.41 -7.89
CA LEU A 52 -4.69 7.73 -6.82
C LEU A 52 -4.49 8.65 -5.62
N LYS A 53 -3.83 9.80 -5.83
CA LYS A 53 -3.59 10.75 -4.75
C LYS A 53 -4.87 11.07 -3.99
N ASN A 54 -5.97 11.26 -4.71
CA ASN A 54 -7.25 11.57 -4.08
C ASN A 54 -7.63 10.45 -3.10
N ALA A 55 -7.41 9.21 -3.52
CA ALA A 55 -7.73 8.06 -2.69
C ALA A 55 -6.79 7.99 -1.48
N PHE A 56 -5.49 8.12 -1.73
CA PHE A 56 -4.50 8.09 -0.67
C PHE A 56 -4.85 9.09 0.44
N GLY A 57 -5.50 10.18 0.05
CA GLY A 57 -5.89 11.19 1.01
C GLY A 57 -6.93 10.69 1.99
N GLY A 58 -8.00 10.11 1.47
CA GLY A 58 -9.05 9.59 2.32
C GLY A 58 -8.53 8.52 3.26
N LEU A 59 -7.52 7.78 2.80
CA LEU A 59 -6.93 6.72 3.60
C LEU A 59 -6.47 7.26 4.95
N PHE A 60 -6.02 8.51 4.96
CA PHE A 60 -5.56 9.16 6.18
C PHE A 60 -6.72 9.26 7.18
N ASP A 61 -7.91 9.57 6.66
CA ASP A 61 -9.11 9.71 7.50
C ASP A 61 -9.21 8.59 8.52
N TYR A 62 -9.13 7.35 8.05
CA TYR A 62 -9.22 6.18 8.92
C TYR A 62 -8.18 6.24 10.04
N LEU A 63 -6.98 6.69 9.70
CA LEU A 63 -5.90 6.77 10.67
C LEU A 63 -6.21 7.81 11.74
N ALA A 64 -6.46 9.05 11.32
CA ALA A 64 -6.76 10.12 12.25
C ALA A 64 -7.95 9.78 13.15
N LYS A 65 -9.01 9.26 12.54
CA LYS A 65 -10.22 8.90 13.28
C LYS A 65 -9.95 7.76 14.25
N GLU A 66 -9.45 6.64 13.72
CA GLU A 66 -9.14 5.48 14.54
C GLU A 66 -8.09 5.82 15.60
N ALA A 67 -7.10 6.62 15.20
CA ALA A 67 -6.04 7.02 16.11
C ALA A 67 -6.51 8.13 17.06
N GLY A 68 -7.51 8.88 16.60
CA GLY A 68 -8.06 9.95 17.42
C GLY A 68 -7.18 11.18 17.48
N VAL A 69 -6.50 11.48 16.38
CA VAL A 69 -5.61 12.64 16.34
C VAL A 69 -6.22 13.76 15.51
N GLY A 70 -6.11 13.66 14.19
CA GLY A 70 -6.66 14.69 13.31
C GLY A 70 -6.17 14.57 11.88
N SER A 71 -6.91 15.14 10.96
CA SER A 71 -6.56 15.12 9.54
C SER A 71 -5.22 15.81 9.29
N ASP A 72 -4.83 16.70 10.20
CA ASP A 72 -3.58 17.43 10.09
C ASP A 72 -2.60 17.04 11.19
N GLY A 73 -2.88 15.93 11.88
CA GLY A 73 -2.00 15.47 12.94
C GLY A 73 -1.00 14.44 12.46
N SER A 74 -0.37 13.75 13.40
CA SER A 74 0.62 12.73 13.05
C SER A 74 0.57 11.53 13.98
N LEU A 75 1.05 10.40 13.49
CA LEU A 75 1.08 9.16 14.26
C LEU A 75 2.53 8.71 14.48
N THR A 76 2.86 8.30 15.69
CA THR A 76 4.20 7.85 16.01
C THR A 76 4.38 6.39 15.66
N GLU A 77 5.55 5.84 15.96
CA GLU A 77 5.84 4.44 15.67
C GLU A 77 5.07 3.53 16.61
N GLU A 78 5.12 3.83 17.90
CA GLU A 78 4.42 3.04 18.89
C GLU A 78 2.92 3.01 18.60
N GLN A 79 2.41 4.12 18.05
CA GLN A 79 0.99 4.21 17.72
C GLN A 79 0.69 3.38 16.47
N PHE A 80 1.58 3.45 15.50
CA PHE A 80 1.43 2.69 14.26
C PHE A 80 1.24 1.21 14.57
N ILE A 81 2.19 0.65 15.32
CA ILE A 81 2.16 -0.76 15.68
C ILE A 81 0.84 -1.16 16.33
N ARG A 82 0.42 -0.43 17.37
CA ARG A 82 -0.82 -0.75 18.07
C ARG A 82 -2.03 -0.72 17.13
N VAL A 83 -2.18 0.36 16.36
CA VAL A 83 -3.30 0.47 15.43
C VAL A 83 -3.14 -0.45 14.23
N THR A 84 -1.91 -0.57 13.75
CA THR A 84 -1.63 -1.43 12.61
C THR A 84 -2.01 -2.87 12.91
N GLU A 85 -1.61 -3.34 14.08
CA GLU A 85 -1.90 -4.72 14.49
C GLU A 85 -3.38 -5.04 14.33
N ASN A 86 -4.23 -4.14 14.84
CA ASN A 86 -5.67 -4.33 14.76
C ASN A 86 -6.13 -4.42 13.30
N LEU A 87 -5.50 -3.65 12.43
CA LEU A 87 -5.83 -3.65 11.01
C LEU A 87 -5.64 -5.03 10.39
N ILE A 88 -4.48 -5.62 10.65
CA ILE A 88 -4.16 -6.94 10.12
C ILE A 88 -4.99 -8.03 10.80
N PHE A 89 -5.08 -7.95 12.13
CA PHE A 89 -5.85 -8.91 12.90
C PHE A 89 -7.31 -8.50 13.02
N GLU A 90 -7.61 -7.65 14.00
CA GLU A 90 -8.97 -7.18 14.22
C GLU A 90 -9.51 -6.50 12.96
N GLN A 91 -10.57 -5.71 13.11
CA GLN A 91 -11.17 -5.02 11.98
C GLN A 91 -11.91 -6.02 11.10
N GLY A 92 -13.02 -5.57 10.51
CA GLY A 92 -13.81 -6.44 9.65
C GLY A 92 -13.26 -6.52 8.24
N GLU A 93 -13.64 -7.58 7.53
CA GLU A 93 -13.19 -7.77 6.16
C GLU A 93 -13.53 -6.54 5.32
N ALA A 94 -14.80 -6.14 5.34
CA ALA A 94 -15.27 -4.99 4.59
C ALA A 94 -14.64 -3.69 5.06
N SER A 95 -13.96 -3.72 6.20
CA SER A 95 -13.32 -2.52 6.73
C SER A 95 -12.06 -2.19 5.93
N PHE A 96 -11.25 -3.21 5.68
CA PHE A 96 -10.02 -3.06 4.93
C PHE A 96 -10.33 -2.75 3.47
N ASN A 97 -11.31 -3.45 2.92
CA ASN A 97 -11.71 -3.26 1.52
C ASN A 97 -12.33 -1.89 1.30
N ARG A 98 -13.11 -1.43 2.28
CA ARG A 98 -13.77 -0.13 2.17
C ARG A 98 -12.78 1.01 2.09
N VAL A 99 -11.83 1.04 3.04
CA VAL A 99 -10.87 2.14 3.09
C VAL A 99 -9.73 1.98 2.10
N LEU A 100 -9.25 0.75 1.96
CA LEU A 100 -8.12 0.50 1.07
C LEU A 100 -8.58 0.22 -0.36
N GLY A 101 -9.81 -0.25 -0.53
CA GLY A 101 -10.31 -0.54 -1.86
C GLY A 101 -10.01 0.58 -2.86
N PRO A 102 -10.54 1.79 -2.63
CA PRO A 102 -10.32 2.94 -3.53
C PRO A 102 -8.85 3.30 -3.64
N VAL A 103 -8.05 2.83 -2.69
CA VAL A 103 -6.62 3.14 -2.68
C VAL A 103 -5.85 2.26 -3.68
N VAL A 104 -6.04 0.94 -3.58
CA VAL A 104 -5.37 0.01 -4.49
C VAL A 104 -5.87 0.19 -5.91
N LYS A 105 -7.12 0.59 -6.03
CA LYS A 105 -7.74 0.81 -7.33
C LYS A 105 -6.91 1.81 -8.15
N GLY A 106 -6.68 2.99 -7.58
CA GLY A 106 -5.92 4.01 -8.26
C GLY A 106 -4.64 3.46 -8.89
N ILE A 107 -3.99 2.55 -8.18
CA ILE A 107 -2.76 1.95 -8.67
C ILE A 107 -3.04 0.98 -9.83
N VAL A 108 -4.13 0.24 -9.71
CA VAL A 108 -4.52 -0.71 -10.74
C VAL A 108 -4.79 0.00 -12.06
N GLY A 109 -5.39 1.19 -11.99
CA GLY A 109 -5.68 1.93 -13.19
C GLY A 109 -4.43 2.46 -13.89
N MET A 110 -3.38 2.70 -13.11
CA MET A 110 -2.13 3.21 -13.65
C MET A 110 -1.30 2.07 -14.27
N CYS A 111 -1.41 0.88 -13.71
CA CYS A 111 -0.61 -0.25 -14.20
C CYS A 111 -1.32 -1.05 -15.29
N ASP A 112 -2.64 -0.95 -15.37
CA ASP A 112 -3.36 -1.71 -16.39
C ASP A 112 -3.04 -1.18 -17.79
N LYS A 113 -3.61 -0.02 -18.12
CA LYS A 113 -3.44 0.60 -19.43
C LYS A 113 -4.45 0.02 -20.42
N ASN A 114 -5.21 -0.98 -19.99
CA ASN A 114 -6.23 -1.58 -20.84
C ASN A 114 -7.62 -1.18 -20.34
N ALA A 115 -7.69 -0.67 -19.12
CA ALA A 115 -8.95 -0.24 -18.53
C ALA A 115 -9.84 -1.43 -18.17
N ASP A 116 -9.27 -2.41 -17.48
CA ASP A 116 -10.03 -3.59 -17.09
C ASP A 116 -10.26 -3.63 -15.58
N GLY A 117 -9.52 -2.81 -14.84
CA GLY A 117 -9.67 -2.76 -13.39
C GLY A 117 -8.99 -3.92 -12.69
N GLN A 118 -8.16 -4.68 -13.42
CA GLN A 118 -7.47 -5.83 -12.84
C GLN A 118 -5.96 -5.71 -12.99
N ILE A 119 -5.23 -6.51 -12.23
CA ILE A 119 -3.77 -6.50 -12.24
C ILE A 119 -3.20 -7.79 -12.86
N ASN A 120 -2.81 -7.73 -14.12
CA ASN A 120 -2.25 -8.90 -14.80
C ASN A 120 -0.76 -9.00 -14.52
N ALA A 121 -0.20 -10.21 -14.67
CA ALA A 121 1.21 -10.43 -14.40
C ALA A 121 2.09 -9.38 -15.09
N ASP A 122 1.73 -9.00 -16.31
CA ASP A 122 2.49 -7.99 -17.03
C ASP A 122 2.26 -6.63 -16.40
N GLU A 123 1.10 -6.44 -15.80
CA GLU A 123 0.77 -5.19 -15.14
C GLU A 123 1.44 -5.15 -13.76
N PHE A 124 1.30 -6.23 -13.01
CA PHE A 124 1.89 -6.32 -11.68
C PHE A 124 3.40 -6.12 -11.74
N ALA A 125 4.06 -6.90 -12.60
CA ALA A 125 5.51 -6.81 -12.75
C ALA A 125 5.95 -5.36 -12.97
N ALA A 126 5.23 -4.65 -13.84
CA ALA A 126 5.55 -3.26 -14.14
C ALA A 126 5.60 -2.40 -12.88
N TRP A 127 4.79 -2.73 -11.88
CA TRP A 127 4.75 -1.95 -10.64
C TRP A 127 5.85 -2.38 -9.68
N LEU A 128 6.08 -3.68 -9.56
CA LEU A 128 7.11 -4.20 -8.68
C LEU A 128 8.48 -3.65 -9.06
N THR A 129 8.77 -3.67 -10.35
CA THR A 129 10.03 -3.15 -10.85
C THR A 129 10.05 -1.63 -10.75
N ALA A 130 8.87 -1.02 -10.68
CA ALA A 130 8.75 0.43 -10.57
C ALA A 130 9.33 0.92 -9.25
N LEU A 131 9.11 0.15 -8.18
CA LEU A 131 9.59 0.54 -6.86
C LEU A 131 11.00 0.03 -6.57
N GLY A 132 11.61 -0.67 -7.52
CA GLY A 132 12.96 -1.15 -7.31
C GLY A 132 13.05 -2.66 -7.11
N MET A 133 12.14 -3.40 -7.72
CA MET A 133 12.16 -4.86 -7.62
C MET A 133 12.69 -5.47 -8.90
N SER A 134 13.28 -6.66 -8.80
CA SER A 134 13.82 -7.34 -9.97
C SER A 134 12.71 -8.06 -10.74
N LYS A 135 12.99 -8.44 -11.97
CA LYS A 135 11.98 -9.11 -12.79
C LYS A 135 11.68 -10.51 -12.24
N ALA A 136 12.63 -11.05 -11.46
CA ALA A 136 12.45 -12.37 -10.87
C ALA A 136 11.57 -12.29 -9.62
N GLU A 137 11.56 -11.13 -8.98
CA GLU A 137 10.77 -10.93 -7.77
C GLU A 137 9.28 -10.85 -8.07
N ALA A 138 8.93 -10.20 -9.18
CA ALA A 138 7.53 -10.06 -9.56
C ALA A 138 6.90 -11.42 -9.82
N ALA A 139 7.46 -12.14 -10.79
CA ALA A 139 6.97 -13.47 -11.14
C ALA A 139 6.68 -14.32 -9.91
N GLU A 140 7.60 -14.26 -8.94
CA GLU A 140 7.46 -15.02 -7.70
C GLU A 140 6.34 -14.48 -6.83
N ALA A 141 6.34 -13.16 -6.64
CA ALA A 141 5.33 -12.51 -5.81
C ALA A 141 3.93 -12.68 -6.38
N PHE A 142 3.83 -12.58 -7.71
CA PHE A 142 2.55 -12.72 -8.38
C PHE A 142 1.85 -14.02 -7.97
N ASN A 143 2.51 -15.14 -8.22
CA ASN A 143 1.96 -16.45 -7.89
C ASN A 143 1.60 -16.56 -6.40
N GLN A 144 2.39 -15.91 -5.56
CA GLN A 144 2.18 -15.94 -4.11
C GLN A 144 0.86 -15.25 -3.72
N VAL A 145 0.52 -14.19 -4.44
CA VAL A 145 -0.68 -13.41 -4.13
C VAL A 145 -1.93 -14.01 -4.74
N ASP A 146 -1.80 -14.62 -5.91
CA ASP A 146 -2.93 -15.22 -6.60
C ASP A 146 -3.57 -16.32 -5.74
N THR A 147 -4.36 -15.90 -4.74
CA THR A 147 -5.04 -16.81 -3.83
C THR A 147 -5.93 -17.80 -4.56
N ASN A 148 -6.51 -17.38 -5.68
CA ASN A 148 -7.39 -18.26 -6.44
C ASN A 148 -6.67 -18.92 -7.61
N GLY A 149 -5.35 -18.75 -7.68
CA GLY A 149 -4.57 -19.34 -8.75
C GLY A 149 -5.23 -19.21 -10.10
N ASN A 150 -5.89 -18.09 -10.34
CA ASN A 150 -6.58 -17.85 -11.61
C ASN A 150 -5.69 -17.09 -12.60
N GLY A 151 -4.52 -16.65 -12.13
CA GLY A 151 -3.59 -15.94 -13.01
C GLY A 151 -3.87 -14.46 -13.10
N GLU A 152 -4.76 -13.94 -12.26
CA GLU A 152 -5.08 -12.51 -12.28
C GLU A 152 -5.13 -11.94 -10.87
N LEU A 153 -4.52 -10.77 -10.70
CA LEU A 153 -4.51 -10.10 -9.41
C LEU A 153 -5.65 -9.09 -9.33
N SER A 154 -6.72 -9.44 -8.61
CA SER A 154 -7.87 -8.56 -8.48
C SER A 154 -7.71 -7.64 -7.26
N LEU A 155 -8.46 -6.53 -7.26
CA LEU A 155 -8.40 -5.57 -6.15
C LEU A 155 -8.47 -6.29 -4.81
N ASP A 156 -9.37 -7.25 -4.72
CA ASP A 156 -9.53 -8.04 -3.51
C ASP A 156 -8.23 -8.70 -3.11
N GLU A 157 -7.64 -9.41 -4.06
CA GLU A 157 -6.40 -10.12 -3.85
C GLU A 157 -5.22 -9.18 -3.58
N LEU A 158 -5.32 -7.95 -4.08
CA LEU A 158 -4.27 -6.97 -3.88
C LEU A 158 -4.26 -6.44 -2.44
N LEU A 159 -5.29 -5.67 -2.11
CA LEU A 159 -5.41 -5.08 -0.77
C LEU A 159 -5.02 -6.06 0.32
N THR A 160 -5.53 -7.29 0.23
CA THR A 160 -5.21 -8.30 1.22
C THR A 160 -3.69 -8.46 1.35
N ALA A 161 -3.02 -8.52 0.21
CA ALA A 161 -1.57 -8.66 0.19
C ALA A 161 -0.87 -7.44 0.81
N VAL A 162 -1.52 -6.28 0.72
CA VAL A 162 -0.95 -5.06 1.26
C VAL A 162 -0.53 -5.24 2.71
N ARG A 163 -1.48 -5.55 3.57
CA ARG A 163 -1.19 -5.76 4.99
C ARG A 163 -1.37 -7.23 5.37
N ASP A 164 -0.42 -8.06 4.96
CA ASP A 164 -0.49 -9.49 5.25
C ASP A 164 0.90 -10.13 5.30
N PHE A 165 1.61 -9.90 6.40
CA PHE A 165 2.94 -10.47 6.56
C PHE A 165 2.89 -11.66 7.53
N HIS A 166 1.73 -11.88 8.14
CA HIS A 166 1.55 -12.99 9.07
C HIS A 166 2.59 -12.92 10.19
N PHE A 167 2.81 -14.05 10.86
CA PHE A 167 3.79 -14.10 11.95
C PHE A 167 5.22 -14.12 11.42
N GLY A 168 5.36 -14.20 10.09
CA GLY A 168 6.68 -14.21 9.49
C GLY A 168 6.81 -13.18 8.39
N ARG A 169 6.74 -13.63 7.14
CA ARG A 169 6.85 -12.74 5.98
C ARG A 169 7.11 -13.53 4.70
N LEU A 170 6.45 -13.12 3.61
CA LEU A 170 6.60 -13.79 2.32
C LEU A 170 7.35 -12.89 1.33
N ASP A 171 7.19 -11.59 1.47
CA ASP A 171 7.87 -10.64 0.58
C ASP A 171 7.88 -9.24 1.19
N VAL A 172 6.79 -8.51 0.97
CA VAL A 172 6.65 -7.15 1.49
C VAL A 172 5.49 -6.42 0.80
N GLU A 173 4.27 -6.69 1.23
CA GLU A 173 3.10 -6.04 0.65
C GLU A 173 3.13 -6.13 -0.88
N LEU A 174 2.34 -5.29 -1.54
CA LEU A 174 2.30 -5.28 -3.00
C LEU A 174 3.10 -4.09 -3.54
N LEU A 175 4.07 -3.63 -2.76
CA LEU A 175 4.90 -2.51 -3.17
C LEU A 175 6.27 -2.58 -2.50
N GLY A 176 7.02 -1.48 -2.55
CA GLY A 176 8.34 -1.45 -1.94
C GLY A 176 9.36 -2.23 -2.74
N THR A 1 4.91 -12.11 24.19
CA THR A 1 5.44 -10.76 23.88
C THR A 1 5.78 -10.63 22.40
N THR A 2 5.79 -9.40 21.90
CA THR A 2 6.10 -9.14 20.51
C THR A 2 7.52 -9.61 20.17
N ALA A 3 7.86 -9.60 18.89
CA ALA A 3 9.18 -10.01 18.45
C ALA A 3 9.39 -9.70 16.97
N ILE A 4 8.83 -10.55 16.12
CA ILE A 4 8.94 -10.37 14.66
C ILE A 4 7.98 -9.27 14.19
N ALA A 5 6.90 -9.08 14.94
CA ALA A 5 5.90 -8.08 14.61
C ALA A 5 6.47 -6.67 14.64
N SER A 6 7.18 -6.34 15.70
CA SER A 6 7.77 -5.02 15.86
C SER A 6 8.75 -4.71 14.73
N ASP A 7 9.69 -5.61 14.52
CA ASP A 7 10.71 -5.45 13.49
C ASP A 7 10.12 -5.07 12.14
N ARG A 8 9.17 -5.86 11.65
CA ARG A 8 8.55 -5.62 10.36
C ARG A 8 7.83 -4.28 10.30
N LEU A 9 7.06 -3.98 11.34
CA LEU A 9 6.31 -2.73 11.41
C LEU A 9 7.20 -1.53 11.74
N LYS A 10 8.28 -1.79 12.48
CA LYS A 10 9.19 -0.73 12.88
C LYS A 10 9.80 -0.02 11.67
N LYS A 11 10.61 -0.76 10.89
CA LYS A 11 11.26 -0.18 9.71
C LYS A 11 10.25 0.59 8.86
N ARG A 12 9.09 -0.01 8.64
CA ARG A 12 8.04 0.62 7.84
C ARG A 12 7.77 2.05 8.29
N PHE A 13 7.99 2.32 9.58
CA PHE A 13 7.76 3.66 10.11
C PHE A 13 8.83 4.64 9.65
N ASP A 14 10.09 4.32 9.94
CA ASP A 14 11.21 5.19 9.57
C ASP A 14 11.43 5.18 8.06
N ARG A 15 10.95 4.14 7.40
CA ARG A 15 11.09 4.03 5.95
C ARG A 15 10.14 4.97 5.22
N TRP A 16 9.14 5.47 5.93
CA TRP A 16 8.15 6.38 5.35
C TRP A 16 8.44 7.83 5.72
N ASP A 17 9.63 8.12 6.23
CA ASP A 17 9.98 9.48 6.62
C ASP A 17 10.43 10.29 5.41
N PHE A 18 9.45 10.69 4.60
CA PHE A 18 9.73 11.47 3.40
C PHE A 18 10.55 12.71 3.72
N ASP A 19 10.13 13.47 4.72
CA ASP A 19 10.83 14.69 5.10
C ASP A 19 11.79 14.46 6.28
N GLY A 20 11.65 13.32 6.94
CA GLY A 20 12.49 13.02 8.08
C GLY A 20 12.07 13.80 9.31
N ASN A 21 10.76 13.85 9.54
CA ASN A 21 10.21 14.58 10.68
C ASN A 21 10.02 13.67 11.89
N GLY A 22 10.14 12.36 11.68
CA GLY A 22 9.98 11.41 12.78
C GLY A 22 8.53 11.10 13.07
N ALA A 23 7.67 11.33 12.08
CA ALA A 23 6.24 11.07 12.23
C ALA A 23 5.60 10.83 10.86
N LEU A 24 4.31 10.51 10.86
CA LEU A 24 3.59 10.26 9.62
C LEU A 24 2.50 11.30 9.41
N GLU A 25 2.56 11.98 8.26
CA GLU A 25 1.56 12.99 7.93
C GLU A 25 0.85 12.63 6.64
N ARG A 26 -0.18 13.39 6.31
CA ARG A 26 -0.95 13.15 5.10
C ARG A 26 -0.13 13.54 3.87
N ALA A 27 0.72 14.54 4.03
CA ALA A 27 1.57 15.02 2.95
C ALA A 27 2.55 13.94 2.48
N ASP A 28 2.79 12.94 3.33
CA ASP A 28 3.70 11.86 3.00
C ASP A 28 3.11 10.97 1.91
N PHE A 29 1.79 10.84 1.91
CA PHE A 29 1.10 10.02 0.93
C PHE A 29 1.01 10.72 -0.42
N GLU A 30 0.79 12.03 -0.39
CA GLU A 30 0.69 12.81 -1.62
C GLU A 30 2.00 12.79 -2.40
N LYS A 31 3.12 12.90 -1.68
CA LYS A 31 4.42 12.89 -2.32
C LYS A 31 4.70 11.51 -2.92
N GLU A 32 4.39 10.47 -2.15
CA GLU A 32 4.59 9.11 -2.60
C GLU A 32 4.01 8.91 -4.01
N ALA A 33 2.70 9.06 -4.12
CA ALA A 33 2.01 8.91 -5.40
C ALA A 33 2.74 9.65 -6.52
N GLN A 34 3.11 10.90 -6.25
CA GLN A 34 3.82 11.70 -7.24
C GLN A 34 5.17 11.04 -7.57
N HIS A 35 5.94 10.75 -6.53
CA HIS A 35 7.23 10.11 -6.72
C HIS A 35 7.06 8.80 -7.50
N ILE A 36 5.86 8.23 -7.43
CA ILE A 36 5.57 6.98 -8.13
C ILE A 36 5.27 7.25 -9.60
N ALA A 37 4.34 8.18 -9.86
CA ALA A 37 3.98 8.52 -11.23
C ALA A 37 5.20 8.68 -12.13
N GLU A 38 6.19 9.43 -11.65
CA GLU A 38 7.42 9.63 -12.42
C GLU A 38 8.10 8.30 -12.68
N ALA A 39 8.01 7.38 -11.73
CA ALA A 39 8.60 6.05 -11.90
C ALA A 39 7.98 5.37 -13.11
N PHE A 40 6.70 5.65 -13.34
CA PHE A 40 5.97 5.09 -14.46
C PHE A 40 6.03 6.02 -15.68
N GLY A 41 6.72 7.15 -15.52
CA GLY A 41 6.82 8.11 -16.59
C GLY A 41 5.53 8.87 -16.82
N LYS A 42 5.29 9.22 -18.07
CA LYS A 42 4.07 9.94 -18.47
C LYS A 42 4.05 11.37 -17.92
N ASP A 43 3.27 11.62 -16.86
CA ASP A 43 3.18 12.96 -16.30
C ASP A 43 2.46 12.98 -14.96
N ALA A 44 3.07 13.66 -13.98
CA ALA A 44 2.49 13.77 -12.64
C ALA A 44 1.23 14.62 -12.65
N GLY A 45 0.97 15.31 -13.76
CA GLY A 45 -0.20 16.16 -13.86
C GLY A 45 -1.35 15.49 -14.59
N ALA A 46 -1.28 14.17 -14.73
CA ALA A 46 -2.33 13.42 -15.41
C ALA A 46 -3.61 13.38 -14.60
N ALA A 47 -4.51 12.49 -14.98
CA ALA A 47 -5.79 12.33 -14.29
C ALA A 47 -5.71 11.21 -13.24
N GLU A 48 -5.13 10.09 -13.64
CA GLU A 48 -5.00 8.94 -12.75
C GLU A 48 -4.11 9.26 -11.55
N VAL A 49 -3.27 10.27 -11.69
CA VAL A 49 -2.38 10.68 -10.62
C VAL A 49 -3.16 11.45 -9.55
N GLN A 50 -3.95 12.42 -9.99
CA GLN A 50 -4.77 13.20 -9.07
C GLN A 50 -5.73 12.27 -8.36
N THR A 51 -6.30 11.33 -9.11
CA THR A 51 -7.23 10.36 -8.55
C THR A 51 -6.56 9.56 -7.44
N LEU A 52 -5.43 8.93 -7.76
CA LEU A 52 -4.71 8.12 -6.79
C LEU A 52 -4.47 8.93 -5.51
N LYS A 53 -3.78 10.06 -5.66
CA LYS A 53 -3.50 10.93 -4.52
C LYS A 53 -4.77 11.24 -3.74
N ASN A 54 -5.87 11.46 -4.45
CA ASN A 54 -7.13 11.75 -3.81
C ASN A 54 -7.53 10.61 -2.87
N ALA A 55 -7.32 9.38 -3.32
CA ALA A 55 -7.63 8.21 -2.51
C ALA A 55 -6.68 8.11 -1.33
N PHE A 56 -5.39 8.29 -1.59
CA PHE A 56 -4.37 8.24 -0.55
C PHE A 56 -4.71 9.19 0.59
N GLY A 57 -5.34 10.31 0.23
CA GLY A 57 -5.70 11.29 1.24
C GLY A 57 -6.69 10.75 2.25
N GLY A 58 -7.76 10.15 1.75
CA GLY A 58 -8.78 9.60 2.63
C GLY A 58 -8.22 8.54 3.57
N LEU A 59 -7.19 7.83 3.13
CA LEU A 59 -6.59 6.79 3.96
C LEU A 59 -6.13 7.37 5.29
N PHE A 60 -5.65 8.61 5.28
CA PHE A 60 -5.19 9.26 6.49
C PHE A 60 -6.34 9.46 7.47
N ASP A 61 -7.50 9.87 6.95
CA ASP A 61 -8.68 10.10 7.79
C ASP A 61 -8.87 9.00 8.82
N TYR A 62 -8.92 7.75 8.36
CA TYR A 62 -9.10 6.61 9.26
C TYR A 62 -8.03 6.60 10.33
N LEU A 63 -6.82 6.99 9.97
CA LEU A 63 -5.69 7.03 10.90
C LEU A 63 -5.93 8.08 11.99
N ALA A 64 -6.17 9.32 11.58
CA ALA A 64 -6.41 10.40 12.52
C ALA A 64 -7.57 10.09 13.45
N LYS A 65 -8.70 9.67 12.88
CA LYS A 65 -9.89 9.36 13.67
C LYS A 65 -9.60 8.20 14.63
N GLU A 66 -9.08 7.11 14.09
CA GLU A 66 -8.77 5.93 14.89
C GLU A 66 -7.72 6.27 15.95
N ALA A 67 -6.72 7.05 15.56
CA ALA A 67 -5.65 7.44 16.47
C ALA A 67 -6.11 8.52 17.46
N GLY A 68 -7.10 9.30 17.03
CA GLY A 68 -7.63 10.35 17.87
C GLY A 68 -7.11 11.73 17.55
N VAL A 69 -6.43 11.85 16.42
CA VAL A 69 -5.88 13.13 15.98
C VAL A 69 -6.62 13.64 14.75
N GLY A 70 -6.33 14.87 14.33
CA GLY A 70 -7.01 15.45 13.20
C GLY A 70 -6.40 15.08 11.85
N SER A 71 -7.04 15.53 10.78
CA SER A 71 -6.56 15.29 9.42
C SER A 71 -5.21 15.96 9.19
N ASP A 72 -4.85 16.88 10.08
CA ASP A 72 -3.58 17.61 9.98
C ASP A 72 -2.60 17.17 11.07
N GLY A 73 -2.89 16.04 11.72
CA GLY A 73 -2.01 15.57 12.77
C GLY A 73 -1.00 14.54 12.29
N SER A 74 -0.38 13.84 13.22
CA SER A 74 0.63 12.84 12.89
C SER A 74 0.56 11.63 13.82
N LEU A 75 1.04 10.48 13.35
CA LEU A 75 1.06 9.26 14.13
C LEU A 75 2.49 8.75 14.33
N THR A 76 2.78 8.24 15.53
CA THR A 76 4.11 7.73 15.84
C THR A 76 4.28 6.27 15.40
N GLU A 77 5.40 5.66 15.80
CA GLU A 77 5.69 4.28 15.45
C GLU A 77 4.90 3.31 16.34
N GLU A 78 4.96 3.53 17.65
CA GLU A 78 4.25 2.69 18.61
C GLU A 78 2.76 2.68 18.29
N GLN A 79 2.25 3.79 17.76
CA GLN A 79 0.85 3.89 17.40
C GLN A 79 0.56 3.06 16.16
N PHE A 80 1.47 3.15 15.18
CA PHE A 80 1.33 2.39 13.94
C PHE A 80 1.10 0.91 14.23
N ILE A 81 2.02 0.32 14.98
CA ILE A 81 1.94 -1.10 15.33
C ILE A 81 0.59 -1.44 15.98
N ARG A 82 0.21 -0.67 16.99
CA ARG A 82 -1.06 -0.91 17.70
C ARG A 82 -2.25 -0.85 16.75
N VAL A 83 -2.39 0.26 16.02
CA VAL A 83 -3.51 0.44 15.10
C VAL A 83 -3.40 -0.48 13.88
N THR A 84 -2.20 -0.60 13.33
CA THR A 84 -2.00 -1.46 12.16
C THR A 84 -2.36 -2.90 12.49
N GLU A 85 -1.94 -3.37 13.65
CA GLU A 85 -2.21 -4.72 14.08
C GLU A 85 -3.71 -5.03 14.02
N ASN A 86 -4.50 -4.12 14.57
CA ASN A 86 -5.96 -4.27 14.59
C ASN A 86 -6.50 -4.40 13.17
N LEU A 87 -5.95 -3.62 12.26
CA LEU A 87 -6.39 -3.64 10.87
C LEU A 87 -6.22 -5.04 10.28
N ILE A 88 -5.10 -5.69 10.63
CA ILE A 88 -4.82 -7.04 10.15
C ILE A 88 -5.67 -8.08 10.87
N PHE A 89 -5.66 -8.04 12.20
CA PHE A 89 -6.43 -8.98 13.00
C PHE A 89 -7.85 -8.46 13.23
N GLU A 90 -7.97 -7.44 14.07
CA GLU A 90 -9.26 -6.85 14.38
C GLU A 90 -9.91 -6.27 13.12
N GLN A 91 -10.89 -5.39 13.31
CA GLN A 91 -11.58 -4.77 12.19
C GLN A 91 -12.32 -5.82 11.36
N GLY A 92 -13.32 -5.36 10.60
CA GLY A 92 -14.09 -6.28 9.78
C GLY A 92 -13.51 -6.47 8.39
N GLU A 93 -13.85 -7.59 7.75
CA GLU A 93 -13.35 -7.87 6.42
C GLU A 93 -13.66 -6.72 5.46
N ALA A 94 -14.94 -6.35 5.40
CA ALA A 94 -15.38 -5.26 4.53
C ALA A 94 -14.79 -3.92 4.93
N SER A 95 -14.14 -3.85 6.10
CA SER A 95 -13.55 -2.61 6.57
C SER A 95 -12.28 -2.29 5.79
N PHE A 96 -11.47 -3.32 5.54
CA PHE A 96 -10.23 -3.16 4.80
C PHE A 96 -10.52 -2.81 3.34
N ASN A 97 -11.49 -3.50 2.76
CA ASN A 97 -11.87 -3.27 1.37
C ASN A 97 -12.58 -1.92 1.23
N ARG A 98 -13.32 -1.53 2.25
CA ARG A 98 -14.04 -0.26 2.23
C ARG A 98 -13.09 0.93 2.14
N VAL A 99 -12.19 1.04 3.11
CA VAL A 99 -11.25 2.15 3.16
C VAL A 99 -10.06 1.97 2.23
N LEU A 100 -9.60 0.73 2.08
CA LEU A 100 -8.43 0.50 1.23
C LEU A 100 -8.82 0.26 -0.22
N GLY A 101 -10.05 -0.23 -0.44
CA GLY A 101 -10.52 -0.49 -1.79
C GLY A 101 -10.14 0.59 -2.78
N PRO A 102 -10.52 1.86 -2.52
CA PRO A 102 -10.20 2.99 -3.40
C PRO A 102 -8.70 3.27 -3.45
N VAL A 103 -7.95 2.65 -2.55
CA VAL A 103 -6.51 2.85 -2.48
C VAL A 103 -5.79 2.03 -3.55
N VAL A 104 -6.05 0.73 -3.57
CA VAL A 104 -5.41 -0.16 -4.54
C VAL A 104 -5.92 0.12 -5.95
N LYS A 105 -7.16 0.57 -6.05
CA LYS A 105 -7.77 0.88 -7.34
C LYS A 105 -6.90 1.89 -8.09
N GLY A 106 -6.60 3.01 -7.45
CA GLY A 106 -5.77 4.03 -8.06
C GLY A 106 -4.51 3.46 -8.68
N ILE A 107 -3.87 2.53 -7.99
CA ILE A 107 -2.64 1.92 -8.48
C ILE A 107 -2.93 0.98 -9.64
N VAL A 108 -4.03 0.23 -9.55
CA VAL A 108 -4.42 -0.70 -10.60
C VAL A 108 -4.73 0.04 -11.89
N GLY A 109 -5.33 1.21 -11.76
CA GLY A 109 -5.67 2.02 -12.92
C GLY A 109 -4.43 2.52 -13.64
N MET A 110 -3.37 2.78 -12.88
CA MET A 110 -2.12 3.27 -13.46
C MET A 110 -1.32 2.12 -14.06
N CYS A 111 -1.48 0.92 -13.52
CA CYS A 111 -0.73 -0.23 -13.97
C CYS A 111 -1.39 -0.95 -15.14
N ASP A 112 -2.71 -1.04 -15.14
CA ASP A 112 -3.41 -1.72 -16.23
C ASP A 112 -3.19 -0.99 -17.53
N LYS A 113 -3.83 0.17 -17.67
CA LYS A 113 -3.73 0.97 -18.88
C LYS A 113 -4.70 0.46 -19.96
N ASN A 114 -5.37 -0.64 -19.67
CA ASN A 114 -6.34 -1.22 -20.59
C ASN A 114 -7.76 -0.96 -20.07
N ALA A 115 -7.87 -0.74 -18.76
CA ALA A 115 -9.15 -0.44 -18.11
C ALA A 115 -9.96 -1.71 -17.81
N ASP A 116 -9.36 -2.65 -17.09
CA ASP A 116 -10.05 -3.88 -16.74
C ASP A 116 -10.27 -3.97 -15.23
N GLY A 117 -9.52 -3.18 -14.48
CA GLY A 117 -9.65 -3.19 -13.03
C GLY A 117 -8.94 -4.36 -12.37
N GLN A 118 -8.10 -5.06 -13.14
CA GLN A 118 -7.37 -6.22 -12.63
C GLN A 118 -5.87 -6.08 -12.86
N ILE A 119 -5.10 -6.85 -12.09
CA ILE A 119 -3.64 -6.81 -12.20
C ILE A 119 -3.08 -8.09 -12.83
N ASN A 120 -2.68 -8.02 -14.10
CA ASN A 120 -2.12 -9.19 -14.78
C ASN A 120 -0.62 -9.29 -14.47
N ALA A 121 -0.04 -10.46 -14.68
CA ALA A 121 1.38 -10.66 -14.38
C ALA A 121 2.25 -9.58 -15.01
N ASP A 122 1.89 -9.14 -16.21
CA ASP A 122 2.64 -8.08 -16.87
C ASP A 122 2.41 -6.76 -16.14
N GLU A 123 1.25 -6.63 -15.52
CA GLU A 123 0.91 -5.44 -14.77
C GLU A 123 1.56 -5.47 -13.39
N PHE A 124 1.41 -6.60 -12.70
CA PHE A 124 1.98 -6.76 -11.36
C PHE A 124 3.49 -6.50 -11.38
N ALA A 125 4.19 -7.17 -12.27
CA ALA A 125 5.64 -7.01 -12.39
C ALA A 125 6.02 -5.55 -12.58
N ALA A 126 5.24 -4.85 -13.40
CA ALA A 126 5.50 -3.44 -13.68
C ALA A 126 5.55 -2.61 -12.40
N TRP A 127 4.73 -2.97 -11.40
CA TRP A 127 4.66 -2.24 -10.15
C TRP A 127 5.75 -2.65 -9.16
N LEU A 128 5.94 -3.94 -8.98
CA LEU A 128 6.95 -4.43 -8.05
C LEU A 128 8.34 -3.91 -8.43
N THR A 129 8.60 -3.89 -9.73
CA THR A 129 9.88 -3.41 -10.24
C THR A 129 9.96 -1.89 -10.11
N ALA A 130 8.80 -1.24 -10.16
CA ALA A 130 8.73 0.21 -10.06
C ALA A 130 9.29 0.69 -8.73
N LEU A 131 9.10 -0.09 -7.67
CA LEU A 131 9.59 0.29 -6.34
C LEU A 131 11.05 -0.14 -6.12
N GLY A 132 11.68 -0.64 -7.19
CA GLY A 132 13.07 -1.05 -7.07
C GLY A 132 13.26 -2.54 -6.87
N MET A 133 12.32 -3.35 -7.38
CA MET A 133 12.43 -4.80 -7.26
C MET A 133 12.98 -5.39 -8.55
N SER A 134 13.58 -6.58 -8.43
CA SER A 134 14.16 -7.24 -9.60
C SER A 134 13.09 -7.96 -10.41
N LYS A 135 13.43 -8.31 -11.64
CA LYS A 135 12.50 -8.98 -12.54
C LYS A 135 12.13 -10.38 -12.04
N ALA A 136 13.04 -10.99 -11.29
CA ALA A 136 12.81 -12.32 -10.75
C ALA A 136 11.92 -12.28 -9.50
N GLU A 137 11.90 -11.13 -8.85
CA GLU A 137 11.12 -10.95 -7.63
C GLU A 137 9.63 -10.89 -7.91
N ALA A 138 9.27 -10.19 -8.97
CA ALA A 138 7.85 -10.04 -9.35
C ALA A 138 7.25 -11.38 -9.74
N ALA A 139 7.90 -12.09 -10.66
CA ALA A 139 7.43 -13.39 -11.13
C ALA A 139 7.08 -14.32 -9.96
N GLU A 140 7.97 -14.36 -8.96
CA GLU A 140 7.75 -15.22 -7.80
C GLU A 140 6.63 -14.67 -6.91
N ALA A 141 6.62 -13.36 -6.73
CA ALA A 141 5.62 -12.69 -5.90
C ALA A 141 4.22 -12.83 -6.50
N PHE A 142 4.14 -12.71 -7.82
CA PHE A 142 2.87 -12.84 -8.52
C PHE A 142 2.17 -14.13 -8.11
N ASN A 143 2.84 -15.26 -8.35
CA ASN A 143 2.30 -16.57 -8.03
C ASN A 143 1.93 -16.69 -6.55
N GLN A 144 2.73 -16.04 -5.69
CA GLN A 144 2.49 -16.09 -4.25
C GLN A 144 1.16 -15.45 -3.86
N VAL A 145 0.79 -14.37 -4.55
CA VAL A 145 -0.45 -13.66 -4.23
C VAL A 145 -1.67 -14.29 -4.89
N ASP A 146 -1.49 -14.85 -6.08
CA ASP A 146 -2.61 -15.45 -6.81
C ASP A 146 -3.26 -16.58 -6.02
N THR A 147 -4.07 -16.21 -5.04
CA THR A 147 -4.77 -17.16 -4.18
C THR A 147 -5.67 -18.12 -4.97
N ASN A 148 -6.25 -17.62 -6.06
CA ASN A 148 -7.13 -18.44 -6.87
C ASN A 148 -6.42 -19.06 -8.08
N GLY A 149 -5.10 -18.87 -8.15
CA GLY A 149 -4.33 -19.42 -9.25
C GLY A 149 -5.02 -19.27 -10.60
N ASN A 150 -5.76 -18.18 -10.78
CA ASN A 150 -6.48 -17.94 -12.02
C ASN A 150 -5.62 -17.16 -13.02
N GLY A 151 -4.45 -16.70 -12.58
CA GLY A 151 -3.56 -15.97 -13.45
C GLY A 151 -3.83 -14.47 -13.45
N GLU A 152 -4.75 -14.01 -12.61
CA GLU A 152 -5.07 -12.58 -12.54
C GLU A 152 -5.19 -12.11 -11.10
N LEU A 153 -4.61 -10.94 -10.82
CA LEU A 153 -4.66 -10.36 -9.48
C LEU A 153 -5.73 -9.27 -9.39
N SER A 154 -6.88 -9.58 -8.80
CA SER A 154 -7.96 -8.62 -8.66
C SER A 154 -7.85 -7.81 -7.38
N LEU A 155 -8.63 -6.72 -7.29
CA LEU A 155 -8.62 -5.85 -6.12
C LEU A 155 -8.71 -6.64 -4.81
N ASP A 156 -9.62 -7.60 -4.79
CA ASP A 156 -9.79 -8.44 -3.59
C ASP A 156 -8.50 -9.14 -3.23
N GLU A 157 -7.92 -9.81 -4.22
CA GLU A 157 -6.69 -10.58 -4.05
C GLU A 157 -5.50 -9.70 -3.70
N LEU A 158 -5.58 -8.41 -4.01
CA LEU A 158 -4.50 -7.48 -3.71
C LEU A 158 -4.43 -7.21 -2.21
N LEU A 159 -5.60 -7.28 -1.56
CA LEU A 159 -5.69 -7.05 -0.12
C LEU A 159 -5.16 -8.25 0.67
N THR A 160 -5.46 -9.45 0.18
CA THR A 160 -5.01 -10.66 0.84
C THR A 160 -3.50 -10.65 1.08
N ALA A 161 -2.79 -9.82 0.31
CA ALA A 161 -1.35 -9.69 0.45
C ALA A 161 -1.00 -9.18 1.84
N VAL A 162 -1.50 -7.98 2.16
CA VAL A 162 -1.26 -7.34 3.44
C VAL A 162 -1.58 -8.28 4.59
N ARG A 163 -2.46 -9.23 4.34
CA ARG A 163 -2.88 -10.18 5.37
C ARG A 163 -1.68 -10.74 6.14
N ASP A 164 -1.33 -10.10 7.24
CA ASP A 164 -0.21 -10.52 8.08
C ASP A 164 1.05 -10.74 7.24
N PHE A 165 1.63 -9.65 6.75
CA PHE A 165 2.85 -9.73 5.95
C PHE A 165 4.10 -9.68 6.82
N HIS A 166 3.93 -9.50 8.13
CA HIS A 166 5.06 -9.44 9.04
C HIS A 166 5.27 -10.76 9.78
N PHE A 167 5.25 -11.86 9.02
CA PHE A 167 5.44 -13.19 9.59
C PHE A 167 5.90 -14.18 8.52
N GLY A 168 5.23 -14.13 7.37
CA GLY A 168 5.57 -15.03 6.28
C GLY A 168 4.49 -15.05 5.22
N ARG A 169 4.18 -13.89 4.67
CA ARG A 169 3.14 -13.76 3.66
C ARG A 169 3.76 -13.47 2.28
N LEU A 170 4.50 -12.36 2.19
CA LEU A 170 5.14 -11.97 0.93
C LEU A 170 6.30 -11.02 1.21
N ASP A 171 7.20 -10.92 0.25
CA ASP A 171 8.36 -10.06 0.40
C ASP A 171 7.97 -8.66 0.82
N VAL A 172 6.76 -8.24 0.43
CA VAL A 172 6.26 -6.92 0.79
C VAL A 172 4.94 -6.63 0.09
N GLU A 173 3.83 -6.92 0.78
CA GLU A 173 2.47 -6.71 0.25
C GLU A 173 2.40 -5.52 -0.71
N LEU A 174 2.50 -4.31 -0.17
CA LEU A 174 2.44 -3.10 -0.98
C LEU A 174 2.75 -1.87 -0.13
N LEU A 175 3.64 -2.05 0.84
CA LEU A 175 4.04 -0.96 1.73
C LEU A 175 5.56 -0.81 1.75
N GLY A 176 6.10 -0.30 0.65
CA GLY A 176 7.53 -0.12 0.55
C GLY A 176 8.03 1.00 1.46
N THR A 1 2.62 -12.08 21.94
CA THR A 1 3.29 -11.05 21.10
C THR A 1 4.79 -11.28 21.03
N THR A 2 5.24 -11.88 19.93
CA THR A 2 6.66 -12.16 19.75
C THR A 2 7.45 -10.87 19.54
N ALA A 3 8.72 -10.91 19.93
CA ALA A 3 9.60 -9.75 19.79
C ALA A 3 9.96 -9.48 18.32
N ILE A 4 9.49 -10.34 17.42
CA ILE A 4 9.76 -10.17 16.00
C ILE A 4 8.86 -9.12 15.35
N ALA A 5 7.63 -9.02 15.85
CA ALA A 5 6.66 -8.08 15.31
C ALA A 5 7.16 -6.63 15.42
N SER A 6 7.86 -6.33 16.52
CA SER A 6 8.37 -4.99 16.74
C SER A 6 9.38 -4.61 15.65
N ASP A 7 10.32 -5.51 15.39
CA ASP A 7 11.36 -5.28 14.39
C ASP A 7 10.75 -4.95 13.03
N ARG A 8 9.83 -5.80 12.57
CA ARG A 8 9.20 -5.60 11.27
C ARG A 8 8.43 -4.29 11.22
N LEU A 9 7.72 -3.97 12.29
CA LEU A 9 6.92 -2.75 12.34
C LEU A 9 7.79 -1.52 12.58
N LYS A 10 8.85 -1.69 13.36
CA LYS A 10 9.76 -0.59 13.65
C LYS A 10 10.41 -0.07 12.37
N LYS A 11 11.07 -0.97 11.64
CA LYS A 11 11.73 -0.60 10.39
C LYS A 11 10.72 0.02 9.42
N ARG A 12 9.57 -0.63 9.27
CA ARG A 12 8.53 -0.14 8.37
C ARG A 12 8.25 1.35 8.58
N PHE A 13 8.32 1.80 9.83
CA PHE A 13 8.07 3.21 10.14
C PHE A 13 9.25 4.08 9.71
N ASP A 14 10.43 3.73 10.19
CA ASP A 14 11.65 4.47 9.85
C ASP A 14 12.03 4.29 8.39
N ARG A 15 11.49 3.24 7.76
CA ARG A 15 11.80 2.95 6.35
C ARG A 15 11.18 4.00 5.44
N TRP A 16 10.20 4.74 5.94
CA TRP A 16 9.54 5.78 5.14
C TRP A 16 10.05 7.17 5.51
N ASP A 17 9.34 7.87 6.41
CA ASP A 17 9.74 9.21 6.83
C ASP A 17 10.19 10.05 5.64
N PHE A 18 9.24 10.45 4.82
CA PHE A 18 9.53 11.23 3.62
C PHE A 18 10.36 12.47 3.95
N ASP A 19 9.94 13.22 4.96
CA ASP A 19 10.64 14.44 5.34
C ASP A 19 11.59 14.21 6.52
N GLY A 20 11.47 13.07 7.20
CA GLY A 20 12.34 12.77 8.32
C GLY A 20 11.95 13.50 9.60
N ASN A 21 10.65 13.55 9.89
CA ASN A 21 10.18 14.23 11.10
C ASN A 21 10.02 13.24 12.27
N GLY A 22 10.04 11.95 11.97
CA GLY A 22 9.90 10.96 13.02
C GLY A 22 8.44 10.61 13.28
N ALA A 23 7.59 10.88 12.30
CA ALA A 23 6.16 10.61 12.43
C ALA A 23 5.53 10.44 11.05
N LEU A 24 4.28 9.97 11.04
CA LEU A 24 3.55 9.77 9.79
C LEU A 24 2.41 10.77 9.66
N GLU A 25 2.43 11.56 8.59
CA GLU A 25 1.39 12.56 8.36
C GLU A 25 0.69 12.29 7.02
N ARG A 26 -0.36 13.07 6.75
CA ARG A 26 -1.12 12.92 5.51
C ARG A 26 -0.28 13.32 4.30
N ALA A 27 0.53 14.37 4.46
CA ALA A 27 1.37 14.84 3.37
C ALA A 27 2.36 13.77 2.92
N ASP A 28 2.60 12.78 3.80
CA ASP A 28 3.52 11.70 3.48
C ASP A 28 2.93 10.82 2.39
N PHE A 29 1.60 10.70 2.37
CA PHE A 29 0.92 9.88 1.37
C PHE A 29 0.86 10.59 0.03
N GLU A 30 0.67 11.91 0.07
CA GLU A 30 0.59 12.69 -1.17
C GLU A 30 1.93 12.63 -1.88
N LYS A 31 3.01 12.73 -1.12
CA LYS A 31 4.35 12.66 -1.67
C LYS A 31 4.60 11.26 -2.22
N GLU A 32 4.24 10.25 -1.43
CA GLU A 32 4.43 8.86 -1.83
C GLU A 32 3.82 8.62 -3.21
N ALA A 33 2.56 8.99 -3.36
CA ALA A 33 1.86 8.84 -4.64
C ALA A 33 2.68 9.44 -5.77
N GLN A 34 3.09 10.68 -5.59
CA GLN A 34 3.89 11.38 -6.59
C GLN A 34 5.21 10.64 -6.84
N HIS A 35 5.92 10.32 -5.77
CA HIS A 35 7.20 9.64 -5.88
C HIS A 35 7.06 8.38 -6.75
N ILE A 36 5.84 7.85 -6.84
CA ILE A 36 5.59 6.67 -7.65
C ILE A 36 5.33 7.03 -9.10
N ALA A 37 4.39 7.95 -9.34
CA ALA A 37 4.05 8.37 -10.69
C ALA A 37 5.29 8.61 -11.55
N GLU A 38 6.27 9.28 -10.96
CA GLU A 38 7.52 9.57 -11.65
C GLU A 38 8.24 8.30 -12.06
N ALA A 39 8.22 7.30 -11.18
CA ALA A 39 8.87 6.02 -11.45
C ALA A 39 8.30 5.37 -12.71
N PHE A 40 7.03 5.64 -12.99
CA PHE A 40 6.38 5.08 -14.17
C PHE A 40 6.61 5.97 -15.39
N GLY A 41 7.37 7.05 -15.21
CA GLY A 41 7.65 7.96 -16.31
C GLY A 41 6.40 8.34 -17.07
N LYS A 42 5.59 9.22 -16.49
CA LYS A 42 4.35 9.65 -17.12
C LYS A 42 3.99 11.08 -16.66
N ASP A 43 2.69 11.39 -16.64
CA ASP A 43 2.23 12.71 -16.24
C ASP A 43 2.51 12.98 -14.76
N ALA A 44 2.00 14.11 -14.26
CA ALA A 44 2.14 14.49 -12.87
C ALA A 44 0.81 15.05 -12.38
N GLY A 45 0.38 16.14 -13.03
CA GLY A 45 -0.88 16.79 -12.68
C GLY A 45 -2.03 16.31 -13.55
N ALA A 46 -1.92 15.10 -14.10
CA ALA A 46 -2.98 14.54 -14.94
C ALA A 46 -4.21 14.15 -14.13
N ALA A 47 -5.12 13.40 -14.75
CA ALA A 47 -6.34 12.94 -14.09
C ALA A 47 -6.09 11.66 -13.31
N GLU A 48 -5.52 10.66 -13.98
CA GLU A 48 -5.24 9.37 -13.34
C GLU A 48 -4.45 9.55 -12.06
N VAL A 49 -3.54 10.51 -12.06
CA VAL A 49 -2.73 10.78 -10.89
C VAL A 49 -3.55 11.54 -9.86
N GLN A 50 -4.34 12.51 -10.32
CA GLN A 50 -5.19 13.28 -9.43
C GLN A 50 -6.14 12.35 -8.70
N THR A 51 -6.69 11.39 -9.45
CA THR A 51 -7.60 10.42 -8.87
C THR A 51 -6.88 9.67 -7.74
N LEU A 52 -5.75 9.07 -8.08
CA LEU A 52 -4.97 8.32 -7.10
C LEU A 52 -4.73 9.15 -5.84
N LYS A 53 -4.05 10.29 -5.98
CA LYS A 53 -3.78 11.15 -4.83
C LYS A 53 -5.06 11.41 -4.03
N ASN A 54 -6.18 11.56 -4.73
CA ASN A 54 -7.46 11.80 -4.07
C ASN A 54 -7.80 10.62 -3.15
N ALA A 55 -7.55 9.41 -3.62
CA ALA A 55 -7.82 8.21 -2.84
C ALA A 55 -6.90 8.15 -1.62
N PHE A 56 -5.62 8.40 -1.85
CA PHE A 56 -4.64 8.37 -0.77
C PHE A 56 -5.01 9.35 0.35
N GLY A 57 -5.67 10.45 -0.02
CA GLY A 57 -6.09 11.43 0.95
C GLY A 57 -7.09 10.88 1.95
N GLY A 58 -8.15 10.25 1.43
CA GLY A 58 -9.18 9.69 2.30
C GLY A 58 -8.62 8.61 3.20
N LEU A 59 -7.59 7.93 2.73
CA LEU A 59 -6.96 6.86 3.49
C LEU A 59 -6.50 7.37 4.86
N PHE A 60 -5.90 8.55 4.88
CA PHE A 60 -5.43 9.13 6.14
C PHE A 60 -6.58 9.34 7.12
N ASP A 61 -7.74 9.77 6.60
CA ASP A 61 -8.91 10.00 7.45
C ASP A 61 -9.11 8.87 8.45
N TYR A 62 -8.99 7.63 7.95
CA TYR A 62 -9.14 6.45 8.80
C TYR A 62 -8.13 6.44 9.92
N LEU A 63 -6.91 6.87 9.61
CA LEU A 63 -5.84 6.91 10.60
C LEU A 63 -6.14 7.96 11.67
N ALA A 64 -6.35 9.19 11.25
CA ALA A 64 -6.64 10.28 12.18
C ALA A 64 -7.82 9.94 13.07
N LYS A 65 -8.90 9.44 12.46
CA LYS A 65 -10.10 9.07 13.21
C LYS A 65 -9.83 7.90 14.17
N GLU A 66 -9.29 6.81 13.63
CA GLU A 66 -8.99 5.63 14.45
C GLU A 66 -7.95 5.97 15.53
N ALA A 67 -6.94 6.76 15.16
CA ALA A 67 -5.89 7.15 16.10
C ALA A 67 -6.36 8.26 17.03
N GLY A 68 -7.38 9.00 16.60
CA GLY A 68 -7.92 10.08 17.41
C GLY A 68 -7.02 11.29 17.54
N VAL A 69 -6.55 11.80 16.40
CA VAL A 69 -5.66 12.96 16.40
C VAL A 69 -6.24 14.10 15.54
N GLY A 70 -6.08 14.00 14.22
CA GLY A 70 -6.60 15.01 13.33
C GLY A 70 -6.06 14.86 11.91
N SER A 71 -6.78 15.41 10.94
CA SER A 71 -6.35 15.35 9.54
C SER A 71 -5.03 16.07 9.31
N ASP A 72 -4.67 16.95 10.24
CA ASP A 72 -3.44 17.72 10.13
C ASP A 72 -2.44 17.36 11.23
N GLY A 73 -2.70 16.26 11.94
CA GLY A 73 -1.80 15.84 13.00
C GLY A 73 -0.78 14.82 12.55
N SER A 74 -0.15 14.17 13.51
CA SER A 74 0.89 13.18 13.22
C SER A 74 0.80 11.98 14.17
N LEU A 75 1.29 10.83 13.71
CA LEU A 75 1.29 9.62 14.53
C LEU A 75 2.71 9.16 14.83
N THR A 76 2.92 8.62 16.02
CA THR A 76 4.25 8.15 16.43
C THR A 76 4.48 6.72 15.99
N GLU A 77 5.68 6.22 16.26
CA GLU A 77 6.05 4.85 15.90
C GLU A 77 5.23 3.83 16.68
N GLU A 78 5.19 4.01 18.00
CA GLU A 78 4.43 3.10 18.86
C GLU A 78 2.95 3.08 18.47
N GLN A 79 2.48 4.17 17.87
CA GLN A 79 1.09 4.27 17.45
C GLN A 79 0.82 3.38 16.24
N PHE A 80 1.71 3.42 15.25
CA PHE A 80 1.56 2.62 14.05
C PHE A 80 1.37 1.14 14.40
N ILE A 81 2.24 0.63 15.26
CA ILE A 81 2.17 -0.76 15.69
C ILE A 81 0.80 -1.10 16.27
N ARG A 82 0.38 -0.36 17.29
CA ARG A 82 -0.91 -0.60 17.94
C ARG A 82 -2.06 -0.58 16.94
N VAL A 83 -2.14 0.49 16.16
CA VAL A 83 -3.22 0.63 15.19
C VAL A 83 -3.04 -0.30 14.00
N THR A 84 -1.81 -0.53 13.57
CA THR A 84 -1.56 -1.43 12.46
C THR A 84 -1.99 -2.85 12.81
N GLU A 85 -1.66 -3.28 14.02
CA GLU A 85 -2.02 -4.61 14.49
C GLU A 85 -3.50 -4.89 14.28
N ASN A 86 -4.35 -3.98 14.78
CA ASN A 86 -5.79 -4.12 14.66
C ASN A 86 -6.23 -4.19 13.20
N LEU A 87 -5.58 -3.40 12.35
CA LEU A 87 -5.91 -3.38 10.93
C LEU A 87 -5.75 -4.77 10.31
N ILE A 88 -4.62 -5.39 10.58
CA ILE A 88 -4.34 -6.72 10.05
C ILE A 88 -5.15 -7.79 10.78
N PHE A 89 -5.32 -7.61 12.08
CA PHE A 89 -6.08 -8.56 12.88
C PHE A 89 -7.55 -8.18 12.89
N GLU A 90 -7.91 -7.23 13.76
CA GLU A 90 -9.29 -6.77 13.86
C GLU A 90 -9.75 -6.15 12.55
N GLN A 91 -10.84 -5.38 12.62
CA GLN A 91 -11.40 -4.73 11.45
C GLN A 91 -12.11 -5.72 10.55
N GLY A 92 -13.30 -5.36 10.10
CA GLY A 92 -14.06 -6.23 9.22
C GLY A 92 -13.57 -6.19 7.80
N GLU A 93 -13.88 -7.24 7.04
CA GLU A 93 -13.44 -7.32 5.65
C GLU A 93 -13.85 -6.07 4.88
N ALA A 94 -15.13 -5.72 4.97
CA ALA A 94 -15.65 -4.54 4.28
C ALA A 94 -15.00 -3.25 4.75
N SER A 95 -14.28 -3.30 5.87
CA SER A 95 -13.61 -2.13 6.42
C SER A 95 -12.34 -1.80 5.64
N PHE A 96 -11.51 -2.82 5.43
CA PHE A 96 -10.26 -2.64 4.69
C PHE A 96 -10.53 -2.30 3.23
N ASN A 97 -11.48 -2.99 2.64
CA ASN A 97 -11.85 -2.78 1.25
C ASN A 97 -12.52 -1.42 1.04
N ARG A 98 -13.29 -0.99 2.03
CA ARG A 98 -14.00 0.28 1.93
C ARG A 98 -13.04 1.45 1.80
N VAL A 99 -12.27 1.70 2.84
CA VAL A 99 -11.33 2.81 2.86
C VAL A 99 -10.15 2.59 1.93
N LEU A 100 -9.70 1.35 1.78
CA LEU A 100 -8.56 1.09 0.92
C LEU A 100 -8.97 0.81 -0.51
N GLY A 101 -10.21 0.32 -0.70
CA GLY A 101 -10.71 0.02 -2.03
C GLY A 101 -10.28 1.05 -3.08
N PRO A 102 -10.72 2.31 -2.92
CA PRO A 102 -10.38 3.39 -3.87
C PRO A 102 -8.88 3.70 -3.88
N VAL A 103 -8.13 3.12 -2.95
CA VAL A 103 -6.69 3.35 -2.88
C VAL A 103 -5.95 2.49 -3.90
N VAL A 104 -6.18 1.18 -3.85
CA VAL A 104 -5.53 0.25 -4.77
C VAL A 104 -6.02 0.47 -6.19
N LYS A 105 -7.27 0.88 -6.32
CA LYS A 105 -7.85 1.16 -7.62
C LYS A 105 -7.04 2.23 -8.34
N GLY A 106 -6.74 3.31 -7.60
CA GLY A 106 -5.97 4.40 -8.17
C GLY A 106 -4.68 3.93 -8.82
N ILE A 107 -4.00 2.99 -8.19
CA ILE A 107 -2.75 2.47 -8.73
C ILE A 107 -3.02 1.61 -9.95
N VAL A 108 -4.08 0.82 -9.88
CA VAL A 108 -4.47 -0.06 -10.98
C VAL A 108 -4.86 0.75 -12.22
N GLY A 109 -5.51 1.88 -12.00
CA GLY A 109 -5.94 2.73 -13.10
C GLY A 109 -4.79 3.27 -13.92
N MET A 110 -3.69 3.62 -13.25
CA MET A 110 -2.52 4.15 -13.94
C MET A 110 -1.71 3.02 -14.57
N CYS A 111 -1.83 1.82 -14.02
CA CYS A 111 -1.08 0.67 -14.50
C CYS A 111 -1.88 -0.23 -15.44
N ASP A 112 -3.20 -0.10 -15.43
CA ASP A 112 -4.02 -0.96 -16.29
C ASP A 112 -3.80 -0.64 -17.77
N LYS A 113 -3.06 -1.49 -18.45
CA LYS A 113 -2.79 -1.31 -19.87
C LYS A 113 -3.88 -1.95 -20.72
N ASN A 114 -4.66 -2.86 -20.12
CA ASN A 114 -5.75 -3.53 -20.84
C ASN A 114 -7.11 -3.07 -20.31
N ALA A 115 -7.12 -2.15 -19.34
CA ALA A 115 -8.36 -1.64 -18.76
C ALA A 115 -9.38 -2.75 -18.54
N ASP A 116 -9.07 -3.69 -17.66
CA ASP A 116 -9.97 -4.79 -17.35
C ASP A 116 -10.34 -4.83 -15.86
N GLY A 117 -9.67 -4.01 -15.05
CA GLY A 117 -9.94 -3.98 -13.63
C GLY A 117 -9.22 -5.05 -12.85
N GLN A 118 -8.37 -5.82 -13.53
CA GLN A 118 -7.63 -6.89 -12.88
C GLN A 118 -6.13 -6.70 -13.06
N ILE A 119 -5.35 -7.38 -12.24
CA ILE A 119 -3.90 -7.29 -12.30
C ILE A 119 -3.32 -8.55 -12.92
N ASN A 120 -2.93 -8.48 -14.20
CA ASN A 120 -2.35 -9.65 -14.87
C ASN A 120 -0.86 -9.73 -14.57
N ALA A 121 -0.26 -10.89 -14.80
CA ALA A 121 1.16 -11.08 -14.52
C ALA A 121 1.99 -10.02 -15.22
N ASP A 122 1.61 -9.65 -16.43
CA ASP A 122 2.33 -8.63 -17.18
C ASP A 122 2.10 -7.27 -16.54
N GLU A 123 0.98 -7.11 -15.85
CA GLU A 123 0.67 -5.85 -15.17
C GLU A 123 1.39 -5.79 -13.83
N PHE A 124 1.30 -6.87 -13.07
CA PHE A 124 1.93 -6.94 -11.75
C PHE A 124 3.44 -6.67 -11.85
N ALA A 125 4.08 -7.33 -12.82
CA ALA A 125 5.51 -7.17 -13.02
C ALA A 125 5.88 -5.73 -13.31
N ALA A 126 5.11 -5.09 -14.18
CA ALA A 126 5.37 -3.70 -14.56
C ALA A 126 5.40 -2.79 -13.33
N TRP A 127 4.62 -3.12 -12.31
CA TRP A 127 4.57 -2.31 -11.11
C TRP A 127 5.64 -2.72 -10.10
N LEU A 128 5.83 -4.03 -9.94
CA LEU A 128 6.82 -4.54 -9.01
C LEU A 128 8.19 -3.97 -9.34
N THR A 129 8.51 -3.92 -10.63
CA THR A 129 9.79 -3.39 -11.08
C THR A 129 9.83 -1.86 -10.87
N ALA A 130 8.65 -1.25 -10.85
CA ALA A 130 8.55 0.19 -10.65
C ALA A 130 8.99 0.60 -9.25
N LEU A 131 8.66 -0.20 -8.24
CA LEU A 131 9.01 0.12 -6.86
C LEU A 131 10.46 -0.25 -6.51
N GLY A 132 11.23 -0.67 -7.51
CA GLY A 132 12.62 -1.02 -7.26
C GLY A 132 12.84 -2.52 -7.12
N MET A 133 11.94 -3.31 -7.68
CA MET A 133 12.06 -4.77 -7.62
C MET A 133 12.63 -5.32 -8.92
N SER A 134 13.24 -6.50 -8.85
CA SER A 134 13.83 -7.12 -10.03
C SER A 134 12.80 -7.87 -10.86
N LYS A 135 13.20 -8.27 -12.06
CA LYS A 135 12.33 -8.99 -12.98
C LYS A 135 12.02 -10.40 -12.49
N ALA A 136 12.83 -10.90 -11.56
CA ALA A 136 12.64 -12.23 -11.01
C ALA A 136 11.74 -12.18 -9.78
N GLU A 137 11.71 -11.02 -9.13
CA GLU A 137 10.91 -10.83 -7.93
C GLU A 137 9.41 -10.85 -8.24
N ALA A 138 9.03 -10.21 -9.34
CA ALA A 138 7.63 -10.16 -9.73
C ALA A 138 7.06 -11.55 -9.97
N ALA A 139 7.64 -12.26 -10.93
CA ALA A 139 7.19 -13.61 -11.27
C ALA A 139 6.98 -14.44 -10.01
N GLU A 140 7.93 -14.35 -9.09
CA GLU A 140 7.85 -15.10 -7.84
C GLU A 140 6.74 -14.56 -6.95
N ALA A 141 6.74 -13.24 -6.77
CA ALA A 141 5.74 -12.59 -5.93
C ALA A 141 4.34 -12.79 -6.48
N PHE A 142 4.22 -12.72 -7.80
CA PHE A 142 2.93 -12.90 -8.46
C PHE A 142 2.24 -14.17 -7.97
N ASN A 143 2.92 -15.31 -8.15
CA ASN A 143 2.39 -16.60 -7.74
C ASN A 143 2.01 -16.63 -6.26
N GLN A 144 2.81 -15.98 -5.42
CA GLN A 144 2.56 -15.95 -3.99
C GLN A 144 1.24 -15.25 -3.67
N VAL A 145 0.94 -14.22 -4.47
CA VAL A 145 -0.27 -13.43 -4.25
C VAL A 145 -1.50 -14.06 -4.89
N ASP A 146 -1.34 -14.66 -6.06
CA ASP A 146 -2.46 -15.28 -6.77
C ASP A 146 -3.10 -16.40 -5.94
N THR A 147 -3.92 -16.00 -4.97
CA THR A 147 -4.61 -16.93 -4.08
C THR A 147 -5.47 -17.95 -4.83
N ASN A 148 -6.00 -17.55 -5.99
CA ASN A 148 -6.85 -18.45 -6.76
C ASN A 148 -6.12 -19.08 -7.95
N GLY A 149 -4.80 -18.88 -8.01
CA GLY A 149 -3.99 -19.45 -9.09
C GLY A 149 -4.70 -19.42 -10.43
N ASN A 150 -5.48 -18.38 -10.68
CA ASN A 150 -6.22 -18.26 -11.92
C ASN A 150 -5.43 -17.49 -12.99
N GLY A 151 -4.27 -16.96 -12.61
CA GLY A 151 -3.45 -16.23 -13.55
C GLY A 151 -3.72 -14.73 -13.54
N GLU A 152 -4.65 -14.29 -12.71
CA GLU A 152 -4.98 -12.87 -12.64
C GLU A 152 -5.09 -12.43 -11.18
N LEU A 153 -4.49 -11.29 -10.87
CA LEU A 153 -4.55 -10.76 -9.52
C LEU A 153 -5.71 -9.79 -9.40
N SER A 154 -6.71 -10.17 -8.61
CA SER A 154 -7.89 -9.33 -8.43
C SER A 154 -7.71 -8.39 -7.24
N LEU A 155 -8.46 -7.29 -7.25
CA LEU A 155 -8.39 -6.31 -6.18
C LEU A 155 -8.50 -6.99 -4.82
N ASP A 156 -9.41 -7.94 -4.73
CA ASP A 156 -9.64 -8.68 -3.50
C ASP A 156 -8.36 -9.33 -3.00
N GLU A 157 -7.72 -10.10 -3.87
CA GLU A 157 -6.50 -10.81 -3.50
C GLU A 157 -5.35 -9.86 -3.15
N LEU A 158 -5.47 -8.61 -3.59
CA LEU A 158 -4.46 -7.60 -3.30
C LEU A 158 -4.55 -7.13 -1.85
N LEU A 159 -5.63 -6.40 -1.55
CA LEU A 159 -5.86 -5.86 -0.20
C LEU A 159 -5.50 -6.87 0.88
N THR A 160 -6.00 -8.08 0.75
CA THR A 160 -5.73 -9.13 1.72
C THR A 160 -4.23 -9.26 1.97
N ALA A 161 -3.51 -9.66 0.93
CA ALA A 161 -2.07 -9.81 1.04
C ALA A 161 -1.44 -8.47 1.44
N VAL A 162 -1.92 -7.40 0.81
CA VAL A 162 -1.43 -6.05 1.10
C VAL A 162 -1.47 -5.77 2.60
N ARG A 163 -0.52 -4.97 3.06
CA ARG A 163 -0.43 -4.60 4.47
C ARG A 163 -0.64 -5.80 5.38
N ASP A 164 -0.26 -6.99 4.88
CA ASP A 164 -0.40 -8.22 5.64
C ASP A 164 0.68 -9.22 5.26
N PHE A 165 1.70 -9.32 6.10
CA PHE A 165 2.80 -10.24 5.86
C PHE A 165 2.67 -11.50 6.71
N HIS A 166 1.81 -11.45 7.73
CA HIS A 166 1.60 -12.58 8.62
C HIS A 166 2.76 -12.70 9.60
N PHE A 167 3.02 -11.59 10.31
CA PHE A 167 4.10 -11.57 11.29
C PHE A 167 5.40 -12.10 10.69
N GLY A 168 6.24 -11.20 10.20
CA GLY A 168 7.50 -11.61 9.62
C GLY A 168 7.30 -12.45 8.37
N ARG A 169 7.11 -11.80 7.22
CA ARG A 169 6.90 -12.51 5.98
C ARG A 169 6.54 -11.56 4.83
N LEU A 170 6.17 -12.13 3.70
CA LEU A 170 5.79 -11.35 2.53
C LEU A 170 4.73 -12.07 1.70
N ASP A 171 3.58 -11.42 1.55
CA ASP A 171 2.46 -11.98 0.78
C ASP A 171 2.23 -11.18 -0.51
N VAL A 172 2.70 -9.93 -0.49
CA VAL A 172 2.55 -9.03 -1.63
C VAL A 172 3.21 -7.69 -1.32
N GLU A 173 3.05 -7.27 -0.06
CA GLU A 173 3.58 -6.00 0.43
C GLU A 173 3.13 -4.85 -0.45
N LEU A 174 3.21 -3.64 0.09
CA LEU A 174 2.80 -2.45 -0.65
C LEU A 174 3.63 -1.24 -0.25
N LEU A 175 4.93 -1.46 -0.02
CA LEU A 175 5.84 -0.39 0.37
C LEU A 175 6.96 -0.25 -0.64
N GLY A 176 7.72 -1.34 -0.85
CA GLY A 176 8.82 -1.31 -1.80
C GLY A 176 10.15 -0.98 -1.15
#